data_8G1U
#
_entry.id   8G1U
#
_cell.length_a   1.00
_cell.length_b   1.00
_cell.length_c   1.00
_cell.angle_alpha   90.00
_cell.angle_beta   90.00
_cell.angle_gamma   90.00
#
_symmetry.space_group_name_H-M   'P 1'
#
loop_
_entity.id
_entity.type
_entity.pdbx_description
1 polymer 'Protein arginine N-methyltransferase 5'
2 polymer 'Methylosome protein 50'
3 polymer 'Methylosome subunit pICln'
4 polymer 'U7 snRNA-associated Sm-like protein LSm11'
5 non-polymer ADENOSINE
#
loop_
_entity_poly.entity_id
_entity_poly.type
_entity_poly.pdbx_seq_one_letter_code
_entity_poly.pdbx_strand_id
1 'polypeptide(L)'
;MAAMAVGGAGGSRVSSGRDLNCVPEIADTLGAVAKQGFDFLCMPVFHPRFKREFIQEPAKNRPGPQTRSDLLLSGRDWNT
LIVGKLSPWIRPDSKVEKIRRNSEAAMLQELNFGAYLGLPAFLLPLNQEDNTNLARVLTNHIHTGHHSSMFWMRVPLVAP
EDLRDDIIENAPTTHTEEYSGEEKTWMWWHNFRTLCDYSKRIAVALEIGADLPSNHVIDRWLGEPIKAAILPTSIFLTNK
KGFPVLSKMHQRLIFRLLKLEVQFIITGTNHHSEKEFCSYLQYLEYLSQNRPPPNAYELFAKGYEDYLQSPLQPLMDNLE
SQTYEVFEKDPIKYSQYQQAIYKCLLDRVPEEEKDTNVQVLMVLGAGRGPLVNASLRAAKQADRRIKLYAVEKNPNAVVT
LENWQFEEWGSQVTVVSSDMREWVAPEKADIIVSELLGSFADNELSPECLDGAQHFLKDDGVSIPGEYTSFLAPISSSKL
YNEVRACREKDRDPEAQFEMPYVVRLHNFHQLSAPQPCFTFSHPNRDPMIDNNRYCTLEFPVEVNTVLHGFAGYFETVLY
QDITLSIRPETHSPGMFSWFPILFPIKQPITVREGQTICVRFWRCSNSKKVWYEWAVTAPVCSAIHNPTGRSYTIGL
;
A,E,I,M
2 'polypeptide(L)'
;MRKETPPPLVPPAAREWNLPPNAPACMERQLEAARYRSDGALLLGASSLSGRCWAGSLWLFKDPCAAPNEGFCSAGVQTE
AGVADLTWVGERGILVASDSGAVELWELDENETLIVSKFCKYEHDDIVSTVSVLSSGTQAVSGSKDICIKVWDLAQQVVL
SSYRAHAAQVTCVAASPHKDSVFLSCSEDNRILLWDTRCPKPASQIGCSAPGYLPTSLAWHPQQSEVFVFGDENGTVSLV
DTKSTSCVLSSAVHSQCVTGLVFSPHSVPFLASLSEDCSLAVLDSSLSELFRSQAHRDFVRDATWSPLNHSLLTTVGWDH
QVVHHVVPTEPLPAPGPASVTE
;
B,F,J,N
3 'polypeptide(L)'
;MSFLKSFPPPGSADGLRLQQPDTEAVLNGKGLGTGTLYIAESRLSWLDGSGLGFSLEYPTISLHAVSRDPNAYPQEHLYV
MVNAKLGEESKEPPSDEDEEDNDDIEPISEFRFVPSDKSALEAMFTAMCECQALHPDPEDEDSDDYDGEEYDVEAHEQGQ
GDIPTFYTYEEGLSHLTAEGQATLERLEGMLSQSVSSQYNMAGVRTEDSVRNYEDGMEVETTPTVAGQFEDADVDH
;
C,G,K,O
4 'polypeptide(L)'
;MEERERGARSAGAGSPARPPSPRLDVSSDSFDPLLALYAPRLPPIPYPNAPCFNNVAEYESFLRTGVRGGGRGRGRARGA
AAGSGVPAAPGPSGRTRRRPDAPAPDPERIQRLRRLMVAKEEGDGAAGAGRRGPGRSRKAPRNVLTRMPLHEGSPLGELH
RCIREGVKVNVHIRTFKGLRGVCTGFLVAFDKFWNMALTDVDETYRKPVLGKAYERDSSLTLTRLFDRLKLQDSSKKEAD
SKSAVEDSTLSRYSQTSTWKLASVWGRADTGRGSHKRSRSVPSSLQASAREESRSELSGRTTRTDGSSVGGTFSRATTLS
RGQSRKKKRKPKVDYQQVFTRHINQIFIRGENVLLVHLAQ
;
D,H,L,P
#
loop_
_chem_comp.id
_chem_comp.type
_chem_comp.name
_chem_comp.formula
ADN non-polymer ADENOSINE 'C10 H13 N5 O4'
#
# COMPACT_ATOMS: atom_id res chain seq x y z
N VAL A 14 24.61 3.28 -35.89
CA VAL A 14 23.38 2.81 -36.49
C VAL A 14 23.14 1.34 -36.22
N SER A 15 22.06 1.05 -35.50
CA SER A 15 21.47 -0.28 -35.47
C SER A 15 20.26 -0.23 -36.38
N SER A 16 20.19 -1.14 -37.34
CA SER A 16 19.16 -1.06 -38.36
C SER A 16 18.59 -2.44 -38.65
N GLY A 17 17.37 -2.42 -39.19
CA GLY A 17 16.65 -3.64 -39.47
C GLY A 17 16.06 -3.63 -40.87
N ARG A 18 15.67 -4.83 -41.30
CA ARG A 18 15.07 -5.04 -42.62
C ARG A 18 13.64 -5.49 -42.40
N ASP A 19 12.70 -4.84 -43.04
CA ASP A 19 11.31 -5.21 -42.92
C ASP A 19 10.88 -5.95 -44.17
N LEU A 20 10.66 -7.25 -44.03
CA LEU A 20 10.23 -8.11 -45.11
C LEU A 20 8.84 -8.62 -44.80
N ASN A 21 8.00 -8.70 -45.82
CA ASN A 21 6.69 -9.30 -45.67
C ASN A 21 6.60 -10.62 -46.41
N CYS A 22 7.70 -11.05 -47.02
CA CYS A 22 7.82 -12.33 -47.70
C CYS A 22 9.09 -12.99 -47.22
N VAL A 23 8.95 -14.08 -46.48
CA VAL A 23 10.06 -14.87 -45.99
C VAL A 23 9.81 -16.30 -46.43
N PRO A 24 10.27 -16.73 -47.61
CA PRO A 24 10.01 -18.11 -48.05
C PRO A 24 10.64 -19.17 -47.16
N GLU A 25 11.95 -19.16 -46.99
CA GLU A 25 12.61 -19.89 -45.91
C GLU A 25 13.12 -18.89 -44.91
N ILE A 26 13.02 -19.22 -43.62
CA ILE A 26 13.31 -18.23 -42.59
C ILE A 26 14.80 -18.17 -42.29
N ALA A 27 15.49 -19.31 -42.31
CA ALA A 27 16.92 -19.33 -42.01
C ALA A 27 17.72 -18.69 -43.14
N ASP A 28 17.37 -19.02 -44.39
CA ASP A 28 18.05 -18.43 -45.54
C ASP A 28 17.83 -16.93 -45.59
N THR A 29 16.60 -16.49 -45.32
CA THR A 29 16.29 -15.07 -45.37
C THR A 29 17.00 -14.31 -44.26
N LEU A 30 17.02 -14.86 -43.04
CA LEU A 30 17.74 -14.23 -41.95
C LEU A 30 19.23 -14.17 -42.26
N GLY A 31 19.77 -15.22 -42.89
CA GLY A 31 21.17 -15.18 -43.29
C GLY A 31 21.46 -14.09 -44.31
N ALA A 32 20.64 -13.99 -45.34
CA ALA A 32 20.83 -12.95 -46.36
C ALA A 32 20.69 -11.56 -45.78
N VAL A 33 19.72 -11.36 -44.90
CA VAL A 33 19.53 -10.08 -44.22
C VAL A 33 20.75 -9.71 -43.40
N ALA A 34 21.32 -10.69 -42.68
CA ALA A 34 22.53 -10.42 -41.91
C ALA A 34 23.72 -10.15 -42.82
N LYS A 35 23.79 -10.79 -43.99
CA LYS A 35 24.86 -10.51 -44.94
C LYS A 35 24.81 -9.07 -45.41
N GLN A 36 23.61 -8.56 -45.69
CA GLN A 36 23.48 -7.16 -46.08
C GLN A 36 23.86 -6.20 -44.96
N GLY A 37 23.78 -6.63 -43.70
CA GLY A 37 24.26 -5.81 -42.60
C GLY A 37 23.22 -5.32 -41.62
N PHE A 38 21.99 -5.83 -41.72
CA PHE A 38 20.94 -5.43 -40.81
C PHE A 38 21.06 -6.18 -39.49
N ASP A 39 20.65 -5.52 -38.41
CA ASP A 39 20.78 -6.11 -37.08
C ASP A 39 19.60 -6.98 -36.69
N PHE A 40 18.38 -6.57 -37.02
CA PHE A 40 17.20 -7.37 -36.78
C PHE A 40 16.44 -7.50 -38.10
N LEU A 41 15.33 -8.22 -38.04
CA LEU A 41 14.51 -8.47 -39.22
C LEU A 41 13.05 -8.46 -38.79
N CYS A 42 12.26 -7.57 -39.40
CA CYS A 42 10.83 -7.51 -39.13
C CYS A 42 10.12 -8.42 -40.11
N MET A 43 9.38 -9.39 -39.60
CA MET A 43 8.84 -10.45 -40.44
C MET A 43 7.52 -10.92 -39.85
N PRO A 44 6.62 -11.46 -40.68
CA PRO A 44 5.34 -11.96 -40.17
C PRO A 44 5.48 -13.37 -39.57
N VAL A 45 4.97 -13.54 -38.36
CA VAL A 45 5.07 -14.82 -37.67
C VAL A 45 4.12 -15.84 -38.28
N PHE A 46 2.95 -15.41 -38.73
CA PHE A 46 2.07 -16.19 -39.58
C PHE A 46 2.20 -15.70 -41.01
N HIS A 47 1.67 -16.45 -41.94
CA HIS A 47 1.69 -16.00 -43.32
C HIS A 47 0.75 -14.82 -43.47
N PRO A 48 1.19 -13.72 -44.08
CA PRO A 48 0.32 -12.54 -44.19
C PRO A 48 -0.96 -12.77 -44.96
N ARG A 49 -0.97 -13.70 -45.91
CA ARG A 49 -2.17 -13.99 -46.68
C ARG A 49 -2.98 -15.14 -46.14
N PHE A 50 -2.47 -15.85 -45.14
CA PHE A 50 -3.13 -17.05 -44.61
C PHE A 50 -4.18 -16.62 -43.59
N LYS A 51 -5.26 -16.08 -44.12
CA LYS A 51 -6.40 -15.68 -43.30
C LYS A 51 -6.99 -16.90 -42.63
N ARG A 52 -7.37 -16.74 -41.37
CA ARG A 52 -7.83 -17.86 -40.56
C ARG A 52 -9.22 -17.57 -40.04
N GLU A 53 -10.04 -18.61 -39.97
CA GLU A 53 -11.38 -18.52 -39.44
C GLU A 53 -11.41 -19.15 -38.07
N PHE A 54 -12.13 -18.51 -37.15
CA PHE A 54 -12.17 -18.94 -35.77
C PHE A 54 -13.57 -19.28 -35.29
N ILE A 55 -14.60 -19.00 -36.09
CA ILE A 55 -15.98 -19.06 -35.65
C ILE A 55 -16.81 -20.00 -36.53
N GLN A 56 -16.62 -19.92 -37.85
CA GLN A 56 -17.46 -20.65 -38.79
C GLN A 56 -16.76 -21.90 -39.31
N GLU A 57 -17.47 -22.98 -39.29
CA GLU A 57 -17.10 -24.25 -39.91
C GLU A 57 -17.48 -24.24 -41.39
N PRO A 58 -16.74 -24.94 -42.25
CA PRO A 58 -15.62 -25.87 -42.02
C PRO A 58 -14.25 -25.24 -41.85
N ALA A 59 -14.10 -23.95 -42.14
CA ALA A 59 -12.78 -23.35 -42.17
C ALA A 59 -12.24 -23.10 -40.76
N LYS A 60 -13.09 -23.12 -39.74
CA LYS A 60 -12.61 -23.10 -38.37
C LYS A 60 -11.74 -24.30 -38.06
N ASN A 61 -12.06 -25.45 -38.66
CA ASN A 61 -11.37 -26.70 -38.39
C ASN A 61 -10.31 -27.02 -39.43
N ARG A 62 -9.64 -26.01 -39.95
CA ARG A 62 -8.60 -26.24 -40.94
C ARG A 62 -7.45 -27.01 -40.31
N PRO A 63 -7.04 -28.12 -40.88
CA PRO A 63 -6.06 -29.00 -40.25
C PRO A 63 -4.64 -28.44 -40.38
N GLY A 64 -3.70 -29.23 -39.88
CA GLY A 64 -2.29 -28.98 -40.10
C GLY A 64 -1.76 -27.89 -39.22
N PRO A 65 -0.46 -27.61 -39.34
CA PRO A 65 0.13 -26.50 -38.59
C PRO A 65 -0.38 -25.17 -39.08
N GLN A 66 -0.54 -24.23 -38.15
CA GLN A 66 -1.01 -22.91 -38.54
C GLN A 66 0.13 -22.01 -39.01
N THR A 67 1.34 -22.25 -38.56
CA THR A 67 2.48 -21.44 -38.97
C THR A 67 3.73 -22.32 -38.96
N ARG A 68 4.88 -21.67 -38.95
CA ARG A 68 6.17 -22.35 -38.95
C ARG A 68 6.49 -22.90 -37.57
N SER A 69 7.49 -23.77 -37.53
CA SER A 69 7.94 -24.36 -36.29
C SER A 69 8.80 -23.37 -35.52
N ASP A 70 8.81 -23.53 -34.20
CA ASP A 70 9.69 -22.76 -33.34
C ASP A 70 11.14 -23.10 -33.63
N LEU A 71 11.38 -24.35 -34.00
CA LEU A 71 12.69 -24.96 -34.06
C LEU A 71 13.50 -24.55 -35.27
N LEU A 72 12.95 -23.70 -36.13
CA LEU A 72 13.65 -23.26 -37.33
C LEU A 72 14.74 -22.23 -37.03
N LEU A 73 14.70 -21.60 -35.87
CA LEU A 73 15.79 -20.77 -35.39
C LEU A 73 16.04 -21.10 -33.94
N SER A 74 17.25 -20.80 -33.48
CA SER A 74 17.58 -21.04 -32.09
C SER A 74 16.80 -20.08 -31.20
N GLY A 75 16.82 -20.35 -29.90
CA GLY A 75 16.12 -19.47 -28.97
C GLY A 75 16.68 -18.07 -28.99
N ARG A 76 18.00 -17.92 -28.90
CA ARG A 76 18.63 -16.60 -28.89
C ARG A 76 18.38 -15.86 -30.20
N ASP A 77 18.25 -16.60 -31.30
CA ASP A 77 17.85 -15.99 -32.57
C ASP A 77 16.47 -15.37 -32.46
N TRP A 78 15.51 -16.10 -31.87
CA TRP A 78 14.17 -15.57 -31.73
C TRP A 78 14.13 -14.36 -30.80
N ASN A 79 14.83 -14.43 -29.66
CA ASN A 79 14.77 -13.31 -28.74
C ASN A 79 15.61 -12.10 -29.13
N THR A 80 16.59 -12.24 -30.01
CA THR A 80 17.42 -11.08 -30.34
C THR A 80 17.36 -10.62 -31.78
N LEU A 81 16.79 -11.39 -32.70
CA LEU A 81 16.97 -11.12 -34.11
C LEU A 81 15.69 -10.84 -34.87
N ILE A 82 14.52 -11.15 -34.33
CA ILE A 82 13.27 -11.16 -35.08
C ILE A 82 12.30 -10.21 -34.41
N VAL A 83 11.78 -9.26 -35.18
CA VAL A 83 10.69 -8.39 -34.76
C VAL A 83 9.45 -8.83 -35.52
N GLY A 84 8.42 -9.27 -34.79
CA GLY A 84 7.25 -9.81 -35.42
C GLY A 84 6.34 -8.75 -35.99
N LYS A 85 5.52 -9.16 -36.94
CA LYS A 85 4.54 -8.28 -37.56
C LYS A 85 3.16 -8.91 -37.49
N LEU A 86 2.15 -8.08 -37.28
CA LEU A 86 0.76 -8.51 -37.37
C LEU A 86 0.32 -8.59 -38.83
N SER A 87 -0.54 -9.57 -39.11
CA SER A 87 -0.95 -9.82 -40.48
C SER A 87 -1.83 -8.69 -40.98
N PRO A 88 -1.73 -8.33 -42.27
CA PRO A 88 -2.42 -7.13 -42.75
C PRO A 88 -3.93 -7.26 -42.82
N TRP A 89 -4.46 -8.48 -42.84
CA TRP A 89 -5.89 -8.68 -42.92
C TRP A 89 -6.58 -8.54 -41.57
N ILE A 90 -5.83 -8.38 -40.50
CA ILE A 90 -6.38 -8.36 -39.16
C ILE A 90 -6.83 -6.94 -38.86
N ARG A 91 -8.15 -6.71 -38.90
CA ARG A 91 -8.75 -5.40 -38.66
C ARG A 91 -9.68 -5.51 -37.46
N PRO A 92 -9.18 -5.35 -36.24
CA PRO A 92 -10.06 -5.49 -35.06
C PRO A 92 -11.11 -4.41 -34.97
N ASP A 93 -10.95 -3.30 -35.69
CA ASP A 93 -11.89 -2.19 -35.69
C ASP A 93 -12.71 -2.15 -36.97
N SER A 94 -12.94 -3.30 -37.57
CA SER A 94 -13.79 -3.37 -38.74
C SER A 94 -15.23 -3.05 -38.38
N LYS A 95 -15.97 -2.55 -39.36
CA LYS A 95 -17.38 -2.28 -39.17
C LYS A 95 -18.24 -3.53 -39.30
N VAL A 96 -17.69 -4.59 -39.87
CA VAL A 96 -18.38 -5.88 -39.97
C VAL A 96 -18.03 -6.69 -38.73
N GLU A 97 -19.06 -7.16 -38.02
CA GLU A 97 -18.83 -7.80 -36.73
C GLU A 97 -18.08 -9.12 -36.86
N LYS A 98 -18.39 -9.90 -37.90
CA LYS A 98 -17.69 -11.17 -38.09
C LYS A 98 -16.21 -10.94 -38.38
N ILE A 99 -15.91 -9.94 -39.21
CA ILE A 99 -14.52 -9.62 -39.52
C ILE A 99 -13.78 -9.16 -38.28
N ARG A 100 -14.41 -8.32 -37.46
CA ARG A 100 -13.70 -7.83 -36.30
C ARG A 100 -13.57 -8.87 -35.19
N ARG A 101 -14.51 -9.82 -35.07
CA ARG A 101 -14.31 -10.90 -34.10
C ARG A 101 -13.23 -11.87 -34.57
N ASN A 102 -13.20 -12.21 -35.85
CA ASN A 102 -12.11 -13.02 -36.36
C ASN A 102 -10.77 -12.30 -36.19
N SER A 103 -10.77 -10.98 -36.34
CA SER A 103 -9.53 -10.23 -36.21
C SER A 103 -9.09 -10.07 -34.76
N GLU A 104 -10.03 -9.96 -33.82
CA GLU A 104 -9.67 -10.03 -32.41
C GLU A 104 -9.02 -11.37 -32.08
N ALA A 105 -9.64 -12.46 -32.51
CA ALA A 105 -9.13 -13.79 -32.21
C ALA A 105 -7.77 -14.03 -32.87
N ALA A 106 -7.60 -13.56 -34.10
CA ALA A 106 -6.33 -13.77 -34.80
C ALA A 106 -5.24 -12.89 -34.24
N MET A 107 -5.56 -11.66 -33.85
CA MET A 107 -4.58 -10.80 -33.21
C MET A 107 -4.14 -11.38 -31.88
N LEU A 108 -5.07 -11.93 -31.11
CA LEU A 108 -4.70 -12.63 -29.88
C LEU A 108 -3.81 -13.82 -30.16
N GLN A 109 -4.14 -14.61 -31.18
CA GLN A 109 -3.33 -15.77 -31.53
C GLN A 109 -1.92 -15.39 -31.95
N GLU A 110 -1.78 -14.36 -32.77
CA GLU A 110 -0.46 -13.92 -33.24
C GLU A 110 0.35 -13.30 -32.11
N LEU A 111 -0.29 -12.50 -31.26
CA LEU A 111 0.41 -11.91 -30.13
C LEU A 111 0.87 -12.98 -29.16
N ASN A 112 0.04 -13.99 -28.92
CA ASN A 112 0.41 -15.09 -28.04
C ASN A 112 1.51 -15.95 -28.64
N PHE A 113 1.53 -16.11 -29.97
CA PHE A 113 2.63 -16.83 -30.59
C PHE A 113 3.93 -16.04 -30.53
N GLY A 114 3.86 -14.72 -30.67
CA GLY A 114 5.05 -13.91 -30.49
C GLY A 114 5.55 -13.88 -29.06
N ALA A 115 4.63 -13.89 -28.10
CA ALA A 115 5.03 -14.01 -26.70
C ALA A 115 5.66 -15.37 -26.43
N TYR A 116 5.11 -16.40 -27.04
CA TYR A 116 5.66 -17.74 -26.94
C TYR A 116 7.04 -17.85 -27.58
N LEU A 117 7.23 -17.22 -28.74
CA LEU A 117 8.54 -17.23 -29.39
C LEU A 117 9.54 -16.33 -28.70
N GLY A 118 9.11 -15.50 -27.76
CA GLY A 118 10.00 -14.62 -27.05
C GLY A 118 10.59 -13.53 -27.91
N LEU A 119 9.83 -13.01 -28.87
CA LEU A 119 10.32 -11.94 -29.72
C LEU A 119 10.57 -10.68 -28.90
N PRO A 120 11.60 -9.90 -29.24
CA PRO A 120 11.85 -8.68 -28.46
C PRO A 120 10.84 -7.59 -28.74
N ALA A 121 10.31 -7.53 -29.95
CA ALA A 121 9.40 -6.48 -30.36
C ALA A 121 8.35 -7.06 -31.30
N PHE A 122 7.31 -6.26 -31.55
CA PHE A 122 6.20 -6.69 -32.39
C PHE A 122 5.58 -5.44 -33.01
N LEU A 123 5.46 -5.42 -34.33
CA LEU A 123 4.96 -4.26 -35.04
C LEU A 123 3.45 -4.38 -35.25
N LEU A 124 2.71 -3.36 -34.82
CA LEU A 124 1.30 -3.30 -35.11
C LEU A 124 1.00 -2.00 -35.85
N PRO A 125 0.08 -2.01 -36.80
CA PRO A 125 -0.17 -0.80 -37.59
C PRO A 125 -1.23 0.13 -37.04
N LEU A 126 -0.92 1.43 -37.04
CA LEU A 126 -1.87 2.51 -36.77
C LEU A 126 -2.09 3.23 -38.09
N ASN A 127 -3.04 2.75 -38.89
CA ASN A 127 -3.26 3.31 -40.21
C ASN A 127 -4.67 3.83 -40.40
N GLN A 128 -5.41 4.02 -39.30
CA GLN A 128 -6.72 4.63 -39.38
C GLN A 128 -7.01 5.29 -38.05
N GLU A 129 -8.05 6.13 -38.04
CA GLU A 129 -8.31 7.00 -36.90
C GLU A 129 -8.88 6.23 -35.72
N ASP A 130 -9.76 5.28 -35.96
CA ASP A 130 -10.40 4.51 -34.91
C ASP A 130 -9.61 3.23 -34.71
N ASN A 131 -8.95 3.12 -33.57
CA ASN A 131 -8.13 1.98 -33.20
C ASN A 131 -8.41 1.57 -31.76
N THR A 132 -9.68 1.58 -31.37
CA THR A 132 -10.05 1.34 -29.97
C THR A 132 -10.10 -0.14 -29.65
N ASN A 133 -10.63 -0.96 -30.55
CA ASN A 133 -10.67 -2.40 -30.31
C ASN A 133 -9.28 -3.00 -30.40
N LEU A 134 -8.44 -2.49 -31.29
CA LEU A 134 -7.03 -2.88 -31.32
C LEU A 134 -6.35 -2.55 -30.00
N ALA A 135 -6.66 -1.37 -29.45
CA ALA A 135 -6.09 -0.96 -28.17
C ALA A 135 -6.56 -1.87 -27.05
N ARG A 136 -7.83 -2.27 -27.08
CA ARG A 136 -8.33 -3.15 -26.03
C ARG A 136 -7.71 -4.53 -26.11
N VAL A 137 -7.57 -5.10 -27.30
CA VAL A 137 -6.96 -6.41 -27.41
C VAL A 137 -5.49 -6.36 -27.00
N LEU A 138 -4.79 -5.28 -27.36
CA LEU A 138 -3.41 -5.14 -26.92
C LEU A 138 -3.31 -4.98 -25.40
N THR A 139 -4.19 -4.17 -24.82
CA THR A 139 -4.17 -3.95 -23.38
C THR A 139 -4.53 -5.21 -22.61
N ASN A 140 -5.37 -6.06 -23.19
CA ASN A 140 -5.69 -7.32 -22.55
C ASN A 140 -4.57 -8.34 -22.70
N HIS A 141 -3.85 -8.31 -23.82
CA HIS A 141 -2.66 -9.15 -23.93
C HIS A 141 -1.60 -8.76 -22.92
N ILE A 142 -1.38 -7.45 -22.76
CA ILE A 142 -0.33 -6.97 -21.87
C ILE A 142 -0.60 -7.38 -20.42
N HIS A 143 -1.87 -7.44 -20.02
CA HIS A 143 -2.25 -7.78 -18.67
C HIS A 143 -2.55 -9.27 -18.48
N THR A 144 -2.29 -10.09 -19.50
CA THR A 144 -2.54 -11.53 -19.41
C THR A 144 -1.23 -12.27 -19.57
N GLY A 145 -0.91 -13.10 -18.56
CA GLY A 145 0.30 -13.87 -18.60
C GLY A 145 1.51 -13.03 -18.26
N HIS A 146 2.68 -13.68 -18.30
CA HIS A 146 3.93 -12.96 -18.15
C HIS A 146 4.72 -13.05 -19.44
N HIS A 147 5.06 -11.90 -19.98
CA HIS A 147 5.79 -11.77 -21.23
C HIS A 147 6.34 -10.36 -21.26
N SER A 148 7.42 -10.17 -22.01
CA SER A 148 8.19 -8.93 -21.93
C SER A 148 8.49 -8.33 -23.29
N SER A 149 7.75 -8.71 -24.32
CA SER A 149 7.93 -8.14 -25.65
C SER A 149 7.43 -6.71 -25.68
N MET A 150 8.08 -5.89 -26.51
CA MET A 150 7.71 -4.51 -26.72
C MET A 150 6.81 -4.43 -27.94
N PHE A 151 5.92 -3.44 -27.96
CA PHE A 151 4.95 -3.28 -29.02
C PHE A 151 5.18 -1.97 -29.73
N TRP A 152 5.62 -2.04 -30.97
CA TRP A 152 6.00 -0.89 -31.76
C TRP A 152 4.82 -0.57 -32.66
N MET A 153 4.14 0.52 -32.38
CA MET A 153 2.96 0.85 -33.17
C MET A 153 3.41 1.60 -34.40
N ARG A 154 3.09 1.05 -35.56
CA ARG A 154 3.64 1.53 -36.84
C ARG A 154 2.74 2.64 -37.35
N VAL A 155 3.16 3.88 -37.15
CA VAL A 155 2.31 5.02 -37.48
C VAL A 155 3.07 5.89 -38.47
N PRO A 156 2.42 6.48 -39.47
CA PRO A 156 3.13 7.33 -40.41
C PRO A 156 3.22 8.77 -39.95
N LEU A 157 4.20 9.47 -40.51
CA LEU A 157 4.25 10.92 -40.36
C LEU A 157 3.09 11.59 -41.08
N VAL A 158 2.76 11.12 -42.27
CA VAL A 158 1.66 11.63 -43.07
C VAL A 158 0.68 10.50 -43.29
N ALA A 159 -0.60 10.75 -43.05
CA ALA A 159 -1.64 9.76 -43.26
C ALA A 159 -1.66 9.34 -44.73
N PRO A 160 -1.99 8.07 -45.02
CA PRO A 160 -1.93 7.60 -46.41
C PRO A 160 -2.95 8.25 -47.32
N GLU A 161 -4.07 8.75 -46.80
CA GLU A 161 -5.01 9.46 -47.66
C GLU A 161 -4.53 10.85 -48.02
N ASP A 162 -3.47 11.35 -47.39
CA ASP A 162 -2.87 12.60 -47.79
C ASP A 162 -1.64 12.44 -48.67
N LEU A 163 -1.09 11.22 -48.76
CA LEU A 163 0.03 10.94 -49.65
C LEU A 163 -0.41 10.48 -51.03
N ARG A 164 -1.71 10.30 -51.26
CA ARG A 164 -2.16 9.77 -52.53
C ARG A 164 -2.07 10.84 -53.61
N ASP A 165 -1.79 10.38 -54.84
CA ASP A 165 -1.62 11.28 -55.95
C ASP A 165 -2.95 11.93 -56.32
N ASP A 166 -2.86 13.10 -56.96
CA ASP A 166 -4.05 13.81 -57.41
C ASP A 166 -4.34 13.40 -58.85
N ILE A 167 -4.86 12.18 -58.99
CA ILE A 167 -5.14 11.63 -60.31
C ILE A 167 -6.56 11.10 -60.37
N ILE A 168 -7.37 11.39 -59.37
CA ILE A 168 -8.78 11.02 -59.39
C ILE A 168 -9.56 12.21 -59.95
N GLU A 169 -10.27 11.98 -61.05
CA GLU A 169 -10.88 13.08 -61.79
C GLU A 169 -11.96 13.79 -60.97
N ASN A 170 -12.82 13.03 -60.30
CA ASN A 170 -13.96 13.61 -59.59
C ASN A 170 -13.77 13.63 -58.07
N ALA A 171 -12.51 13.65 -57.62
CA ALA A 171 -12.21 13.77 -56.20
C ALA A 171 -10.84 14.41 -55.98
N SER A 180 -5.66 19.80 -38.73
CA SER A 180 -5.84 18.35 -38.76
C SER A 180 -5.11 17.74 -39.95
N GLY A 181 -4.63 18.59 -40.86
CA GLY A 181 -3.91 18.07 -42.02
C GLY A 181 -2.60 17.42 -41.65
N GLU A 182 -1.82 18.07 -40.79
CA GLU A 182 -0.51 17.58 -40.40
C GLU A 182 -0.47 16.99 -39.01
N GLU A 183 -1.52 17.17 -38.22
CA GLU A 183 -1.58 16.67 -36.86
C GLU A 183 -2.58 15.51 -36.72
N LYS A 184 -2.73 14.73 -37.78
CA LYS A 184 -3.71 13.65 -37.81
C LYS A 184 -3.15 12.39 -37.15
N THR A 185 -2.02 11.90 -37.64
CA THR A 185 -1.50 10.64 -37.17
C THR A 185 -0.91 10.74 -35.78
N TRP A 186 -0.47 11.94 -35.37
CA TRP A 186 -0.10 12.10 -33.97
C TRP A 186 -1.32 11.94 -33.07
N MET A 187 -2.47 12.41 -33.51
CA MET A 187 -3.66 12.22 -32.69
C MET A 187 -4.11 10.77 -32.71
N TRP A 188 -3.85 10.05 -33.81
CA TRP A 188 -4.04 8.60 -33.80
C TRP A 188 -3.19 7.94 -32.72
N TRP A 189 -1.90 8.25 -32.72
CA TRP A 189 -1.00 7.67 -31.73
C TRP A 189 -1.37 8.09 -30.31
N HIS A 190 -1.74 9.35 -30.12
CA HIS A 190 -2.10 9.85 -28.80
C HIS A 190 -3.34 9.17 -28.26
N ASN A 191 -4.36 9.01 -29.09
CA ASN A 191 -5.54 8.29 -28.67
C ASN A 191 -5.21 6.84 -28.34
N PHE A 192 -4.36 6.21 -29.14
CA PHE A 192 -4.00 4.82 -28.88
C PHE A 192 -3.28 4.67 -27.55
N ARG A 193 -2.22 5.47 -27.33
CA ARG A 193 -1.46 5.36 -26.09
C ARG A 193 -2.23 5.83 -24.87
N THR A 194 -3.25 6.67 -25.04
CA THR A 194 -4.09 7.06 -23.92
C THR A 194 -5.06 5.95 -23.55
N LEU A 195 -5.60 5.26 -24.55
CA LEU A 195 -6.46 4.12 -24.26
C LEU A 195 -5.69 3.01 -23.56
N CYS A 196 -4.48 2.74 -24.00
CA CYS A 196 -3.62 1.73 -23.40
C CYS A 196 -2.91 2.22 -22.14
N ASP A 197 -3.23 3.42 -21.66
CA ASP A 197 -2.80 3.96 -20.36
C ASP A 197 -1.30 4.18 -20.29
N TYR A 198 -0.72 4.73 -21.36
CA TYR A 198 0.69 5.14 -21.41
C TYR A 198 1.62 4.02 -20.99
N SER A 199 1.40 2.83 -21.54
CA SER A 199 2.17 1.67 -21.13
C SER A 199 3.64 1.84 -21.49
N LYS A 200 4.52 1.28 -20.65
CA LYS A 200 5.94 1.27 -20.95
C LYS A 200 6.26 0.37 -22.13
N ARG A 201 5.38 -0.56 -22.45
CA ARG A 201 5.63 -1.57 -23.46
C ARG A 201 5.10 -1.19 -24.82
N ILE A 202 4.52 -0.01 -24.98
CA ILE A 202 3.96 0.44 -26.24
C ILE A 202 4.73 1.68 -26.66
N ALA A 203 5.34 1.61 -27.84
CA ALA A 203 6.20 2.66 -28.35
C ALA A 203 5.84 2.93 -29.80
N VAL A 204 6.61 3.76 -30.47
CA VAL A 204 6.29 4.21 -31.82
C VAL A 204 7.34 3.67 -32.78
N ALA A 205 6.87 3.21 -33.94
CA ALA A 205 7.71 3.01 -35.11
C ALA A 205 7.18 3.96 -36.17
N LEU A 206 7.97 4.97 -36.50
CA LEU A 206 7.52 6.08 -37.32
C LEU A 206 7.89 5.84 -38.77
N GLU A 207 6.92 6.02 -39.66
CA GLU A 207 7.15 5.92 -41.09
C GLU A 207 7.42 7.30 -41.66
N ILE A 208 8.57 7.47 -42.29
CA ILE A 208 8.99 8.72 -42.88
C ILE A 208 8.78 8.61 -44.39
N GLY A 209 7.76 9.29 -44.90
CA GLY A 209 7.42 9.23 -46.30
C GLY A 209 8.10 10.31 -47.12
N ALA A 210 7.70 10.38 -48.39
CA ALA A 210 8.31 11.34 -49.32
C ALA A 210 8.01 12.76 -48.91
N ASP A 211 6.76 13.04 -48.56
CA ASP A 211 6.34 14.39 -48.17
C ASP A 211 6.51 14.55 -46.67
N LEU A 212 7.17 15.62 -46.27
CA LEU A 212 7.57 15.69 -44.88
C LEU A 212 6.86 16.85 -44.19
N PRO A 213 6.32 16.65 -42.98
CA PRO A 213 5.56 17.73 -42.33
C PRO A 213 6.43 18.84 -41.79
N SER A 214 5.80 19.80 -41.09
CA SER A 214 6.48 21.01 -40.68
C SER A 214 7.41 20.73 -39.51
N ASN A 215 8.01 21.78 -38.94
CA ASN A 215 8.98 21.63 -37.88
C ASN A 215 8.35 21.32 -36.53
N HIS A 216 7.16 21.85 -36.26
CA HIS A 216 6.55 21.65 -34.96
C HIS A 216 5.82 20.32 -34.86
N VAL A 217 5.38 19.77 -36.00
CA VAL A 217 4.89 18.39 -36.02
C VAL A 217 6.02 17.43 -35.68
N ILE A 218 7.19 17.62 -36.30
CA ILE A 218 8.37 16.85 -35.97
C ILE A 218 8.77 17.09 -34.52
N ASP A 219 8.44 18.18 -33.86
CA ASP A 219 8.85 18.32 -32.42
C ASP A 219 8.00 17.46 -31.45
N ARG A 220 6.67 17.37 -31.62
CA ARG A 220 5.82 16.47 -30.80
C ARG A 220 6.22 15.01 -31.01
N TRP A 221 6.50 14.72 -32.26
CA TRP A 221 6.92 13.36 -32.61
C TRP A 221 8.22 13.09 -31.89
N LEU A 222 9.14 14.02 -31.83
CA LEU A 222 10.46 13.79 -31.20
C LEU A 222 10.26 13.64 -29.69
N GLY A 223 9.27 14.31 -29.11
CA GLY A 223 8.89 14.11 -27.69
C GLY A 223 8.32 12.75 -27.36
N GLU A 224 7.78 12.01 -28.35
CA GLU A 224 7.25 10.60 -28.15
C GLU A 224 8.19 9.40 -27.86
N PRO A 225 7.74 8.20 -27.33
CA PRO A 225 8.56 6.99 -27.27
C PRO A 225 8.80 6.36 -28.63
N ILE A 226 9.62 7.00 -29.46
CA ILE A 226 9.97 6.45 -30.77
C ILE A 226 11.12 5.47 -30.57
N LYS A 227 10.84 4.18 -30.75
CA LYS A 227 11.88 3.18 -30.64
C LYS A 227 12.46 2.78 -31.99
N ALA A 228 11.74 3.02 -33.08
CA ALA A 228 12.23 2.69 -34.41
C ALA A 228 11.72 3.72 -35.39
N ALA A 229 12.42 3.85 -36.51
CA ALA A 229 12.02 4.72 -37.60
C ALA A 229 11.99 3.89 -38.88
N ILE A 230 10.94 4.05 -39.67
CA ILE A 230 10.72 3.24 -40.85
C ILE A 230 10.99 4.10 -42.06
N LEU A 231 12.02 3.75 -42.82
CA LEU A 231 12.39 4.49 -44.02
C LEU A 231 12.11 3.61 -45.24
N PRO A 232 11.05 3.88 -46.00
CA PRO A 232 10.85 3.16 -47.25
C PRO A 232 11.95 3.49 -48.24
N THR A 233 12.27 2.53 -49.11
CA THR A 233 13.27 2.80 -50.13
C THR A 233 12.75 3.74 -51.21
N SER A 234 11.46 4.05 -51.21
CA SER A 234 10.87 4.93 -52.21
C SER A 234 11.16 6.39 -51.92
N ILE A 235 11.48 6.76 -50.68
CA ILE A 235 11.79 8.14 -50.34
C ILE A 235 13.22 8.52 -50.66
N PHE A 236 14.03 7.58 -51.12
CA PHE A 236 15.42 7.86 -51.40
C PHE A 236 15.58 8.48 -52.78
N LEU A 237 16.35 9.56 -52.85
CA LEU A 237 16.67 10.21 -54.10
C LEU A 237 17.86 9.51 -54.75
N THR A 238 18.13 9.85 -56.01
CA THR A 238 19.22 9.25 -56.76
C THR A 238 20.23 10.31 -57.16
N ASN A 239 21.51 10.02 -56.94
CA ASN A 239 22.57 10.97 -57.26
C ASN A 239 23.12 10.72 -58.65
N LYS A 240 24.18 11.45 -59.01
CA LYS A 240 24.76 11.29 -60.34
C LYS A 240 25.54 9.99 -60.50
N LYS A 241 25.94 9.37 -59.39
CA LYS A 241 26.54 8.04 -59.45
C LYS A 241 25.54 6.91 -59.27
N GLY A 242 24.29 7.23 -58.94
CA GLY A 242 23.21 6.27 -58.91
C GLY A 242 22.80 5.77 -57.54
N PHE A 243 23.63 6.00 -56.51
CA PHE A 243 23.35 5.46 -55.19
C PHE A 243 22.16 6.16 -54.55
N PRO A 244 21.51 5.53 -53.57
CA PRO A 244 20.43 6.20 -52.86
C PRO A 244 20.96 7.29 -51.93
N VAL A 245 20.26 8.41 -51.91
CA VAL A 245 20.52 9.53 -51.02
C VAL A 245 19.19 10.02 -50.46
N LEU A 246 19.25 11.10 -49.71
CA LEU A 246 18.04 11.68 -49.12
C LEU A 246 18.08 13.19 -49.28
N SER A 247 16.90 13.80 -49.25
CA SER A 247 16.78 15.24 -49.35
C SER A 247 17.38 15.90 -48.11
N LYS A 248 17.49 17.23 -48.14
CA LYS A 248 18.07 17.93 -47.01
C LYS A 248 17.13 17.92 -45.81
N MET A 249 15.83 18.06 -46.03
CA MET A 249 14.88 17.94 -44.94
C MET A 249 14.88 16.53 -44.36
N HIS A 250 15.01 15.52 -45.22
CA HIS A 250 15.07 14.14 -44.74
C HIS A 250 16.36 13.91 -43.97
N GLN A 251 17.47 14.48 -44.43
CA GLN A 251 18.72 14.34 -43.70
C GLN A 251 18.64 15.00 -42.34
N ARG A 252 17.98 16.16 -42.26
CA ARG A 252 17.77 16.83 -40.99
C ARG A 252 16.96 15.97 -40.04
N LEU A 253 15.89 15.35 -40.56
CA LEU A 253 15.08 14.47 -39.72
C LEU A 253 15.87 13.25 -39.26
N ILE A 254 16.71 12.69 -40.12
CA ILE A 254 17.54 11.54 -39.73
C ILE A 254 18.52 11.95 -38.64
N PHE A 255 19.06 13.17 -38.70
CA PHE A 255 19.96 13.62 -37.64
C PHE A 255 19.23 13.80 -36.32
N ARG A 256 18.04 14.39 -36.35
CA ARG A 256 17.25 14.55 -35.13
C ARG A 256 16.84 13.22 -34.55
N LEU A 257 16.62 12.20 -35.39
CA LEU A 257 16.29 10.87 -34.90
C LEU A 257 17.52 10.12 -34.41
N LEU A 258 18.68 10.39 -35.00
CA LEU A 258 19.92 9.79 -34.53
C LEU A 258 20.33 10.34 -33.18
N LYS A 259 19.89 11.55 -32.84
CA LYS A 259 20.07 12.03 -31.48
C LYS A 259 19.36 11.14 -30.47
N LEU A 260 18.21 10.60 -30.84
CA LEU A 260 17.41 9.74 -29.95
C LEU A 260 17.88 8.30 -29.91
N GLU A 261 18.84 7.93 -30.74
CA GLU A 261 19.33 6.55 -30.87
C GLU A 261 18.21 5.57 -31.19
N VAL A 262 17.40 5.92 -32.18
CA VAL A 262 16.40 4.97 -32.68
C VAL A 262 17.06 4.00 -33.65
N GLN A 263 16.37 2.91 -33.93
CA GLN A 263 16.77 1.95 -34.94
C GLN A 263 16.01 2.24 -36.22
N PHE A 264 16.72 2.23 -37.35
CA PHE A 264 16.08 2.52 -38.62
C PHE A 264 15.69 1.22 -39.29
N ILE A 265 14.44 1.13 -39.72
CA ILE A 265 13.91 -0.04 -40.41
C ILE A 265 13.77 0.34 -41.87
N ILE A 266 14.42 -0.42 -42.75
CA ILE A 266 14.30 -0.19 -44.19
C ILE A 266 13.23 -1.12 -44.72
N THR A 267 12.23 -0.55 -45.41
CA THR A 267 11.10 -1.29 -45.94
C THR A 267 11.08 -1.16 -47.46
N GLY A 268 10.24 -1.95 -48.09
CA GLY A 268 10.06 -1.86 -49.51
C GLY A 268 11.11 -2.66 -50.27
N THR A 269 11.05 -2.53 -51.59
CA THR A 269 11.98 -3.23 -52.46
C THR A 269 13.09 -2.30 -52.89
N ASN A 270 14.10 -2.89 -53.53
CA ASN A 270 15.27 -2.16 -54.01
C ASN A 270 14.90 -1.41 -55.28
N HIS A 271 14.66 -0.11 -55.16
CA HIS A 271 14.40 0.71 -56.34
C HIS A 271 15.65 1.07 -57.10
N HIS A 272 16.83 0.97 -56.48
CA HIS A 272 18.09 1.17 -57.18
C HIS A 272 18.65 -0.22 -57.48
N SER A 273 18.05 -0.86 -58.48
CA SER A 273 18.35 -2.25 -58.80
C SER A 273 19.75 -2.43 -59.36
N GLU A 274 20.33 -1.37 -59.91
CA GLU A 274 21.72 -1.43 -60.36
C GLU A 274 22.67 -1.66 -59.20
N LYS A 275 22.37 -1.06 -58.04
CA LYS A 275 23.15 -1.24 -56.83
C LYS A 275 22.50 -2.30 -55.95
N GLU A 276 23.19 -2.63 -54.86
CA GLU A 276 22.68 -3.65 -53.95
C GLU A 276 21.72 -3.02 -52.94
N PHE A 277 21.18 -3.86 -52.05
CA PHE A 277 20.43 -3.35 -50.91
C PHE A 277 21.32 -3.00 -49.74
N CYS A 278 22.63 -3.24 -49.86
CA CYS A 278 23.57 -2.72 -48.87
C CYS A 278 23.73 -1.21 -48.99
N SER A 279 23.32 -0.62 -50.11
CA SER A 279 23.55 0.81 -50.33
C SER A 279 22.64 1.69 -49.47
N TYR A 280 21.38 1.28 -49.30
CA TYR A 280 20.47 2.03 -48.44
C TYR A 280 20.96 2.03 -47.00
N LEU A 281 21.58 0.92 -46.58
CA LEU A 281 22.14 0.82 -45.24
C LEU A 281 23.44 1.60 -45.13
N GLN A 282 24.25 1.57 -46.18
CA GLN A 282 25.53 2.27 -46.19
C GLN A 282 25.34 3.78 -46.16
N TYR A 283 24.27 4.28 -46.76
CA TYR A 283 23.98 5.71 -46.65
C TYR A 283 23.65 6.10 -45.21
N LEU A 284 22.91 5.26 -44.50
CA LEU A 284 22.59 5.56 -43.11
C LEU A 284 23.83 5.47 -42.22
N GLU A 285 24.71 4.51 -42.50
CA GLU A 285 25.98 4.46 -41.78
C GLU A 285 26.83 5.70 -42.07
N TYR A 286 26.79 6.17 -43.31
CA TYR A 286 27.50 7.40 -43.67
C TYR A 286 26.95 8.60 -42.93
N LEU A 287 25.62 8.71 -42.83
CA LEU A 287 25.06 9.82 -42.07
C LEU A 287 25.38 9.69 -40.58
N SER A 288 25.46 8.45 -40.08
CA SER A 288 25.82 8.25 -38.68
C SER A 288 27.23 8.74 -38.39
N GLN A 289 28.17 8.46 -39.28
CA GLN A 289 29.52 8.94 -39.04
C GLN A 289 29.72 10.40 -39.40
N ASN A 290 28.66 11.12 -39.74
CA ASN A 290 28.70 12.56 -40.01
C ASN A 290 27.61 13.32 -39.27
N ARG A 291 27.33 12.94 -38.03
CA ARG A 291 26.45 13.73 -37.18
C ARG A 291 27.26 14.49 -36.14
N ALA A 296 31.60 18.12 -24.39
CA ALA A 296 31.87 17.65 -23.03
C ALA A 296 30.58 17.38 -22.26
N TYR A 297 29.58 18.24 -22.42
CA TYR A 297 28.32 18.07 -21.70
C TYR A 297 27.57 16.83 -22.18
N GLU A 298 27.61 16.56 -23.49
CA GLU A 298 26.93 15.36 -24.00
C GLU A 298 27.65 14.09 -23.58
N LEU A 299 28.97 14.14 -23.46
CA LEU A 299 29.71 12.97 -23.03
C LEU A 299 29.52 12.71 -21.54
N PHE A 300 29.42 13.79 -20.75
CA PHE A 300 29.11 13.62 -19.33
C PHE A 300 27.70 13.10 -19.13
N ALA A 301 26.73 13.71 -19.81
CA ALA A 301 25.32 13.41 -19.63
C ALA A 301 24.91 12.10 -20.28
N LYS A 302 25.77 11.48 -21.08
CA LYS A 302 25.43 10.23 -21.73
C LYS A 302 25.29 9.11 -20.72
N GLY A 303 24.20 8.35 -20.84
CA GLY A 303 23.86 7.34 -19.85
C GLY A 303 22.98 7.85 -18.73
N TYR A 304 22.73 9.16 -18.67
CA TYR A 304 21.87 9.75 -17.67
C TYR A 304 20.62 10.37 -18.28
N GLU A 305 20.37 10.14 -19.57
CA GLU A 305 19.26 10.79 -20.26
C GLU A 305 17.93 10.24 -19.75
N ASP A 306 17.03 11.16 -19.38
CA ASP A 306 15.71 10.83 -18.84
C ASP A 306 15.80 9.90 -17.64
N TYR A 307 16.89 10.00 -16.88
CA TYR A 307 17.07 9.26 -15.65
C TYR A 307 16.80 10.21 -14.50
N LEU A 308 15.77 9.91 -13.71
CA LEU A 308 15.31 10.81 -12.66
C LEU A 308 16.14 10.56 -11.41
N GLN A 309 16.99 11.51 -11.05
CA GLN A 309 17.52 11.51 -9.70
C GLN A 309 16.57 12.27 -8.78
N SER A 310 16.96 12.38 -7.55
CA SER A 310 16.35 13.26 -6.58
C SER A 310 17.32 14.39 -6.25
N PRO A 311 16.85 15.62 -6.11
CA PRO A 311 17.77 16.74 -5.90
C PRO A 311 18.50 16.60 -4.58
N LEU A 312 19.77 17.00 -4.58
CA LEU A 312 20.58 16.90 -3.37
C LEU A 312 20.08 17.86 -2.32
N GLN A 313 20.28 17.48 -1.06
CA GLN A 313 19.98 18.33 0.09
C GLN A 313 21.22 18.38 0.95
N PRO A 314 22.20 19.23 0.58
CA PRO A 314 23.44 19.29 1.36
C PRO A 314 23.26 19.77 2.79
N LEU A 315 22.23 20.56 3.07
CA LEU A 315 22.02 21.06 4.42
C LEU A 315 21.45 20.00 5.35
N MET A 316 20.54 19.16 4.85
CA MET A 316 19.89 18.18 5.70
C MET A 316 20.58 16.83 5.66
N ASP A 317 21.25 16.50 4.56
CA ASP A 317 22.03 15.28 4.43
C ASP A 317 23.50 15.62 4.26
N ASN A 318 24.36 14.89 4.94
CA ASN A 318 25.79 15.00 4.68
C ASN A 318 26.10 14.26 3.38
N LEU A 319 26.89 14.89 2.52
CA LEU A 319 27.19 14.29 1.23
C LEU A 319 28.27 13.22 1.39
N GLU A 320 28.66 12.63 0.27
CA GLU A 320 29.67 11.59 0.21
C GLU A 320 30.90 12.16 -0.48
N SER A 321 32.03 11.46 -0.36
CA SER A 321 33.23 11.85 -1.10
C SER A 321 32.99 11.87 -2.60
N GLN A 322 32.21 10.91 -3.10
CA GLN A 322 31.96 10.82 -4.53
C GLN A 322 31.09 11.99 -5.02
N THR A 323 30.15 12.44 -4.20
CA THR A 323 29.33 13.59 -4.58
C THR A 323 30.19 14.85 -4.73
N TYR A 324 31.03 15.13 -3.73
CA TYR A 324 31.93 16.27 -3.82
C TYR A 324 32.89 16.13 -4.98
N GLU A 325 33.33 14.89 -5.26
CA GLU A 325 34.23 14.66 -6.39
C GLU A 325 33.54 14.96 -7.72
N VAL A 326 32.26 14.62 -7.83
CA VAL A 326 31.49 15.00 -9.02
C VAL A 326 31.38 16.52 -9.12
N PHE A 327 31.21 17.20 -7.98
CA PHE A 327 31.18 18.67 -8.00
C PHE A 327 32.48 19.24 -8.55
N GLU A 328 33.61 18.74 -8.04
CA GLU A 328 34.91 19.35 -8.32
C GLU A 328 35.47 19.01 -9.69
N LYS A 329 34.82 18.11 -10.44
CA LYS A 329 35.20 17.86 -11.83
C LYS A 329 34.62 18.89 -12.80
N ASP A 330 34.12 20.02 -12.29
CA ASP A 330 33.69 21.12 -13.14
C ASP A 330 34.67 22.27 -13.00
N PRO A 331 35.57 22.48 -13.98
CA PRO A 331 36.50 23.60 -13.88
C PRO A 331 35.90 24.94 -14.24
N ILE A 332 34.81 24.96 -15.01
CA ILE A 332 34.21 26.21 -15.45
C ILE A 332 33.59 26.96 -14.28
N LYS A 333 32.84 26.26 -13.43
CA LYS A 333 32.18 26.93 -12.30
C LYS A 333 33.18 27.53 -11.32
N TYR A 334 34.25 26.79 -11.01
CA TYR A 334 35.21 27.30 -10.04
C TYR A 334 36.13 28.33 -10.66
N SER A 335 36.37 28.25 -11.97
CA SER A 335 37.04 29.35 -12.65
C SER A 335 36.19 30.61 -12.61
N GLN A 336 34.87 30.46 -12.73
CA GLN A 336 33.99 31.62 -12.65
C GLN A 336 33.98 32.24 -11.26
N TYR A 337 33.91 31.40 -10.22
CA TYR A 337 34.02 31.92 -8.85
C TYR A 337 35.35 32.61 -8.61
N GLN A 338 36.43 32.05 -9.13
CA GLN A 338 37.74 32.66 -8.97
C GLN A 338 37.81 34.02 -9.69
N GLN A 339 37.22 34.11 -10.89
CA GLN A 339 37.18 35.39 -11.59
C GLN A 339 36.33 36.41 -10.84
N ALA A 340 35.20 35.98 -10.28
CA ALA A 340 34.36 36.88 -9.49
C ALA A 340 35.10 37.40 -8.26
N ILE A 341 35.80 36.52 -7.56
CA ILE A 341 36.56 36.94 -6.38
C ILE A 341 37.72 37.84 -6.79
N TYR A 342 38.34 37.55 -7.94
CA TYR A 342 39.40 38.39 -8.49
C TYR A 342 38.90 39.81 -8.70
N LYS A 343 37.78 39.96 -9.40
CA LYS A 343 37.25 41.29 -9.69
C LYS A 343 36.78 42.00 -8.44
N CYS A 344 36.16 41.26 -7.50
CA CYS A 344 35.73 41.88 -6.25
C CYS A 344 36.92 42.35 -5.42
N LEU A 345 37.99 41.56 -5.38
CA LEU A 345 39.17 41.94 -4.63
C LEU A 345 39.85 43.16 -5.25
N LEU A 346 39.89 43.21 -6.58
CA LEU A 346 40.38 44.41 -7.25
C LEU A 346 39.54 45.63 -6.92
N ASP A 347 38.22 45.46 -6.90
CA ASP A 347 37.34 46.60 -6.65
C ASP A 347 37.47 47.11 -5.22
N ARG A 348 37.48 46.20 -4.24
CA ARG A 348 37.42 46.60 -2.85
C ARG A 348 38.75 47.11 -2.29
N VAL A 349 39.86 46.83 -2.96
CA VAL A 349 41.16 47.30 -2.49
C VAL A 349 41.90 47.99 -3.63
N PRO A 350 42.17 49.29 -3.51
CA PRO A 350 42.94 49.98 -4.54
C PRO A 350 44.40 49.58 -4.51
N GLU A 351 45.10 49.87 -5.61
CA GLU A 351 46.48 49.43 -5.79
C GLU A 351 47.42 50.04 -4.74
N GLU A 352 47.12 51.26 -4.29
CA GLU A 352 47.97 51.91 -3.30
C GLU A 352 47.79 51.29 -1.91
N GLU A 353 46.60 50.75 -1.62
CA GLU A 353 46.33 50.10 -0.35
C GLU A 353 46.51 48.59 -0.43
N LYS A 354 47.39 48.13 -1.31
CA LYS A 354 47.47 46.71 -1.64
C LYS A 354 48.06 45.89 -0.50
N ASP A 355 49.18 46.34 0.05
CA ASP A 355 49.94 45.52 1.00
C ASP A 355 49.54 45.72 2.45
N THR A 356 48.64 46.67 2.76
CA THR A 356 48.24 46.91 4.13
C THR A 356 46.79 46.53 4.42
N ASN A 357 45.97 46.33 3.39
CA ASN A 357 44.56 46.01 3.56
C ASN A 357 44.37 44.51 3.40
N VAL A 358 43.87 43.87 4.45
CA VAL A 358 43.62 42.43 4.47
C VAL A 358 42.12 42.22 4.38
N GLN A 359 41.68 41.51 3.36
CA GLN A 359 40.27 41.32 3.08
C GLN A 359 39.78 40.00 3.68
N VAL A 360 38.80 40.09 4.58
CA VAL A 360 38.27 38.88 5.19
C VAL A 360 37.28 38.25 4.23
N LEU A 361 37.64 37.11 3.68
CA LEU A 361 36.74 36.27 2.91
C LEU A 361 36.25 35.13 3.77
N MET A 362 34.98 34.79 3.63
CA MET A 362 34.39 33.69 4.37
C MET A 362 33.76 32.76 3.34
N VAL A 363 34.33 31.57 3.19
CA VAL A 363 33.77 30.57 2.30
C VAL A 363 32.80 29.74 3.11
N LEU A 364 31.52 29.85 2.80
CA LEU A 364 30.47 29.25 3.59
C LEU A 364 30.01 27.97 2.91
N GLY A 365 30.07 26.85 3.65
CA GLY A 365 29.95 25.55 3.03
C GLY A 365 31.18 25.28 2.19
N ALA A 366 32.32 25.11 2.85
CA ALA A 366 33.59 25.02 2.14
C ALA A 366 33.76 23.70 1.40
N GLY A 367 33.00 22.67 1.74
CA GLY A 367 33.10 21.42 1.02
C GLY A 367 34.33 20.66 1.40
N ARG A 368 34.98 20.05 0.43
CA ARG A 368 36.32 19.52 0.60
C ARG A 368 37.39 20.54 0.24
N GLY A 369 36.97 21.73 -0.20
CA GLY A 369 37.84 22.87 -0.38
C GLY A 369 38.18 23.35 -1.79
N PRO A 370 37.25 23.29 -2.79
CA PRO A 370 37.60 23.87 -4.09
C PRO A 370 37.31 25.37 -4.16
N LEU A 371 36.34 25.84 -3.36
CA LEU A 371 36.09 27.27 -3.26
C LEU A 371 37.19 27.98 -2.48
N VAL A 372 37.76 27.32 -1.48
CA VAL A 372 38.89 27.92 -0.75
C VAL A 372 40.10 28.04 -1.65
N ASN A 373 40.36 27.01 -2.45
CA ASN A 373 41.47 27.09 -3.41
C ASN A 373 41.20 28.14 -4.48
N ALA A 374 39.94 28.28 -4.92
CA ALA A 374 39.59 29.32 -5.86
C ALA A 374 39.82 30.70 -5.27
N SER A 375 39.46 30.90 -4.00
CA SER A 375 39.69 32.18 -3.34
C SER A 375 41.18 32.47 -3.19
N LEU A 376 41.98 31.47 -2.83
CA LEU A 376 43.42 31.69 -2.70
C LEU A 376 44.07 32.01 -4.04
N ARG A 377 43.69 31.28 -5.09
CA ARG A 377 44.21 31.55 -6.42
C ARG A 377 43.75 32.91 -6.94
N ALA A 378 42.54 33.32 -6.59
CA ALA A 378 42.06 34.65 -6.96
C ALA A 378 42.82 35.74 -6.25
N ALA A 379 43.09 35.57 -4.96
CA ALA A 379 43.85 36.57 -4.22
C ALA A 379 45.30 36.63 -4.67
N LYS A 380 45.85 35.52 -5.16
CA LYS A 380 47.15 35.58 -5.82
C LYS A 380 47.05 36.34 -7.14
N GLN A 381 46.07 35.99 -7.97
CA GLN A 381 45.91 36.63 -9.27
C GLN A 381 45.56 38.10 -9.12
N ALA A 382 44.67 38.43 -8.18
CA ALA A 382 44.39 39.83 -7.88
C ALA A 382 45.55 40.51 -7.16
N ASP A 383 46.45 39.72 -6.59
CA ASP A 383 47.61 40.18 -5.83
C ASP A 383 47.13 41.09 -4.69
N ARG A 384 46.30 40.49 -3.84
CA ARG A 384 45.77 41.15 -2.66
C ARG A 384 45.89 40.17 -1.49
N ARG A 385 45.88 40.72 -0.28
CA ARG A 385 46.09 39.94 0.92
C ARG A 385 44.74 39.67 1.58
N ILE A 386 44.46 38.39 1.84
CA ILE A 386 43.18 37.97 2.39
C ILE A 386 43.40 37.12 3.63
N LYS A 387 42.45 37.18 4.56
CA LYS A 387 42.35 36.27 5.69
C LYS A 387 41.07 35.47 5.49
N LEU A 388 41.20 34.16 5.29
CA LEU A 388 40.09 33.38 4.79
C LEU A 388 39.55 32.46 5.89
N TYR A 389 38.24 32.29 5.89
CA TYR A 389 37.56 31.37 6.78
C TYR A 389 36.82 30.34 5.94
N ALA A 390 36.97 29.08 6.29
CA ALA A 390 36.32 27.96 5.60
C ALA A 390 35.34 27.33 6.57
N VAL A 391 34.09 27.70 6.47
CA VAL A 391 33.04 27.18 7.34
C VAL A 391 32.42 25.97 6.66
N GLU A 392 32.22 24.90 7.43
CA GLU A 392 31.63 23.68 6.88
C GLU A 392 31.01 22.89 8.01
N LYS A 393 29.73 22.57 7.87
CA LYS A 393 29.01 21.79 8.89
C LYS A 393 29.17 20.28 8.72
N ASN A 394 29.61 19.82 7.57
CA ASN A 394 29.84 18.40 7.33
C ASN A 394 31.03 17.94 8.15
N PRO A 395 30.86 17.10 9.17
CA PRO A 395 32.01 16.72 10.00
C PRO A 395 33.02 15.86 9.27
N ASN A 396 32.63 15.25 8.16
CA ASN A 396 33.49 14.37 7.41
C ASN A 396 34.27 15.11 6.33
N ALA A 397 33.71 16.17 5.78
CA ALA A 397 34.46 17.06 4.91
C ALA A 397 35.35 18.01 5.69
N VAL A 398 35.05 18.24 6.97
CA VAL A 398 35.95 18.99 7.84
C VAL A 398 37.26 18.23 8.02
N VAL A 399 37.23 16.90 7.95
CA VAL A 399 38.47 16.13 8.00
C VAL A 399 39.38 16.47 6.83
N THR A 400 38.79 16.51 5.62
CA THR A 400 39.55 16.87 4.42
C THR A 400 40.04 18.30 4.49
N LEU A 401 39.18 19.21 4.95
CA LEU A 401 39.53 20.62 5.07
C LEU A 401 40.68 20.82 6.05
N GLU A 402 40.67 20.09 7.17
CA GLU A 402 41.69 20.26 8.18
C GLU A 402 43.00 19.59 7.80
N ASN A 403 42.95 18.53 6.98
CA ASN A 403 44.20 18.02 6.43
C ASN A 403 44.79 18.97 5.39
N TRP A 404 43.92 19.60 4.59
CA TRP A 404 44.33 20.69 3.71
C TRP A 404 45.00 21.81 4.51
N GLN A 405 44.35 22.21 5.61
CA GLN A 405 44.86 23.28 6.45
C GLN A 405 46.22 22.94 7.06
N PHE A 406 46.36 21.71 7.55
CA PHE A 406 47.62 21.31 8.15
C PHE A 406 48.73 21.26 7.10
N GLU A 407 48.42 20.80 5.90
CA GLU A 407 49.48 20.61 4.92
C GLU A 407 49.73 21.85 4.07
N GLU A 408 48.71 22.31 3.34
CA GLU A 408 48.89 23.37 2.36
C GLU A 408 48.60 24.76 2.91
N TRP A 409 47.36 24.98 3.38
CA TRP A 409 46.87 26.34 3.60
C TRP A 409 47.62 27.03 4.73
N GLY A 410 47.87 26.33 5.83
CA GLY A 410 48.52 27.00 6.93
C GLY A 410 47.57 27.92 7.67
N SER A 411 48.13 28.99 8.23
CA SER A 411 47.39 29.88 9.09
C SER A 411 46.55 30.89 8.33
N GLN A 412 46.67 30.95 7.00
CA GLN A 412 45.84 31.86 6.21
C GLN A 412 44.37 31.48 6.30
N VAL A 413 44.07 30.19 6.22
CA VAL A 413 42.71 29.68 6.25
C VAL A 413 42.40 29.16 7.63
N THR A 414 41.26 29.57 8.18
CA THR A 414 40.76 29.05 9.45
C THR A 414 39.57 28.16 9.17
N VAL A 415 39.66 26.89 9.51
CA VAL A 415 38.59 25.94 9.27
C VAL A 415 37.65 25.94 10.46
N VAL A 416 36.38 26.21 10.20
CA VAL A 416 35.34 26.21 11.22
C VAL A 416 34.43 25.03 10.93
N SER A 417 34.22 24.20 11.94
CA SER A 417 33.30 23.07 11.86
C SER A 417 32.00 23.50 12.51
N SER A 418 31.25 24.34 11.79
CA SER A 418 29.95 24.83 12.30
C SER A 418 28.98 25.14 11.17
N ASP A 419 27.70 25.33 11.49
CA ASP A 419 26.71 25.79 10.49
C ASP A 419 26.97 27.29 10.34
N MET A 420 26.92 27.85 9.14
CA MET A 420 27.12 29.29 8.94
C MET A 420 25.99 30.04 9.65
N ARG A 421 24.86 29.39 9.91
CA ARG A 421 23.78 30.14 10.54
C ARG A 421 24.00 30.28 12.04
N GLU A 422 24.55 29.25 12.69
CA GLU A 422 24.73 29.26 14.13
C GLU A 422 26.16 29.56 14.54
N TRP A 423 27.04 29.90 13.61
CA TRP A 423 28.45 30.13 13.92
C TRP A 423 28.65 31.59 14.32
N VAL A 424 29.39 31.80 15.41
CA VAL A 424 29.71 33.13 15.91
C VAL A 424 31.10 33.49 15.40
N ALA A 425 31.18 34.49 14.53
CA ALA A 425 32.42 34.88 13.90
C ALA A 425 33.29 35.69 14.85
N PRO A 426 34.62 35.64 14.68
CA PRO A 426 35.50 36.52 15.44
C PRO A 426 35.73 37.89 14.81
N GLU A 427 35.26 38.11 13.60
CA GLU A 427 35.37 39.40 12.91
C GLU A 427 34.33 39.41 11.81
N LYS A 428 34.15 40.58 11.20
CA LYS A 428 33.25 40.69 10.06
C LYS A 428 34.00 40.32 8.78
N ALA A 429 33.23 40.10 7.72
CA ALA A 429 33.76 39.65 6.45
C ALA A 429 33.63 40.73 5.40
N ASP A 430 34.68 40.91 4.60
CA ASP A 430 34.56 41.75 3.42
C ASP A 430 33.80 41.05 2.32
N ILE A 431 34.07 39.77 2.09
CA ILE A 431 33.37 39.00 1.07
C ILE A 431 32.93 37.68 1.69
N ILE A 432 31.73 37.23 1.39
CA ILE A 432 31.32 35.87 1.68
C ILE A 432 31.03 35.16 0.36
N VAL A 433 31.59 33.96 0.20
CA VAL A 433 31.53 33.21 -1.03
C VAL A 433 30.91 31.85 -0.73
N SER A 434 29.92 31.47 -1.53
CA SER A 434 29.26 30.18 -1.30
C SER A 434 28.88 29.57 -2.63
N GLU A 435 28.68 28.25 -2.63
CA GLU A 435 28.29 27.47 -3.80
C GLU A 435 26.98 26.73 -3.53
N LEU A 436 26.11 27.32 -2.71
CA LEU A 436 24.95 26.67 -2.15
C LEU A 436 23.78 26.57 -3.13
N LEU A 437 24.04 26.71 -4.43
CA LEU A 437 22.98 26.78 -5.42
C LEU A 437 22.62 25.39 -5.91
N GLY A 438 21.34 25.19 -6.22
CA GLY A 438 20.87 23.98 -6.82
C GLY A 438 20.44 24.19 -8.26
N SER A 439 19.80 23.16 -8.82
CA SER A 439 19.31 23.22 -10.19
C SER A 439 18.20 24.24 -10.37
N PHE A 440 17.51 24.61 -9.30
CA PHE A 440 16.45 25.62 -9.31
C PHE A 440 16.85 26.86 -8.53
N ALA A 441 18.12 26.96 -8.15
CA ALA A 441 18.88 28.05 -7.53
C ALA A 441 18.55 28.29 -6.07
N ASP A 442 17.48 27.74 -5.52
CA ASP A 442 17.15 28.01 -4.13
C ASP A 442 16.55 26.78 -3.46
N ASN A 443 16.50 25.65 -4.15
CA ASN A 443 16.02 24.41 -3.56
C ASN A 443 17.02 23.79 -2.58
N GLU A 444 18.23 24.33 -2.46
CA GLU A 444 19.17 23.88 -1.46
C GLU A 444 19.35 24.90 -0.35
N LEU A 445 18.39 25.83 -0.24
CA LEU A 445 18.25 26.76 0.88
C LEU A 445 19.39 27.76 0.94
N SER A 446 19.86 28.19 -0.22
CA SER A 446 20.78 29.32 -0.26
C SER A 446 20.22 30.59 0.37
N PRO A 447 18.95 30.99 0.15
CA PRO A 447 18.44 32.17 0.88
C PRO A 447 18.49 32.04 2.39
N GLU A 448 18.10 30.90 2.94
CA GLU A 448 18.02 30.77 4.39
C GLU A 448 19.40 30.63 5.01
N CYS A 449 20.34 30.00 4.31
CA CYS A 449 21.70 29.88 4.81
C CYS A 449 22.43 31.21 4.73
N LEU A 450 22.31 31.92 3.61
CA LEU A 450 22.95 33.22 3.48
C LEU A 450 22.25 34.31 4.28
N ASP A 451 20.99 34.09 4.67
CA ASP A 451 20.31 35.04 5.53
C ASP A 451 20.89 35.03 6.93
N GLY A 452 21.13 33.85 7.48
CA GLY A 452 21.74 33.73 8.78
C GLY A 452 23.23 33.94 8.79
N ALA A 453 23.83 34.11 7.62
CA ALA A 453 25.27 34.30 7.47
C ALA A 453 25.63 35.70 7.00
N GLN A 454 24.71 36.65 7.10
CA GLN A 454 24.98 38.02 6.68
C GLN A 454 25.15 38.96 7.84
N HIS A 455 24.96 38.50 9.08
CA HIS A 455 25.23 39.34 10.23
C HIS A 455 26.71 39.47 10.53
N PHE A 456 27.54 38.56 10.01
CA PHE A 456 28.99 38.74 10.10
C PHE A 456 29.58 39.18 8.77
N LEU A 457 28.85 40.01 8.06
CA LEU A 457 29.29 40.65 6.83
C LEU A 457 29.32 42.15 7.08
N LYS A 458 30.37 42.81 6.60
CA LYS A 458 30.47 44.24 6.79
C LYS A 458 29.41 44.97 5.99
N ASP A 459 29.14 46.22 6.39
CA ASP A 459 28.02 46.96 5.81
C ASP A 459 28.23 47.25 4.34
N ASP A 460 29.49 47.28 3.89
CA ASP A 460 29.81 47.30 2.46
C ASP A 460 30.31 45.95 1.97
N GLY A 461 29.92 44.87 2.64
CA GLY A 461 30.38 43.55 2.25
C GLY A 461 29.69 43.04 1.00
N VAL A 462 30.36 42.13 0.32
CA VAL A 462 29.90 41.56 -0.94
C VAL A 462 29.61 40.08 -0.72
N SER A 463 28.56 39.59 -1.36
CA SER A 463 28.24 38.18 -1.39
C SER A 463 28.38 37.67 -2.81
N ILE A 464 29.14 36.59 -2.98
CA ILE A 464 29.27 35.89 -4.24
C ILE A 464 28.66 34.51 -4.06
N PRO A 465 27.56 34.16 -4.74
CA PRO A 465 26.85 34.88 -5.80
C PRO A 465 26.05 36.08 -5.34
N GLY A 466 26.09 37.15 -6.14
CA GLY A 466 25.35 38.34 -5.79
C GLY A 466 23.85 38.13 -5.86
N GLU A 467 23.37 37.49 -6.92
CA GLU A 467 21.94 37.24 -6.99
C GLU A 467 21.72 36.03 -7.89
N TYR A 468 20.55 35.43 -7.78
CA TYR A 468 20.24 34.29 -8.62
C TYR A 468 18.75 34.24 -8.89
N THR A 469 18.41 33.83 -10.11
CA THR A 469 17.06 33.75 -10.62
C THR A 469 16.80 32.33 -11.10
N SER A 470 15.56 31.88 -10.97
CA SER A 470 15.14 30.60 -11.54
C SER A 470 14.19 30.84 -12.70
N PHE A 471 14.26 29.97 -13.70
CA PHE A 471 13.51 30.10 -14.94
C PHE A 471 12.74 28.81 -15.16
N LEU A 472 11.50 28.95 -15.64
CA LEU A 472 10.62 27.78 -15.88
C LEU A 472 10.11 27.75 -17.32
N ALA A 473 10.01 26.59 -17.93
CA ALA A 473 9.42 26.41 -19.24
C ALA A 473 8.49 25.21 -19.24
N PRO A 474 7.36 25.28 -19.92
CA PRO A 474 6.46 24.12 -19.96
C PRO A 474 6.96 23.09 -20.96
N ILE A 475 6.93 21.82 -20.57
CA ILE A 475 7.46 20.77 -21.42
C ILE A 475 6.45 19.64 -21.58
N SER A 476 6.58 18.96 -22.72
CA SER A 476 5.89 17.72 -23.00
C SER A 476 6.92 16.61 -23.18
N SER A 477 6.75 15.52 -22.44
CA SER A 477 7.63 14.37 -22.60
C SER A 477 6.89 13.15 -22.07
N SER A 478 6.48 12.28 -22.98
CA SER A 478 5.69 11.12 -22.57
C SER A 478 6.55 10.07 -21.90
N LYS A 479 7.81 9.93 -22.31
CA LYS A 479 8.72 9.05 -21.61
C LYS A 479 8.98 9.54 -20.19
N LEU A 480 9.14 10.84 -20.00
CA LEU A 480 9.35 11.38 -18.66
C LEU A 480 8.12 11.18 -17.78
N TYR A 481 6.93 11.31 -18.37
CA TYR A 481 5.71 11.02 -17.62
C TYR A 481 5.65 9.56 -17.20
N ASN A 482 6.04 8.64 -18.10
CA ASN A 482 6.11 7.23 -17.72
C ASN A 482 7.19 6.96 -16.68
N GLU A 483 8.31 7.68 -16.72
CA GLU A 483 9.33 7.52 -15.69
C GLU A 483 8.83 7.96 -14.33
N VAL A 484 8.13 9.10 -14.29
CA VAL A 484 7.56 9.58 -13.04
C VAL A 484 6.51 8.61 -12.53
N ARG A 485 5.69 8.05 -13.42
CA ARG A 485 4.74 7.02 -12.99
C ARG A 485 5.46 5.80 -12.43
N ALA A 486 6.53 5.37 -13.08
CA ALA A 486 7.32 4.24 -12.63
C ALA A 486 8.02 4.49 -11.30
N CYS A 487 8.13 5.75 -10.87
CA CYS A 487 8.67 6.03 -9.55
C CYS A 487 7.67 5.83 -8.42
N ARG A 488 6.55 5.15 -8.65
CA ARG A 488 5.57 4.94 -7.58
C ARG A 488 6.12 3.96 -6.56
N GLU A 489 6.45 4.46 -5.39
CA GLU A 489 7.03 3.68 -4.31
C GLU A 489 5.94 3.25 -3.34
N LYS A 490 6.10 2.06 -2.78
CA LYS A 490 5.14 1.55 -1.81
C LYS A 490 5.30 2.27 -0.47
N ASP A 491 4.30 2.08 0.40
CA ASP A 491 4.28 2.64 1.75
C ASP A 491 4.34 4.18 1.73
N ARG A 492 3.70 4.77 0.74
CA ARG A 492 3.53 6.22 0.68
C ARG A 492 2.31 6.51 -0.19
N ASP A 493 2.01 7.79 -0.35
CA ASP A 493 0.90 8.23 -1.19
C ASP A 493 1.11 7.70 -2.61
N PRO A 494 0.12 7.05 -3.22
CA PRO A 494 0.34 6.44 -4.54
C PRO A 494 0.53 7.42 -5.66
N GLU A 495 0.53 8.72 -5.40
CA GLU A 495 0.67 9.69 -6.47
C GLU A 495 1.55 10.84 -5.96
N ALA A 496 2.37 10.56 -4.95
CA ALA A 496 3.31 11.48 -4.36
C ALA A 496 4.60 11.62 -5.17
N GLN A 497 4.76 10.82 -6.21
CA GLN A 497 5.90 10.97 -7.09
C GLN A 497 5.71 12.09 -8.10
N PHE A 498 4.49 12.57 -8.25
CA PHE A 498 4.17 13.68 -9.14
C PHE A 498 4.28 15.01 -8.44
N GLU A 499 4.62 15.00 -7.16
CA GLU A 499 4.73 16.20 -6.33
C GLU A 499 6.15 16.36 -5.80
N MET A 500 7.11 15.83 -6.53
CA MET A 500 8.53 15.99 -6.24
C MET A 500 9.22 16.54 -7.47
N PRO A 501 10.12 17.50 -7.31
CA PRO A 501 11.04 17.80 -8.41
C PRO A 501 12.03 16.67 -8.60
N TYR A 502 12.45 16.49 -9.84
CA TYR A 502 13.42 15.48 -10.21
C TYR A 502 14.57 16.16 -10.92
N VAL A 503 15.78 15.92 -10.47
CA VAL A 503 16.95 16.32 -11.24
C VAL A 503 17.05 15.31 -12.38
N VAL A 504 16.89 15.82 -13.60
CA VAL A 504 16.83 14.93 -14.77
C VAL A 504 17.51 15.55 -15.99
N ARG A 505 18.37 14.78 -16.66
CA ARG A 505 18.93 15.24 -17.94
C ARG A 505 17.86 14.88 -18.95
N LEU A 506 16.83 15.70 -19.03
CA LEU A 506 15.72 15.41 -19.94
C LEU A 506 16.31 15.41 -21.35
N HIS A 507 15.97 14.39 -22.14
CA HIS A 507 16.54 14.24 -23.48
C HIS A 507 15.38 14.11 -24.45
N ASN A 508 14.46 13.22 -24.10
CA ASN A 508 13.37 12.91 -25.01
C ASN A 508 12.14 13.68 -24.54
N PHE A 509 12.06 14.94 -24.95
CA PHE A 509 11.04 15.83 -24.44
C PHE A 509 10.68 16.79 -25.55
N HIS A 510 9.77 17.71 -25.25
CA HIS A 510 9.47 18.82 -26.14
C HIS A 510 9.16 20.05 -25.29
N GLN A 511 9.92 21.12 -25.48
CA GLN A 511 9.73 22.36 -24.72
C GLN A 511 8.66 23.20 -25.39
N LEU A 512 7.57 23.47 -24.67
CA LEU A 512 6.40 24.10 -25.29
C LEU A 512 6.55 25.60 -25.46
N SER A 513 7.38 26.24 -24.64
CA SER A 513 7.48 27.70 -24.66
C SER A 513 8.79 28.11 -24.03
N ALA A 514 9.16 29.37 -24.23
CA ALA A 514 10.43 29.87 -23.74
C ALA A 514 10.41 29.99 -22.21
N PRO A 515 11.55 29.78 -21.56
CA PRO A 515 11.62 29.96 -20.10
C PRO A 515 11.39 31.41 -19.68
N GLN A 516 10.74 31.56 -18.53
CA GLN A 516 10.49 32.86 -17.92
C GLN A 516 10.92 32.84 -16.46
N PRO A 517 11.36 33.98 -15.93
CA PRO A 517 11.92 33.99 -14.56
C PRO A 517 10.85 33.78 -13.50
N CYS A 518 11.14 32.90 -12.55
CA CYS A 518 10.23 32.63 -11.45
C CYS A 518 10.57 33.41 -10.19
N PHE A 519 11.71 33.11 -9.56
CA PHE A 519 12.06 33.65 -8.26
C PHE A 519 13.45 34.26 -8.33
N THR A 520 13.63 35.41 -7.68
CA THR A 520 14.91 36.07 -7.65
C THR A 520 15.31 36.31 -6.21
N PHE A 521 16.54 35.96 -5.85
CA PHE A 521 17.06 36.26 -4.53
C PHE A 521 18.36 37.02 -4.68
N SER A 522 18.48 38.12 -3.96
CA SER A 522 19.68 38.95 -3.96
C SER A 522 20.29 38.96 -2.57
N HIS A 523 21.62 38.88 -2.51
CA HIS A 523 22.33 38.90 -1.24
C HIS A 523 23.41 39.97 -1.27
N PRO A 524 23.59 40.72 -0.18
CA PRO A 524 22.83 40.67 1.07
C PRO A 524 21.44 41.28 1.01
N ASN A 525 20.54 40.78 1.83
CA ASN A 525 19.15 41.24 1.85
C ASN A 525 19.06 42.24 3.00
N ARG A 526 18.98 43.53 2.65
CA ARG A 526 19.10 44.59 3.64
C ARG A 526 17.76 45.21 4.05
N ASP A 527 16.65 44.69 3.58
CA ASP A 527 15.36 45.34 3.80
C ASP A 527 14.85 45.14 5.24
N ASP A 531 11.56 38.20 3.89
CA ASP A 531 10.75 37.02 3.60
C ASP A 531 11.30 36.30 2.39
N ASN A 532 11.57 35.01 2.55
CA ASN A 532 11.99 34.16 1.44
C ASN A 532 10.82 33.40 0.83
N ASN A 533 9.61 33.58 1.36
CA ASN A 533 8.42 33.06 0.71
C ASN A 533 8.15 33.84 -0.57
N ARG A 534 7.73 33.13 -1.61
CA ARG A 534 7.58 33.74 -2.92
C ARG A 534 6.34 33.20 -3.59
N TYR A 535 5.82 33.98 -4.54
CA TYR A 535 4.66 33.60 -5.33
C TYR A 535 4.84 34.19 -6.72
N CYS A 536 4.73 33.34 -7.73
CA CYS A 536 4.90 33.74 -9.11
C CYS A 536 3.75 33.20 -9.94
N THR A 537 3.30 34.01 -10.90
CA THR A 537 2.35 33.60 -11.91
C THR A 537 3.01 33.77 -13.26
N LEU A 538 3.13 32.68 -14.01
CA LEU A 538 3.77 32.72 -15.32
C LEU A 538 2.78 32.31 -16.39
N GLU A 539 2.62 33.16 -17.41
CA GLU A 539 1.77 32.89 -18.55
C GLU A 539 2.66 32.61 -19.76
N PHE A 540 2.56 31.40 -20.28
CA PHE A 540 3.38 30.94 -21.39
C PHE A 540 2.54 30.92 -22.66
N PRO A 541 2.79 31.79 -23.63
CA PRO A 541 2.08 31.71 -24.90
C PRO A 541 2.55 30.54 -25.74
N VAL A 542 1.72 29.53 -25.89
CA VAL A 542 2.05 28.40 -26.75
C VAL A 542 1.53 28.71 -28.16
N GLU A 543 2.36 28.42 -29.16
CA GLU A 543 2.00 28.63 -30.56
C GLU A 543 1.72 27.32 -31.28
N VAL A 544 1.62 26.21 -30.55
CA VAL A 544 1.52 24.90 -31.17
C VAL A 544 0.57 24.06 -30.33
N ASN A 545 -0.11 23.12 -30.97
CA ASN A 545 -0.93 22.17 -30.24
C ASN A 545 -0.05 21.11 -29.62
N THR A 546 -0.17 20.91 -28.31
CA THR A 546 0.73 20.02 -27.56
C THR A 546 -0.02 19.35 -26.42
N VAL A 547 0.71 18.63 -25.57
CA VAL A 547 0.15 18.07 -24.35
C VAL A 547 1.13 18.28 -23.21
N LEU A 548 0.85 19.26 -22.35
CA LEU A 548 1.73 19.63 -21.25
C LEU A 548 1.89 18.49 -20.25
N HIS A 549 3.16 18.17 -19.96
CA HIS A 549 3.53 17.09 -19.06
C HIS A 549 4.29 17.55 -17.82
N GLY A 550 4.90 18.72 -17.85
CA GLY A 550 5.57 19.20 -16.66
C GLY A 550 6.19 20.54 -16.92
N PHE A 551 7.00 20.99 -15.96
CA PHE A 551 7.72 22.24 -16.07
C PHE A 551 9.19 21.99 -15.80
N ALA A 552 10.05 22.41 -16.71
CA ALA A 552 11.48 22.29 -16.55
C ALA A 552 12.03 23.59 -15.99
N GLY A 553 12.84 23.48 -14.95
CA GLY A 553 13.39 24.62 -14.26
C GLY A 553 14.89 24.69 -14.34
N TYR A 554 15.35 25.89 -14.68
CA TYR A 554 16.74 26.25 -14.85
C TYR A 554 17.05 27.39 -13.90
N PHE A 555 18.28 27.86 -13.94
CA PHE A 555 18.62 29.02 -13.14
C PHE A 555 19.73 29.79 -13.82
N GLU A 556 19.81 31.06 -13.47
CA GLU A 556 20.95 31.91 -13.76
C GLU A 556 21.42 32.49 -12.45
N THR A 557 22.72 32.80 -12.36
CA THR A 557 23.23 33.45 -11.18
C THR A 557 24.30 34.45 -11.59
N VAL A 558 24.24 35.63 -11.00
CA VAL A 558 25.29 36.62 -11.09
C VAL A 558 26.14 36.46 -9.84
N LEU A 559 27.37 36.00 -10.04
CA LEU A 559 28.33 35.89 -8.95
C LEU A 559 28.87 37.26 -8.60
N TYR A 560 29.52 37.91 -9.56
CA TYR A 560 29.90 39.30 -9.45
C TYR A 560 29.55 39.93 -10.79
N GLN A 561 29.89 41.21 -10.98
CA GLN A 561 29.17 42.12 -11.87
C GLN A 561 28.80 41.51 -13.21
N ASP A 562 29.80 41.13 -14.01
CA ASP A 562 29.54 40.54 -15.32
C ASP A 562 29.84 39.05 -15.35
N ILE A 563 30.06 38.44 -14.18
CA ILE A 563 30.41 37.03 -14.08
C ILE A 563 29.14 36.27 -13.71
N THR A 564 28.71 35.37 -14.59
CA THR A 564 27.45 34.67 -14.42
C THR A 564 27.66 33.18 -14.65
N LEU A 565 26.82 32.39 -14.01
CA LEU A 565 26.70 30.96 -14.30
C LEU A 565 25.25 30.67 -14.66
N SER A 566 25.02 30.02 -15.78
CA SER A 566 23.66 29.77 -16.23
C SER A 566 23.52 28.34 -16.73
N ILE A 567 22.38 27.72 -16.41
CA ILE A 567 22.02 26.44 -16.96
C ILE A 567 20.79 26.54 -17.86
N ARG A 568 20.37 27.76 -18.18
CA ARG A 568 19.27 27.97 -19.10
C ARG A 568 19.65 27.43 -20.48
N PRO A 569 18.71 26.82 -21.20
CA PRO A 569 19.08 26.15 -22.45
C PRO A 569 19.55 27.07 -23.56
N GLU A 570 19.40 28.39 -23.40
CA GLU A 570 19.92 29.34 -24.38
C GLU A 570 21.19 30.04 -23.90
N THR A 571 21.27 30.36 -22.62
CA THR A 571 22.40 31.11 -22.06
C THR A 571 23.32 30.18 -21.27
N HIS A 572 23.25 28.87 -21.57
CA HIS A 572 23.98 27.86 -20.82
C HIS A 572 25.48 28.11 -20.85
N SER A 573 26.10 28.05 -19.69
CA SER A 573 27.55 28.18 -19.62
C SER A 573 28.18 26.98 -20.33
N PRO A 574 29.11 27.20 -21.25
CA PRO A 574 29.55 26.12 -22.14
C PRO A 574 30.36 25.07 -21.39
N GLY A 575 29.97 23.81 -21.57
CA GLY A 575 30.69 22.70 -20.97
C GLY A 575 30.59 22.63 -19.47
N MET A 576 29.57 23.25 -18.88
CA MET A 576 29.43 23.35 -17.43
C MET A 576 28.29 22.41 -17.03
N PHE A 577 28.66 21.25 -16.47
CA PHE A 577 27.72 20.17 -16.19
C PHE A 577 27.50 19.97 -14.69
N SER A 578 27.65 21.03 -13.89
CA SER A 578 27.40 20.91 -12.46
C SER A 578 25.93 20.66 -12.17
N TRP A 579 25.05 21.30 -12.93
CA TRP A 579 23.62 21.24 -12.69
C TRP A 579 22.90 20.76 -13.93
N PHE A 580 22.09 19.74 -13.75
CA PHE A 580 21.06 19.29 -14.67
C PHE A 580 19.81 20.13 -14.43
N PRO A 581 18.88 20.19 -15.39
CA PRO A 581 17.61 20.88 -15.12
C PRO A 581 16.81 20.15 -14.06
N ILE A 582 15.87 20.87 -13.48
CA ILE A 582 14.97 20.30 -12.49
C ILE A 582 13.64 20.10 -13.22
N LEU A 583 12.82 19.18 -12.74
CA LEU A 583 11.55 18.89 -13.38
C LEU A 583 10.46 18.83 -12.34
N PHE A 584 9.42 19.63 -12.52
CA PHE A 584 8.22 19.57 -11.71
C PHE A 584 7.14 18.89 -12.52
N PRO A 585 6.75 17.67 -12.20
CA PRO A 585 5.67 17.01 -12.95
C PRO A 585 4.31 17.54 -12.53
N ILE A 586 3.31 17.19 -13.33
CA ILE A 586 1.92 17.38 -12.99
C ILE A 586 1.24 16.02 -13.05
N LYS A 587 0.21 15.84 -12.21
CA LYS A 587 -0.35 14.50 -12.00
C LYS A 587 -1.02 13.97 -13.25
N GLN A 588 -1.84 14.78 -13.90
CA GLN A 588 -2.42 14.37 -15.15
C GLN A 588 -2.02 15.33 -16.25
N PRO A 589 -1.70 14.84 -17.44
CA PRO A 589 -1.29 15.74 -18.53
C PRO A 589 -2.42 16.63 -18.96
N ILE A 590 -2.06 17.82 -19.45
CA ILE A 590 -3.04 18.84 -19.81
C ILE A 590 -2.92 19.09 -21.30
N THR A 591 -3.94 18.71 -22.05
CA THR A 591 -3.93 18.91 -23.50
C THR A 591 -4.07 20.39 -23.83
N VAL A 592 -3.20 20.90 -24.69
CA VAL A 592 -3.16 22.30 -25.04
C VAL A 592 -3.29 22.41 -26.55
N ARG A 593 -3.94 23.46 -27.03
CA ARG A 593 -4.02 23.71 -28.45
C ARG A 593 -3.38 25.06 -28.77
N GLU A 594 -3.31 25.38 -30.06
CA GLU A 594 -2.61 26.58 -30.50
C GLU A 594 -3.37 27.83 -30.06
N GLY A 595 -2.62 28.86 -29.71
CA GLY A 595 -3.18 30.14 -29.36
C GLY A 595 -3.55 30.25 -27.90
N GLN A 596 -3.70 29.13 -27.21
CA GLN A 596 -3.93 29.14 -25.79
C GLN A 596 -2.67 29.60 -25.06
N THR A 597 -2.83 29.96 -23.79
CA THR A 597 -1.72 30.36 -22.95
C THR A 597 -1.77 29.53 -21.68
N ILE A 598 -0.66 28.87 -21.36
CA ILE A 598 -0.56 28.06 -20.16
C ILE A 598 -0.22 28.98 -18.99
N CYS A 599 -1.13 29.10 -18.03
CA CYS A 599 -0.89 29.92 -16.85
C CYS A 599 -0.64 28.99 -15.69
N VAL A 600 0.49 29.18 -15.01
CA VAL A 600 0.90 28.31 -13.93
C VAL A 600 1.33 29.17 -12.74
N ARG A 601 1.02 28.70 -11.54
CA ARG A 601 1.38 29.45 -10.33
C ARG A 601 2.42 28.64 -9.56
N PHE A 602 3.50 29.28 -9.15
CA PHE A 602 4.54 28.62 -8.32
C PHE A 602 4.71 29.37 -7.02
N TRP A 603 4.67 28.64 -5.92
CA TRP A 603 4.88 29.22 -4.57
C TRP A 603 6.11 28.63 -3.91
N ARG A 604 6.95 29.45 -3.29
CA ARG A 604 8.03 29.03 -2.42
C ARG A 604 7.55 29.25 -1.00
N CYS A 605 7.33 28.15 -0.30
CA CYS A 605 6.72 28.15 1.02
C CYS A 605 7.74 27.68 2.04
N SER A 606 7.54 28.09 3.28
CA SER A 606 8.50 27.75 4.32
C SER A 606 7.81 27.83 5.68
N ASN A 607 8.45 27.22 6.66
CA ASN A 607 8.15 27.45 8.06
C ASN A 607 9.48 27.47 8.80
N SER A 608 9.44 27.32 10.12
CA SER A 608 10.66 27.33 10.89
C SER A 608 11.52 26.10 10.62
N LYS A 609 10.89 25.00 10.20
CA LYS A 609 11.53 23.70 10.06
C LYS A 609 11.92 23.37 8.63
N LYS A 610 11.06 23.72 7.67
CA LYS A 610 11.10 23.15 6.33
C LYS A 610 10.90 24.24 5.31
N VAL A 611 11.36 23.96 4.09
CA VAL A 611 11.05 24.77 2.91
C VAL A 611 10.58 23.80 1.82
N TRP A 612 9.57 24.20 1.06
CA TRP A 612 9.10 23.40 -0.05
C TRP A 612 8.62 24.31 -1.17
N TYR A 613 8.16 23.68 -2.25
CA TYR A 613 7.52 24.35 -3.36
C TYR A 613 6.12 23.78 -3.54
N GLU A 614 5.20 24.62 -3.97
CA GLU A 614 3.90 24.19 -4.41
C GLU A 614 3.68 24.74 -5.81
N TRP A 615 3.03 23.95 -6.67
CA TRP A 615 2.74 24.41 -8.01
C TRP A 615 1.34 23.98 -8.42
N ALA A 616 0.75 24.73 -9.34
CA ALA A 616 -0.54 24.41 -9.92
C ALA A 616 -0.65 25.10 -11.27
N VAL A 617 -1.18 24.38 -12.25
CA VAL A 617 -1.54 24.96 -13.54
C VAL A 617 -2.95 25.49 -13.44
N THR A 618 -3.15 26.75 -13.86
CA THR A 618 -4.46 27.37 -13.79
C THR A 618 -5.10 27.60 -15.14
N ALA A 619 -4.32 27.67 -16.21
CA ALA A 619 -4.87 27.73 -17.56
C ALA A 619 -4.03 26.84 -18.46
N PRO A 620 -4.64 26.22 -19.49
CA PRO A 620 -6.02 26.28 -19.99
C PRO A 620 -7.05 25.58 -19.12
N VAL A 621 -6.66 24.52 -18.44
CA VAL A 621 -7.49 23.85 -17.45
C VAL A 621 -6.73 23.81 -16.14
N CYS A 622 -7.46 23.81 -15.03
CA CYS A 622 -6.82 23.76 -13.73
C CYS A 622 -6.31 22.37 -13.42
N SER A 623 -5.18 22.31 -12.74
CA SER A 623 -4.70 21.12 -12.06
C SER A 623 -4.84 21.34 -10.56
N ALA A 624 -4.64 20.27 -9.81
CA ALA A 624 -4.57 20.42 -8.36
C ALA A 624 -3.29 21.15 -7.98
N ILE A 625 -3.26 21.70 -6.78
CA ILE A 625 -2.04 22.27 -6.26
C ILE A 625 -1.13 21.13 -5.85
N HIS A 626 0.09 21.12 -6.38
CA HIS A 626 1.02 20.03 -6.19
C HIS A 626 1.89 20.31 -4.99
N ASN A 627 2.07 19.30 -4.15
CA ASN A 627 2.83 19.34 -2.90
C ASN A 627 2.28 20.35 -1.89
N PRO A 628 1.01 20.27 -1.47
CA PRO A 628 0.57 21.19 -0.42
C PRO A 628 1.13 20.80 0.93
N THR A 629 1.58 21.79 1.69
CA THR A 629 2.27 21.66 2.97
C THR A 629 3.55 20.85 2.89
N GLY A 630 4.12 20.69 1.70
CA GLY A 630 5.30 19.87 1.56
C GLY A 630 5.05 18.42 1.88
N ARG A 631 3.86 17.92 1.55
CA ARG A 631 3.49 16.58 2.00
C ARG A 631 4.26 15.50 1.25
N SER A 632 4.78 15.82 0.07
CA SER A 632 5.58 14.88 -0.69
C SER A 632 7.03 15.27 -0.82
N TYR A 633 7.37 16.53 -0.59
CA TYR A 633 8.73 16.98 -0.79
C TYR A 633 8.96 18.26 -0.01
N THR A 634 9.83 18.21 0.98
CA THR A 634 10.33 19.39 1.68
C THR A 634 11.85 19.42 1.59
N ILE A 635 12.42 20.59 1.77
CA ILE A 635 13.85 20.73 1.93
C ILE A 635 14.11 21.07 3.40
N GLY A 636 14.95 20.28 4.06
CA GLY A 636 15.12 20.43 5.49
C GLY A 636 16.06 21.56 5.85
N LEU A 637 15.57 22.48 6.68
CA LEU A 637 16.41 23.52 7.26
C LEU A 637 17.32 22.96 8.33
N ALA B 23 9.15 -29.75 -62.27
CA ALA B 23 7.97 -30.35 -61.67
C ALA B 23 8.27 -30.86 -60.26
N PRO B 24 7.74 -30.17 -59.25
CA PRO B 24 7.95 -30.62 -57.87
C PRO B 24 7.28 -31.95 -57.60
N ALA B 25 7.77 -32.62 -56.55
CA ALA B 25 7.21 -33.91 -56.17
C ALA B 25 5.78 -33.76 -55.67
N CYS B 26 5.49 -32.69 -54.93
CA CYS B 26 4.17 -32.46 -54.37
C CYS B 26 3.84 -30.98 -54.50
N MET B 27 2.56 -30.69 -54.71
CA MET B 27 2.13 -29.30 -54.68
C MET B 27 1.54 -28.96 -53.32
N GLU B 28 1.47 -27.65 -53.05
CA GLU B 28 1.14 -27.15 -51.74
C GLU B 28 -0.36 -27.25 -51.48
N ARG B 29 -0.73 -27.14 -50.21
CA ARG B 29 -2.12 -27.39 -49.84
C ARG B 29 -3.04 -26.29 -50.33
N GLN B 30 -2.60 -25.04 -50.25
CA GLN B 30 -3.46 -23.90 -50.53
C GLN B 30 -3.39 -23.60 -52.01
N LEU B 31 -4.24 -24.27 -52.79
CA LEU B 31 -4.38 -23.92 -54.20
C LEU B 31 -5.05 -22.57 -54.33
N GLU B 32 -4.41 -21.67 -55.05
CA GLU B 32 -4.83 -20.28 -55.07
C GLU B 32 -5.56 -19.86 -56.32
N ALA B 33 -5.20 -20.40 -57.47
CA ALA B 33 -5.84 -19.97 -58.72
C ALA B 33 -5.99 -21.15 -59.66
N ALA B 34 -7.00 -21.06 -60.51
CA ALA B 34 -7.29 -22.05 -61.55
C ALA B 34 -7.82 -21.31 -62.76
N ARG B 35 -7.22 -21.58 -63.91
CA ARG B 35 -7.57 -20.86 -65.15
C ARG B 35 -7.75 -21.86 -66.27
N TYR B 36 -8.84 -21.73 -67.01
CA TYR B 36 -9.07 -22.52 -68.21
C TYR B 36 -8.69 -21.70 -69.44
N ARG B 37 -7.74 -22.18 -70.21
CA ARG B 37 -7.43 -21.52 -71.47
C ARG B 37 -8.32 -22.10 -72.57
N SER B 38 -8.29 -21.48 -73.75
CA SER B 38 -9.24 -21.84 -74.81
C SER B 38 -9.04 -23.27 -75.29
N ASP B 39 -7.85 -23.83 -75.09
CA ASP B 39 -7.63 -25.25 -75.35
C ASP B 39 -8.52 -26.12 -74.45
N GLY B 40 -8.80 -25.65 -73.25
CA GLY B 40 -9.43 -26.46 -72.23
C GLY B 40 -8.48 -27.00 -71.19
N ALA B 41 -7.20 -26.65 -71.27
CA ALA B 41 -6.25 -27.04 -70.25
C ALA B 41 -6.37 -26.14 -69.02
N LEU B 42 -6.02 -26.69 -67.87
CA LEU B 42 -6.20 -26.00 -66.60
C LEU B 42 -4.84 -25.59 -66.06
N LEU B 43 -4.78 -24.40 -65.47
CA LEU B 43 -3.59 -23.90 -64.83
C LEU B 43 -3.90 -23.69 -63.36
N LEU B 44 -3.18 -24.40 -62.49
CA LEU B 44 -3.28 -24.28 -61.05
C LEU B 44 -2.08 -23.52 -60.52
N GLY B 45 -2.36 -22.52 -59.69
CA GLY B 45 -1.33 -21.86 -58.92
C GLY B 45 -1.58 -22.12 -57.44
N ALA B 46 -0.55 -22.63 -56.78
CA ALA B 46 -0.64 -23.02 -55.38
C ALA B 46 0.47 -22.34 -54.61
N SER B 47 0.27 -22.22 -53.30
CA SER B 47 1.30 -21.72 -52.42
C SER B 47 1.13 -22.38 -51.06
N SER B 48 2.22 -22.66 -50.38
CA SER B 48 2.16 -23.15 -49.00
C SER B 48 2.05 -21.92 -48.12
N LEU B 49 0.93 -21.79 -47.44
CA LEU B 49 0.71 -20.68 -46.54
C LEU B 49 0.95 -21.09 -45.10
N SER B 50 1.49 -22.29 -44.88
CA SER B 50 1.79 -22.78 -43.54
C SER B 50 2.99 -23.71 -43.64
N GLY B 51 3.50 -24.09 -42.49
CA GLY B 51 4.64 -24.98 -42.47
C GLY B 51 5.94 -24.29 -42.79
N ARG B 52 6.96 -25.12 -43.01
CA ARG B 52 8.35 -24.67 -43.02
C ARG B 52 8.65 -23.68 -44.14
N CYS B 53 8.14 -23.91 -45.34
CA CYS B 53 8.50 -23.11 -46.50
C CYS B 53 7.26 -22.51 -47.12
N TRP B 54 7.24 -21.18 -47.25
CA TRP B 54 6.16 -20.46 -47.91
C TRP B 54 6.60 -20.16 -49.34
N ALA B 55 6.53 -21.17 -50.18
CA ALA B 55 6.82 -21.05 -51.59
C ALA B 55 5.53 -21.22 -52.36
N GLY B 56 5.64 -21.28 -53.69
CA GLY B 56 4.50 -21.51 -54.53
C GLY B 56 4.88 -22.42 -55.69
N SER B 57 3.89 -22.75 -56.50
CA SER B 57 4.12 -23.65 -57.62
C SER B 57 3.04 -23.44 -58.66
N LEU B 58 3.41 -23.69 -59.91
CA LEU B 58 2.49 -23.64 -61.04
C LEU B 58 2.36 -25.04 -61.64
N TRP B 59 1.17 -25.36 -62.12
CA TRP B 59 0.85 -26.69 -62.62
C TRP B 59 -0.08 -26.58 -63.81
N LEU B 60 0.35 -27.07 -64.96
CA LEU B 60 -0.50 -27.18 -66.14
C LEU B 60 -1.01 -28.61 -66.23
N PHE B 61 -2.33 -28.76 -66.20
CA PHE B 61 -3.04 -30.02 -66.32
C PHE B 61 -3.84 -29.98 -67.60
N LYS B 62 -3.33 -30.59 -68.67
CA LYS B 62 -4.09 -30.66 -69.90
C LYS B 62 -5.18 -31.72 -69.84
N ASP B 63 -5.11 -32.63 -68.86
CA ASP B 63 -6.21 -33.50 -68.50
C ASP B 63 -6.82 -32.97 -67.21
N PRO B 64 -7.81 -32.07 -67.30
CA PRO B 64 -8.25 -31.33 -66.11
C PRO B 64 -8.85 -32.19 -65.01
N CYS B 65 -9.34 -33.38 -65.32
CA CYS B 65 -9.95 -34.22 -64.29
C CYS B 65 -8.92 -34.88 -63.38
N ALA B 66 -7.65 -34.89 -63.77
CA ALA B 66 -6.60 -35.51 -62.99
C ALA B 66 -6.02 -34.58 -61.92
N ALA B 67 -6.44 -33.32 -61.90
CA ALA B 67 -5.98 -32.37 -60.91
C ALA B 67 -6.63 -32.64 -59.55
N PRO B 68 -5.91 -32.42 -58.44
CA PRO B 68 -4.54 -31.91 -58.33
C PRO B 68 -3.49 -32.98 -58.05
N ASN B 69 -3.54 -34.11 -58.75
CA ASN B 69 -2.56 -35.17 -58.54
C ASN B 69 -1.30 -34.81 -59.33
N GLU B 70 -0.19 -34.63 -58.62
CA GLU B 70 1.03 -34.11 -59.24
C GLU B 70 1.65 -35.09 -60.22
N GLY B 71 1.31 -36.37 -60.16
CA GLY B 71 1.83 -37.32 -61.13
C GLY B 71 1.28 -37.11 -62.52
N PHE B 72 -0.01 -36.88 -62.63
CA PHE B 72 -0.67 -36.74 -63.93
C PHE B 72 -0.76 -35.28 -64.37
N CYS B 73 0.36 -34.57 -64.34
CA CYS B 73 0.41 -33.17 -64.72
C CYS B 73 1.16 -33.01 -66.03
N SER B 74 0.72 -32.08 -66.87
CA SER B 74 1.45 -31.80 -68.09
C SER B 74 2.73 -31.04 -67.79
N ALA B 75 2.67 -30.03 -66.93
CA ALA B 75 3.84 -29.26 -66.61
C ALA B 75 3.74 -28.77 -65.17
N GLY B 76 4.89 -28.44 -64.59
CA GLY B 76 4.92 -27.90 -63.25
C GLY B 76 6.21 -27.15 -63.01
N VAL B 77 6.17 -26.25 -62.04
CA VAL B 77 7.36 -25.48 -61.66
C VAL B 77 7.18 -25.01 -60.24
N GLN B 78 8.31 -24.79 -59.56
CA GLN B 78 8.35 -24.22 -58.23
C GLN B 78 8.78 -22.77 -58.33
N THR B 79 8.02 -21.88 -57.69
CA THR B 79 8.32 -20.47 -57.65
C THR B 79 9.02 -20.13 -56.34
N GLU B 80 9.70 -18.97 -56.32
CA GLU B 80 10.52 -18.60 -55.19
C GLU B 80 9.70 -18.18 -53.98
N ALA B 81 8.47 -17.70 -54.19
CA ALA B 81 7.62 -17.22 -53.12
C ALA B 81 6.20 -17.68 -53.40
N GLY B 82 5.24 -17.07 -52.71
CA GLY B 82 3.86 -17.45 -52.90
C GLY B 82 3.31 -17.08 -54.25
N VAL B 83 2.11 -17.59 -54.54
CA VAL B 83 1.39 -17.29 -55.77
C VAL B 83 0.07 -16.66 -55.34
N ALA B 84 0.02 -15.32 -55.29
CA ALA B 84 -1.19 -14.65 -54.84
C ALA B 84 -2.27 -14.65 -55.91
N ASP B 85 -1.88 -14.47 -57.17
CA ASP B 85 -2.82 -14.47 -58.27
C ASP B 85 -2.04 -14.79 -59.55
N LEU B 86 -2.79 -15.14 -60.59
CA LEU B 86 -2.21 -15.42 -61.91
C LEU B 86 -3.30 -15.30 -62.97
N THR B 87 -2.86 -15.05 -64.20
CA THR B 87 -3.70 -15.03 -65.37
C THR B 87 -2.97 -15.70 -66.52
N TRP B 88 -3.65 -15.84 -67.65
CA TRP B 88 -3.03 -16.26 -68.90
C TRP B 88 -2.71 -15.01 -69.72
N VAL B 89 -1.48 -14.90 -70.19
CA VAL B 89 -1.13 -13.91 -71.21
C VAL B 89 -1.18 -14.65 -72.54
N GLY B 90 -2.37 -14.67 -73.13
CA GLY B 90 -2.58 -15.39 -74.37
C GLY B 90 -2.73 -16.87 -74.11
N GLU B 91 -1.98 -17.68 -74.84
CA GLU B 91 -2.08 -19.13 -74.75
C GLU B 91 -0.92 -19.79 -74.04
N ARG B 92 0.27 -19.18 -74.08
CA ARG B 92 1.46 -19.79 -73.47
C ARG B 92 2.13 -18.86 -72.46
N GLY B 93 1.40 -17.89 -71.93
CA GLY B 93 1.96 -16.98 -70.94
C GLY B 93 1.20 -17.11 -69.64
N ILE B 94 1.94 -17.05 -68.53
CA ILE B 94 1.39 -17.18 -67.19
C ILE B 94 1.95 -16.02 -66.38
N LEU B 95 1.12 -15.02 -66.12
CA LEU B 95 1.56 -13.83 -65.42
C LEU B 95 1.15 -13.92 -63.96
N VAL B 96 2.14 -13.95 -63.07
CA VAL B 96 1.95 -14.29 -61.67
C VAL B 96 2.23 -13.08 -60.80
N ALA B 97 1.35 -12.85 -59.84
CA ALA B 97 1.59 -11.97 -58.70
C ALA B 97 2.25 -12.78 -57.60
N SER B 98 3.43 -12.37 -57.16
CA SER B 98 4.12 -13.07 -56.11
C SER B 98 4.03 -12.27 -54.81
N ASP B 99 4.26 -12.95 -53.70
CA ASP B 99 4.24 -12.29 -52.41
C ASP B 99 5.50 -11.47 -52.16
N SER B 100 6.51 -11.60 -53.00
CA SER B 100 7.76 -10.88 -52.84
C SER B 100 7.75 -9.52 -53.53
N GLY B 101 6.58 -9.03 -53.89
CA GLY B 101 6.51 -7.81 -54.68
C GLY B 101 6.79 -8.01 -56.14
N ALA B 102 6.93 -9.25 -56.58
CA ALA B 102 7.29 -9.55 -57.95
C ALA B 102 6.06 -9.70 -58.81
N VAL B 103 6.12 -9.12 -60.00
CA VAL B 103 5.29 -9.55 -61.11
C VAL B 103 6.19 -10.33 -62.05
N GLU B 104 5.79 -11.56 -62.35
CA GLU B 104 6.65 -12.45 -63.09
C GLU B 104 5.89 -13.08 -64.25
N LEU B 105 6.61 -13.34 -65.32
CA LEU B 105 6.05 -13.92 -66.53
C LEU B 105 6.71 -15.27 -66.75
N TRP B 106 5.94 -16.34 -66.61
CA TRP B 106 6.36 -17.67 -66.96
C TRP B 106 5.82 -17.99 -68.34
N GLU B 107 6.58 -18.77 -69.11
CA GLU B 107 6.16 -19.11 -70.46
C GLU B 107 6.36 -20.60 -70.69
N LEU B 108 5.32 -21.25 -71.20
CA LEU B 108 5.41 -22.65 -71.57
C LEU B 108 6.29 -22.82 -72.81
N ASP B 109 6.96 -23.96 -72.88
CA ASP B 109 7.78 -24.25 -74.05
C ASP B 109 6.89 -24.75 -75.19
N GLU B 110 7.51 -25.07 -76.32
CA GLU B 110 6.74 -25.47 -77.50
C GLU B 110 6.02 -26.81 -77.27
N ASN B 111 6.63 -27.71 -76.52
CA ASN B 111 6.01 -28.99 -76.20
C ASN B 111 5.10 -28.93 -75.00
N GLU B 112 4.93 -27.75 -74.40
CA GLU B 112 4.08 -27.51 -73.23
C GLU B 112 4.51 -28.32 -72.02
N THR B 113 5.78 -28.73 -71.96
CA THR B 113 6.26 -29.63 -70.93
C THR B 113 6.96 -28.90 -69.79
N LEU B 114 7.60 -27.77 -70.06
CA LEU B 114 8.24 -26.97 -69.03
C LEU B 114 7.56 -25.62 -68.91
N ILE B 115 7.64 -25.04 -67.71
CA ILE B 115 7.22 -23.67 -67.47
C ILE B 115 8.47 -22.85 -67.21
N VAL B 116 8.72 -21.85 -68.06
CA VAL B 116 9.99 -21.13 -68.08
C VAL B 116 9.71 -19.65 -67.87
N SER B 117 10.50 -19.01 -67.00
CA SER B 117 10.27 -17.63 -66.63
C SER B 117 10.96 -16.69 -67.60
N LYS B 118 10.25 -15.63 -68.01
CA LYS B 118 10.79 -14.61 -68.90
C LYS B 118 11.33 -13.42 -68.11
N PHE B 119 10.48 -12.76 -67.34
CA PHE B 119 10.94 -11.73 -66.42
C PHE B 119 10.37 -11.99 -65.04
N CYS B 120 11.05 -11.44 -64.04
CA CYS B 120 10.57 -11.44 -62.65
C CYS B 120 10.97 -10.08 -62.08
N LYS B 121 10.08 -9.10 -62.16
CA LYS B 121 10.38 -7.73 -61.77
C LYS B 121 9.85 -7.46 -60.38
N TYR B 122 10.74 -7.08 -59.48
CA TYR B 122 10.43 -6.74 -58.10
C TYR B 122 10.27 -5.24 -58.02
N GLU B 123 9.07 -4.75 -58.33
CA GLU B 123 8.85 -3.31 -58.38
C GLU B 123 7.67 -2.86 -57.53
N HIS B 124 6.99 -3.77 -56.86
CA HIS B 124 6.05 -3.43 -55.81
C HIS B 124 6.75 -3.57 -54.46
N ASP B 125 6.40 -2.71 -53.52
CA ASP B 125 7.06 -2.69 -52.23
C ASP B 125 6.45 -3.66 -51.23
N ASP B 126 5.36 -4.34 -51.58
CA ASP B 126 4.81 -5.32 -50.66
C ASP B 126 4.10 -6.37 -51.54
N ILE B 127 3.29 -7.23 -50.94
CA ILE B 127 2.67 -8.35 -51.62
C ILE B 127 1.77 -7.90 -52.76
N VAL B 128 2.14 -8.24 -54.00
CA VAL B 128 1.27 -8.00 -55.14
C VAL B 128 0.05 -8.86 -54.96
N SER B 129 -1.11 -8.24 -54.79
CA SER B 129 -2.29 -9.00 -54.42
C SER B 129 -3.16 -9.40 -55.61
N THR B 130 -2.99 -8.74 -56.75
CA THR B 130 -3.82 -9.01 -57.91
C THR B 130 -3.11 -8.56 -59.18
N VAL B 131 -3.40 -9.26 -60.27
CA VAL B 131 -2.87 -8.98 -61.60
C VAL B 131 -3.97 -9.22 -62.61
N SER B 132 -4.14 -8.30 -63.54
CA SER B 132 -5.07 -8.49 -64.65
C SER B 132 -4.39 -8.04 -65.93
N VAL B 133 -4.74 -8.68 -67.04
CA VAL B 133 -4.17 -8.39 -68.34
C VAL B 133 -5.15 -7.54 -69.12
N LEU B 134 -4.68 -6.41 -69.66
CA LEU B 134 -5.51 -5.50 -70.41
C LEU B 134 -5.88 -6.12 -71.77
N SER B 135 -6.86 -5.49 -72.43
CA SER B 135 -7.54 -6.12 -73.56
C SER B 135 -6.61 -6.39 -74.73
N SER B 136 -5.59 -5.56 -74.93
CA SER B 136 -4.65 -5.78 -76.02
C SER B 136 -3.83 -7.06 -75.82
N GLY B 137 -3.68 -7.53 -74.58
CA GLY B 137 -2.86 -8.68 -74.31
C GLY B 137 -1.39 -8.39 -74.21
N THR B 138 -0.97 -7.15 -74.45
CA THR B 138 0.41 -6.75 -74.35
C THR B 138 0.69 -5.88 -73.14
N GLN B 139 -0.34 -5.45 -72.43
CA GLN B 139 -0.19 -4.64 -71.23
C GLN B 139 -0.98 -5.29 -70.10
N ALA B 140 -0.50 -5.11 -68.88
CA ALA B 140 -1.09 -5.69 -67.71
C ALA B 140 -1.22 -4.64 -66.62
N VAL B 141 -2.00 -4.96 -65.59
CA VAL B 141 -2.06 -4.12 -64.40
C VAL B 141 -1.77 -4.99 -63.18
N SER B 142 -1.29 -4.36 -62.13
CA SER B 142 -0.95 -5.06 -60.90
C SER B 142 -1.30 -4.16 -59.73
N GLY B 143 -2.20 -4.65 -58.88
CA GLY B 143 -2.48 -4.01 -57.61
C GLY B 143 -1.73 -4.71 -56.51
N SER B 144 -1.37 -3.96 -55.48
CA SER B 144 -0.53 -4.52 -54.45
C SER B 144 -0.98 -4.06 -53.08
N LYS B 145 -0.32 -4.52 -52.05
CA LYS B 145 -0.66 -4.14 -50.66
C LYS B 145 0.12 -2.88 -50.29
N ASP B 146 0.85 -2.30 -51.24
CA ASP B 146 1.64 -1.07 -51.02
C ASP B 146 0.82 0.13 -51.47
N ILE B 147 -0.43 -0.06 -51.88
CA ILE B 147 -1.40 1.03 -52.22
C ILE B 147 -1.14 1.56 -53.64
N CYS B 148 -0.14 1.03 -54.32
CA CYS B 148 0.23 1.53 -55.66
C CYS B 148 -0.28 0.58 -56.71
N ILE B 149 -0.77 1.13 -57.80
CA ILE B 149 -1.29 0.32 -58.89
C ILE B 149 -0.40 0.57 -60.09
N LYS B 150 0.18 -0.49 -60.64
CA LYS B 150 1.13 -0.32 -61.72
C LYS B 150 0.58 -0.88 -63.02
N VAL B 151 0.78 -0.14 -64.10
CA VAL B 151 0.49 -0.62 -65.45
C VAL B 151 1.81 -1.00 -66.08
N TRP B 152 1.89 -2.25 -66.54
CA TRP B 152 3.09 -2.87 -67.09
C TRP B 152 2.94 -3.04 -68.59
N ASP B 153 4.02 -2.85 -69.31
CA ASP B 153 4.12 -3.22 -70.71
C ASP B 153 4.81 -4.58 -70.76
N LEU B 154 4.06 -5.62 -71.12
CA LEU B 154 4.58 -6.96 -71.02
C LEU B 154 5.66 -7.25 -72.08
N ALA B 155 5.66 -6.51 -73.18
CA ALA B 155 6.66 -6.75 -74.23
C ALA B 155 8.05 -6.30 -73.77
N GLN B 156 8.15 -5.08 -73.25
CA GLN B 156 9.45 -4.55 -72.84
C GLN B 156 9.77 -4.82 -71.38
N GLN B 157 8.86 -5.47 -70.65
CA GLN B 157 9.05 -5.87 -69.25
C GLN B 157 9.37 -4.67 -68.36
N VAL B 158 8.53 -3.64 -68.48
CA VAL B 158 8.68 -2.41 -67.73
C VAL B 158 7.32 -2.01 -67.18
N VAL B 159 7.34 -1.15 -66.16
CA VAL B 159 6.13 -0.49 -65.69
C VAL B 159 5.93 0.77 -66.52
N LEU B 160 4.84 0.80 -67.28
CA LEU B 160 4.47 2.00 -68.00
C LEU B 160 4.11 3.12 -67.03
N SER B 161 3.34 2.79 -65.99
CA SER B 161 2.84 3.87 -65.14
C SER B 161 2.39 3.43 -63.76
N SER B 162 2.95 4.04 -62.72
CA SER B 162 2.56 3.76 -61.34
C SER B 162 1.59 4.84 -60.86
N TYR B 163 0.59 4.42 -60.08
CA TYR B 163 -0.49 5.29 -59.64
C TYR B 163 -0.75 5.07 -58.16
N ARG B 164 -0.51 6.09 -57.35
CA ARG B 164 -0.84 6.03 -55.93
C ARG B 164 -2.12 6.86 -55.74
N ALA B 165 -3.26 6.22 -55.99
CA ALA B 165 -4.54 6.91 -55.91
C ALA B 165 -5.46 6.38 -54.83
N HIS B 166 -5.22 5.19 -54.33
CA HIS B 166 -5.95 4.68 -53.19
C HIS B 166 -5.30 5.17 -51.90
N ALA B 167 -5.97 4.94 -50.78
CA ALA B 167 -5.42 5.24 -49.47
C ALA B 167 -5.18 3.98 -48.65
N ALA B 168 -5.40 2.81 -49.22
CA ALA B 168 -5.23 1.55 -48.53
C ALA B 168 -4.97 0.48 -49.58
N GLN B 169 -4.59 -0.70 -49.11
CA GLN B 169 -4.08 -1.75 -50.00
C GLN B 169 -5.13 -2.16 -51.03
N VAL B 170 -4.66 -2.45 -52.25
CA VAL B 170 -5.55 -2.70 -53.37
C VAL B 170 -6.00 -4.15 -53.34
N THR B 171 -7.31 -4.35 -53.34
CA THR B 171 -7.89 -5.69 -53.29
C THR B 171 -7.96 -6.35 -54.66
N CYS B 172 -8.57 -5.68 -55.63
CA CYS B 172 -8.72 -6.25 -56.96
C CYS B 172 -8.51 -5.18 -58.02
N VAL B 173 -7.95 -5.59 -59.15
CA VAL B 173 -7.94 -4.82 -60.38
C VAL B 173 -8.51 -5.71 -61.47
N ALA B 174 -9.37 -5.12 -62.31
CA ALA B 174 -10.12 -5.87 -63.31
C ALA B 174 -10.01 -5.13 -64.64
N ALA B 175 -9.29 -5.72 -65.59
CA ALA B 175 -9.14 -5.09 -66.89
C ALA B 175 -10.42 -5.23 -67.70
N SER B 176 -10.74 -4.18 -68.44
CA SER B 176 -11.91 -4.22 -69.30
C SER B 176 -11.68 -5.19 -70.46
N PRO B 177 -12.68 -5.97 -70.84
CA PRO B 177 -12.52 -6.86 -71.99
C PRO B 177 -12.67 -6.15 -73.32
N HIS B 178 -13.17 -4.92 -73.32
CA HIS B 178 -13.48 -4.18 -74.54
C HIS B 178 -12.50 -3.05 -74.82
N LYS B 179 -12.27 -2.17 -73.86
CA LYS B 179 -11.36 -1.05 -74.02
C LYS B 179 -10.05 -1.37 -73.32
N ASP B 180 -8.94 -1.26 -74.06
CA ASP B 180 -7.65 -1.69 -73.52
C ASP B 180 -7.18 -0.82 -72.37
N SER B 181 -7.38 0.49 -72.47
CA SER B 181 -6.90 1.39 -71.42
C SER B 181 -7.76 1.30 -70.17
N VAL B 182 -9.06 1.05 -70.33
CA VAL B 182 -9.98 1.08 -69.20
C VAL B 182 -9.78 -0.15 -68.31
N PHE B 183 -9.77 0.08 -67.00
CA PHE B 183 -9.83 -1.00 -66.03
C PHE B 183 -10.47 -0.48 -64.76
N LEU B 184 -10.60 -1.35 -63.77
CA LEU B 184 -11.24 -1.04 -62.51
C LEU B 184 -10.32 -1.44 -61.36
N SER B 185 -10.49 -0.79 -60.22
CA SER B 185 -9.78 -1.21 -59.02
C SER B 185 -10.63 -0.95 -57.80
N CYS B 186 -10.50 -1.84 -56.82
CA CYS B 186 -11.11 -1.65 -55.51
C CYS B 186 -10.02 -1.74 -54.46
N SER B 187 -10.31 -1.18 -53.29
CA SER B 187 -9.32 -1.14 -52.23
C SER B 187 -9.98 -1.08 -50.88
N GLU B 188 -9.14 -1.13 -49.85
CA GLU B 188 -9.59 -1.12 -48.46
C GLU B 188 -9.94 0.27 -47.97
N ASP B 189 -9.75 1.31 -48.79
CA ASP B 189 -10.25 2.64 -48.48
C ASP B 189 -11.66 2.86 -49.02
N ASN B 190 -12.32 1.79 -49.46
CA ASN B 190 -13.73 1.78 -49.84
C ASN B 190 -13.95 2.65 -51.08
N ARG B 191 -13.06 2.51 -52.06
CA ARG B 191 -13.14 3.21 -53.33
C ARG B 191 -13.23 2.17 -54.44
N ILE B 192 -14.04 2.44 -55.45
CA ILE B 192 -14.02 1.69 -56.70
C ILE B 192 -13.65 2.68 -57.78
N LEU B 193 -12.39 2.73 -58.16
CA LEU B 193 -11.95 3.64 -59.19
C LEU B 193 -12.08 2.98 -60.56
N LEU B 194 -12.50 3.76 -61.54
CA LEU B 194 -12.49 3.35 -62.94
C LEU B 194 -11.43 4.17 -63.65
N TRP B 195 -10.51 3.49 -64.32
CA TRP B 195 -9.32 4.10 -64.87
C TRP B 195 -9.37 4.07 -66.38
N ASP B 196 -9.10 5.22 -67.00
CA ASP B 196 -8.79 5.32 -68.41
C ASP B 196 -7.35 5.82 -68.49
N THR B 197 -6.44 4.94 -68.91
CA THR B 197 -5.01 5.25 -68.90
C THR B 197 -4.67 6.43 -69.80
N ARG B 198 -5.47 6.68 -70.85
CA ARG B 198 -5.21 7.76 -71.78
C ARG B 198 -5.68 9.12 -71.28
N CYS B 199 -6.42 9.17 -70.17
CA CYS B 199 -6.90 10.43 -69.63
C CYS B 199 -5.79 11.16 -68.87
N PRO B 200 -5.87 12.50 -68.77
CA PRO B 200 -4.86 13.24 -67.98
C PRO B 200 -4.93 12.92 -66.50
N LYS B 201 -6.13 12.92 -65.92
CA LYS B 201 -6.34 12.37 -64.60
C LYS B 201 -7.05 11.04 -64.77
N PRO B 202 -6.29 9.93 -64.82
CA PRO B 202 -6.86 8.66 -65.33
C PRO B 202 -8.01 8.09 -64.53
N ALA B 203 -8.03 8.27 -63.21
CA ALA B 203 -9.01 7.59 -62.37
C ALA B 203 -10.22 8.47 -62.13
N SER B 204 -11.36 7.81 -61.91
CA SER B 204 -12.59 8.48 -61.52
C SER B 204 -13.38 7.55 -60.61
N GLN B 205 -13.90 8.08 -59.52
CA GLN B 205 -14.52 7.24 -58.50
C GLN B 205 -15.95 6.89 -58.91
N ILE B 206 -16.29 5.61 -58.84
CA ILE B 206 -17.64 5.14 -59.09
C ILE B 206 -18.41 5.14 -57.78
N GLY B 207 -18.97 6.30 -57.42
CA GLY B 207 -19.61 6.47 -56.12
C GLY B 207 -20.86 5.65 -55.88
N TYR B 213 -19.64 -1.02 -46.96
CA TYR B 213 -18.72 -2.14 -46.78
C TYR B 213 -17.65 -2.14 -47.87
N LEU B 214 -16.48 -2.66 -47.55
CA LEU B 214 -15.37 -2.60 -48.47
C LEU B 214 -15.61 -3.54 -49.65
N PRO B 215 -15.36 -3.09 -50.87
CA PRO B 215 -15.41 -4.01 -52.01
C PRO B 215 -14.24 -4.99 -51.96
N THR B 216 -14.52 -6.24 -52.32
CA THR B 216 -13.49 -7.27 -52.29
C THR B 216 -13.22 -7.91 -53.64
N SER B 217 -14.13 -7.79 -54.61
CA SER B 217 -13.89 -8.40 -55.90
C SER B 217 -14.66 -7.65 -56.97
N LEU B 218 -14.18 -7.75 -58.20
CA LEU B 218 -14.74 -7.05 -59.35
C LEU B 218 -14.79 -8.00 -60.53
N ALA B 219 -15.69 -7.71 -61.46
CA ALA B 219 -15.79 -8.48 -62.70
C ALA B 219 -16.55 -7.66 -63.72
N TRP B 220 -15.95 -7.44 -64.89
CA TRP B 220 -16.67 -6.82 -65.98
C TRP B 220 -17.67 -7.79 -66.58
N HIS B 221 -18.81 -7.26 -67.01
CA HIS B 221 -19.76 -8.06 -67.78
C HIS B 221 -19.14 -8.38 -69.13
N PRO B 222 -19.20 -9.64 -69.58
CA PRO B 222 -18.45 -10.03 -70.79
C PRO B 222 -18.93 -9.35 -72.06
N GLN B 223 -20.17 -8.89 -72.11
CA GLN B 223 -20.71 -8.26 -73.31
C GLN B 223 -21.06 -6.80 -73.10
N GLN B 224 -21.81 -6.48 -72.05
CA GLN B 224 -22.22 -5.11 -71.80
C GLN B 224 -21.01 -4.27 -71.42
N SER B 225 -20.68 -3.29 -72.27
CA SER B 225 -19.43 -2.57 -72.15
C SER B 225 -19.36 -1.67 -70.93
N GLU B 226 -20.50 -1.31 -70.35
CA GLU B 226 -20.53 -0.31 -69.29
C GLU B 226 -21.02 -0.89 -67.97
N VAL B 227 -21.02 -2.22 -67.84
CA VAL B 227 -21.63 -2.91 -66.72
C VAL B 227 -20.59 -3.78 -66.04
N PHE B 228 -20.53 -3.72 -64.71
CA PHE B 228 -19.66 -4.63 -63.97
C PHE B 228 -20.31 -5.00 -62.65
N VAL B 229 -19.99 -6.18 -62.17
CA VAL B 229 -20.43 -6.63 -60.85
C VAL B 229 -19.27 -6.51 -59.88
N PHE B 230 -19.60 -6.30 -58.61
CA PHE B 230 -18.59 -6.28 -57.56
C PHE B 230 -19.15 -6.89 -56.30
N GLY B 231 -18.29 -7.57 -55.57
CA GLY B 231 -18.66 -8.22 -54.31
C GLY B 231 -17.90 -7.57 -53.17
N ASP B 232 -18.58 -7.40 -52.05
CA ASP B 232 -18.07 -6.69 -50.89
C ASP B 232 -17.73 -7.66 -49.77
N GLU B 233 -17.31 -7.11 -48.64
CA GLU B 233 -16.84 -7.91 -47.52
C GLU B 233 -17.94 -8.46 -46.64
N ASN B 234 -19.20 -8.20 -46.98
CA ASN B 234 -20.32 -8.68 -46.20
C ASN B 234 -21.05 -9.79 -46.97
N GLY B 235 -20.59 -10.10 -48.18
CA GLY B 235 -21.19 -11.16 -48.97
C GLY B 235 -22.19 -10.74 -50.00
N THR B 236 -22.30 -9.44 -50.28
CA THR B 236 -23.30 -8.90 -51.18
C THR B 236 -22.69 -8.65 -52.55
N VAL B 237 -23.25 -9.27 -53.58
CA VAL B 237 -22.84 -9.05 -54.96
C VAL B 237 -23.77 -8.02 -55.58
N SER B 238 -23.20 -6.98 -56.17
CA SER B 238 -23.96 -5.88 -56.75
C SER B 238 -23.58 -5.71 -58.21
N LEU B 239 -24.48 -5.11 -58.96
CA LEU B 239 -24.29 -4.85 -60.38
C LEU B 239 -24.39 -3.35 -60.61
N VAL B 240 -23.42 -2.80 -61.32
CA VAL B 240 -23.24 -1.36 -61.47
C VAL B 240 -23.14 -1.02 -62.94
N ASP B 241 -23.85 0.04 -63.35
CA ASP B 241 -23.72 0.64 -64.67
C ASP B 241 -22.74 1.80 -64.57
N THR B 242 -21.68 1.76 -65.38
CA THR B 242 -20.74 2.87 -65.45
C THR B 242 -21.39 4.09 -66.09
N LEU B 249 -28.76 -3.10 -58.63
CA LEU B 249 -29.01 -4.48 -58.24
C LEU B 249 -28.07 -4.91 -57.12
N SER B 250 -28.57 -5.78 -56.24
CA SER B 250 -27.77 -6.31 -55.14
C SER B 250 -28.41 -7.61 -54.66
N SER B 251 -27.60 -8.43 -54.01
CA SER B 251 -28.04 -9.73 -53.53
C SER B 251 -27.12 -10.24 -52.44
N ALA B 252 -27.68 -10.66 -51.31
CA ALA B 252 -26.89 -11.24 -50.22
C ALA B 252 -26.62 -12.71 -50.57
N VAL B 253 -25.64 -12.89 -51.45
CA VAL B 253 -25.33 -14.24 -51.94
C VAL B 253 -24.69 -15.07 -50.85
N HIS B 254 -23.73 -14.51 -50.13
CA HIS B 254 -22.91 -15.26 -49.20
C HIS B 254 -23.03 -14.67 -47.80
N SER B 255 -22.36 -15.32 -46.85
CA SER B 255 -22.35 -14.86 -45.47
C SER B 255 -21.06 -14.15 -45.09
N GLN B 256 -19.95 -14.48 -45.73
CA GLN B 256 -18.68 -13.81 -45.56
C GLN B 256 -18.29 -13.18 -46.89
N CYS B 257 -17.09 -12.64 -46.96
CA CYS B 257 -16.71 -11.78 -48.08
C CYS B 257 -16.72 -12.56 -49.39
N VAL B 258 -17.05 -11.87 -50.47
CA VAL B 258 -17.03 -12.46 -51.80
C VAL B 258 -15.59 -12.38 -52.31
N THR B 259 -14.93 -13.53 -52.38
CA THR B 259 -13.53 -13.57 -52.79
C THR B 259 -13.36 -13.32 -54.28
N GLY B 260 -14.18 -13.96 -55.10
CA GLY B 260 -14.03 -13.83 -56.55
C GLY B 260 -15.37 -13.84 -57.23
N LEU B 261 -15.39 -13.27 -58.44
CA LEU B 261 -16.60 -13.21 -59.26
C LEU B 261 -16.20 -13.51 -60.70
N VAL B 262 -16.67 -14.63 -61.23
CA VAL B 262 -16.34 -15.07 -62.57
C VAL B 262 -17.62 -15.21 -63.38
N PHE B 263 -17.56 -14.84 -64.65
CA PHE B 263 -18.68 -14.90 -65.57
C PHE B 263 -18.53 -16.07 -66.51
N SER B 264 -19.66 -16.70 -66.88
CA SER B 264 -19.64 -17.85 -67.76
C SER B 264 -19.43 -17.42 -69.21
N PRO B 265 -18.96 -18.32 -70.08
CA PRO B 265 -18.76 -17.96 -71.48
C PRO B 265 -20.01 -18.00 -72.32
N HIS B 266 -21.19 -18.12 -71.71
CA HIS B 266 -22.43 -18.21 -72.46
C HIS B 266 -22.78 -16.87 -73.08
N SER B 267 -23.73 -16.91 -74.02
CA SER B 267 -24.25 -15.68 -74.61
C SER B 267 -24.97 -14.82 -73.58
N VAL B 268 -25.72 -15.45 -72.69
CA VAL B 268 -26.24 -14.78 -71.51
C VAL B 268 -25.46 -15.32 -70.31
N PRO B 269 -24.52 -14.58 -69.77
CA PRO B 269 -23.61 -15.13 -68.77
C PRO B 269 -24.27 -15.39 -67.42
N PHE B 270 -23.82 -16.47 -66.79
CA PHE B 270 -24.04 -16.69 -65.37
C PHE B 270 -22.81 -16.26 -64.61
N LEU B 271 -23.01 -15.86 -63.36
CA LEU B 271 -21.95 -15.32 -62.53
C LEU B 271 -21.63 -16.30 -61.42
N ALA B 272 -20.37 -16.73 -61.35
CA ALA B 272 -19.92 -17.61 -60.28
C ALA B 272 -19.33 -16.77 -59.16
N SER B 273 -19.86 -16.95 -57.95
CA SER B 273 -19.48 -16.18 -56.78
C SER B 273 -18.81 -17.11 -55.78
N LEU B 274 -17.61 -16.76 -55.37
CA LEU B 274 -16.81 -17.51 -54.44
C LEU B 274 -16.77 -16.75 -53.12
N SER B 275 -16.61 -17.47 -52.03
CA SER B 275 -16.58 -16.75 -50.76
C SER B 275 -15.77 -17.49 -49.72
N GLU B 276 -15.44 -16.76 -48.66
CA GLU B 276 -14.69 -17.29 -47.53
C GLU B 276 -15.55 -18.14 -46.61
N ASP B 277 -16.85 -18.22 -46.85
CA ASP B 277 -17.68 -19.19 -46.16
C ASP B 277 -17.67 -20.54 -46.84
N CYS B 278 -16.63 -20.80 -47.64
CA CYS B 278 -16.35 -22.07 -48.29
C CYS B 278 -17.42 -22.48 -49.28
N SER B 279 -18.14 -21.52 -49.84
CA SER B 279 -19.31 -21.80 -50.66
C SER B 279 -19.14 -21.24 -52.06
N LEU B 280 -19.71 -21.94 -53.03
CA LEU B 280 -19.82 -21.51 -54.41
C LEU B 280 -21.29 -21.25 -54.72
N ALA B 281 -21.56 -20.15 -55.43
CA ALA B 281 -22.93 -19.87 -55.86
C ALA B 281 -22.93 -19.38 -57.29
N VAL B 282 -23.76 -19.99 -58.13
CA VAL B 282 -23.92 -19.55 -59.51
C VAL B 282 -25.25 -18.83 -59.63
N LEU B 283 -25.19 -17.59 -60.13
CA LEU B 283 -26.31 -16.67 -60.22
C LEU B 283 -26.62 -16.38 -61.69
N ASP B 284 -27.85 -16.00 -61.96
CA ASP B 284 -28.26 -15.67 -63.32
C ASP B 284 -28.00 -14.18 -63.59
N SER B 285 -28.56 -13.66 -64.68
CA SER B 285 -28.36 -12.27 -65.07
C SER B 285 -29.04 -11.29 -64.13
N SER B 286 -29.98 -11.75 -63.32
CA SER B 286 -30.66 -10.89 -62.35
C SER B 286 -30.17 -11.12 -60.92
N LEU B 287 -29.00 -11.76 -60.77
CA LEU B 287 -28.40 -12.08 -59.48
C LEU B 287 -29.29 -12.99 -58.64
N SER B 288 -30.15 -13.76 -59.28
CA SER B 288 -30.94 -14.77 -58.60
C SER B 288 -30.17 -16.08 -58.64
N GLU B 289 -30.17 -16.78 -57.51
CA GLU B 289 -29.28 -17.93 -57.35
C GLU B 289 -29.85 -19.16 -58.06
N LEU B 290 -29.00 -19.82 -58.83
CA LEU B 290 -29.34 -21.05 -59.53
C LEU B 290 -28.63 -22.27 -58.98
N PHE B 291 -27.35 -22.14 -58.64
CA PHE B 291 -26.56 -23.27 -58.18
C PHE B 291 -25.84 -22.90 -56.90
N ARG B 292 -25.64 -23.88 -56.02
CA ARG B 292 -24.85 -23.67 -54.82
C ARG B 292 -24.11 -24.94 -54.47
N SER B 293 -22.80 -24.84 -54.32
CA SER B 293 -21.96 -25.97 -54.01
C SER B 293 -21.25 -25.72 -52.69
N GLN B 294 -21.30 -26.71 -51.80
CA GLN B 294 -20.58 -26.70 -50.53
C GLN B 294 -19.62 -27.87 -50.46
N ALA B 295 -18.99 -28.18 -51.59
CA ALA B 295 -18.05 -29.29 -51.67
C ALA B 295 -16.71 -28.98 -51.02
N HIS B 296 -16.45 -27.72 -50.67
CA HIS B 296 -15.16 -27.30 -50.17
C HIS B 296 -15.17 -27.23 -48.65
N ARG B 297 -14.09 -27.69 -48.05
CA ARG B 297 -13.90 -27.71 -46.61
C ARG B 297 -13.04 -26.57 -46.12
N ASP B 298 -12.57 -25.72 -47.03
CA ASP B 298 -11.81 -24.51 -46.70
C ASP B 298 -12.25 -23.44 -47.67
N PHE B 299 -11.52 -22.32 -47.68
CA PHE B 299 -11.89 -21.18 -48.50
C PHE B 299 -11.89 -21.58 -49.98
N VAL B 300 -12.84 -21.06 -50.72
CA VAL B 300 -12.89 -21.27 -52.17
C VAL B 300 -12.22 -20.07 -52.82
N ARG B 301 -11.18 -20.32 -53.60
CA ARG B 301 -10.28 -19.28 -54.06
C ARG B 301 -10.55 -18.85 -55.49
N ASP B 302 -10.51 -19.77 -56.45
CA ASP B 302 -10.75 -19.40 -57.83
C ASP B 302 -11.66 -20.42 -58.50
N ALA B 303 -12.62 -19.90 -59.27
CA ALA B 303 -13.48 -20.66 -60.14
C ALA B 303 -13.15 -20.31 -61.58
N THR B 304 -13.40 -21.25 -62.47
CA THR B 304 -13.22 -21.01 -63.89
C THR B 304 -14.17 -21.93 -64.66
N TRP B 305 -14.88 -21.35 -65.62
CA TRP B 305 -15.78 -22.13 -66.45
C TRP B 305 -15.02 -22.78 -67.59
N SER B 306 -15.47 -23.94 -67.99
CA SER B 306 -14.76 -24.64 -69.06
C SER B 306 -15.12 -24.03 -70.42
N PRO B 307 -14.13 -23.85 -71.29
CA PRO B 307 -14.46 -23.39 -72.65
C PRO B 307 -15.08 -24.49 -73.49
N LEU B 308 -14.78 -25.75 -73.19
CA LEU B 308 -15.32 -26.86 -73.96
C LEU B 308 -16.74 -27.21 -73.51
N ASN B 309 -16.88 -27.66 -72.27
CA ASN B 309 -18.19 -27.95 -71.69
C ASN B 309 -18.61 -26.69 -70.94
N HIS B 310 -19.46 -25.88 -71.57
CA HIS B 310 -19.79 -24.57 -71.04
C HIS B 310 -20.59 -24.62 -69.74
N SER B 311 -21.09 -25.79 -69.36
CA SER B 311 -21.76 -25.95 -68.07
C SER B 311 -20.82 -26.44 -66.98
N LEU B 312 -19.56 -26.70 -67.30
CA LEU B 312 -18.59 -27.17 -66.33
C LEU B 312 -17.91 -25.99 -65.64
N LEU B 313 -17.75 -26.10 -64.32
CA LEU B 313 -17.18 -25.03 -63.50
C LEU B 313 -16.21 -25.65 -62.52
N THR B 314 -14.92 -25.38 -62.69
CA THR B 314 -13.89 -25.92 -61.82
C THR B 314 -13.53 -24.89 -60.77
N THR B 315 -13.69 -25.25 -59.50
CA THR B 315 -13.30 -24.39 -58.39
C THR B 315 -12.20 -25.07 -57.57
N VAL B 316 -11.22 -24.29 -57.15
CA VAL B 316 -10.18 -24.78 -56.26
C VAL B 316 -10.36 -24.16 -54.88
N GLY B 317 -9.63 -24.70 -53.91
CA GLY B 317 -9.75 -24.25 -52.55
C GLY B 317 -8.47 -24.50 -51.79
N TRP B 318 -8.45 -24.01 -50.55
CA TRP B 318 -7.30 -24.19 -49.67
C TRP B 318 -7.29 -25.55 -48.99
N ASP B 319 -8.25 -26.42 -49.31
CA ASP B 319 -8.25 -27.79 -48.83
C ASP B 319 -7.71 -28.76 -49.86
N HIS B 320 -6.93 -28.26 -50.81
CA HIS B 320 -6.27 -29.09 -51.84
C HIS B 320 -7.29 -29.83 -52.71
N GLN B 321 -8.46 -29.24 -52.90
CA GLN B 321 -9.58 -29.91 -53.53
C GLN B 321 -9.96 -29.15 -54.80
N VAL B 322 -9.83 -29.82 -55.95
CA VAL B 322 -10.23 -29.27 -57.23
C VAL B 322 -11.56 -29.91 -57.60
N VAL B 323 -12.64 -29.14 -57.48
CA VAL B 323 -13.99 -29.67 -57.64
C VAL B 323 -14.56 -29.19 -58.96
N HIS B 324 -14.99 -30.13 -59.79
CA HIS B 324 -15.64 -29.83 -61.06
C HIS B 324 -17.14 -29.96 -60.87
N HIS B 325 -17.88 -28.89 -61.16
CA HIS B 325 -19.32 -28.86 -61.00
C HIS B 325 -20.00 -28.82 -62.36
N VAL B 326 -21.17 -29.44 -62.42
CA VAL B 326 -22.05 -29.34 -63.57
C VAL B 326 -23.17 -28.39 -63.18
N VAL B 327 -23.20 -27.22 -63.80
CA VAL B 327 -24.17 -26.18 -63.46
C VAL B 327 -25.39 -26.33 -64.35
N PRO B 328 -26.59 -26.43 -63.77
CA PRO B 328 -27.85 -26.51 -64.54
C PRO B 328 -28.13 -25.23 -65.31
N GLN C 228 29.87 9.32 -54.18
CA GLN C 228 28.96 8.22 -53.91
C GLN C 228 27.82 8.69 -53.00
N PHE C 229 28.20 9.27 -51.86
CA PHE C 229 27.22 9.76 -50.90
C PHE C 229 26.78 11.18 -51.17
N GLU C 230 27.27 11.80 -52.25
CA GLU C 230 26.93 13.18 -52.55
C GLU C 230 25.50 13.29 -53.05
N VAL D 14 -27.42 -6.51 33.33
CA VAL D 14 -26.73 -7.69 32.83
C VAL D 14 -27.53 -8.29 31.66
N SER D 15 -26.83 -8.70 30.62
CA SER D 15 -27.46 -9.35 29.46
C SER D 15 -27.13 -10.83 29.55
N SER D 16 -28.15 -11.67 29.45
CA SER D 16 -27.99 -13.08 29.70
C SER D 16 -28.77 -13.90 28.70
N GLY D 17 -28.26 -15.09 28.41
CA GLY D 17 -28.84 -15.96 27.41
C GLY D 17 -29.03 -17.36 27.95
N ARG D 18 -29.76 -18.15 27.18
CA ARG D 18 -30.14 -19.52 27.56
C ARG D 18 -29.59 -20.48 26.52
N ASP D 19 -28.73 -21.39 26.94
CA ASP D 19 -28.22 -22.42 26.03
C ASP D 19 -29.13 -23.64 26.12
N LEU D 20 -29.79 -23.95 25.01
CA LEU D 20 -30.66 -25.11 24.91
C LEU D 20 -30.18 -25.98 23.77
N ASN D 21 -30.14 -27.29 24.00
CA ASN D 21 -29.81 -28.26 22.96
C ASN D 21 -31.06 -28.97 22.45
N CYS D 22 -32.23 -28.57 22.93
CA CYS D 22 -33.50 -29.12 22.50
C CYS D 22 -34.46 -27.98 22.24
N VAL D 23 -34.81 -27.78 20.97
CA VAL D 23 -35.77 -26.77 20.56
C VAL D 23 -36.83 -27.48 19.73
N PRO D 24 -37.84 -28.10 20.34
CA PRO D 24 -38.88 -28.76 19.53
C PRO D 24 -39.63 -27.83 18.61
N GLU D 25 -39.98 -26.64 19.08
CA GLU D 25 -40.60 -25.60 18.25
C GLU D 25 -39.86 -24.30 18.54
N ILE D 26 -39.44 -23.60 17.49
CA ILE D 26 -38.52 -22.48 17.70
C ILE D 26 -39.26 -21.24 18.20
N ALA D 27 -40.49 -21.01 17.72
CA ALA D 27 -41.23 -19.84 18.17
C ALA D 27 -41.70 -20.01 19.61
N ASP D 28 -42.22 -21.19 19.95
CA ASP D 28 -42.64 -21.46 21.32
C ASP D 28 -41.46 -21.41 22.27
N THR D 29 -40.33 -22.00 21.89
CA THR D 29 -39.16 -22.00 22.76
C THR D 29 -38.59 -20.60 22.94
N LEU D 30 -38.51 -19.82 21.86
CA LEU D 30 -38.01 -18.46 21.98
C LEU D 30 -38.93 -17.60 22.84
N GLY D 31 -40.25 -17.80 22.71
CA GLY D 31 -41.17 -17.10 23.58
C GLY D 31 -41.01 -17.46 25.04
N ALA D 32 -40.87 -18.75 25.32
CA ALA D 32 -40.73 -19.19 26.72
C ALA D 32 -39.39 -18.75 27.30
N VAL D 33 -38.35 -18.69 26.47
CA VAL D 33 -37.04 -18.24 26.95
C VAL D 33 -37.06 -16.75 27.23
N ALA D 34 -37.63 -15.95 26.34
CA ALA D 34 -37.70 -14.52 26.57
C ALA D 34 -38.70 -14.16 27.65
N LYS D 35 -39.67 -15.03 27.92
CA LYS D 35 -40.63 -14.79 28.99
C LYS D 35 -39.96 -14.78 30.35
N GLN D 36 -38.98 -15.66 30.56
CA GLN D 36 -38.32 -15.78 31.84
C GLN D 36 -37.06 -14.94 31.95
N GLY D 37 -36.78 -14.10 30.95
CA GLY D 37 -35.86 -12.98 31.13
C GLY D 37 -34.59 -13.03 30.32
N PHE D 38 -34.34 -14.07 29.52
CA PHE D 38 -33.09 -14.15 28.78
C PHE D 38 -33.14 -13.24 27.57
N ASP D 39 -31.97 -12.75 27.16
CA ASP D 39 -31.91 -11.80 26.06
C ASP D 39 -31.58 -12.44 24.73
N PHE D 40 -30.98 -13.63 24.73
CA PHE D 40 -30.77 -14.38 23.51
C PHE D 40 -30.93 -15.86 23.83
N LEU D 41 -30.90 -16.67 22.79
CA LEU D 41 -31.08 -18.11 22.91
C LEU D 41 -30.00 -18.80 22.10
N CYS D 42 -29.18 -19.61 22.76
CA CYS D 42 -28.17 -20.40 22.08
C CYS D 42 -28.80 -21.74 21.73
N MET D 43 -28.93 -22.01 20.45
CA MET D 43 -29.68 -23.16 19.99
C MET D 43 -29.00 -23.77 18.76
N PRO D 44 -29.22 -25.06 18.52
CA PRO D 44 -28.66 -25.69 17.31
C PRO D 44 -29.50 -25.37 16.09
N VAL D 45 -28.83 -24.97 15.00
CA VAL D 45 -29.54 -24.62 13.77
C VAL D 45 -29.94 -25.86 12.98
N PHE D 46 -29.13 -26.91 13.05
CA PHE D 46 -29.50 -28.24 12.61
C PHE D 46 -29.81 -29.09 13.84
N HIS D 47 -30.45 -30.21 13.63
CA HIS D 47 -30.74 -31.07 14.76
C HIS D 47 -29.43 -31.68 15.26
N PRO D 48 -29.16 -31.62 16.57
CA PRO D 48 -27.88 -32.11 17.09
C PRO D 48 -27.63 -33.58 16.84
N ARG D 49 -28.67 -34.38 16.66
CA ARG D 49 -28.52 -35.80 16.40
C ARG D 49 -28.69 -36.17 14.94
N PHE D 50 -29.13 -35.23 14.11
CA PHE D 50 -29.34 -35.48 12.68
C PHE D 50 -27.98 -35.45 11.99
N LYS D 51 -27.26 -36.55 12.11
CA LYS D 51 -25.98 -36.66 11.44
C LYS D 51 -26.19 -36.81 9.94
N ARG D 52 -25.51 -35.97 9.17
CA ARG D 52 -25.61 -35.98 7.72
C ARG D 52 -24.40 -36.66 7.11
N GLU D 53 -24.60 -37.28 5.95
CA GLU D 53 -23.51 -37.88 5.19
C GLU D 53 -23.31 -37.08 3.91
N PHE D 54 -22.05 -36.90 3.53
CA PHE D 54 -21.71 -36.02 2.43
C PHE D 54 -20.92 -36.69 1.32
N ILE D 55 -20.42 -37.90 1.50
CA ILE D 55 -19.54 -38.54 0.54
C ILE D 55 -20.13 -39.83 -0.01
N GLN D 56 -20.69 -40.67 0.86
CA GLN D 56 -20.99 -42.05 0.52
C GLN D 56 -22.49 -42.27 0.40
N GLU D 57 -22.89 -42.97 -0.66
CA GLU D 57 -24.27 -43.36 -0.93
C GLU D 57 -24.66 -44.55 -0.08
N PRO D 58 -25.96 -44.72 0.24
CA PRO D 58 -27.18 -44.01 -0.13
C PRO D 58 -27.51 -42.80 0.72
N ALA D 59 -26.86 -42.66 1.89
CA ALA D 59 -27.24 -41.64 2.85
C ALA D 59 -26.83 -40.25 2.41
N LYS D 60 -25.95 -40.14 1.42
CA LYS D 60 -25.62 -38.84 0.84
C LYS D 60 -26.84 -38.21 0.19
N ASN D 61 -27.66 -39.01 -0.48
CA ASN D 61 -28.81 -38.52 -1.25
C ASN D 61 -30.08 -38.52 -0.43
N ARG D 62 -29.98 -38.24 0.86
CA ARG D 62 -31.14 -38.18 1.73
C ARG D 62 -32.06 -37.06 1.29
N PRO D 63 -33.35 -37.30 1.12
CA PRO D 63 -34.26 -36.25 0.63
C PRO D 63 -34.70 -35.27 1.70
N GLY D 64 -35.64 -34.40 1.34
CA GLY D 64 -36.31 -33.57 2.29
C GLY D 64 -35.45 -32.41 2.72
N PRO D 65 -36.03 -31.49 3.50
CA PRO D 65 -35.22 -30.40 4.06
C PRO D 65 -34.17 -30.94 5.01
N GLN D 66 -32.99 -30.32 5.01
CA GLN D 66 -31.95 -30.74 5.94
C GLN D 66 -32.23 -30.22 7.33
N THR D 67 -32.76 -29.00 7.44
CA THR D 67 -33.06 -28.41 8.74
C THR D 67 -34.39 -27.68 8.61
N ARG D 68 -34.76 -26.95 9.67
CA ARG D 68 -36.01 -26.21 9.62
C ARG D 68 -35.80 -24.88 8.90
N SER D 69 -36.92 -24.28 8.51
CA SER D 69 -36.89 -23.15 7.61
C SER D 69 -36.43 -21.87 8.32
N ASP D 70 -35.92 -20.95 7.52
CA ASP D 70 -35.54 -19.62 8.01
C ASP D 70 -36.72 -18.68 8.13
N LEU D 71 -37.90 -19.11 7.70
CA LEU D 71 -39.10 -18.29 7.76
C LEU D 71 -39.87 -18.46 9.06
N LEU D 72 -39.32 -19.23 10.01
CA LEU D 72 -40.00 -19.44 11.28
C LEU D 72 -39.81 -18.27 12.24
N LEU D 73 -38.76 -17.49 12.07
CA LEU D 73 -38.58 -16.24 12.80
C LEU D 73 -38.35 -15.13 11.81
N SER D 74 -38.59 -13.90 12.25
CA SER D 74 -38.29 -12.75 11.42
C SER D 74 -36.78 -12.62 11.24
N GLY D 75 -36.39 -11.83 10.24
CA GLY D 75 -34.97 -11.64 9.98
C GLY D 75 -34.27 -10.93 11.12
N ARG D 76 -34.96 -9.99 11.76
CA ARG D 76 -34.38 -9.32 12.93
C ARG D 76 -34.30 -10.25 14.12
N ASP D 77 -35.23 -11.21 14.22
CA ASP D 77 -35.14 -12.21 15.28
C ASP D 77 -33.90 -13.07 15.11
N TRP D 78 -33.60 -13.49 13.89
CA TRP D 78 -32.38 -14.24 13.64
C TRP D 78 -31.16 -13.37 13.88
N ASN D 79 -31.22 -12.10 13.51
CA ASN D 79 -30.06 -11.24 13.61
C ASN D 79 -29.76 -10.76 15.03
N THR D 80 -30.73 -10.80 15.92
CA THR D 80 -30.50 -10.29 17.26
C THR D 80 -30.67 -11.30 18.37
N LEU D 81 -31.52 -12.32 18.22
CA LEU D 81 -31.95 -13.11 19.35
C LEU D 81 -31.36 -14.51 19.41
N ILE D 82 -30.64 -14.96 18.40
CA ILE D 82 -30.27 -16.37 18.27
C ILE D 82 -28.75 -16.46 18.17
N VAL D 83 -28.16 -17.34 18.98
CA VAL D 83 -26.75 -17.70 18.89
C VAL D 83 -26.70 -19.18 18.49
N GLY D 84 -26.14 -19.45 17.33
CA GLY D 84 -26.18 -20.80 16.80
C GLY D 84 -25.10 -21.69 17.39
N LYS D 85 -25.40 -22.98 17.43
CA LYS D 85 -24.47 -23.97 17.98
C LYS D 85 -24.10 -24.98 16.91
N LEU D 86 -22.82 -25.36 16.89
CA LEU D 86 -22.37 -26.47 16.07
C LEU D 86 -22.85 -27.79 16.65
N SER D 87 -23.13 -28.74 15.77
CA SER D 87 -23.68 -30.01 16.21
C SER D 87 -22.62 -30.84 16.92
N PRO D 88 -22.99 -31.58 17.97
CA PRO D 88 -21.97 -32.25 18.80
C PRO D 88 -21.24 -33.37 18.10
N TRP D 89 -21.82 -33.98 17.07
CA TRP D 89 -21.18 -35.07 16.35
C TRP D 89 -20.13 -34.59 15.38
N ILE D 90 -20.04 -33.28 15.13
CA ILE D 90 -19.10 -32.75 14.15
C ILE D 90 -17.75 -32.67 14.81
N ARG D 91 -16.84 -33.55 14.39
CA ARG D 91 -15.50 -33.66 14.96
C ARG D 91 -14.49 -33.52 13.83
N PRO D 92 -14.17 -32.29 13.42
CA PRO D 92 -13.27 -32.10 12.27
C PRO D 92 -11.85 -32.54 12.51
N ASP D 93 -11.49 -32.90 13.74
CA ASP D 93 -10.15 -33.37 14.06
C ASP D 93 -10.13 -34.83 14.45
N SER D 94 -11.12 -35.60 13.99
CA SER D 94 -11.15 -37.02 14.27
C SER D 94 -10.00 -37.72 13.57
N LYS D 95 -9.55 -38.82 14.16
CA LYS D 95 -8.47 -39.60 13.58
C LYS D 95 -8.94 -40.53 12.48
N VAL D 96 -10.24 -40.76 12.37
CA VAL D 96 -10.82 -41.49 11.25
C VAL D 96 -11.02 -40.50 10.12
N GLU D 97 -10.57 -40.85 8.93
CA GLU D 97 -10.62 -39.90 7.81
C GLU D 97 -12.06 -39.67 7.35
N LYS D 98 -12.90 -40.70 7.39
CA LYS D 98 -14.29 -40.54 6.96
C LYS D 98 -15.04 -39.58 7.87
N ILE D 99 -14.87 -39.73 9.18
CA ILE D 99 -15.50 -38.83 10.14
C ILE D 99 -14.94 -37.43 9.99
N ARG D 100 -13.64 -37.33 9.72
CA ARG D 100 -13.00 -36.04 9.54
C ARG D 100 -13.57 -35.29 8.34
N ARG D 101 -13.71 -35.98 7.20
CA ARG D 101 -14.25 -35.35 6.00
C ARG D 101 -15.71 -34.98 6.16
N ASN D 102 -16.51 -35.88 6.74
CA ASN D 102 -17.93 -35.58 6.96
C ASN D 102 -18.08 -34.39 7.88
N SER D 103 -17.22 -34.29 8.89
CA SER D 103 -17.32 -33.22 9.85
C SER D 103 -16.82 -31.91 9.29
N GLU D 104 -15.82 -31.92 8.41
CA GLU D 104 -15.46 -30.70 7.69
C GLU D 104 -16.62 -30.20 6.84
N ALA D 105 -17.25 -31.11 6.08
CA ALA D 105 -18.35 -30.73 5.21
C ALA D 105 -19.55 -30.22 5.99
N ALA D 106 -19.86 -30.86 7.12
CA ALA D 106 -21.00 -30.46 7.92
C ALA D 106 -20.72 -29.19 8.71
N MET D 107 -19.49 -29.00 9.18
CA MET D 107 -19.11 -27.73 9.76
C MET D 107 -19.28 -26.60 8.78
N LEU D 108 -18.83 -26.79 7.54
CA LEU D 108 -19.01 -25.74 6.53
C LEU D 108 -20.48 -25.49 6.25
N GLN D 109 -21.27 -26.56 6.15
CA GLN D 109 -22.70 -26.41 5.88
C GLN D 109 -23.41 -25.65 7.00
N GLU D 110 -23.10 -25.98 8.26
CA GLU D 110 -23.75 -25.33 9.39
C GLU D 110 -23.29 -23.89 9.54
N LEU D 111 -22.02 -23.62 9.33
CA LEU D 111 -21.52 -22.25 9.39
C LEU D 111 -22.13 -21.41 8.28
N ASN D 112 -22.27 -21.97 7.08
CA ASN D 112 -22.87 -21.26 5.96
C ASN D 112 -24.36 -21.01 6.20
N PHE D 113 -25.05 -21.95 6.85
CA PHE D 113 -26.45 -21.71 7.18
C PHE D 113 -26.58 -20.65 8.27
N GLY D 114 -25.65 -20.60 9.22
CA GLY D 114 -25.66 -19.53 10.19
C GLY D 114 -25.37 -18.17 9.57
N ALA D 115 -24.51 -18.14 8.55
CA ALA D 115 -24.27 -16.91 7.80
C ALA D 115 -25.49 -16.50 6.98
N TYR D 116 -26.19 -17.49 6.43
CA TYR D 116 -27.42 -17.23 5.70
C TYR D 116 -28.51 -16.69 6.62
N LEU D 117 -28.62 -17.24 7.83
CA LEU D 117 -29.57 -16.73 8.81
C LEU D 117 -29.19 -15.36 9.34
N GLY D 118 -27.95 -14.94 9.17
CA GLY D 118 -27.48 -13.70 9.74
C GLY D 118 -27.41 -13.71 11.24
N LEU D 119 -27.02 -14.84 11.82
CA LEU D 119 -26.91 -14.94 13.27
C LEU D 119 -25.80 -14.02 13.78
N PRO D 120 -26.00 -13.39 14.94
CA PRO D 120 -24.94 -12.53 15.48
C PRO D 120 -23.75 -13.29 15.99
N ALA D 121 -23.93 -14.52 16.45
CA ALA D 121 -22.86 -15.29 17.06
C ALA D 121 -23.08 -16.77 16.78
N PHE D 122 -21.99 -17.53 16.90
CA PHE D 122 -21.98 -18.97 16.68
C PHE D 122 -21.07 -19.59 17.72
N LEU D 123 -21.55 -20.61 18.42
CA LEU D 123 -20.77 -21.30 19.45
C LEU D 123 -20.09 -22.53 18.87
N LEU D 124 -18.78 -22.60 19.01
CA LEU D 124 -18.03 -23.78 18.62
C LEU D 124 -17.23 -24.29 19.81
N PRO D 125 -17.03 -25.60 19.93
CA PRO D 125 -16.36 -26.12 21.13
C PRO D 125 -14.87 -26.33 21.00
N LEU D 126 -14.15 -25.96 22.05
CA LEU D 126 -12.74 -26.30 22.23
C LEU D 126 -12.68 -27.23 23.43
N ASN D 127 -12.90 -28.51 23.18
CA ASN D 127 -12.96 -29.50 24.25
C ASN D 127 -11.89 -30.56 24.12
N GLN D 128 -10.83 -30.26 23.38
CA GLN D 128 -9.71 -31.17 23.21
C GLN D 128 -8.51 -30.36 22.75
N GLU D 129 -7.34 -30.99 22.85
CA GLU D 129 -6.09 -30.27 22.65
C GLU D 129 -5.84 -29.93 21.18
N ASP D 130 -6.11 -30.89 20.30
CA ASP D 130 -5.85 -30.72 18.87
C ASP D 130 -7.14 -30.25 18.21
N ASN D 131 -7.13 -28.99 17.75
CA ASN D 131 -8.24 -28.38 17.03
C ASN D 131 -7.73 -27.63 15.83
N THR D 132 -6.75 -28.22 15.12
CA THR D 132 -6.14 -27.54 13.99
C THR D 132 -7.06 -27.53 12.77
N ASN D 133 -7.74 -28.65 12.52
CA ASN D 133 -8.64 -28.72 11.37
C ASN D 133 -9.89 -27.90 11.62
N LEU D 134 -10.37 -27.86 12.86
CA LEU D 134 -11.43 -26.94 13.24
C LEU D 134 -11.02 -25.51 12.95
N ALA D 135 -9.79 -25.15 13.32
CA ALA D 135 -9.27 -23.81 13.06
C ALA D 135 -9.16 -23.53 11.58
N ARG D 136 -8.78 -24.53 10.79
CA ARG D 136 -8.64 -24.30 9.35
C ARG D 136 -9.99 -24.11 8.68
N VAL D 137 -10.98 -24.91 9.05
CA VAL D 137 -12.30 -24.77 8.44
C VAL D 137 -12.93 -23.44 8.88
N LEU D 138 -12.70 -23.02 10.11
CA LEU D 138 -13.21 -21.71 10.53
C LEU D 138 -12.48 -20.57 9.83
N THR D 139 -11.17 -20.68 9.68
CA THR D 139 -10.39 -19.64 9.01
C THR D 139 -10.76 -19.54 7.54
N ASN D 140 -11.11 -20.65 6.91
CA ASN D 140 -11.57 -20.62 5.53
C ASN D 140 -12.99 -20.10 5.42
N HIS D 141 -13.84 -20.36 6.40
CA HIS D 141 -15.17 -19.76 6.40
C HIS D 141 -15.10 -18.25 6.53
N ILE D 142 -14.23 -17.76 7.41
CA ILE D 142 -14.13 -16.32 7.66
C ILE D 142 -13.65 -15.57 6.42
N HIS D 143 -12.76 -16.18 5.64
CA HIS D 143 -12.21 -15.57 4.44
C HIS D 143 -13.01 -15.87 3.19
N THR D 144 -14.26 -16.33 3.34
CA THR D 144 -15.10 -16.70 2.20
C THR D 144 -16.43 -15.98 2.32
N GLY D 145 -16.78 -15.23 1.29
CA GLY D 145 -18.04 -14.50 1.28
C GLY D 145 -17.99 -13.30 2.21
N HIS D 146 -19.15 -12.67 2.37
CA HIS D 146 -19.31 -11.60 3.34
C HIS D 146 -20.33 -12.03 4.38
N HIS D 147 -19.90 -12.00 5.63
CA HIS D 147 -20.76 -12.31 6.76
C HIS D 147 -20.16 -11.65 7.99
N SER D 148 -21.01 -11.40 8.98
CA SER D 148 -20.65 -10.57 10.12
C SER D 148 -20.72 -11.31 11.45
N SER D 149 -20.95 -12.62 11.42
CA SER D 149 -21.15 -13.37 12.64
C SER D 149 -19.86 -13.50 13.43
N MET D 150 -19.97 -13.42 14.75
CA MET D 150 -18.89 -13.65 15.67
C MET D 150 -18.85 -15.13 16.04
N PHE D 151 -17.67 -15.63 16.37
CA PHE D 151 -17.49 -17.04 16.65
C PHE D 151 -17.00 -17.21 18.08
N TRP D 152 -17.85 -17.77 18.92
CA TRP D 152 -17.58 -17.89 20.35
C TRP D 152 -17.06 -19.30 20.60
N MET D 153 -15.75 -19.42 20.74
CA MET D 153 -15.15 -20.71 21.04
C MET D 153 -15.47 -21.09 22.46
N ARG D 154 -16.19 -22.19 22.62
CA ARG D 154 -16.72 -22.60 23.93
C ARG D 154 -15.64 -23.44 24.60
N VAL D 155 -14.95 -22.82 25.55
CA VAL D 155 -13.78 -23.47 26.15
C VAL D 155 -13.98 -23.53 27.66
N PRO D 156 -13.68 -24.66 28.30
CA PRO D 156 -13.88 -24.75 29.75
C PRO D 156 -12.77 -24.08 30.53
N LEU D 157 -13.11 -23.70 31.76
CA LEU D 157 -12.08 -23.23 32.68
C LEU D 157 -11.22 -24.37 33.19
N VAL D 158 -11.81 -25.56 33.36
CA VAL D 158 -11.11 -26.77 33.74
C VAL D 158 -11.44 -27.84 32.71
N ALA D 159 -10.41 -28.54 32.24
CA ALA D 159 -10.58 -29.55 31.20
C ALA D 159 -11.55 -30.64 31.65
N PRO D 160 -12.32 -31.21 30.72
CA PRO D 160 -13.33 -32.20 31.13
C PRO D 160 -12.77 -33.44 31.78
N GLU D 161 -11.55 -33.84 31.43
CA GLU D 161 -10.93 -35.01 32.04
C GLU D 161 -10.40 -34.73 33.42
N ASP D 162 -10.35 -33.47 33.85
CA ASP D 162 -9.93 -33.11 35.19
C ASP D 162 -11.10 -32.81 36.11
N LEU D 163 -12.33 -32.90 35.62
CA LEU D 163 -13.53 -32.70 36.41
C LEU D 163 -14.22 -34.01 36.78
N ARG D 164 -13.74 -35.14 36.26
CA ARG D 164 -14.42 -36.40 36.49
C ARG D 164 -14.19 -36.89 37.91
N ASP D 165 -15.19 -37.61 38.42
CA ASP D 165 -15.10 -38.18 39.75
C ASP D 165 -14.03 -39.27 39.78
N ASP D 166 -13.45 -39.47 40.97
CA ASP D 166 -12.46 -40.53 41.17
C ASP D 166 -13.21 -41.80 41.58
N ILE D 167 -13.78 -42.48 40.58
CA ILE D 167 -14.56 -43.67 40.83
C ILE D 167 -14.15 -44.81 39.91
N ILE D 168 -13.03 -44.64 39.20
CA ILE D 168 -12.48 -45.72 38.39
C ILE D 168 -11.35 -46.38 39.18
N GLU D 169 -11.50 -47.67 39.46
CA GLU D 169 -10.59 -48.32 40.39
C GLU D 169 -9.19 -48.49 39.82
N ASN D 170 -9.08 -48.78 38.52
CA ASN D 170 -7.78 -48.99 37.91
C ASN D 170 -7.31 -47.80 37.08
N ALA D 171 -7.99 -46.66 37.18
CA ALA D 171 -7.53 -45.41 36.56
C ALA D 171 -7.73 -44.26 37.54
N PRO D 172 -6.82 -44.12 38.50
CA PRO D 172 -6.94 -43.02 39.46
C PRO D 172 -6.70 -41.67 38.82
N THR D 173 -7.31 -40.64 39.42
CA THR D 173 -7.17 -39.28 38.91
C THR D 173 -5.83 -38.68 39.31
N SER D 180 0.64 -28.10 33.96
CA SER D 180 -0.26 -28.18 32.82
C SER D 180 -1.65 -28.64 33.25
N GLY D 181 -1.82 -28.88 34.54
CA GLY D 181 -3.13 -29.26 35.04
C GLY D 181 -4.13 -28.12 34.98
N GLU D 182 -3.70 -26.91 35.32
CA GLU D 182 -4.56 -25.74 35.35
C GLU D 182 -4.43 -24.87 34.12
N GLU D 183 -3.29 -24.95 33.42
CA GLU D 183 -3.00 -24.11 32.27
C GLU D 183 -3.24 -24.84 30.96
N LYS D 184 -4.23 -25.73 30.94
CA LYS D 184 -4.47 -26.63 29.83
C LYS D 184 -5.41 -26.03 28.79
N THR D 185 -6.61 -25.64 29.22
CA THR D 185 -7.59 -25.15 28.28
C THR D 185 -7.25 -23.76 27.78
N TRP D 186 -6.48 -22.98 28.54
CA TRP D 186 -5.96 -21.75 27.98
C TRP D 186 -4.96 -22.03 26.88
N MET D 187 -4.19 -23.10 27.02
CA MET D 187 -3.28 -23.48 25.95
C MET D 187 -4.07 -23.91 24.72
N TRP D 188 -5.20 -24.58 24.92
CA TRP D 188 -6.08 -24.92 23.81
C TRP D 188 -6.55 -23.67 23.07
N TRP D 189 -7.09 -22.70 23.83
CA TRP D 189 -7.58 -21.47 23.23
C TRP D 189 -6.46 -20.69 22.55
N HIS D 190 -5.28 -20.63 23.18
CA HIS D 190 -4.16 -19.90 22.62
C HIS D 190 -3.71 -20.49 21.30
N ASN D 191 -3.61 -21.82 21.23
CA ASN D 191 -3.25 -22.47 19.97
C ASN D 191 -4.31 -22.22 18.91
N PHE D 192 -5.59 -22.28 19.29
CA PHE D 192 -6.65 -22.07 18.32
C PHE D 192 -6.60 -20.67 17.75
N ARG D 193 -6.55 -19.65 18.59
CA ARG D 193 -6.57 -18.29 18.06
C ARG D 193 -5.25 -17.89 17.42
N THR D 194 -4.16 -18.58 17.73
CA THR D 194 -2.92 -18.34 17.01
C THR D 194 -2.98 -18.91 15.60
N LEU D 195 -3.60 -20.08 15.44
CA LEU D 195 -3.78 -20.64 14.11
C LEU D 195 -4.68 -19.76 13.25
N CYS D 196 -5.71 -19.18 13.85
CA CYS D 196 -6.66 -18.33 13.15
C CYS D 196 -6.18 -16.89 13.01
N ASP D 197 -4.92 -16.61 13.35
CA ASP D 197 -4.25 -15.32 13.15
C ASP D 197 -4.95 -14.20 13.92
N TYR D 198 -5.33 -14.47 15.17
CA TYR D 198 -5.87 -13.47 16.09
C TYR D 198 -7.03 -12.71 15.48
N SER D 199 -8.01 -13.43 14.95
CA SER D 199 -9.12 -12.80 14.26
C SER D 199 -9.95 -11.97 15.23
N LYS D 200 -10.48 -10.85 14.72
CA LYS D 200 -11.44 -10.07 15.50
C LYS D 200 -12.72 -10.84 15.73
N ARG D 201 -13.05 -11.76 14.85
CA ARG D 201 -14.34 -12.43 14.85
C ARG D 201 -14.36 -13.70 15.68
N ILE D 202 -13.27 -14.02 16.35
CA ILE D 202 -13.15 -15.23 17.15
C ILE D 202 -12.88 -14.82 18.59
N ALA D 203 -13.79 -15.19 19.48
CA ALA D 203 -13.74 -14.81 20.87
C ALA D 203 -14.00 -16.01 21.77
N VAL D 204 -14.12 -15.79 23.06
CA VAL D 204 -14.21 -16.87 24.03
C VAL D 204 -15.61 -16.88 24.64
N ALA D 205 -16.17 -18.07 24.77
CA ALA D 205 -17.30 -18.34 25.65
C ALA D 205 -16.77 -19.30 26.72
N LEU D 206 -16.59 -18.79 27.92
CA LEU D 206 -15.89 -19.49 28.98
C LEU D 206 -16.86 -20.28 29.82
N GLU D 207 -16.59 -21.57 29.99
CA GLU D 207 -17.39 -22.43 30.85
C GLU D 207 -16.81 -22.42 32.25
N ILE D 208 -17.61 -22.00 33.21
CA ILE D 208 -17.22 -21.98 34.62
C ILE D 208 -17.75 -23.26 35.26
N GLY D 209 -16.86 -24.10 35.77
CA GLY D 209 -17.23 -25.34 36.38
C GLY D 209 -17.31 -25.25 37.90
N ALA D 210 -17.46 -26.42 38.52
CA ALA D 210 -17.65 -26.46 39.97
C ALA D 210 -16.38 -26.10 40.71
N ASP D 211 -15.23 -26.50 40.19
CA ASP D 211 -13.94 -26.26 40.85
C ASP D 211 -13.16 -25.23 40.04
N LEU D 212 -12.93 -24.05 40.63
CA LEU D 212 -12.23 -22.96 39.99
C LEU D 212 -10.71 -23.15 40.08
N PRO D 213 -9.97 -22.64 39.10
CA PRO D 213 -8.51 -22.67 39.19
C PRO D 213 -7.95 -21.54 40.04
N SER D 214 -6.64 -21.41 40.08
CA SER D 214 -5.97 -20.42 40.91
C SER D 214 -6.23 -19.02 40.39
N ASN D 215 -5.76 -18.02 41.13
CA ASN D 215 -6.08 -16.63 40.83
C ASN D 215 -5.30 -16.08 39.65
N HIS D 216 -4.10 -16.61 39.38
CA HIS D 216 -3.36 -16.14 38.23
C HIS D 216 -3.85 -16.79 36.94
N VAL D 217 -4.41 -17.99 37.02
CA VAL D 217 -5.07 -18.59 35.86
C VAL D 217 -6.29 -17.76 35.49
N ILE D 218 -7.08 -17.35 36.48
CA ILE D 218 -8.21 -16.46 36.24
C ILE D 218 -7.72 -15.11 35.75
N ASP D 219 -6.53 -14.63 36.05
CA ASP D 219 -6.07 -13.33 35.45
C ASP D 219 -5.73 -13.45 33.95
N ARG D 220 -5.07 -14.54 33.55
CA ARG D 220 -4.75 -14.76 32.11
C ARG D 220 -6.04 -14.85 31.29
N TRP D 221 -7.04 -15.53 31.79
CA TRP D 221 -8.33 -15.66 31.09
C TRP D 221 -8.98 -14.29 30.99
N LEU D 222 -8.90 -13.48 32.02
CA LEU D 222 -9.56 -12.16 32.04
C LEU D 222 -8.85 -11.21 31.07
N GLY D 223 -7.60 -11.51 30.69
CA GLY D 223 -7.01 -10.68 29.62
C GLY D 223 -7.32 -11.14 28.21
N GLU D 224 -8.40 -11.94 27.98
CA GLU D 224 -8.68 -12.59 26.70
C GLU D 224 -10.00 -12.08 26.17
N PRO D 225 -10.24 -12.19 24.86
CA PRO D 225 -11.53 -11.71 24.33
C PRO D 225 -12.72 -12.55 24.75
N ILE D 226 -13.13 -12.43 26.01
CA ILE D 226 -14.26 -13.19 26.52
C ILE D 226 -15.52 -12.39 26.23
N LYS D 227 -16.36 -12.89 25.32
CA LYS D 227 -17.62 -12.22 25.05
C LYS D 227 -18.79 -12.88 25.74
N ALA D 228 -18.62 -14.07 26.29
CA ALA D 228 -19.68 -14.73 27.02
C ALA D 228 -19.08 -15.59 28.12
N ALA D 229 -19.87 -15.81 29.17
CA ALA D 229 -19.52 -16.73 30.23
C ALA D 229 -20.65 -17.75 30.36
N ILE D 230 -20.28 -19.01 30.44
CA ILE D 230 -21.24 -20.10 30.45
C ILE D 230 -21.33 -20.65 31.86
N LEU D 231 -22.51 -20.53 32.46
CA LEU D 231 -22.73 -20.96 33.84
C LEU D 231 -23.69 -22.14 33.86
N PRO D 232 -23.20 -23.36 34.07
CA PRO D 232 -24.11 -24.48 34.28
C PRO D 232 -24.93 -24.29 35.53
N THR D 233 -26.15 -24.83 35.54
CA THR D 233 -26.94 -24.80 36.75
C THR D 233 -26.40 -25.74 37.82
N SER D 234 -25.43 -26.60 37.48
CA SER D 234 -24.88 -27.55 38.43
C SER D 234 -23.79 -26.94 39.30
N ILE D 235 -23.25 -25.77 38.93
CA ILE D 235 -22.28 -25.09 39.79
C ILE D 235 -22.96 -24.24 40.85
N PHE D 236 -24.28 -24.15 40.82
CA PHE D 236 -25.01 -23.38 41.81
C PHE D 236 -25.22 -24.19 43.08
N LEU D 237 -25.00 -23.55 44.22
CA LEU D 237 -25.34 -24.14 45.50
C LEU D 237 -26.80 -23.85 45.83
N THR D 238 -27.22 -24.20 47.03
CA THR D 238 -28.61 -24.06 47.45
C THR D 238 -28.68 -23.35 48.80
N ASN D 239 -29.67 -22.47 48.94
CA ASN D 239 -29.88 -21.73 50.17
C ASN D 239 -30.45 -22.60 51.28
N LYS D 240 -30.59 -21.97 52.44
CA LYS D 240 -31.47 -22.46 53.49
C LYS D 240 -32.95 -22.32 53.11
N LYS D 241 -33.26 -21.41 52.18
CA LYS D 241 -34.59 -21.30 51.60
C LYS D 241 -34.72 -22.06 50.28
N GLY D 242 -33.64 -22.68 49.80
CA GLY D 242 -33.73 -23.54 48.63
C GLY D 242 -33.64 -22.85 47.28
N PHE D 243 -32.75 -21.89 47.15
CA PHE D 243 -32.63 -21.07 45.96
C PHE D 243 -31.25 -21.23 45.34
N PRO D 244 -31.08 -21.02 44.00
CA PRO D 244 -29.77 -21.06 43.41
C PRO D 244 -28.91 -19.95 43.99
N VAL D 245 -27.64 -20.27 44.27
CA VAL D 245 -26.64 -19.27 44.77
C VAL D 245 -25.32 -19.78 44.23
N LEU D 246 -24.25 -19.05 44.43
CA LEU D 246 -22.93 -19.53 43.98
C LEU D 246 -22.02 -19.33 45.17
N SER D 247 -20.90 -20.03 45.19
CA SER D 247 -19.92 -19.88 46.28
C SER D 247 -19.29 -18.51 46.21
N LYS D 248 -18.58 -18.08 47.26
CA LYS D 248 -17.87 -16.78 47.31
C LYS D 248 -16.74 -16.74 46.28
N MET D 249 -16.05 -17.85 46.05
CA MET D 249 -15.01 -17.85 44.98
C MET D 249 -15.69 -17.73 43.62
N HIS D 250 -16.85 -18.34 43.42
CA HIS D 250 -17.61 -18.19 42.15
C HIS D 250 -18.15 -16.78 42.05
N GLN D 251 -18.65 -16.22 43.14
CA GLN D 251 -19.24 -14.87 43.14
C GLN D 251 -18.14 -13.90 42.78
N ARG D 252 -16.92 -14.13 43.27
CA ARG D 252 -15.77 -13.23 43.00
C ARG D 252 -15.43 -13.33 41.52
N LEU D 253 -15.48 -14.52 40.94
CA LEU D 253 -15.30 -14.68 39.49
C LEU D 253 -16.39 -13.96 38.71
N ILE D 254 -17.63 -14.06 39.16
CA ILE D 254 -18.74 -13.36 38.51
C ILE D 254 -18.51 -11.86 38.58
N PHE D 255 -18.04 -11.36 39.72
CA PHE D 255 -17.82 -9.92 39.88
C PHE D 255 -16.69 -9.44 38.98
N ARG D 256 -15.64 -10.25 38.80
CA ARG D 256 -14.58 -9.87 37.88
C ARG D 256 -15.05 -9.90 36.43
N LEU D 257 -15.90 -10.86 36.08
CA LEU D 257 -16.39 -10.94 34.71
C LEU D 257 -17.41 -9.85 34.41
N LEU D 258 -18.09 -9.35 35.43
CA LEU D 258 -19.04 -8.26 35.22
C LEU D 258 -18.33 -6.96 34.85
N LYS D 259 -17.05 -6.81 35.22
CA LYS D 259 -16.29 -5.65 34.80
C LYS D 259 -16.08 -5.65 33.29
N LEU D 260 -15.85 -6.82 32.70
CA LEU D 260 -15.63 -6.91 31.26
C LEU D 260 -16.89 -6.76 30.43
N GLU D 261 -18.06 -6.70 31.09
CA GLU D 261 -19.35 -6.63 30.41
C GLU D 261 -19.54 -7.82 29.46
N VAL D 262 -19.34 -9.02 30.01
CA VAL D 262 -19.60 -10.24 29.26
C VAL D 262 -21.08 -10.53 29.39
N GLN D 263 -21.59 -11.45 28.57
CA GLN D 263 -22.94 -11.97 28.71
C GLN D 263 -22.88 -13.33 29.35
N PHE D 264 -23.82 -13.62 30.24
CA PHE D 264 -23.82 -14.88 30.97
C PHE D 264 -24.83 -15.82 30.33
N ILE D 265 -24.36 -17.00 29.96
CA ILE D 265 -25.18 -18.04 29.34
C ILE D 265 -25.46 -19.09 30.39
N ILE D 266 -26.72 -19.40 30.61
CA ILE D 266 -27.10 -20.45 31.54
C ILE D 266 -27.35 -21.72 30.73
N THR D 267 -26.64 -22.79 31.08
CA THR D 267 -26.80 -24.10 30.45
C THR D 267 -27.43 -25.07 31.44
N GLY D 268 -27.63 -26.29 30.98
CA GLY D 268 -28.11 -27.33 31.85
C GLY D 268 -29.58 -27.20 32.14
N THR D 269 -30.05 -28.07 33.02
CA THR D 269 -31.46 -28.11 33.39
C THR D 269 -31.66 -27.47 34.76
N ASN D 270 -32.93 -27.29 35.11
CA ASN D 270 -33.30 -26.68 36.39
C ASN D 270 -33.02 -27.67 37.51
N HIS D 271 -31.87 -27.50 38.16
CA HIS D 271 -31.48 -28.39 39.24
C HIS D 271 -32.15 -28.02 40.57
N HIS D 272 -32.81 -26.88 40.63
CA HIS D 272 -33.63 -26.49 41.77
C HIS D 272 -35.06 -26.48 41.27
N SER D 273 -35.68 -27.66 41.28
CA SER D 273 -36.94 -27.86 40.58
C SER D 273 -38.13 -27.26 41.30
N GLU D 274 -37.99 -26.93 42.59
CA GLU D 274 -39.10 -26.38 43.35
C GLU D 274 -39.50 -25.01 42.82
N LYS D 275 -38.53 -24.14 42.56
CA LYS D 275 -38.80 -22.84 41.97
C LYS D 275 -38.43 -22.88 40.49
N GLU D 276 -38.98 -21.92 39.75
CA GLU D 276 -38.82 -21.91 38.30
C GLU D 276 -37.39 -21.60 37.90
N PHE D 277 -37.15 -21.61 36.61
CA PHE D 277 -35.80 -21.43 36.10
C PHE D 277 -35.41 -19.96 36.08
N CYS D 278 -36.35 -19.08 36.39
CA CYS D 278 -36.09 -17.66 36.54
C CYS D 278 -35.09 -17.35 37.64
N SER D 279 -34.98 -18.25 38.63
CA SER D 279 -34.19 -17.95 39.83
C SER D 279 -32.69 -17.90 39.54
N TYR D 280 -32.22 -18.74 38.61
CA TYR D 280 -30.82 -18.70 38.22
C TYR D 280 -30.47 -17.36 37.60
N LEU D 281 -31.42 -16.77 36.87
CA LEU D 281 -31.25 -15.46 36.27
C LEU D 281 -31.39 -14.35 37.30
N GLN D 282 -32.32 -14.52 38.23
CA GLN D 282 -32.57 -13.51 39.26
C GLN D 282 -31.37 -13.36 40.18
N TYR D 283 -30.65 -14.45 40.45
CA TYR D 283 -29.43 -14.32 41.25
C TYR D 283 -28.36 -13.53 40.51
N LEU D 284 -28.21 -13.74 39.21
CA LEU D 284 -27.23 -12.96 38.45
C LEU D 284 -27.62 -11.50 38.38
N GLU D 285 -28.92 -11.22 38.26
CA GLU D 285 -29.37 -9.83 38.32
C GLU D 285 -29.09 -9.22 39.67
N TYR D 286 -29.27 -10.00 40.74
CA TYR D 286 -28.94 -9.54 42.08
C TYR D 286 -27.47 -9.19 42.20
N LEU D 287 -26.59 -10.05 41.68
CA LEU D 287 -25.16 -9.79 41.79
C LEU D 287 -24.74 -8.61 40.91
N SER D 288 -25.40 -8.42 39.77
CA SER D 288 -25.10 -7.26 38.95
C SER D 288 -25.49 -5.98 39.66
N GLN D 289 -26.64 -5.98 40.33
CA GLN D 289 -27.08 -4.81 41.09
C GLN D 289 -26.35 -4.66 42.42
N ASN D 290 -25.39 -5.52 42.75
CA ASN D 290 -24.64 -5.43 43.99
C ASN D 290 -23.13 -5.38 43.81
N ARG D 291 -22.63 -5.00 42.65
CA ARG D 291 -21.19 -4.86 42.48
C ARG D 291 -20.74 -3.47 42.89
N ASN D 295 -16.21 4.45 40.71
CA ASN D 295 -15.79 5.79 41.10
C ASN D 295 -15.94 6.78 39.95
N ALA D 296 -15.48 8.02 40.18
CA ALA D 296 -15.60 9.05 39.15
C ALA D 296 -14.67 8.77 37.97
N TYR D 297 -13.52 8.15 38.23
CA TYR D 297 -12.63 7.73 37.15
C TYR D 297 -13.31 6.69 36.27
N GLU D 298 -14.03 5.75 36.87
CA GLU D 298 -14.70 4.72 36.09
C GLU D 298 -15.87 5.28 35.30
N LEU D 299 -16.48 6.36 35.78
CA LEU D 299 -17.55 7.00 35.02
C LEU D 299 -16.97 7.84 33.88
N PHE D 300 -15.84 8.49 34.11
CA PHE D 300 -15.20 9.27 33.06
C PHE D 300 -14.63 8.36 31.98
N ALA D 301 -14.16 7.18 32.36
CA ALA D 301 -13.45 6.31 31.45
C ALA D 301 -14.36 5.42 30.62
N LYS D 302 -15.67 5.44 30.87
CA LYS D 302 -16.59 4.61 30.12
C LYS D 302 -16.71 5.12 28.68
N GLY D 303 -16.79 4.19 27.74
CA GLY D 303 -16.72 4.52 26.34
C GLY D 303 -15.32 4.65 25.80
N TYR D 304 -14.32 4.63 26.66
CA TYR D 304 -12.93 4.79 26.26
C TYR D 304 -12.07 3.58 26.60
N GLU D 305 -12.67 2.50 27.12
CA GLU D 305 -11.88 1.32 27.46
C GLU D 305 -11.37 0.63 26.20
N ASP D 306 -10.06 0.35 26.19
CA ASP D 306 -9.39 -0.38 25.11
C ASP D 306 -9.61 0.31 23.77
N TYR D 307 -9.70 1.63 23.80
CA TYR D 307 -9.89 2.47 22.63
C TYR D 307 -8.62 3.29 22.48
N LEU D 308 -7.82 2.93 21.48
CA LEU D 308 -6.54 3.59 21.30
C LEU D 308 -6.74 4.99 20.75
N GLN D 309 -6.13 5.97 21.39
CA GLN D 309 -6.01 7.28 20.76
C GLN D 309 -4.58 7.78 20.85
N SER D 310 -4.26 8.70 19.96
CA SER D 310 -2.89 9.20 19.84
C SER D 310 -2.52 10.05 21.05
N PRO D 311 -1.28 10.00 21.50
CA PRO D 311 -0.84 10.94 22.53
C PRO D 311 -0.83 12.37 22.01
N LEU D 312 -1.26 13.29 22.84
CA LEU D 312 -1.27 14.70 22.48
C LEU D 312 0.15 15.21 22.33
N GLN D 313 0.32 16.17 21.42
CA GLN D 313 1.59 16.85 21.21
C GLN D 313 1.34 18.35 21.24
N PRO D 314 1.19 18.93 22.44
CA PRO D 314 0.86 20.36 22.52
C PRO D 314 1.94 21.28 22.01
N LEU D 315 3.19 20.85 21.91
CA LEU D 315 4.26 21.74 21.47
C LEU D 315 4.18 22.02 19.98
N MET D 316 3.92 21.01 19.15
CA MET D 316 3.89 21.20 17.72
C MET D 316 2.49 21.13 17.12
N ASP D 317 1.48 20.87 17.93
CA ASP D 317 0.08 20.96 17.54
C ASP D 317 -0.62 21.92 18.49
N ASN D 318 -1.38 22.85 17.93
CA ASN D 318 -2.21 23.73 18.76
C ASN D 318 -3.46 22.96 19.15
N LEU D 319 -3.69 22.81 20.45
CA LEU D 319 -4.85 22.09 20.92
C LEU D 319 -6.12 22.90 20.68
N GLU D 320 -7.23 22.20 20.48
CA GLU D 320 -8.51 22.87 20.37
C GLU D 320 -8.98 23.33 21.75
N SER D 321 -10.04 24.13 21.76
CA SER D 321 -10.61 24.58 23.03
C SER D 321 -11.27 23.42 23.78
N GLN D 322 -11.88 22.49 23.06
CA GLN D 322 -12.47 21.32 23.69
C GLN D 322 -11.41 20.38 24.26
N THR D 323 -10.18 20.43 23.74
CA THR D 323 -9.09 19.69 24.35
C THR D 323 -8.68 20.30 25.69
N TYR D 324 -8.62 21.64 25.75
CA TYR D 324 -8.32 22.31 27.00
C TYR D 324 -9.44 22.13 28.01
N GLU D 325 -10.68 21.97 27.54
CA GLU D 325 -11.82 21.86 28.44
C GLU D 325 -11.76 20.62 29.29
N VAL D 326 -11.24 19.51 28.75
CA VAL D 326 -11.15 18.29 29.54
C VAL D 326 -9.96 18.36 30.48
N PHE D 327 -8.98 19.21 30.19
CA PHE D 327 -7.91 19.47 31.16
C PHE D 327 -8.46 20.22 32.36
N GLU D 328 -9.22 21.29 32.10
CA GLU D 328 -9.77 22.09 33.18
C GLU D 328 -10.87 21.37 33.95
N LYS D 329 -11.35 20.24 33.43
CA LYS D 329 -12.40 19.46 34.07
C LYS D 329 -11.88 18.60 35.21
N ASP D 330 -10.55 18.50 35.35
CA ASP D 330 -9.95 17.75 36.45
C ASP D 330 -9.60 18.71 37.58
N PRO D 331 -10.27 18.64 38.73
CA PRO D 331 -9.98 19.58 39.81
C PRO D 331 -8.86 19.14 40.72
N ILE D 332 -8.55 17.84 40.73
CA ILE D 332 -7.54 17.30 41.64
C ILE D 332 -6.14 17.74 41.21
N LYS D 333 -5.87 17.74 39.90
CA LYS D 333 -4.55 18.16 39.43
C LYS D 333 -4.29 19.63 39.77
N TYR D 334 -5.29 20.48 39.57
CA TYR D 334 -5.07 21.90 39.84
C TYR D 334 -5.14 22.22 41.32
N SER D 335 -5.87 21.41 42.09
CA SER D 335 -5.79 21.50 43.54
C SER D 335 -4.38 21.21 44.02
N GLN D 336 -3.76 20.18 43.45
CA GLN D 336 -2.40 19.83 43.83
C GLN D 336 -1.39 20.89 43.40
N TYR D 337 -1.56 21.45 42.20
CA TYR D 337 -0.68 22.54 41.78
C TYR D 337 -0.81 23.76 42.68
N GLN D 338 -2.05 24.11 43.05
CA GLN D 338 -2.26 25.23 43.95
C GLN D 338 -1.65 24.97 45.32
N GLN D 339 -1.74 23.73 45.80
CA GLN D 339 -1.12 23.39 47.09
C GLN D 339 0.40 23.44 47.01
N ALA D 340 0.98 23.01 45.89
CA ALA D 340 2.42 23.10 45.73
C ALA D 340 2.90 24.54 45.67
N ILE D 341 2.16 25.40 44.96
CA ILE D 341 2.53 26.82 44.91
C ILE D 341 2.34 27.45 46.28
N TYR D 342 1.30 27.04 47.01
CA TYR D 342 1.08 27.50 48.38
C TYR D 342 2.27 27.18 49.28
N LYS D 343 2.71 25.91 49.27
CA LYS D 343 3.84 25.51 50.11
C LYS D 343 5.12 26.21 49.69
N CYS D 344 5.36 26.33 48.39
CA CYS D 344 6.57 27.01 47.92
C CYS D 344 6.55 28.49 48.30
N LEU D 345 5.39 29.13 48.24
CA LEU D 345 5.30 30.55 48.57
C LEU D 345 5.52 30.77 50.06
N LEU D 346 4.99 29.87 50.90
CA LEU D 346 5.27 29.96 52.33
C LEU D 346 6.75 29.75 52.61
N ASP D 347 7.37 28.79 51.92
CA ASP D 347 8.77 28.50 52.17
C ASP D 347 9.68 29.65 51.75
N ARG D 348 9.38 30.28 50.61
CA ARG D 348 10.29 31.30 50.09
C ARG D 348 10.06 32.68 50.68
N VAL D 349 8.96 32.91 51.38
CA VAL D 349 8.70 34.21 51.99
C VAL D 349 8.42 34.02 53.47
N PRO D 350 9.27 34.53 54.36
CA PRO D 350 8.95 34.53 55.79
C PRO D 350 7.82 35.50 56.09
N GLU D 351 7.11 35.21 57.19
CA GLU D 351 5.94 36.02 57.55
C GLU D 351 6.32 37.45 57.91
N GLU D 352 7.56 37.69 58.31
CA GLU D 352 7.98 39.05 58.62
C GLU D 352 8.20 39.86 57.34
N GLU D 353 8.66 39.20 56.28
CA GLU D 353 8.87 39.83 54.98
C GLU D 353 7.68 39.62 54.05
N LYS D 354 6.49 39.41 54.63
CA LYS D 354 5.31 39.04 53.86
C LYS D 354 4.85 40.15 52.94
N ASP D 355 4.80 41.38 53.45
CA ASP D 355 4.13 42.47 52.76
C ASP D 355 5.02 43.23 51.79
N THR D 356 6.30 42.87 51.68
CA THR D 356 7.23 43.61 50.85
C THR D 356 8.01 42.75 49.86
N ASN D 357 7.82 41.43 49.86
CA ASN D 357 8.51 40.54 48.93
C ASN D 357 7.53 40.12 47.84
N VAL D 358 7.91 40.38 46.59
CA VAL D 358 7.11 40.03 45.43
C VAL D 358 7.77 38.83 44.75
N GLN D 359 7.05 37.71 44.71
CA GLN D 359 7.57 36.49 44.12
C GLN D 359 7.17 36.45 42.64
N VAL D 360 8.15 36.63 41.76
CA VAL D 360 7.88 36.60 40.33
C VAL D 360 7.63 35.14 39.93
N LEU D 361 6.38 34.83 39.63
CA LEU D 361 6.00 33.51 39.12
C LEU D 361 5.90 33.58 37.60
N MET D 362 6.27 32.48 36.95
CA MET D 362 6.06 32.34 35.52
C MET D 362 5.34 31.02 35.26
N VAL D 363 4.10 31.12 34.81
CA VAL D 363 3.33 29.96 34.37
C VAL D 363 3.66 29.74 32.90
N LEU D 364 4.33 28.63 32.60
CA LEU D 364 4.84 28.36 31.27
C LEU D 364 3.89 27.40 30.56
N GLY D 365 3.43 27.79 29.38
CA GLY D 365 2.33 27.10 28.76
C GLY D 365 1.09 27.32 29.59
N ALA D 366 0.61 28.56 29.61
CA ALA D 366 -0.44 28.95 30.55
C ALA D 366 -1.80 28.36 30.20
N GLY D 367 -1.96 27.82 29.00
CA GLY D 367 -3.22 27.20 28.63
C GLY D 367 -4.29 28.21 28.31
N ARG D 368 -5.50 27.96 28.78
CA ARG D 368 -6.57 28.94 28.73
C ARG D 368 -6.77 29.66 30.05
N GLY D 369 -5.92 29.42 31.04
CA GLY D 369 -6.08 30.03 32.34
C GLY D 369 -5.91 29.23 33.62
N PRO D 370 -6.24 27.93 33.68
CA PRO D 370 -6.52 27.32 34.99
C PRO D 370 -5.32 27.24 35.92
N LEU D 371 -4.11 27.18 35.37
CA LEU D 371 -2.91 27.11 36.20
C LEU D 371 -2.52 28.49 36.70
N VAL D 372 -2.83 29.54 35.94
CA VAL D 372 -2.71 30.91 36.42
C VAL D 372 -3.71 31.18 37.54
N ASN D 373 -4.94 30.69 37.37
CA ASN D 373 -5.93 30.81 38.45
C ASN D 373 -5.50 30.06 39.69
N ALA D 374 -4.89 28.89 39.52
CA ALA D 374 -4.34 28.16 40.67
C ALA D 374 -3.23 28.95 41.35
N SER D 375 -2.35 29.59 40.57
CA SER D 375 -1.29 30.41 41.17
C SER D 375 -1.88 31.58 41.95
N LEU D 376 -2.90 32.24 41.41
CA LEU D 376 -3.50 33.37 42.11
C LEU D 376 -4.21 32.94 43.38
N ARG D 377 -4.95 31.82 43.34
CA ARG D 377 -5.61 31.31 44.53
C ARG D 377 -4.59 30.86 45.57
N ALA D 378 -3.48 30.29 45.13
CA ALA D 378 -2.42 29.88 46.05
C ALA D 378 -1.81 31.08 46.75
N ALA D 379 -1.55 32.16 46.01
CA ALA D 379 -0.99 33.35 46.63
C ALA D 379 -2.00 34.05 47.51
N LYS D 380 -3.29 33.92 47.22
CA LYS D 380 -4.29 34.48 48.14
C LYS D 380 -4.34 33.70 49.45
N GLN D 381 -4.41 32.36 49.38
CA GLN D 381 -4.49 31.62 50.64
C GLN D 381 -3.17 31.62 51.39
N ALA D 382 -2.06 31.87 50.71
CA ALA D 382 -0.79 32.03 51.40
C ALA D 382 -0.58 33.45 51.91
N ASP D 383 -1.41 34.40 51.47
CA ASP D 383 -1.31 35.82 51.81
C ASP D 383 0.09 36.30 51.44
N ARG D 384 0.41 36.17 50.15
CA ARG D 384 1.72 36.56 49.62
C ARG D 384 1.51 37.32 48.33
N ARG D 385 2.50 38.11 47.95
CA ARG D 385 2.43 38.97 46.78
C ARG D 385 3.24 38.36 45.64
N ILE D 386 2.60 38.17 44.49
CA ILE D 386 3.21 37.55 43.32
C ILE D 386 3.03 38.47 42.12
N LYS D 387 4.04 38.50 41.26
CA LYS D 387 3.95 39.15 39.96
C LYS D 387 4.06 38.06 38.91
N LEU D 388 2.95 37.76 38.24
CA LEU D 388 2.84 36.55 37.47
C LEU D 388 3.03 36.84 35.98
N TYR D 389 3.75 35.95 35.30
CA TYR D 389 3.86 35.95 33.84
C TYR D 389 3.22 34.68 33.31
N ALA D 390 2.35 34.82 32.32
CA ALA D 390 1.64 33.70 31.74
C ALA D 390 2.11 33.55 30.30
N VAL D 391 3.09 32.71 30.08
CA VAL D 391 3.65 32.47 28.77
C VAL D 391 2.84 31.39 28.07
N GLU D 392 2.50 31.62 26.81
CA GLU D 392 1.74 30.65 26.03
C GLU D 392 2.01 30.87 24.57
N LYS D 393 2.34 29.80 23.85
CA LYS D 393 2.66 29.90 22.43
C LYS D 393 1.45 29.72 21.52
N ASN D 394 0.41 29.03 21.97
CA ASN D 394 -0.83 28.84 21.23
C ASN D 394 -1.51 30.18 20.99
N PRO D 395 -1.54 30.70 19.75
CA PRO D 395 -2.11 32.03 19.53
C PRO D 395 -3.59 32.11 19.78
N ASN D 396 -4.29 30.98 19.79
CA ASN D 396 -5.73 30.96 20.01
C ASN D 396 -6.07 30.85 21.47
N ALA D 397 -5.18 30.29 22.28
CA ALA D 397 -5.33 30.33 23.73
C ALA D 397 -4.84 31.64 24.32
N VAL D 398 -3.96 32.35 23.61
CA VAL D 398 -3.59 33.70 24.03
C VAL D 398 -4.79 34.63 23.94
N VAL D 399 -5.72 34.37 23.04
CA VAL D 399 -6.94 35.17 22.97
C VAL D 399 -7.74 35.02 24.25
N THR D 400 -7.91 33.77 24.71
CA THR D 400 -8.59 33.50 25.97
C THR D 400 -7.84 34.09 27.15
N LEU D 401 -6.52 33.96 27.16
CA LEU D 401 -5.70 34.49 28.24
C LEU D 401 -5.78 36.00 28.32
N GLU D 402 -5.79 36.68 27.18
CA GLU D 402 -5.82 38.13 27.18
C GLU D 402 -7.20 38.67 27.48
N ASN D 403 -8.25 37.93 27.15
CA ASN D 403 -9.58 38.31 27.62
C ASN D 403 -9.69 38.11 29.13
N TRP D 404 -9.08 37.04 29.65
CA TRP D 404 -8.98 36.84 31.09
C TRP D 404 -8.27 38.01 31.76
N GLN D 405 -7.14 38.43 31.19
CA GLN D 405 -6.36 39.50 31.79
C GLN D 405 -7.12 40.82 31.75
N PHE D 406 -7.77 41.12 30.63
CA PHE D 406 -8.54 42.36 30.55
C PHE D 406 -9.70 42.35 31.54
N GLU D 407 -10.39 41.22 31.66
CA GLU D 407 -11.62 41.22 32.44
C GLU D 407 -11.39 40.93 33.92
N GLU D 408 -10.44 40.06 34.27
CA GLU D 408 -10.25 39.68 35.67
C GLU D 408 -8.87 40.01 36.21
N TRP D 409 -7.80 39.55 35.54
CA TRP D 409 -6.49 39.53 36.18
C TRP D 409 -5.90 40.93 36.31
N GLY D 410 -5.97 41.72 35.26
CA GLY D 410 -5.41 43.06 35.32
C GLY D 410 -3.90 43.08 35.24
N SER D 411 -3.27 43.99 35.99
CA SER D 411 -1.84 44.21 35.90
C SER D 411 -1.01 43.18 36.63
N GLN D 412 -1.63 42.35 37.47
CA GLN D 412 -0.89 41.31 38.19
C GLN D 412 -0.31 40.30 37.22
N VAL D 413 -1.06 39.93 36.19
CA VAL D 413 -0.66 38.92 35.22
C VAL D 413 -0.23 39.61 33.93
N THR D 414 0.95 39.28 33.45
CA THR D 414 1.41 39.70 32.13
C THR D 414 1.33 38.51 31.19
N VAL D 415 0.49 38.61 30.17
CA VAL D 415 0.29 37.52 29.23
C VAL D 415 1.31 37.66 28.09
N VAL D 416 2.11 36.63 27.89
CA VAL D 416 3.15 36.61 26.88
C VAL D 416 2.74 35.61 25.82
N SER D 417 2.75 36.05 24.56
CA SER D 417 2.47 35.17 23.43
C SER D 417 3.80 34.82 22.78
N SER D 418 4.50 33.90 23.44
CA SER D 418 5.82 33.45 22.96
C SER D 418 6.03 31.99 23.32
N ASP D 419 7.13 31.40 22.89
CA ASP D 419 7.52 30.03 23.27
C ASP D 419 8.50 30.23 24.43
N MET D 420 8.36 29.49 25.52
CA MET D 420 9.24 29.65 26.70
C MET D 420 10.69 29.47 26.29
N ARG D 421 10.96 28.71 25.24
CA ARG D 421 12.33 28.44 24.87
C ARG D 421 12.99 29.58 24.11
N GLU D 422 12.20 30.46 23.50
CA GLU D 422 12.72 31.61 22.78
C GLU D 422 12.29 32.94 23.37
N TRP D 423 11.54 32.93 24.46
CA TRP D 423 11.11 34.16 25.09
C TRP D 423 12.25 34.84 25.82
N VAL D 424 12.28 36.16 25.77
CA VAL D 424 13.25 36.97 26.51
C VAL D 424 12.50 37.60 27.68
N ALA D 425 12.75 37.12 28.87
CA ALA D 425 12.03 37.61 30.03
C ALA D 425 12.59 38.97 30.47
N PRO D 426 11.73 39.84 31.02
CA PRO D 426 12.23 41.11 31.56
C PRO D 426 12.86 40.98 32.94
N GLU D 427 12.73 39.82 33.57
CA GLU D 427 13.32 39.55 34.87
C GLU D 427 13.31 38.05 35.09
N LYS D 428 13.99 37.63 36.14
CA LYS D 428 14.07 36.21 36.47
C LYS D 428 12.97 35.84 37.46
N ALA D 429 12.58 34.57 37.42
CA ALA D 429 11.46 34.08 38.20
C ALA D 429 11.92 33.49 39.52
N ASP D 430 11.00 33.46 40.48
CA ASP D 430 11.22 32.73 41.71
C ASP D 430 10.68 31.30 41.58
N ILE D 431 9.48 31.16 41.04
CA ILE D 431 8.90 29.87 40.71
C ILE D 431 8.51 29.90 39.25
N ILE D 432 8.85 28.83 38.52
CA ILE D 432 8.23 28.54 37.23
C ILE D 432 7.32 27.35 37.43
N VAL D 433 6.11 27.44 36.90
CA VAL D 433 5.09 26.42 37.03
C VAL D 433 4.69 25.98 35.64
N SER D 434 4.79 24.69 35.38
CA SER D 434 4.40 24.17 34.08
C SER D 434 3.45 23.00 34.26
N GLU D 435 2.76 22.67 33.18
CA GLU D 435 1.76 21.61 33.12
C GLU D 435 1.99 20.77 31.87
N LEU D 436 3.25 20.47 31.57
CA LEU D 436 3.64 19.88 30.30
C LEU D 436 3.88 18.38 30.39
N LEU D 437 3.17 17.70 31.27
CA LEU D 437 3.41 16.28 31.49
C LEU D 437 2.40 15.45 30.73
N GLY D 438 2.90 14.44 30.02
CA GLY D 438 2.06 13.50 29.32
C GLY D 438 1.82 12.25 30.14
N SER D 439 1.22 11.26 29.49
CA SER D 439 0.93 9.99 30.13
C SER D 439 2.18 9.21 30.51
N PHE D 440 3.33 9.54 29.92
CA PHE D 440 4.59 8.87 30.19
C PHE D 440 5.63 9.87 30.69
N ALA D 441 5.19 11.06 31.08
CA ALA D 441 5.82 12.15 31.82
C ALA D 441 6.82 12.97 31.03
N ASP D 442 7.27 12.53 29.88
CA ASP D 442 8.23 13.31 29.11
C ASP D 442 7.98 13.22 27.62
N ASN D 443 6.93 12.54 27.21
CA ASN D 443 6.52 12.41 25.82
C ASN D 443 5.89 13.67 25.25
N GLU D 444 5.85 14.75 26.01
CA GLU D 444 5.41 16.06 25.53
C GLU D 444 6.52 17.10 25.62
N LEU D 445 7.76 16.65 25.75
CA LEU D 445 8.97 17.48 25.75
C LEU D 445 8.97 18.47 26.90
N SER D 446 8.50 18.05 28.06
CA SER D 446 8.71 18.85 29.27
C SER D 446 10.19 19.05 29.59
N PRO D 447 11.09 18.05 29.49
CA PRO D 447 12.52 18.37 29.70
C PRO D 447 13.07 19.40 28.75
N GLU D 448 12.75 19.32 27.46
CA GLU D 448 13.31 20.24 26.49
C GLU D 448 12.74 21.64 26.65
N CYS D 449 11.46 21.73 27.01
CA CYS D 449 10.83 23.02 27.20
C CYS D 449 11.32 23.70 28.47
N LEU D 450 11.42 22.94 29.57
CA LEU D 450 11.90 23.52 30.82
C LEU D 450 13.41 23.73 30.82
N ASP D 451 14.13 23.10 29.91
CA ASP D 451 15.54 23.40 29.71
C ASP D 451 15.74 24.82 29.19
N GLY D 452 14.93 25.22 28.21
CA GLY D 452 15.00 26.57 27.68
C GLY D 452 14.34 27.61 28.53
N ALA D 453 13.74 27.21 29.64
CA ALA D 453 13.10 28.12 30.58
C ALA D 453 13.83 28.19 31.92
N GLN D 454 15.10 27.82 31.96
CA GLN D 454 15.89 27.92 33.18
C GLN D 454 16.74 29.18 33.24
N HIS D 455 17.02 29.80 32.10
CA HIS D 455 17.87 30.98 32.12
C HIS D 455 17.15 32.21 32.66
N PHE D 456 15.83 32.17 32.79
CA PHE D 456 15.10 33.20 33.51
C PHE D 456 14.49 32.65 34.80
N LEU D 457 15.21 31.77 35.46
CA LEU D 457 14.90 31.30 36.80
C LEU D 457 16.02 31.76 37.72
N LYS D 458 15.65 32.23 38.91
CA LYS D 458 16.66 32.67 39.85
C LYS D 458 17.45 31.47 40.38
N ASP D 459 18.64 31.75 40.91
CA ASP D 459 19.54 30.67 41.30
C ASP D 459 19.01 29.89 42.49
N ASP D 460 18.16 30.50 43.31
CA ASP D 460 17.39 29.78 44.30
C ASP D 460 15.96 29.50 43.83
N GLY D 461 15.72 29.59 42.54
CA GLY D 461 14.37 29.45 42.02
C GLY D 461 13.89 28.02 41.99
N VAL D 462 12.57 27.86 42.04
CA VAL D 462 11.91 26.57 42.15
C VAL D 462 11.13 26.31 40.87
N SER D 463 11.18 25.08 40.38
CA SER D 463 10.34 24.63 39.29
C SER D 463 9.28 23.68 39.84
N ILE D 464 8.04 23.84 39.39
CA ILE D 464 6.94 22.95 39.74
C ILE D 464 6.37 22.42 38.43
N PRO D 465 6.50 21.11 38.14
CA PRO D 465 6.95 20.01 38.98
C PRO D 465 8.44 19.92 39.20
N GLY D 466 8.81 19.59 40.43
CA GLY D 466 10.22 19.45 40.75
C GLY D 466 10.86 18.27 40.04
N GLU D 467 10.20 17.12 40.05
CA GLU D 467 10.77 15.97 39.35
C GLU D 467 9.63 15.08 38.88
N TYR D 468 9.94 14.21 37.92
CA TYR D 468 8.96 13.26 37.44
C TYR D 468 9.66 12.04 36.86
N THR D 469 9.08 10.87 37.16
CA THR D 469 9.57 9.56 36.79
C THR D 469 8.50 8.85 35.98
N SER D 470 8.93 8.08 34.99
CA SER D 470 8.04 7.23 34.22
C SER D 470 8.24 5.77 34.61
N PHE D 471 7.17 5.00 34.53
CA PHE D 471 7.14 3.62 34.97
C PHE D 471 6.64 2.75 33.83
N LEU D 472 7.13 1.51 33.78
CA LEU D 472 6.72 0.55 32.76
C LEU D 472 6.39 -0.79 33.39
N ALA D 473 5.37 -1.44 32.84
CA ALA D 473 5.05 -2.77 33.28
C ALA D 473 4.66 -3.60 32.08
N PRO D 474 5.08 -4.86 32.00
CA PRO D 474 4.68 -5.69 30.86
C PRO D 474 3.23 -6.13 30.99
N ILE D 475 2.51 -6.09 29.87
CA ILE D 475 1.10 -6.45 29.88
C ILE D 475 0.84 -7.50 28.82
N SER D 476 -0.33 -8.12 28.92
CA SER D 476 -0.83 -9.04 27.92
C SER D 476 -2.28 -8.71 27.62
N SER D 477 -2.61 -8.58 26.34
CA SER D 477 -3.99 -8.29 25.95
C SER D 477 -4.16 -8.65 24.48
N SER D 478 -5.00 -9.65 24.19
CA SER D 478 -5.29 -9.98 22.81
C SER D 478 -6.10 -8.88 22.14
N LYS D 479 -7.03 -8.26 22.88
CA LYS D 479 -7.85 -7.21 22.31
C LYS D 479 -7.04 -5.97 21.96
N LEU D 480 -6.11 -5.59 22.84
CA LEU D 480 -5.22 -4.47 22.54
C LEU D 480 -4.35 -4.76 21.34
N TYR D 481 -3.85 -5.99 21.23
CA TYR D 481 -3.06 -6.38 20.07
C TYR D 481 -3.88 -6.27 18.79
N ASN D 482 -5.12 -6.77 18.81
CA ASN D 482 -5.97 -6.64 17.62
C ASN D 482 -6.34 -5.20 17.33
N GLU D 483 -6.47 -4.35 18.35
CA GLU D 483 -6.72 -2.93 18.11
C GLU D 483 -5.54 -2.28 17.41
N VAL D 484 -4.32 -2.64 17.84
CA VAL D 484 -3.13 -2.10 17.20
C VAL D 484 -3.02 -2.57 15.76
N ARG D 485 -3.32 -3.85 15.49
CA ARG D 485 -3.37 -4.31 14.09
C ARG D 485 -4.42 -3.57 13.29
N ALA D 486 -5.62 -3.37 13.86
CA ALA D 486 -6.67 -2.63 13.17
C ALA D 486 -6.30 -1.18 12.94
N CYS D 487 -5.29 -0.67 13.64
CA CYS D 487 -4.80 0.67 13.40
C CYS D 487 -3.88 0.78 12.17
N ARG D 488 -3.74 -0.29 11.38
CA ARG D 488 -2.98 -0.21 10.14
C ARG D 488 -3.64 0.75 9.16
N GLU D 489 -2.82 1.63 8.58
CA GLU D 489 -3.27 2.61 7.62
C GLU D 489 -2.60 2.37 6.28
N LYS D 490 -3.28 2.75 5.22
CA LYS D 490 -2.64 2.73 3.91
C LYS D 490 -1.71 3.94 3.78
N ASP D 491 -0.87 3.88 2.75
CA ASP D 491 0.14 4.90 2.46
C ASP D 491 1.14 5.08 3.59
N ARG D 492 1.48 4.00 4.28
CA ARG D 492 2.52 4.02 5.30
C ARG D 492 3.04 2.61 5.50
N ASP D 493 4.04 2.48 6.35
CA ASP D 493 4.62 1.19 6.68
C ASP D 493 3.55 0.25 7.20
N PRO D 494 3.41 -0.96 6.67
CA PRO D 494 2.33 -1.85 7.10
C PRO D 494 2.46 -2.34 8.53
N GLU D 495 3.48 -1.93 9.26
CA GLU D 495 3.64 -2.42 10.63
C GLU D 495 4.13 -1.29 11.52
N ALA D 496 3.98 -0.05 11.06
CA ALA D 496 4.30 1.15 11.84
C ALA D 496 3.37 1.35 13.01
N GLN D 497 2.17 0.80 12.96
CA GLN D 497 1.23 0.94 14.06
C GLN D 497 1.72 0.28 15.34
N PHE D 498 2.69 -0.63 15.25
CA PHE D 498 3.28 -1.28 16.39
C PHE D 498 4.46 -0.51 16.94
N GLU D 499 4.81 0.62 16.33
CA GLU D 499 5.95 1.41 16.75
C GLU D 499 5.54 2.79 17.24
N MET D 500 4.27 2.96 17.60
CA MET D 500 3.74 4.15 18.20
C MET D 500 3.19 3.83 19.58
N PRO D 501 3.39 4.70 20.56
CA PRO D 501 2.61 4.59 21.79
C PRO D 501 1.18 5.05 21.56
N TYR D 502 0.29 4.49 22.35
CA TYR D 502 -1.13 4.81 22.30
C TYR D 502 -1.60 5.18 23.68
N VAL D 503 -2.26 6.33 23.80
CA VAL D 503 -2.96 6.66 25.04
C VAL D 503 -4.23 5.83 25.03
N VAL D 504 -4.34 4.93 26.00
CA VAL D 504 -5.42 3.95 26.01
C VAL D 504 -5.87 3.71 27.44
N ARG D 505 -7.19 3.73 27.67
CA ARG D 505 -7.76 3.24 28.91
C ARG D 505 -7.79 1.72 28.83
N LEU D 506 -6.62 1.14 28.92
CA LEU D 506 -6.45 -0.29 28.78
C LEU D 506 -7.15 -1.03 29.91
N HIS D 507 -8.14 -1.83 29.53
CA HIS D 507 -9.13 -2.42 30.41
C HIS D 507 -9.16 -3.94 30.32
N ASN D 508 -9.22 -4.48 29.10
CA ASN D 508 -9.21 -5.94 28.88
C ASN D 508 -7.77 -6.35 28.63
N PHE D 509 -7.03 -6.50 29.73
CA PHE D 509 -5.60 -6.76 29.63
C PHE D 509 -5.19 -7.52 30.87
N HIS D 510 -4.00 -8.13 30.80
CA HIS D 510 -3.40 -8.79 31.94
C HIS D 510 -2.01 -8.22 32.15
N GLN D 511 -1.73 -7.73 33.35
CA GLN D 511 -0.45 -7.14 33.68
C GLN D 511 0.47 -8.22 34.24
N LEU D 512 1.62 -8.43 33.59
CA LEU D 512 2.47 -9.56 33.90
C LEU D 512 3.43 -9.32 35.06
N SER D 513 3.68 -8.07 35.43
CA SER D 513 4.62 -7.79 36.51
C SER D 513 4.38 -6.37 37.01
N ALA D 514 5.00 -6.04 38.14
CA ALA D 514 4.83 -4.72 38.72
C ALA D 514 5.58 -3.68 37.90
N PRO D 515 5.10 -2.43 37.89
CA PRO D 515 5.84 -1.37 37.20
C PRO D 515 7.19 -1.08 37.84
N GLN D 516 8.14 -0.68 37.01
CA GLN D 516 9.45 -0.25 37.49
C GLN D 516 9.81 1.09 36.86
N PRO D 517 10.57 1.92 37.57
CA PRO D 517 10.87 3.27 37.07
C PRO D 517 11.77 3.25 35.85
N CYS D 518 11.40 4.02 34.82
CA CYS D 518 12.14 4.06 33.57
C CYS D 518 13.05 5.28 33.45
N PHE D 519 12.49 6.48 33.42
CA PHE D 519 13.25 7.71 33.19
C PHE D 519 12.88 8.73 34.25
N THR D 520 13.87 9.45 34.75
CA THR D 520 13.65 10.47 35.77
C THR D 520 14.20 11.79 35.26
N PHE D 521 13.41 12.85 35.36
CA PHE D 521 13.86 14.20 35.04
C PHE D 521 13.58 15.08 36.23
N SER D 522 14.50 15.98 36.53
CA SER D 522 14.39 16.87 37.67
C SER D 522 14.72 18.28 37.23
N HIS D 523 13.96 19.25 37.74
CA HIS D 523 14.09 20.63 37.33
C HIS D 523 14.22 21.53 38.55
N PRO D 524 15.10 22.54 38.51
CA PRO D 524 16.01 22.85 37.41
C PRO D 524 17.21 21.93 37.33
N ASN D 525 17.68 21.67 36.11
CA ASN D 525 18.83 20.80 35.90
C ASN D 525 20.07 21.69 35.89
N ASP D 531 21.79 16.51 29.10
CA ASP D 531 21.38 15.53 28.10
C ASP D 531 20.07 14.90 28.55
N ASN D 532 19.05 15.00 27.72
CA ASN D 532 17.77 14.37 27.98
C ASN D 532 17.65 13.03 27.27
N ASN D 533 18.67 12.60 26.55
CA ASN D 533 18.72 11.24 26.03
C ASN D 533 18.92 10.27 27.18
N ARG D 534 18.18 9.17 27.15
CA ARG D 534 18.20 8.24 28.26
C ARG D 534 18.24 6.82 27.74
N TYR D 535 18.75 5.91 28.57
CA TYR D 535 18.78 4.48 28.28
C TYR D 535 18.48 3.74 29.56
N CYS D 536 17.45 2.91 29.53
CA CYS D 536 16.98 2.18 30.69
C CYS D 536 16.87 0.71 30.35
N THR D 537 17.29 -0.16 31.26
CA THR D 537 17.11 -1.60 31.17
C THR D 537 16.25 -2.04 32.34
N LEU D 538 15.14 -2.72 32.06
CA LEU D 538 14.24 -3.17 33.11
C LEU D 538 14.03 -4.67 32.98
N GLU D 539 14.21 -5.38 34.09
CA GLU D 539 14.01 -6.82 34.16
C GLU D 539 12.80 -7.11 35.04
N PHE D 540 11.77 -7.70 34.45
CA PHE D 540 10.51 -7.95 35.14
C PHE D 540 10.40 -9.42 35.47
N PRO D 541 10.45 -9.82 36.74
CA PRO D 541 10.20 -11.21 37.11
C PRO D 541 8.77 -11.62 36.80
N VAL D 542 8.61 -12.74 36.13
CA VAL D 542 7.30 -13.25 35.73
C VAL D 542 6.99 -14.51 36.51
N GLU D 543 5.79 -14.58 37.08
CA GLU D 543 5.34 -15.72 37.86
C GLU D 543 4.18 -16.45 37.20
N VAL D 544 3.91 -16.19 35.92
CA VAL D 544 2.79 -16.78 35.20
C VAL D 544 3.29 -17.24 33.84
N ASN D 545 2.39 -17.76 33.02
CA ASN D 545 2.74 -18.35 31.73
C ASN D 545 1.85 -17.71 30.67
N THR D 546 2.34 -16.60 30.11
CA THR D 546 1.52 -15.71 29.31
C THR D 546 2.07 -15.47 27.92
N VAL D 547 1.48 -14.53 27.20
CA VAL D 547 2.01 -14.05 25.94
C VAL D 547 2.07 -12.52 26.01
N LEU D 548 3.28 -11.98 25.91
CA LEU D 548 3.51 -10.54 26.07
C LEU D 548 3.11 -9.80 24.81
N HIS D 549 2.33 -8.73 24.99
CA HIS D 549 1.81 -7.93 23.89
C HIS D 549 2.29 -6.48 23.90
N GLY D 550 2.81 -5.99 25.02
CA GLY D 550 3.28 -4.62 25.07
C GLY D 550 3.65 -4.25 26.48
N PHE D 551 3.96 -2.96 26.65
CA PHE D 551 4.34 -2.39 27.93
C PHE D 551 3.46 -1.19 28.21
N ALA D 552 2.87 -1.15 29.40
CA ALA D 552 2.05 -0.02 29.82
C ALA D 552 2.91 0.93 30.63
N GLY D 553 2.85 2.20 30.29
CA GLY D 553 3.68 3.22 30.91
C GLY D 553 2.84 4.23 31.68
N TYR D 554 3.30 4.54 32.89
CA TYR D 554 2.66 5.44 33.83
C TYR D 554 3.69 6.48 34.24
N PHE D 555 3.31 7.34 35.17
CA PHE D 555 4.28 8.29 35.68
C PHE D 555 3.88 8.71 37.09
N GLU D 556 4.88 9.24 37.80
CA GLU D 556 4.70 9.91 39.08
C GLU D 556 5.47 11.20 39.02
N THR D 557 4.90 12.28 39.56
CA THR D 557 5.58 13.56 39.57
C THR D 557 5.48 14.16 40.96
N VAL D 558 6.59 14.76 41.40
CA VAL D 558 6.64 15.55 42.62
C VAL D 558 6.64 17.01 42.19
N LEU D 559 5.55 17.71 42.54
CA LEU D 559 5.43 19.14 42.26
C LEU D 559 6.21 19.94 43.28
N TYR D 560 5.87 19.79 44.55
CA TYR D 560 6.65 20.31 45.66
C TYR D 560 6.73 19.21 46.70
N GLN D 561 7.17 19.56 47.91
CA GLN D 561 7.77 18.65 48.90
C GLN D 561 7.11 17.29 48.99
N ASP D 562 5.85 17.25 49.41
CA ASP D 562 5.10 16.00 49.52
C ASP D 562 3.86 16.02 48.64
N ILE D 563 3.77 16.96 47.70
CA ILE D 563 2.63 17.08 46.82
C ILE D 563 3.00 16.39 45.50
N THR D 564 2.29 15.32 45.19
CA THR D 564 2.61 14.45 44.06
C THR D 564 1.36 14.21 43.24
N LEU D 565 1.56 13.97 41.96
CA LEU D 565 0.52 13.47 41.07
C LEU D 565 1.00 12.18 40.44
N SER D 566 0.18 11.14 40.50
CA SER D 566 0.62 9.85 40.01
C SER D 566 -0.50 9.13 39.30
N ILE D 567 -0.18 8.52 38.17
CA ILE D 567 -1.12 7.64 37.48
C ILE D 567 -0.69 6.18 37.57
N ARG D 568 0.35 5.89 38.32
CA ARG D 568 0.77 4.52 38.55
C ARG D 568 -0.32 3.78 39.32
N PRO D 569 -0.75 2.60 38.88
CA PRO D 569 -2.00 2.02 39.40
C PRO D 569 -1.92 1.58 40.86
N GLU D 570 -0.75 1.61 41.49
CA GLU D 570 -0.67 1.37 42.92
C GLU D 570 -0.76 2.66 43.72
N THR D 571 -0.22 3.75 43.19
CA THR D 571 -0.17 5.04 43.87
C THR D 571 -1.00 6.06 43.10
N HIS D 572 -2.04 5.60 42.40
CA HIS D 572 -2.85 6.47 41.57
C HIS D 572 -3.53 7.53 42.42
N SER D 573 -3.42 8.78 41.98
CA SER D 573 -4.10 9.86 42.66
C SER D 573 -5.60 9.69 42.49
N PRO D 574 -6.39 9.76 43.57
CA PRO D 574 -7.79 9.34 43.49
C PRO D 574 -8.65 10.33 42.71
N GLY D 575 -9.38 9.79 41.74
CA GLY D 575 -10.29 10.60 40.95
C GLY D 575 -9.63 11.57 40.01
N MET D 576 -8.36 11.34 39.68
CA MET D 576 -7.59 12.24 38.85
C MET D 576 -7.45 11.60 37.47
N PHE D 577 -8.26 12.08 36.52
CA PHE D 577 -8.41 11.42 35.22
C PHE D 577 -7.81 12.25 34.09
N SER D 578 -6.82 13.09 34.38
CA SER D 578 -6.17 13.86 33.32
C SER D 578 -5.36 12.99 32.38
N TRP D 579 -4.88 11.84 32.87
CA TRP D 579 -3.95 11.01 32.13
C TRP D 579 -4.40 9.56 32.16
N PHE D 580 -4.55 8.96 30.99
CA PHE D 580 -4.64 7.52 30.82
C PHE D 580 -3.24 6.95 30.75
N PRO D 581 -3.08 5.63 30.90
CA PRO D 581 -1.75 5.04 30.66
C PRO D 581 -1.36 5.11 29.20
N ILE D 582 -0.07 5.01 28.96
CA ILE D 582 0.48 4.92 27.62
C ILE D 582 0.70 3.44 27.33
N LEU D 583 0.71 3.07 26.06
CA LEU D 583 0.96 1.68 25.67
C LEU D 583 2.01 1.67 24.57
N PHE D 584 3.08 0.92 24.79
CA PHE D 584 4.08 0.64 23.77
C PHE D 584 3.89 -0.79 23.30
N PRO D 585 3.40 -1.03 22.08
CA PRO D 585 3.23 -2.39 21.61
C PRO D 585 4.54 -3.00 21.15
N ILE D 586 4.48 -4.30 20.84
CA ILE D 586 5.54 -5.00 20.16
C ILE D 586 4.95 -5.67 18.94
N LYS D 587 5.74 -5.79 17.88
CA LYS D 587 5.22 -6.24 16.60
C LYS D 587 4.73 -7.68 16.65
N GLN D 588 5.47 -8.55 17.33
CA GLN D 588 5.08 -9.95 17.43
C GLN D 588 5.01 -10.34 18.89
N PRO D 589 3.93 -10.99 19.32
CA PRO D 589 3.80 -11.36 20.74
C PRO D 589 4.88 -12.34 21.16
N ILE D 590 5.31 -12.21 22.41
CA ILE D 590 6.45 -12.98 22.92
C ILE D 590 5.94 -13.90 24.01
N THR D 591 5.97 -15.21 23.75
CA THR D 591 5.41 -16.15 24.72
C THR D 591 6.38 -16.34 25.88
N VAL D 592 5.90 -16.10 27.09
CA VAL D 592 6.71 -16.14 28.30
C VAL D 592 6.18 -17.25 29.18
N ARG D 593 7.08 -17.93 29.88
CA ARG D 593 6.74 -19.00 30.79
C ARG D 593 7.12 -18.60 32.20
N GLU D 594 6.83 -19.46 33.17
CA GLU D 594 7.05 -19.13 34.57
C GLU D 594 8.53 -19.05 34.90
N GLY D 595 8.87 -18.16 35.82
CA GLY D 595 10.25 -18.00 36.22
C GLY D 595 11.16 -17.41 35.16
N GLN D 596 10.58 -16.91 34.08
CA GLN D 596 11.31 -16.29 32.98
C GLN D 596 11.12 -14.79 33.10
N THR D 597 12.17 -14.08 33.50
CA THR D 597 12.08 -12.61 33.52
C THR D 597 12.03 -12.07 32.09
N ILE D 598 11.32 -10.97 31.93
CA ILE D 598 11.27 -10.22 30.69
C ILE D 598 12.21 -9.04 30.82
N CYS D 599 13.24 -9.00 29.99
CA CYS D 599 14.17 -7.87 29.98
C CYS D 599 13.86 -7.01 28.77
N VAL D 600 13.49 -5.76 29.03
CA VAL D 600 13.18 -4.76 28.00
C VAL D 600 14.15 -3.62 28.18
N ARG D 601 14.40 -2.90 27.09
CA ARG D 601 15.28 -1.76 27.10
C ARG D 601 14.60 -0.60 26.38
N PHE D 602 14.56 0.54 27.05
CA PHE D 602 13.99 1.76 26.49
C PHE D 602 15.07 2.79 26.27
N TRP D 603 14.98 3.48 25.13
CA TRP D 603 15.84 4.61 24.83
C TRP D 603 14.97 5.83 24.62
N ARG D 604 15.36 6.94 25.23
CA ARG D 604 14.82 8.25 24.91
C ARG D 604 15.84 8.93 24.03
N CYS D 605 15.54 9.01 22.75
CA CYS D 605 16.45 9.51 21.73
C CYS D 605 15.96 10.85 21.24
N SER D 606 16.87 11.61 20.62
CA SER D 606 16.53 12.96 20.19
C SER D 606 17.57 13.44 19.19
N ASN D 607 17.20 14.49 18.47
CA ASN D 607 18.15 15.31 17.73
C ASN D 607 17.70 16.76 17.92
N SER D 608 18.20 17.67 17.09
CA SER D 608 17.81 19.06 17.20
C SER D 608 16.36 19.27 16.81
N LYS D 609 15.81 18.40 15.97
CA LYS D 609 14.48 18.58 15.40
C LYS D 609 13.41 17.78 16.14
N LYS D 610 13.69 16.54 16.49
CA LYS D 610 12.69 15.60 16.97
C LYS D 610 13.17 14.91 18.23
N VAL D 611 12.21 14.35 18.97
CA VAL D 611 12.46 13.44 20.08
C VAL D 611 11.56 12.23 19.88
N TRP D 612 12.08 11.04 20.17
CA TRP D 612 11.29 9.83 20.05
C TRP D 612 11.70 8.84 21.13
N TYR D 613 11.00 7.71 21.17
CA TYR D 613 11.33 6.57 22.01
C TYR D 613 11.63 5.37 21.14
N GLU D 614 12.56 4.56 21.60
CA GLU D 614 12.80 3.25 21.03
C GLU D 614 12.72 2.22 22.14
N TRP D 615 12.27 1.02 21.79
CA TRP D 615 12.23 -0.04 22.77
C TRP D 615 12.48 -1.37 22.08
N ALA D 616 12.97 -2.33 22.87
CA ALA D 616 13.27 -3.66 22.39
C ALA D 616 13.22 -4.60 23.57
N VAL D 617 12.53 -5.72 23.42
CA VAL D 617 12.57 -6.80 24.40
C VAL D 617 13.79 -7.63 24.10
N THR D 618 14.63 -7.88 25.11
CA THR D 618 15.81 -8.68 24.92
C THR D 618 15.76 -10.02 25.63
N ALA D 619 14.89 -10.19 26.62
CA ALA D 619 14.69 -11.50 27.22
C ALA D 619 13.21 -11.70 27.46
N PRO D 620 12.70 -12.95 27.35
CA PRO D 620 13.38 -14.22 27.08
C PRO D 620 13.70 -14.44 25.60
N VAL D 621 13.03 -13.68 24.73
CA VAL D 621 13.21 -13.75 23.30
C VAL D 621 13.40 -12.33 22.79
N CYS D 622 14.46 -12.09 22.03
CA CYS D 622 14.67 -10.76 21.48
C CYS D 622 13.60 -10.40 20.46
N SER D 623 13.29 -9.11 20.40
CA SER D 623 12.49 -8.52 19.35
C SER D 623 13.32 -7.44 18.70
N ALA D 624 12.83 -6.91 17.59
CA ALA D 624 13.51 -5.81 16.93
C ALA D 624 13.42 -4.55 17.77
N ILE D 625 14.36 -3.62 17.58
CA ILE D 625 14.16 -2.29 18.13
C ILE D 625 12.96 -1.66 17.45
N HIS D 626 12.00 -1.22 18.24
CA HIS D 626 10.79 -0.60 17.74
C HIS D 626 11.01 0.90 17.64
N ASN D 627 10.59 1.48 16.52
CA ASN D 627 10.73 2.88 16.16
C ASN D 627 12.19 3.31 16.04
N PRO D 628 13.00 2.73 15.16
CA PRO D 628 14.36 3.27 14.97
C PRO D 628 14.32 4.60 14.26
N THR D 629 15.14 5.55 14.73
CA THR D 629 15.23 6.91 14.24
C THR D 629 13.92 7.67 14.30
N GLY D 630 12.94 7.18 15.05
CA GLY D 630 11.64 7.80 15.07
C GLY D 630 10.95 7.72 13.73
N ARG D 631 11.08 6.59 13.05
CA ARG D 631 10.54 6.48 11.70
C ARG D 631 9.02 6.34 11.72
N SER D 632 8.45 5.90 12.83
CA SER D 632 7.02 5.72 12.95
C SER D 632 6.38 6.69 13.92
N TYR D 633 7.17 7.33 14.79
CA TYR D 633 6.63 8.21 15.80
C TYR D 633 7.72 9.11 16.35
N THR D 634 7.56 10.42 16.22
CA THR D 634 8.45 11.39 16.84
C THR D 634 7.60 12.42 17.56
N ILE D 635 8.21 13.11 18.51
CA ILE D 635 7.58 14.27 19.12
C ILE D 635 8.32 15.48 18.59
N GLY D 636 7.62 16.37 17.90
CA GLY D 636 8.29 17.50 17.27
C GLY D 636 8.68 18.61 18.23
N LEU D 637 9.97 18.96 18.21
CA LEU D 637 10.47 20.09 18.99
C LEU D 637 10.08 21.41 18.35
N ALA E 23 -53.35 -41.62 18.91
CA ALA E 23 -52.46 -41.86 17.79
C ALA E 23 -52.48 -40.68 16.83
N PRO E 24 -51.32 -40.05 16.63
CA PRO E 24 -51.24 -38.95 15.68
C PRO E 24 -51.43 -39.44 14.25
N ALA E 25 -51.84 -38.51 13.39
CA ALA E 25 -52.21 -38.85 12.01
C ALA E 25 -51.03 -39.38 11.22
N CYS E 26 -49.87 -38.73 11.36
CA CYS E 26 -48.65 -39.11 10.66
C CYS E 26 -47.52 -39.17 11.66
N MET E 27 -46.53 -40.02 11.39
CA MET E 27 -45.35 -40.04 12.24
C MET E 27 -44.13 -39.58 11.47
N GLU E 28 -43.07 -39.37 12.24
CA GLU E 28 -41.87 -38.70 11.79
C GLU E 28 -41.01 -39.65 10.96
N ARG E 29 -40.20 -39.06 10.08
CA ARG E 29 -39.49 -39.86 9.09
C ARG E 29 -38.41 -40.71 9.72
N GLN E 30 -37.69 -40.18 10.70
CA GLN E 30 -36.53 -40.84 11.27
C GLN E 30 -37.01 -41.80 12.35
N LEU E 31 -37.07 -43.08 12.02
CA LEU E 31 -37.38 -44.12 12.99
C LEU E 31 -36.12 -44.41 13.79
N GLU E 32 -36.19 -44.24 15.11
CA GLU E 32 -35.00 -44.30 15.94
C GLU E 32 -34.82 -45.64 16.62
N ALA E 33 -35.90 -46.30 17.02
CA ALA E 33 -35.75 -47.57 17.72
C ALA E 33 -36.92 -48.48 17.41
N ALA E 34 -36.69 -49.78 17.62
CA ALA E 34 -37.69 -50.81 17.41
C ALA E 34 -37.36 -51.98 18.31
N ARG E 35 -38.26 -52.31 19.23
CA ARG E 35 -38.05 -53.42 20.14
C ARG E 35 -39.25 -54.36 20.14
N TYR E 36 -38.97 -55.65 20.13
CA TYR E 36 -40.00 -56.68 20.28
C TYR E 36 -40.17 -57.02 21.76
N ARG E 37 -41.41 -57.20 22.19
CA ARG E 37 -41.63 -57.75 23.51
C ARG E 37 -41.98 -59.23 23.38
N SER E 38 -42.26 -59.86 24.53
CA SER E 38 -42.45 -61.31 24.56
C SER E 38 -43.67 -61.76 23.78
N ASP E 39 -44.69 -60.90 23.68
CA ASP E 39 -45.85 -61.21 22.84
C ASP E 39 -45.47 -61.28 21.37
N GLY E 40 -44.37 -60.64 20.99
CA GLY E 40 -44.03 -60.43 19.60
C GLY E 40 -44.50 -59.11 19.03
N ALA E 41 -45.10 -58.26 19.85
CA ALA E 41 -45.49 -56.93 19.41
C ALA E 41 -44.26 -56.04 19.23
N LEU E 42 -44.35 -55.11 18.29
CA LEU E 42 -43.25 -54.23 17.96
C LEU E 42 -43.49 -52.85 18.57
N LEU E 43 -42.43 -52.24 19.05
CA LEU E 43 -42.46 -50.90 19.59
C LEU E 43 -41.54 -50.04 18.76
N LEU E 44 -42.12 -49.06 18.07
CA LEU E 44 -41.41 -48.14 17.22
C LEU E 44 -41.26 -46.81 17.94
N GLY E 45 -40.05 -46.28 17.96
CA GLY E 45 -39.84 -44.95 18.46
C GLY E 45 -39.24 -44.10 17.37
N ALA E 46 -39.93 -43.02 17.02
CA ALA E 46 -39.53 -42.17 15.91
C ALA E 46 -39.31 -40.75 16.42
N SER E 47 -38.50 -40.00 15.69
CA SER E 47 -38.32 -38.58 15.97
C SER E 47 -38.21 -37.84 14.66
N SER E 48 -38.60 -36.57 14.68
CA SER E 48 -38.41 -35.68 13.55
C SER E 48 -37.08 -34.96 13.74
N LEU E 49 -36.18 -35.12 12.79
CA LEU E 49 -34.88 -34.49 12.87
C LEU E 49 -34.71 -33.39 11.84
N SER E 50 -35.74 -33.12 11.03
CA SER E 50 -35.79 -31.98 10.13
C SER E 50 -37.16 -31.37 10.19
N GLY E 51 -37.32 -30.25 9.51
CA GLY E 51 -38.60 -29.60 9.44
C GLY E 51 -38.92 -28.78 10.67
N ARG E 52 -40.15 -28.28 10.70
CA ARG E 52 -40.54 -27.26 11.66
C ARG E 52 -40.47 -27.75 13.11
N CYS E 53 -40.92 -28.98 13.37
CA CYS E 53 -41.05 -29.48 14.73
C CYS E 53 -40.15 -30.69 14.92
N TRP E 54 -39.23 -30.61 15.87
CA TRP E 54 -38.36 -31.74 16.22
C TRP E 54 -38.91 -32.44 17.46
N ALA E 55 -40.02 -33.12 17.28
CA ALA E 55 -40.64 -33.90 18.31
C ALA E 55 -40.42 -35.37 18.01
N GLY E 56 -41.06 -36.23 18.79
CA GLY E 56 -40.95 -37.67 18.59
C GLY E 56 -42.29 -38.33 18.86
N SER E 57 -42.31 -39.65 18.70
CA SER E 57 -43.53 -40.40 18.90
C SER E 57 -43.21 -41.84 19.24
N LEU E 58 -44.13 -42.45 19.96
CA LEU E 58 -44.12 -43.87 20.30
C LEU E 58 -45.25 -44.56 19.56
N TRP E 59 -45.00 -45.78 19.10
CA TRP E 59 -46.00 -46.57 18.38
C TRP E 59 -45.89 -48.01 18.81
N LEU E 60 -47.03 -48.63 19.07
CA LEU E 60 -47.11 -50.06 19.34
C LEU E 60 -47.86 -50.70 18.19
N PHE E 61 -47.20 -51.65 17.54
CA PHE E 61 -47.75 -52.42 16.43
C PHE E 61 -47.83 -53.86 16.91
N LYS E 62 -49.01 -54.27 17.39
CA LYS E 62 -49.21 -55.67 17.72
C LYS E 62 -49.31 -56.54 16.48
N ASP E 63 -49.55 -55.92 15.31
CA ASP E 63 -49.38 -56.53 14.00
C ASP E 63 -48.09 -55.97 13.40
N PRO E 64 -46.95 -56.62 13.63
CA PRO E 64 -45.67 -55.99 13.31
C PRO E 64 -45.41 -55.82 11.82
N CYS E 65 -46.15 -56.49 10.96
CA CYS E 65 -45.95 -56.34 9.52
C CYS E 65 -46.67 -55.12 8.95
N ALA E 66 -47.58 -54.52 9.71
CA ALA E 66 -48.27 -53.32 9.27
C ALA E 66 -47.46 -52.04 9.49
N ALA E 67 -46.34 -52.14 10.18
CA ALA E 67 -45.43 -51.02 10.35
C ALA E 67 -44.71 -50.74 9.04
N PRO E 68 -44.38 -49.47 8.76
CA PRO E 68 -44.57 -48.24 9.53
C PRO E 68 -45.81 -47.43 9.17
N ASN E 69 -46.95 -48.10 8.97
CA ASN E 69 -48.18 -47.41 8.57
C ASN E 69 -48.94 -46.99 9.81
N GLU E 70 -49.14 -45.67 9.97
CA GLU E 70 -49.73 -45.14 11.18
C GLU E 70 -51.19 -45.53 11.36
N GLY E 71 -51.89 -45.88 10.28
CA GLY E 71 -53.29 -46.26 10.41
C GLY E 71 -53.50 -47.58 11.12
N PHE E 72 -52.68 -48.57 10.81
CA PHE E 72 -52.84 -49.91 11.38
C PHE E 72 -51.90 -50.09 12.58
N CYS E 73 -52.04 -49.21 13.56
CA CYS E 73 -51.23 -49.25 14.76
C CYS E 73 -52.10 -49.60 15.96
N SER E 74 -51.54 -50.36 16.89
CA SER E 74 -52.27 -50.66 18.12
C SER E 74 -52.31 -49.45 19.05
N ALA E 75 -51.18 -48.75 19.20
CA ALA E 75 -51.15 -47.58 20.06
C ALA E 75 -50.16 -46.58 19.50
N GLY E 76 -50.33 -45.32 19.90
CA GLY E 76 -49.43 -44.28 19.44
C GLY E 76 -49.57 -43.00 20.23
N VAL E 77 -48.45 -42.38 20.57
CA VAL E 77 -48.46 -41.14 21.35
C VAL E 77 -47.38 -40.23 20.81
N GLN E 78 -47.57 -38.93 21.00
CA GLN E 78 -46.62 -37.91 20.60
C GLN E 78 -45.88 -37.42 21.86
N THR E 79 -44.56 -37.37 21.77
CA THR E 79 -43.73 -36.86 22.85
C THR E 79 -43.37 -35.40 22.58
N GLU E 80 -42.91 -34.72 23.63
CA GLU E 80 -42.59 -33.27 23.51
C GLU E 80 -41.29 -33.08 22.72
N ALA E 81 -40.38 -34.04 22.80
CA ALA E 81 -39.10 -33.93 22.11
C ALA E 81 -38.75 -35.25 21.47
N GLY E 82 -37.57 -35.35 20.88
CA GLY E 82 -37.22 -36.53 20.11
C GLY E 82 -36.99 -37.74 20.99
N VAL E 83 -36.98 -38.89 20.33
CA VAL E 83 -36.74 -40.17 20.98
C VAL E 83 -35.33 -40.59 20.61
N ALA E 84 -34.37 -40.35 21.52
CA ALA E 84 -33.00 -40.76 21.24
C ALA E 84 -32.81 -42.25 21.40
N ASP E 85 -33.48 -42.86 22.37
CA ASP E 85 -33.42 -44.30 22.59
C ASP E 85 -34.67 -44.70 23.36
N LEU E 86 -34.92 -46.00 23.40
CA LEU E 86 -36.00 -46.55 24.22
C LEU E 86 -35.70 -48.00 24.53
N THR E 87 -36.50 -48.55 25.44
CA THR E 87 -36.37 -49.93 25.86
C THR E 87 -37.69 -50.33 26.50
N TRP E 88 -37.89 -51.63 26.64
CA TRP E 88 -39.04 -52.17 27.35
C TRP E 88 -38.68 -52.34 28.82
N VAL E 89 -39.52 -51.82 29.69
CA VAL E 89 -39.41 -52.10 31.12
C VAL E 89 -40.47 -53.16 31.40
N GLY E 90 -40.08 -54.43 31.27
CA GLY E 90 -41.04 -55.50 31.44
C GLY E 90 -41.95 -55.60 30.24
N GLU E 91 -43.25 -55.60 30.49
CA GLU E 91 -44.25 -55.87 29.46
C GLU E 91 -45.07 -54.65 29.07
N ARG E 92 -45.31 -53.72 30.00
CA ARG E 92 -46.19 -52.59 29.73
C ARG E 92 -45.45 -51.26 29.76
N GLY E 93 -44.15 -51.25 30.00
CA GLY E 93 -43.46 -50.00 30.19
C GLY E 93 -42.43 -49.69 29.12
N ILE E 94 -42.43 -48.44 28.66
CA ILE E 94 -41.48 -47.97 27.66
C ILE E 94 -40.65 -46.88 28.32
N LEU E 95 -39.34 -47.08 28.37
CA LEU E 95 -38.43 -46.13 29.00
C LEU E 95 -37.67 -45.38 27.92
N VAL E 96 -38.00 -44.11 27.74
CA VAL E 96 -37.52 -43.30 26.65
C VAL E 96 -36.42 -42.39 27.15
N ALA E 97 -35.35 -42.27 26.36
CA ALA E 97 -34.37 -41.22 26.51
C ALA E 97 -34.74 -40.10 25.56
N SER E 98 -34.82 -38.87 26.06
CA SER E 98 -35.28 -37.77 25.24
C SER E 98 -34.13 -36.82 24.92
N ASP E 99 -34.38 -35.94 23.95
CA ASP E 99 -33.42 -34.88 23.63
C ASP E 99 -33.46 -33.76 24.65
N SER E 100 -34.54 -33.64 25.40
CA SER E 100 -34.72 -32.58 26.37
C SER E 100 -34.02 -32.85 27.68
N GLY E 101 -33.18 -33.88 27.74
CA GLY E 101 -32.55 -34.29 28.97
C GLY E 101 -33.41 -35.17 29.83
N ALA E 102 -34.59 -35.54 29.38
CA ALA E 102 -35.56 -36.23 30.19
C ALA E 102 -35.44 -37.73 30.01
N VAL E 103 -35.45 -38.44 31.12
CA VAL E 103 -35.76 -39.87 31.11
C VAL E 103 -37.24 -40.00 31.38
N GLU E 104 -37.95 -40.64 30.47
CA GLU E 104 -39.39 -40.76 30.51
C GLU E 104 -39.75 -42.22 30.74
N LEU E 105 -40.76 -42.45 31.55
CA LEU E 105 -41.39 -43.76 31.63
C LEU E 105 -42.83 -43.57 31.19
N TRP E 106 -43.17 -44.19 30.07
CA TRP E 106 -44.53 -44.32 29.57
C TRP E 106 -45.04 -45.71 29.91
N GLU E 107 -46.33 -45.88 30.08
CA GLU E 107 -46.84 -47.24 30.32
C GLU E 107 -48.03 -47.46 29.40
N LEU E 108 -48.11 -48.63 28.79
CA LEU E 108 -49.27 -48.98 27.94
C LEU E 108 -50.45 -49.21 28.86
N ASP E 109 -51.64 -48.79 28.45
CA ASP E 109 -52.89 -49.01 29.25
C ASP E 109 -53.27 -50.49 29.19
N GLU E 110 -54.19 -50.95 30.05
CA GLU E 110 -54.53 -52.39 30.11
C GLU E 110 -55.11 -52.86 28.77
N ASN E 111 -55.94 -52.03 28.11
CA ASN E 111 -56.50 -52.36 26.78
C ASN E 111 -55.38 -52.41 25.74
N GLU E 112 -54.29 -51.66 25.93
CA GLU E 112 -53.11 -51.61 25.02
C GLU E 112 -53.40 -50.63 23.89
N THR E 113 -54.39 -49.76 24.05
CA THR E 113 -54.76 -48.79 23.03
C THR E 113 -54.28 -47.39 23.33
N LEU E 114 -53.71 -47.14 24.50
CA LEU E 114 -53.12 -45.85 24.81
C LEU E 114 -51.74 -46.06 25.43
N ILE E 115 -50.85 -45.11 25.15
CA ILE E 115 -49.56 -45.01 25.82
C ILE E 115 -49.63 -43.79 26.73
N VAL E 116 -49.59 -44.01 28.04
CA VAL E 116 -49.75 -42.93 29.01
C VAL E 116 -48.45 -42.75 29.76
N SER E 117 -48.18 -41.51 30.17
CA SER E 117 -46.90 -41.15 30.75
C SER E 117 -46.91 -41.38 32.26
N LYS E 118 -45.92 -42.13 32.75
CA LYS E 118 -45.79 -42.37 34.18
C LYS E 118 -44.87 -41.35 34.85
N PHE E 119 -43.70 -41.09 34.28
CA PHE E 119 -42.91 -39.94 34.74
C PHE E 119 -42.08 -39.38 33.61
N CYS E 120 -41.60 -38.17 33.81
CA CYS E 120 -40.70 -37.50 32.86
C CYS E 120 -39.76 -36.64 33.67
N LYS E 121 -38.56 -37.16 33.97
CA LYS E 121 -37.65 -36.53 34.90
C LYS E 121 -36.47 -35.91 34.15
N TYR E 122 -36.25 -34.63 34.37
CA TYR E 122 -35.18 -33.87 33.73
C TYR E 122 -34.00 -33.82 34.68
N GLU E 123 -33.09 -34.79 34.55
CA GLU E 123 -31.93 -34.84 35.41
C GLU E 123 -30.62 -34.70 34.66
N HIS E 124 -30.61 -34.97 33.36
CA HIS E 124 -29.43 -34.78 32.53
C HIS E 124 -29.44 -33.36 31.98
N ASP E 125 -28.26 -32.79 31.84
CA ASP E 125 -28.13 -31.43 31.34
C ASP E 125 -28.08 -31.36 29.83
N ASP E 126 -28.13 -32.50 29.15
CA ASP E 126 -27.99 -32.56 27.71
C ASP E 126 -28.81 -33.72 27.18
N ILE E 127 -28.67 -34.01 25.89
CA ILE E 127 -29.43 -35.08 25.24
C ILE E 127 -29.07 -36.41 25.89
N VAL E 128 -30.08 -37.11 26.41
CA VAL E 128 -29.83 -38.43 26.97
C VAL E 128 -29.57 -39.37 25.80
N SER E 129 -28.30 -39.70 25.58
CA SER E 129 -27.90 -40.49 24.43
C SER E 129 -28.49 -41.89 24.49
N THR E 130 -28.45 -42.52 25.66
CA THR E 130 -28.74 -43.94 25.74
C THR E 130 -29.37 -44.28 27.07
N VAL E 131 -30.16 -45.33 27.10
CA VAL E 131 -30.84 -45.80 28.29
C VAL E 131 -30.87 -47.31 28.25
N SER E 132 -30.82 -47.95 29.42
CA SER E 132 -30.83 -49.39 29.52
C SER E 132 -31.47 -49.77 30.84
N VAL E 133 -32.00 -50.99 30.93
CA VAL E 133 -32.68 -51.46 32.12
C VAL E 133 -31.85 -52.57 32.74
N LEU E 134 -31.50 -52.41 34.01
CA LEU E 134 -30.71 -53.39 34.72
C LEU E 134 -31.51 -54.68 34.93
N SER E 135 -30.79 -55.77 35.19
CA SER E 135 -31.36 -57.11 35.07
C SER E 135 -32.51 -57.37 36.02
N SER E 136 -32.62 -56.61 37.12
CA SER E 136 -33.76 -56.79 38.01
C SER E 136 -35.04 -56.18 37.44
N GLY E 137 -34.94 -55.34 36.42
CA GLY E 137 -36.10 -54.74 35.81
C GLY E 137 -36.72 -53.61 36.60
N THR E 138 -36.12 -53.23 37.73
CA THR E 138 -36.62 -52.15 38.54
C THR E 138 -35.64 -50.98 38.63
N GLN E 139 -34.45 -51.11 38.05
CA GLN E 139 -33.49 -50.03 38.00
C GLN E 139 -33.02 -49.87 36.58
N ALA E 140 -32.71 -48.63 36.21
CA ALA E 140 -32.25 -48.30 34.87
C ALA E 140 -30.96 -47.53 34.96
N VAL E 141 -30.30 -47.39 33.82
CA VAL E 141 -29.08 -46.60 33.71
C VAL E 141 -29.18 -45.75 32.46
N SER E 142 -28.83 -44.48 32.55
CA SER E 142 -28.93 -43.55 31.45
C SER E 142 -27.60 -42.82 31.26
N GLY E 143 -27.18 -42.73 30.02
CA GLY E 143 -25.99 -41.96 29.67
C GLY E 143 -26.38 -40.81 28.77
N SER E 144 -25.71 -39.68 28.94
CA SER E 144 -26.10 -38.43 28.32
C SER E 144 -24.95 -37.81 27.56
N LYS E 145 -25.21 -36.71 26.88
CA LYS E 145 -24.14 -35.96 26.21
C LYS E 145 -23.53 -35.03 27.26
N ASP E 146 -24.04 -35.09 28.50
CA ASP E 146 -23.57 -34.24 29.63
C ASP E 146 -22.43 -34.93 30.39
N ILE E 147 -22.01 -36.13 29.97
CA ILE E 147 -20.87 -36.88 30.56
C ILE E 147 -21.25 -37.66 31.83
N CYS E 148 -22.21 -37.21 32.66
CA CYS E 148 -22.58 -38.06 33.79
C CYS E 148 -23.47 -39.23 33.36
N ILE E 149 -23.42 -40.29 34.16
CA ILE E 149 -24.20 -41.51 33.97
C ILE E 149 -25.07 -41.68 35.20
N LYS E 150 -26.38 -41.77 35.02
CA LYS E 150 -27.29 -41.80 36.15
C LYS E 150 -27.97 -43.14 36.27
N VAL E 151 -27.92 -43.72 37.47
CA VAL E 151 -28.64 -44.94 37.79
C VAL E 151 -29.93 -44.55 38.49
N TRP E 152 -31.05 -45.05 37.97
CA TRP E 152 -32.39 -44.65 38.33
C TRP E 152 -33.10 -45.80 39.04
N ASP E 153 -33.81 -45.48 40.10
CA ASP E 153 -34.81 -46.38 40.66
C ASP E 153 -36.13 -46.10 39.96
N LEU E 154 -36.57 -47.02 39.11
CA LEU E 154 -37.76 -46.77 38.32
C LEU E 154 -39.02 -46.76 39.18
N ALA E 155 -39.04 -47.55 40.26
CA ALA E 155 -40.22 -47.61 41.11
C ALA E 155 -40.44 -46.32 41.89
N GLN E 156 -39.36 -45.71 42.37
CA GLN E 156 -39.47 -44.46 43.12
C GLN E 156 -39.34 -43.22 42.27
N GLN E 157 -39.09 -43.38 40.96
CA GLN E 157 -39.01 -42.28 39.99
C GLN E 157 -37.97 -41.23 40.39
N VAL E 158 -36.84 -41.69 40.92
CA VAL E 158 -35.74 -40.85 41.33
C VAL E 158 -34.45 -41.36 40.69
N VAL E 159 -33.36 -40.67 41.00
CA VAL E 159 -32.03 -41.09 40.59
C VAL E 159 -31.31 -41.60 41.82
N LEU E 160 -30.89 -42.87 41.76
CA LEU E 160 -30.10 -43.41 42.86
C LEU E 160 -28.67 -42.87 42.83
N SER E 161 -28.06 -42.81 41.65
CA SER E 161 -26.65 -42.46 41.60
C SER E 161 -26.35 -41.62 40.36
N SER E 162 -25.36 -40.77 40.47
CA SER E 162 -24.85 -40.00 39.34
C SER E 162 -23.34 -40.14 39.31
N TYR E 163 -22.80 -40.46 38.15
CA TYR E 163 -21.40 -40.84 38.01
C TYR E 163 -20.77 -40.04 36.87
N ARG E 164 -20.07 -38.96 37.21
CA ARG E 164 -19.26 -38.22 36.25
C ARG E 164 -17.89 -38.90 36.23
N ALA E 165 -17.78 -39.93 35.38
CA ALA E 165 -16.57 -40.72 35.31
C ALA E 165 -15.87 -40.66 33.97
N HIS E 166 -16.61 -40.42 32.89
CA HIS E 166 -15.99 -40.26 31.59
C HIS E 166 -15.44 -38.84 31.45
N ALA E 167 -14.86 -38.56 30.30
CA ALA E 167 -14.44 -37.20 29.98
C ALA E 167 -15.26 -36.57 28.88
N ALA E 168 -15.89 -37.37 28.03
CA ALA E 168 -16.70 -36.90 26.93
C ALA E 168 -18.08 -37.56 27.00
N GLN E 169 -18.90 -37.30 25.99
CA GLN E 169 -20.29 -37.75 26.01
C GLN E 169 -20.38 -39.26 25.96
N VAL E 170 -21.36 -39.81 26.68
CA VAL E 170 -21.51 -41.25 26.77
C VAL E 170 -22.27 -41.74 25.54
N THR E 171 -21.70 -42.72 24.85
CA THR E 171 -22.29 -43.23 23.62
C THR E 171 -23.29 -44.36 23.87
N CYS E 172 -22.90 -45.36 24.66
CA CYS E 172 -23.78 -46.48 24.95
C CYS E 172 -23.59 -46.92 26.38
N VAL E 173 -24.70 -47.25 27.05
CA VAL E 173 -24.69 -48.00 28.30
C VAL E 173 -25.46 -49.29 28.06
N ALA E 174 -24.95 -50.38 28.61
CA ALA E 174 -25.45 -51.71 28.33
C ALA E 174 -25.54 -52.48 29.64
N ALA E 175 -26.76 -52.70 30.13
CA ALA E 175 -26.94 -53.44 31.37
C ALA E 175 -26.66 -54.92 31.17
N SER E 176 -26.12 -55.53 32.22
CA SER E 176 -25.86 -56.96 32.18
C SER E 176 -27.18 -57.73 32.27
N PRO E 177 -27.32 -58.84 31.54
CA PRO E 177 -28.53 -59.65 31.66
C PRO E 177 -28.52 -60.55 32.88
N HIS E 178 -27.37 -60.75 33.51
CA HIS E 178 -27.24 -61.67 34.61
C HIS E 178 -27.06 -60.97 35.95
N LYS E 179 -26.06 -60.10 36.06
CA LYS E 179 -25.76 -59.42 37.32
C LYS E 179 -26.39 -58.03 37.30
N ASP E 180 -27.24 -57.75 38.29
CA ASP E 180 -28.03 -56.52 38.28
C ASP E 180 -27.17 -55.27 38.42
N SER E 181 -26.24 -55.28 39.37
CA SER E 181 -25.44 -54.09 39.63
C SER E 181 -24.46 -53.80 38.51
N VAL E 182 -24.13 -54.79 37.70
CA VAL E 182 -23.08 -54.66 36.70
C VAL E 182 -23.66 -54.14 35.39
N PHE E 183 -22.97 -53.19 34.77
CA PHE E 183 -23.31 -52.77 33.42
C PHE E 183 -22.03 -52.29 32.74
N LEU E 184 -22.17 -51.83 31.51
CA LEU E 184 -21.05 -51.36 30.72
C LEU E 184 -21.38 -49.96 30.20
N SER E 185 -20.35 -49.19 29.92
CA SER E 185 -20.58 -47.89 29.29
C SER E 185 -19.37 -47.50 28.48
N CYS E 186 -19.58 -47.23 27.21
CA CYS E 186 -18.53 -46.68 26.35
C CYS E 186 -18.75 -45.19 26.19
N SER E 187 -17.69 -44.49 25.80
CA SER E 187 -17.84 -43.07 25.62
C SER E 187 -16.84 -42.54 24.58
N GLU E 188 -17.04 -41.28 24.23
CA GLU E 188 -16.24 -40.59 23.22
C GLU E 188 -14.82 -40.30 23.69
N ASP E 189 -14.51 -40.52 24.96
CA ASP E 189 -13.15 -40.40 25.46
C ASP E 189 -12.37 -41.70 25.36
N ASN E 190 -12.82 -42.61 24.49
CA ASN E 190 -12.16 -43.88 24.20
C ASN E 190 -12.06 -44.77 25.43
N ARG E 191 -13.14 -44.84 26.20
CA ARG E 191 -13.19 -45.66 27.40
C ARG E 191 -14.42 -46.56 27.36
N ILE E 192 -14.19 -47.83 27.66
CA ILE E 192 -15.24 -48.78 28.01
C ILE E 192 -15.04 -49.11 29.48
N LEU E 193 -15.99 -48.69 30.31
CA LEU E 193 -15.94 -48.92 31.73
C LEU E 193 -16.94 -49.99 32.11
N LEU E 194 -16.51 -50.96 32.91
CA LEU E 194 -17.39 -51.95 33.52
C LEU E 194 -17.75 -51.48 34.92
N TRP E 195 -19.04 -51.43 35.22
CA TRP E 195 -19.53 -50.84 36.45
C TRP E 195 -20.14 -51.92 37.33
N ASP E 196 -19.70 -51.96 38.59
CA ASP E 196 -20.39 -52.70 39.64
C ASP E 196 -20.85 -51.68 40.66
N THR E 197 -22.17 -51.45 40.72
CA THR E 197 -22.72 -50.41 41.58
C THR E 197 -22.48 -50.70 43.06
N ARG E 198 -22.21 -51.95 43.42
CA ARG E 198 -21.99 -52.29 44.81
C ARG E 198 -20.62 -51.83 45.32
N CYS E 199 -19.63 -51.69 44.44
CA CYS E 199 -18.29 -51.34 44.86
C CYS E 199 -18.22 -49.89 45.31
N PRO E 200 -17.28 -49.56 46.22
CA PRO E 200 -17.06 -48.15 46.56
C PRO E 200 -16.54 -47.32 45.39
N LYS E 201 -15.67 -47.89 44.56
CA LYS E 201 -15.29 -47.27 43.29
C LYS E 201 -15.81 -48.14 42.17
N PRO E 202 -16.95 -47.80 41.57
CA PRO E 202 -17.66 -48.77 40.73
C PRO E 202 -17.00 -49.04 39.39
N ALA E 203 -16.47 -48.03 38.71
CA ALA E 203 -16.01 -48.21 37.35
C ALA E 203 -14.67 -48.91 37.28
N SER E 204 -14.47 -49.66 36.19
CA SER E 204 -13.22 -50.37 35.94
C SER E 204 -12.91 -50.25 34.46
N GLN E 205 -11.74 -49.72 34.14
CA GLN E 205 -11.33 -49.52 32.75
C GLN E 205 -11.14 -50.86 32.03
N ILE E 206 -12.04 -51.20 31.11
CA ILE E 206 -11.88 -52.42 30.31
C ILE E 206 -10.93 -52.07 29.18
N GLY E 207 -9.65 -52.33 29.42
CA GLY E 207 -8.61 -51.98 28.47
C GLY E 207 -8.62 -52.80 27.20
N TYR E 213 -9.65 -46.44 18.11
CA TYR E 213 -10.92 -45.98 17.57
C TYR E 213 -11.97 -45.99 18.65
N LEU E 214 -12.87 -45.02 18.59
CA LEU E 214 -13.81 -44.79 19.68
C LEU E 214 -14.86 -45.90 19.70
N PRO E 215 -15.16 -46.46 20.88
CA PRO E 215 -16.23 -47.48 20.98
C PRO E 215 -17.59 -46.82 20.81
N THR E 216 -18.40 -47.35 19.91
CA THR E 216 -19.69 -46.73 19.62
C THR E 216 -20.88 -47.60 20.03
N SER E 217 -20.71 -48.91 20.15
CA SER E 217 -21.83 -49.73 20.57
C SER E 217 -21.32 -50.89 21.42
N LEU E 218 -22.17 -51.34 22.33
CA LEU E 218 -21.88 -52.40 23.28
C LEU E 218 -23.02 -53.40 23.24
N ALA E 219 -22.71 -54.64 23.62
CA ALA E 219 -23.73 -55.67 23.81
C ALA E 219 -23.21 -56.78 24.72
N TRP E 220 -23.99 -57.19 25.71
CA TRP E 220 -23.64 -58.33 26.52
C TRP E 220 -24.04 -59.62 25.83
N HIS E 221 -23.19 -60.63 25.93
CA HIS E 221 -23.54 -61.95 25.42
C HIS E 221 -24.66 -62.54 26.28
N PRO E 222 -25.76 -63.01 25.67
CA PRO E 222 -26.90 -63.44 26.48
C PRO E 222 -26.62 -64.66 27.34
N GLN E 223 -25.75 -65.57 26.89
CA GLN E 223 -25.44 -66.79 27.62
C GLN E 223 -24.17 -66.69 28.43
N GLN E 224 -23.08 -66.20 27.83
CA GLN E 224 -21.82 -66.11 28.54
C GLN E 224 -21.82 -64.90 29.46
N SER E 225 -21.37 -65.10 30.70
CA SER E 225 -21.53 -64.08 31.73
C SER E 225 -20.53 -62.94 31.59
N GLU E 226 -19.28 -63.24 31.26
CA GLU E 226 -18.23 -62.24 31.22
C GLU E 226 -17.73 -61.98 29.81
N VAL E 227 -18.61 -62.16 28.83
CA VAL E 227 -18.29 -61.92 27.42
C VAL E 227 -19.21 -60.81 26.92
N PHE E 228 -18.62 -59.80 26.29
CA PHE E 228 -19.40 -58.75 25.64
C PHE E 228 -18.74 -58.36 24.33
N VAL E 229 -19.54 -57.92 23.40
CA VAL E 229 -19.05 -57.49 22.10
C VAL E 229 -19.22 -55.97 22.01
N PHE E 230 -18.33 -55.33 21.26
CA PHE E 230 -18.44 -53.88 21.08
C PHE E 230 -17.95 -53.52 19.69
N GLY E 231 -18.61 -52.55 19.09
CA GLY E 231 -18.26 -52.06 17.76
C GLY E 231 -17.80 -50.62 17.84
N ASP E 232 -16.79 -50.28 17.05
CA ASP E 232 -16.19 -48.97 17.11
C ASP E 232 -16.64 -48.11 15.92
N GLU E 233 -16.02 -46.95 15.78
CA GLU E 233 -16.40 -45.96 14.78
C GLU E 233 -15.75 -46.18 13.43
N ASN E 234 -14.92 -47.20 13.27
CA ASN E 234 -14.31 -47.50 11.99
C ASN E 234 -14.99 -48.69 11.34
N GLY E 235 -15.95 -49.31 12.03
CA GLY E 235 -16.67 -50.44 11.49
C GLY E 235 -16.28 -51.78 12.05
N THR E 236 -15.35 -51.82 13.01
CA THR E 236 -14.83 -53.08 13.53
C THR E 236 -15.65 -53.52 14.74
N VAL E 237 -16.09 -54.77 14.73
CA VAL E 237 -16.82 -55.39 15.82
C VAL E 237 -15.89 -56.40 16.49
N SER E 238 -15.68 -56.24 17.79
CA SER E 238 -14.69 -57.01 18.53
C SER E 238 -15.31 -57.60 19.77
N LEU E 239 -14.91 -58.83 20.09
CA LEU E 239 -15.43 -59.56 21.23
C LEU E 239 -14.40 -59.56 22.35
N VAL E 240 -14.85 -59.30 23.57
CA VAL E 240 -13.98 -59.10 24.72
C VAL E 240 -14.47 -59.97 25.87
N ASP E 241 -13.53 -60.62 26.56
CA ASP E 241 -13.79 -61.32 27.80
C ASP E 241 -13.57 -60.35 28.96
N THR E 242 -14.57 -60.20 29.81
CA THR E 242 -14.48 -59.32 30.97
C THR E 242 -13.49 -59.84 31.99
N LEU E 249 -10.85 -61.93 19.26
CA LEU E 249 -11.72 -61.81 18.10
C LEU E 249 -11.95 -60.36 17.70
N SER E 250 -11.96 -60.13 16.38
CA SER E 250 -12.36 -58.86 15.80
C SER E 250 -12.74 -59.12 14.36
N SER E 251 -13.50 -58.19 13.79
CA SER E 251 -13.95 -58.34 12.41
C SER E 251 -14.31 -56.98 11.85
N ALA E 252 -13.78 -56.66 10.66
CA ALA E 252 -14.11 -55.43 9.96
C ALA E 252 -15.47 -55.64 9.29
N VAL E 253 -16.52 -55.59 10.11
CA VAL E 253 -17.86 -55.94 9.63
C VAL E 253 -18.40 -54.89 8.70
N HIS E 254 -18.22 -53.61 9.04
CA HIS E 254 -18.81 -52.51 8.31
C HIS E 254 -17.72 -51.54 7.86
N SER E 255 -18.13 -50.55 7.08
CA SER E 255 -17.22 -49.50 6.63
C SER E 255 -17.35 -48.22 7.43
N GLN E 256 -18.48 -48.02 8.13
CA GLN E 256 -18.67 -46.83 8.94
C GLN E 256 -19.05 -47.20 10.36
N CYS E 257 -19.41 -46.19 11.15
CA CYS E 257 -19.71 -46.33 12.57
C CYS E 257 -20.72 -47.43 12.85
N VAL E 258 -20.30 -48.44 13.61
CA VAL E 258 -21.23 -49.49 14.05
C VAL E 258 -22.17 -48.87 15.07
N THR E 259 -23.44 -48.76 14.71
CA THR E 259 -24.42 -48.08 15.55
C THR E 259 -24.97 -48.98 16.63
N GLY E 260 -25.40 -50.19 16.28
CA GLY E 260 -26.00 -51.08 17.23
C GLY E 260 -25.42 -52.47 17.11
N LEU E 261 -25.66 -53.27 18.14
CA LEU E 261 -25.21 -54.66 18.18
C LEU E 261 -26.25 -55.45 18.96
N VAL E 262 -26.97 -56.35 18.27
CA VAL E 262 -28.07 -57.10 18.87
C VAL E 262 -27.79 -58.58 18.70
N PHE E 263 -28.01 -59.35 19.76
CA PHE E 263 -27.78 -60.80 19.76
C PHE E 263 -29.10 -61.52 19.54
N SER E 264 -29.06 -62.57 18.71
CA SER E 264 -30.25 -63.36 18.42
C SER E 264 -30.65 -64.20 19.62
N PRO E 265 -31.93 -64.57 19.74
CA PRO E 265 -32.39 -65.36 20.88
C PRO E 265 -32.07 -66.84 20.81
N HIS E 266 -31.21 -67.28 19.89
CA HIS E 266 -30.87 -68.68 19.77
C HIS E 266 -30.01 -69.13 20.94
N SER E 267 -29.90 -70.45 21.11
CA SER E 267 -29.06 -70.98 22.18
C SER E 267 -27.59 -70.66 21.93
N VAL E 268 -27.14 -70.77 20.70
CA VAL E 268 -25.89 -70.13 20.25
C VAL E 268 -26.27 -68.95 19.35
N PRO E 269 -25.92 -67.73 19.74
CA PRO E 269 -26.56 -66.56 19.10
C PRO E 269 -25.77 -65.99 17.94
N PHE E 270 -26.53 -65.48 16.98
CA PHE E 270 -25.99 -64.62 15.94
C PHE E 270 -26.04 -63.16 16.42
N LEU E 271 -25.16 -62.35 15.87
CA LEU E 271 -25.04 -60.96 16.24
C LEU E 271 -25.47 -60.09 15.07
N ALA E 272 -26.46 -59.23 15.29
CA ALA E 272 -26.94 -58.30 14.28
C ALA E 272 -26.23 -56.97 14.44
N SER E 273 -25.40 -56.62 13.48
CA SER E 273 -24.63 -55.38 13.50
C SER E 273 -25.26 -54.39 12.53
N LEU E 274 -25.49 -53.18 13.01
CA LEU E 274 -26.03 -52.08 12.24
C LEU E 274 -24.94 -51.05 12.06
N SER E 275 -25.02 -50.28 10.98
CA SER E 275 -24.02 -49.25 10.82
C SER E 275 -24.58 -48.06 10.06
N GLU E 276 -23.75 -47.04 9.95
CA GLU E 276 -24.10 -45.80 9.28
C GLU E 276 -23.84 -45.84 7.78
N ASP E 277 -23.25 -46.93 7.28
CA ASP E 277 -23.17 -47.14 5.85
C ASP E 277 -24.42 -47.85 5.32
N CYS E 278 -25.51 -47.83 6.11
CA CYS E 278 -26.85 -48.19 5.69
C CYS E 278 -26.99 -49.68 5.38
N SER E 279 -26.28 -50.52 6.13
CA SER E 279 -26.31 -51.96 5.90
C SER E 279 -26.46 -52.70 7.22
N LEU E 280 -27.05 -53.89 7.13
CA LEU E 280 -27.20 -54.81 8.23
C LEU E 280 -26.31 -56.02 7.98
N ALA E 281 -25.65 -56.51 9.02
CA ALA E 281 -24.85 -57.72 8.88
C ALA E 281 -25.15 -58.65 10.04
N VAL E 282 -25.41 -59.92 9.75
CA VAL E 282 -25.64 -60.93 10.77
C VAL E 282 -24.43 -61.86 10.79
N LEU E 283 -23.85 -62.02 11.97
CA LEU E 283 -22.59 -62.70 12.21
C LEU E 283 -22.83 -63.91 13.09
N ASP E 284 -21.97 -64.91 12.98
CA ASP E 284 -22.07 -66.08 13.84
C ASP E 284 -21.19 -65.87 15.08
N SER E 285 -20.95 -66.95 15.83
CA SER E 285 -20.24 -66.86 17.09
C SER E 285 -18.76 -66.53 16.93
N SER E 286 -18.22 -66.63 15.72
CA SER E 286 -16.82 -66.31 15.47
C SER E 286 -16.65 -64.97 14.80
N LEU E 287 -17.69 -64.14 14.81
CA LEU E 287 -17.71 -62.84 14.13
C LEU E 287 -17.41 -62.98 12.65
N SER E 288 -17.96 -64.01 12.03
CA SER E 288 -17.86 -64.20 10.59
C SER E 288 -19.24 -64.04 9.96
N GLU E 289 -19.27 -63.42 8.79
CA GLU E 289 -20.51 -62.92 8.22
C GLU E 289 -21.37 -64.05 7.67
N LEU E 290 -22.63 -64.08 8.09
CA LEU E 290 -23.62 -65.01 7.56
C LEU E 290 -24.64 -64.33 6.66
N PHE E 291 -25.12 -63.15 7.04
CA PHE E 291 -26.17 -62.47 6.29
C PHE E 291 -25.78 -61.01 6.12
N ARG E 292 -26.23 -60.42 5.02
CA ARG E 292 -25.99 -59.00 4.78
C ARG E 292 -27.16 -58.43 4.01
N SER E 293 -27.66 -57.29 4.47
CA SER E 293 -28.81 -56.64 3.88
C SER E 293 -28.47 -55.18 3.59
N GLN E 294 -28.93 -54.70 2.44
CA GLN E 294 -28.79 -53.31 2.06
C GLN E 294 -30.14 -52.76 1.63
N ALA E 295 -31.20 -53.16 2.35
CA ALA E 295 -32.55 -52.74 2.03
C ALA E 295 -32.83 -51.30 2.45
N HIS E 296 -31.93 -50.67 3.18
CA HIS E 296 -32.14 -49.33 3.71
C HIS E 296 -31.38 -48.32 2.87
N ARG E 297 -32.03 -47.20 2.57
CA ARG E 297 -31.43 -46.12 1.81
C ARG E 297 -30.98 -44.97 2.71
N ASP E 298 -31.04 -45.14 4.02
CA ASP E 298 -30.51 -44.19 4.98
C ASP E 298 -29.95 -45.00 6.15
N PHE E 299 -29.57 -44.29 7.21
CA PHE E 299 -28.92 -44.93 8.34
C PHE E 299 -29.81 -45.99 8.94
N VAL E 300 -29.23 -47.11 9.34
CA VAL E 300 -29.96 -48.19 9.98
C VAL E 300 -29.77 -48.01 11.49
N ARG E 301 -30.87 -47.86 12.21
CA ARG E 301 -30.81 -47.40 13.59
C ARG E 301 -30.95 -48.54 14.59
N ASP E 302 -32.05 -49.30 14.52
CA ASP E 302 -32.27 -50.37 15.47
C ASP E 302 -32.63 -51.65 14.72
N ALA E 303 -32.23 -52.76 15.32
CA ALA E 303 -32.56 -54.10 14.86
C ALA E 303 -33.11 -54.86 16.05
N THR E 304 -34.06 -55.75 15.81
CA THR E 304 -34.62 -56.56 16.87
C THR E 304 -35.02 -57.90 16.29
N TRP E 305 -34.73 -58.97 17.02
CA TRP E 305 -35.06 -60.31 16.57
C TRP E 305 -36.44 -60.67 17.06
N SER E 306 -37.20 -61.35 16.21
CA SER E 306 -38.56 -61.72 16.58
C SER E 306 -38.51 -62.83 17.62
N PRO E 307 -39.27 -62.71 18.70
CA PRO E 307 -39.28 -63.79 19.70
C PRO E 307 -40.11 -64.97 19.24
N LEU E 308 -41.13 -64.70 18.42
CA LEU E 308 -41.96 -65.76 17.87
C LEU E 308 -41.21 -66.53 16.78
N ASN E 309 -40.56 -65.81 15.87
CA ASN E 309 -39.86 -66.40 14.74
C ASN E 309 -38.40 -66.01 14.85
N HIS E 310 -37.58 -66.93 15.38
CA HIS E 310 -36.19 -66.60 15.69
C HIS E 310 -35.35 -66.28 14.47
N SER E 311 -35.83 -66.62 13.27
CA SER E 311 -35.14 -66.27 12.05
C SER E 311 -35.49 -64.89 11.52
N LEU E 312 -36.49 -64.24 12.10
CA LEU E 312 -36.99 -62.96 11.62
C LEU E 312 -36.26 -61.84 12.34
N LEU E 313 -35.73 -60.89 11.57
CA LEU E 313 -34.96 -59.76 12.11
C LEU E 313 -35.52 -58.46 11.55
N THR E 314 -36.15 -57.67 12.41
CA THR E 314 -36.78 -56.42 11.99
C THR E 314 -35.85 -55.25 12.26
N THR E 315 -35.48 -54.51 11.21
CA THR E 315 -34.63 -53.34 11.35
C THR E 315 -35.35 -52.11 10.84
N VAL E 316 -35.18 -51.00 11.54
CA VAL E 316 -35.75 -49.73 11.14
C VAL E 316 -34.63 -48.75 10.84
N GLY E 317 -34.96 -47.69 10.10
CA GLY E 317 -33.97 -46.75 9.66
C GLY E 317 -34.56 -45.37 9.49
N TRP E 318 -33.68 -44.44 9.11
CA TRP E 318 -34.06 -43.05 8.92
C TRP E 318 -34.77 -42.79 7.60
N ASP E 319 -34.87 -43.80 6.75
CA ASP E 319 -35.64 -43.71 5.52
C ASP E 319 -37.09 -44.11 5.72
N HIS E 320 -37.56 -44.16 6.97
CA HIS E 320 -38.93 -44.49 7.32
C HIS E 320 -39.34 -45.88 6.83
N GLN E 321 -38.40 -46.82 6.92
CA GLN E 321 -38.57 -48.14 6.35
C GLN E 321 -38.36 -49.19 7.44
N VAL E 322 -39.35 -50.05 7.63
CA VAL E 322 -39.28 -51.15 8.57
C VAL E 322 -39.12 -52.42 7.76
N VAL E 323 -37.94 -53.02 7.80
CA VAL E 323 -37.60 -54.14 6.94
C VAL E 323 -37.48 -55.39 7.79
N HIS E 324 -38.26 -56.41 7.44
CA HIS E 324 -38.22 -57.70 8.13
C HIS E 324 -37.42 -58.67 7.29
N HIS E 325 -36.24 -59.05 7.77
CA HIS E 325 -35.32 -59.94 7.08
C HIS E 325 -35.49 -61.37 7.57
N VAL E 326 -35.21 -62.32 6.67
CA VAL E 326 -35.08 -63.73 7.00
C VAL E 326 -33.61 -64.07 6.96
N VAL E 327 -33.08 -64.56 8.07
CA VAL E 327 -31.65 -64.79 8.18
C VAL E 327 -31.28 -66.18 7.68
N GLN F 228 -33.53 -15.13 49.88
CA GLN F 228 -33.55 -15.58 48.49
C GLN F 228 -32.15 -15.53 47.88
N PHE F 229 -31.36 -14.55 48.30
CA PHE F 229 -30.06 -14.29 47.70
C PHE F 229 -28.90 -14.53 48.67
N GLU F 230 -29.13 -15.29 49.73
CA GLU F 230 -28.08 -15.57 50.70
C GLU F 230 -27.02 -16.52 50.14
N VAL G 14 39.12 -18.22 -4.44
CA VAL G 14 39.50 -17.50 -3.24
C VAL G 14 39.72 -16.02 -3.49
N SER G 15 38.86 -15.20 -2.90
CA SER G 15 39.10 -13.77 -2.76
C SER G 15 39.39 -13.50 -1.30
N SER G 16 40.54 -12.92 -1.01
CA SER G 16 41.00 -12.80 0.36
C SER G 16 41.40 -11.38 0.69
N GLY G 17 41.37 -11.07 1.98
CA GLY G 17 41.81 -9.79 2.48
C GLY G 17 42.75 -9.96 3.66
N ARG G 18 43.39 -8.86 4.01
CA ARG G 18 44.33 -8.80 5.12
C ARG G 18 43.75 -7.86 6.15
N ASP G 19 43.58 -8.35 7.38
CA ASP G 19 43.09 -7.50 8.46
C ASP G 19 44.30 -6.95 9.20
N LEU G 20 44.61 -5.70 8.95
CA LEU G 20 45.64 -4.98 9.67
C LEU G 20 44.98 -4.02 10.65
N ASN G 21 45.59 -3.87 11.81
CA ASN G 21 45.10 -2.91 12.79
C ASN G 21 46.15 -1.82 12.99
N CYS G 22 47.17 -1.81 12.14
CA CYS G 22 48.21 -0.80 12.12
C CYS G 22 48.51 -0.48 10.68
N VAL G 23 48.16 0.74 10.26
CA VAL G 23 48.46 1.23 8.92
C VAL G 23 49.21 2.55 9.08
N PRO G 24 50.56 2.53 9.09
CA PRO G 24 51.29 3.82 9.17
C PRO G 24 51.01 4.74 8.00
N GLU G 25 51.12 4.26 6.77
CA GLU G 25 50.68 5.01 5.61
C GLU G 25 49.82 4.11 4.74
N ILE G 26 48.71 4.63 4.25
CA ILE G 26 47.68 3.80 3.65
C ILE G 26 48.06 3.37 2.24
N ALA G 27 48.72 4.24 1.48
CA ALA G 27 49.09 3.90 0.11
C ALA G 27 50.17 2.83 0.08
N ASP G 28 51.20 2.99 0.92
CA ASP G 28 52.24 1.97 1.04
C ASP G 28 51.67 0.67 1.55
N THR G 29 50.71 0.74 2.46
CA THR G 29 50.13 -0.48 3.03
C THR G 29 49.29 -1.22 2.01
N LEU G 30 48.50 -0.52 1.19
CA LEU G 30 47.81 -1.21 0.11
C LEU G 30 48.78 -1.78 -0.90
N GLY G 31 49.89 -1.09 -1.17
CA GLY G 31 50.88 -1.66 -2.06
C GLY G 31 51.43 -2.98 -1.55
N ALA G 32 51.84 -2.99 -0.28
CA ALA G 32 52.40 -4.20 0.31
C ALA G 32 51.36 -5.31 0.45
N VAL G 33 50.10 -4.95 0.70
CA VAL G 33 49.04 -5.94 0.80
C VAL G 33 48.71 -6.53 -0.57
N ALA G 34 48.68 -5.69 -1.61
CA ALA G 34 48.33 -6.17 -2.94
C ALA G 34 49.44 -6.97 -3.58
N LYS G 35 50.71 -6.70 -3.25
CA LYS G 35 51.79 -7.55 -3.74
C LYS G 35 51.65 -8.97 -3.22
N GLN G 36 51.26 -9.12 -1.96
CA GLN G 36 51.11 -10.44 -1.35
C GLN G 36 49.91 -11.21 -1.90
N GLY G 37 48.98 -10.57 -2.58
CA GLY G 37 47.91 -11.25 -3.27
C GLY G 37 46.53 -11.04 -2.69
N PHE G 38 46.39 -10.27 -1.61
CA PHE G 38 45.08 -10.04 -1.03
C PHE G 38 44.27 -9.11 -1.91
N ASP G 39 42.95 -9.22 -1.80
CA ASP G 39 42.06 -8.46 -2.66
C ASP G 39 41.49 -7.22 -2.00
N PHE G 40 41.32 -7.24 -0.69
CA PHE G 40 40.92 -6.03 0.04
C PHE G 40 41.77 -5.90 1.29
N LEU G 41 41.43 -4.93 2.13
CA LEU G 41 42.21 -4.64 3.33
C LEU G 41 41.25 -4.18 4.40
N CYS G 42 41.15 -4.93 5.49
CA CYS G 42 40.40 -4.49 6.65
C CYS G 42 41.31 -3.64 7.51
N MET G 43 40.96 -2.36 7.64
CA MET G 43 41.81 -1.41 8.34
C MET G 43 40.96 -0.46 9.16
N PRO G 44 41.53 0.16 10.19
CA PRO G 44 40.79 1.17 10.96
C PRO G 44 40.80 2.52 10.24
N VAL G 45 39.61 3.14 10.17
CA VAL G 45 39.47 4.42 9.48
C VAL G 45 39.94 5.57 10.38
N PHE G 46 39.76 5.43 11.69
CA PHE G 46 40.38 6.28 12.69
C PHE G 46 41.49 5.50 13.36
N HIS G 47 42.35 6.18 14.06
CA HIS G 47 43.42 5.49 14.75
C HIS G 47 42.84 4.68 15.90
N PRO G 48 43.17 3.39 16.00
CA PRO G 48 42.53 2.53 17.01
C PRO G 48 42.81 2.94 18.44
N ARG G 49 43.89 3.67 18.70
CA ARG G 49 44.20 4.14 20.04
C ARG G 49 43.80 5.58 20.28
N PHE G 50 43.36 6.29 19.24
CA PHE G 50 43.03 7.70 19.34
C PHE G 50 41.61 7.86 19.88
N LYS G 51 41.48 7.58 21.17
CA LYS G 51 40.21 7.74 21.85
C LYS G 51 39.81 9.20 21.86
N ARG G 52 38.54 9.47 21.57
CA ARG G 52 38.05 10.83 21.43
C ARG G 52 36.94 11.09 22.43
N GLU G 53 36.86 12.33 22.88
CA GLU G 53 35.85 12.77 23.84
C GLU G 53 34.81 13.62 23.12
N PHE G 54 33.55 13.47 23.49
CA PHE G 54 32.47 14.14 22.82
C PHE G 54 31.59 14.97 23.74
N ILE G 55 31.74 14.87 25.05
CA ILE G 55 30.82 15.54 25.96
C ILE G 55 31.56 16.53 26.87
N GLN G 56 32.82 16.25 27.19
CA GLN G 56 33.50 16.91 28.29
C GLN G 56 34.71 17.69 27.82
N GLU G 57 34.83 18.99 28.26
CA GLU G 57 35.96 19.88 28.02
C GLU G 57 37.12 19.52 28.94
N PRO G 58 38.37 19.77 28.55
CA PRO G 58 38.89 20.39 27.33
C PRO G 58 39.12 19.46 26.15
N ALA G 59 39.09 18.14 26.39
CA ALA G 59 39.44 17.18 25.34
C ALA G 59 38.36 17.04 24.29
N LYS G 60 37.15 17.55 24.55
CA LYS G 60 36.13 17.60 23.52
C LYS G 60 36.53 18.52 22.38
N ASN G 61 37.24 19.60 22.69
CA ASN G 61 37.63 20.63 21.73
C ASN G 61 39.02 20.40 21.18
N ARG G 62 39.41 19.15 21.04
CA ARG G 62 40.74 18.82 20.56
C ARG G 62 40.89 19.27 19.11
N PRO G 63 41.92 20.05 18.78
CA PRO G 63 42.03 20.61 17.43
C PRO G 63 42.50 19.62 16.39
N GLY G 64 42.76 20.11 15.19
CA GLY G 64 43.35 19.32 14.14
C GLY G 64 42.35 18.38 13.51
N PRO G 65 42.77 17.63 12.50
CA PRO G 65 41.89 16.61 11.93
C PRO G 65 41.69 15.47 12.90
N GLN G 66 40.49 14.90 12.90
CA GLN G 66 40.25 13.74 13.73
C GLN G 66 40.83 12.47 13.15
N THR G 67 41.09 12.44 11.84
CA THR G 67 41.68 11.26 11.21
C THR G 67 42.46 11.73 9.98
N ARG G 68 42.85 10.77 9.14
CA ARG G 68 43.52 11.08 7.90
C ARG G 68 42.51 11.38 6.79
N SER G 69 43.00 12.03 5.75
CA SER G 69 42.13 12.55 4.71
C SER G 69 41.58 11.44 3.82
N ASP G 70 40.51 11.76 3.10
CA ASP G 70 39.98 10.86 2.10
C ASP G 70 40.70 10.94 0.76
N LEU G 71 41.52 11.97 0.56
CA LEU G 71 42.21 12.20 -0.70
C LEU G 71 43.45 11.34 -0.83
N LEU G 72 43.73 10.48 0.14
CA LEU G 72 44.89 9.61 0.10
C LEU G 72 44.71 8.42 -0.82
N LEU G 73 43.48 8.03 -1.10
CA LEU G 73 43.19 7.02 -2.11
C LEU G 73 42.12 7.56 -3.04
N SER G 74 41.99 6.93 -4.19
CA SER G 74 40.96 7.32 -5.13
C SER G 74 39.59 6.90 -4.62
N GLY G 75 38.55 7.41 -5.25
CA GLY G 75 37.21 7.01 -4.88
C GLY G 75 36.95 5.54 -5.15
N ARG G 76 37.47 5.03 -6.28
CA ARG G 76 37.31 3.62 -6.58
C ARG G 76 38.11 2.75 -5.60
N ASP G 77 39.26 3.26 -5.13
CA ASP G 77 40.03 2.55 -4.13
C ASP G 77 39.25 2.42 -2.82
N TRP G 78 38.62 3.51 -2.38
CA TRP G 78 37.82 3.45 -1.16
C TRP G 78 36.59 2.57 -1.34
N ASN G 79 35.95 2.63 -2.50
CA ASN G 79 34.72 1.88 -2.70
C ASN G 79 34.93 0.40 -3.01
N THR G 80 36.14 0.00 -3.38
CA THR G 80 36.37 -1.41 -3.68
C THR G 80 37.37 -2.10 -2.78
N LEU G 81 38.37 -1.41 -2.27
CA LEU G 81 39.54 -2.06 -1.70
C LEU G 81 39.59 -2.07 -0.18
N ILE G 82 38.77 -1.29 0.50
CA ILE G 82 38.92 -1.06 1.94
C ILE G 82 37.68 -1.54 2.66
N VAL G 83 37.87 -2.39 3.66
CA VAL G 83 36.83 -2.75 4.62
C VAL G 83 37.23 -2.11 5.94
N GLY G 84 36.39 -1.21 6.44
CA GLY G 84 36.73 -0.44 7.62
C GLY G 84 36.42 -1.17 8.90
N LYS G 85 37.14 -0.82 9.96
CA LYS G 85 36.96 -1.43 11.26
C LYS G 85 36.59 -0.39 12.30
N LEU G 86 35.74 -0.79 13.23
CA LEU G 86 35.42 0.05 14.38
C LEU G 86 36.54 -0.04 15.40
N SER G 87 36.85 1.08 16.03
CA SER G 87 37.99 1.15 16.94
C SER G 87 37.71 0.35 18.20
N PRO G 88 38.73 -0.30 18.76
CA PRO G 88 38.50 -1.28 19.83
C PRO G 88 38.00 -0.68 21.13
N TRP G 89 38.28 0.58 21.41
CA TRP G 89 37.84 1.20 22.65
C TRP G 89 36.38 1.58 22.64
N ILE G 90 35.72 1.48 21.49
CA ILE G 90 34.33 1.90 21.35
C ILE G 90 33.46 0.78 21.89
N ARG G 91 32.99 0.92 23.13
CA ARG G 91 32.13 -0.07 23.78
C ARG G 91 30.79 0.59 24.05
N PRO G 92 29.84 0.54 23.11
CA PRO G 92 28.55 1.19 23.32
C PRO G 92 27.70 0.53 24.38
N ASP G 93 28.07 -0.65 24.84
CA ASP G 93 27.35 -1.37 25.89
C ASP G 93 28.16 -1.40 27.18
N SER G 94 28.90 -0.34 27.45
CA SER G 94 29.62 -0.25 28.70
C SER G 94 28.67 -0.02 29.85
N LYS G 95 29.11 -0.39 31.04
CA LYS G 95 28.33 -0.15 32.25
C LYS G 95 28.58 1.24 32.84
N VAL G 96 29.59 1.94 32.35
CA VAL G 96 29.83 3.33 32.71
C VAL G 96 29.12 4.20 31.68
N GLU G 97 28.29 5.12 32.15
CA GLU G 97 27.45 5.89 31.24
C GLU G 97 28.26 6.89 30.41
N LYS G 98 29.33 7.44 30.97
CA LYS G 98 30.18 8.33 30.19
C LYS G 98 30.87 7.59 29.06
N ILE G 99 31.40 6.40 29.35
CA ILE G 99 32.02 5.57 28.32
C ILE G 99 30.99 5.15 27.29
N ARG G 100 29.79 4.81 27.76
CA ARG G 100 28.72 4.39 26.86
C ARG G 100 28.32 5.49 25.89
N ARG G 101 28.16 6.72 26.39
CA ARG G 101 27.76 7.82 25.52
C ARG G 101 28.88 8.26 24.58
N ASN G 102 30.12 8.26 25.08
CA ASN G 102 31.25 8.53 24.20
C ASN G 102 31.34 7.50 23.10
N SER G 103 31.07 6.24 23.41
CA SER G 103 31.16 5.18 22.43
C SER G 103 30.02 5.23 21.43
N GLU G 104 28.82 5.62 21.86
CA GLU G 104 27.74 5.86 20.90
C GLU G 104 28.12 6.96 19.92
N ALA G 105 28.60 8.10 20.45
CA ALA G 105 28.97 9.22 19.60
C ALA G 105 30.11 8.87 18.65
N ALA G 106 31.11 8.13 19.14
CA ALA G 106 32.26 7.79 18.33
C ALA G 106 31.94 6.73 17.30
N MET G 107 31.10 5.77 17.64
CA MET G 107 30.69 4.77 16.67
C MET G 107 29.84 5.39 15.58
N LEU G 108 28.98 6.36 15.94
CA LEU G 108 28.27 7.11 14.91
C LEU G 108 29.22 7.90 14.03
N GLN G 109 30.24 8.52 14.62
CA GLN G 109 31.23 9.26 13.84
C GLN G 109 31.97 8.36 12.87
N GLU G 110 32.39 7.17 13.31
CA GLU G 110 33.14 6.26 12.46
C GLU G 110 32.25 5.65 11.38
N LEU G 111 31.02 5.30 11.72
CA LEU G 111 30.09 4.79 10.73
C LEU G 111 29.78 5.84 9.67
N ASN G 112 29.57 7.09 10.10
CA ASN G 112 29.31 8.17 9.15
C ASN G 112 30.51 8.47 8.30
N PHE G 113 31.72 8.34 8.84
CA PHE G 113 32.91 8.54 8.02
C PHE G 113 33.11 7.41 7.02
N GLY G 114 32.80 6.18 7.40
CA GLY G 114 32.82 5.10 6.44
C GLY G 114 31.77 5.25 5.35
N ALA G 115 30.60 5.77 5.70
CA ALA G 115 29.61 6.11 4.69
C ALA G 115 30.10 7.23 3.78
N TYR G 116 30.79 8.21 4.36
CA TYR G 116 31.38 9.30 3.59
C TYR G 116 32.44 8.78 2.63
N LEU G 117 33.29 7.85 3.08
CA LEU G 117 34.32 7.25 2.24
C LEU G 117 33.75 6.28 1.22
N GLY G 118 32.50 5.86 1.39
CA GLY G 118 31.91 4.90 0.49
C GLY G 118 32.53 3.51 0.56
N LEU G 119 32.93 3.08 1.76
CA LEU G 119 33.50 1.76 1.94
C LEU G 119 32.45 0.69 1.64
N PRO G 120 32.85 -0.43 1.04
CA PRO G 120 31.87 -1.47 0.74
C PRO G 120 31.40 -2.23 1.96
N ALA G 121 32.26 -2.35 2.97
CA ALA G 121 31.95 -3.12 4.17
C ALA G 121 32.56 -2.41 5.36
N PHE G 122 32.14 -2.81 6.55
CA PHE G 122 32.63 -2.18 7.76
C PHE G 122 32.56 -3.26 8.84
N LEU G 123 33.66 -3.57 9.52
CA LEU G 123 33.68 -4.62 10.52
C LEU G 123 33.32 -4.09 11.90
N LEU G 124 32.40 -4.76 12.57
CA LEU G 124 32.09 -4.44 13.93
C LEU G 124 32.22 -5.68 14.80
N PRO G 125 32.73 -5.57 16.02
CA PRO G 125 32.95 -6.77 16.83
C PRO G 125 31.77 -7.19 17.69
N LEU G 126 31.41 -8.48 17.62
CA LEU G 126 30.46 -9.11 18.53
C LEU G 126 31.27 -10.00 19.47
N ASN G 127 31.80 -9.42 20.54
CA ASN G 127 32.68 -10.16 21.43
C ASN G 127 32.12 -10.25 22.84
N GLN G 128 30.84 -10.00 23.02
CA GLN G 128 30.22 -10.11 24.33
C GLN G 128 28.74 -10.34 24.16
N GLU G 129 28.10 -10.78 25.24
CA GLU G 129 26.72 -11.24 25.16
C GLU G 129 25.75 -10.09 24.91
N ASP G 130 25.91 -8.99 25.64
CA ASP G 130 25.02 -7.85 25.52
C ASP G 130 25.56 -6.90 24.45
N ASN G 131 24.86 -6.81 23.34
CA ASN G 131 25.21 -5.92 22.24
C ASN G 131 23.96 -5.21 21.76
N THR G 132 23.18 -4.68 22.70
CA THR G 132 21.88 -4.09 22.36
C THR G 132 22.02 -2.62 21.99
N ASN G 133 22.84 -1.87 22.71
CA ASN G 133 23.11 -0.50 22.34
C ASN G 133 23.89 -0.42 21.03
N LEU G 134 24.81 -1.37 20.80
CA LEU G 134 25.47 -1.47 19.51
C LEU G 134 24.47 -1.73 18.40
N ALA G 135 23.51 -2.60 18.65
CA ALA G 135 22.47 -2.91 17.68
C ALA G 135 21.61 -1.69 17.40
N ARG G 136 21.32 -0.89 18.44
CA ARG G 136 20.50 0.30 18.23
C ARG G 136 21.24 1.37 17.45
N VAL G 137 22.50 1.61 17.75
CA VAL G 137 23.25 2.61 17.01
C VAL G 137 23.44 2.17 15.55
N LEU G 138 23.64 0.88 15.32
CA LEU G 138 23.71 0.40 13.94
C LEU G 138 22.38 0.51 13.22
N THR G 139 21.29 0.19 13.91
CA THR G 139 19.96 0.29 13.31
C THR G 139 19.64 1.73 12.95
N ASN G 140 20.03 2.67 13.79
CA ASN G 140 19.77 4.07 13.51
C ASN G 140 20.67 4.62 12.43
N HIS G 141 21.90 4.12 12.32
CA HIS G 141 22.73 4.51 11.20
C HIS G 141 22.16 4.01 9.88
N ILE G 142 21.68 2.77 9.86
CA ILE G 142 21.17 2.17 8.64
C ILE G 142 19.95 2.92 8.13
N HIS G 143 19.12 3.45 9.03
CA HIS G 143 17.91 4.16 8.67
C HIS G 143 18.10 5.66 8.52
N THR G 144 19.32 6.16 8.63
CA THR G 144 19.60 7.59 8.51
C THR G 144 20.47 7.83 7.28
N GLY G 145 19.99 8.67 6.38
CA GLY G 145 20.72 8.99 5.18
C GLY G 145 20.61 7.88 4.16
N HIS G 146 21.35 8.05 3.07
CA HIS G 146 21.50 7.00 2.08
C HIS G 146 22.94 6.57 2.01
N HIS G 147 23.17 5.27 2.19
CA HIS G 147 24.49 4.67 2.11
C HIS G 147 24.29 3.19 1.86
N SER G 148 25.31 2.55 1.29
CA SER G 148 25.18 1.17 0.83
C SER G 148 26.29 0.27 1.34
N SER G 149 26.99 0.68 2.39
CA SER G 149 28.00 -0.16 3.00
C SER G 149 27.35 -1.33 3.72
N MET G 150 28.00 -2.49 3.65
CA MET G 150 27.59 -3.66 4.40
C MET G 150 28.28 -3.68 5.76
N PHE G 151 27.69 -4.41 6.70
CA PHE G 151 28.16 -4.43 8.07
C PHE G 151 28.44 -5.86 8.48
N TRP G 152 29.71 -6.18 8.67
CA TRP G 152 30.15 -7.53 8.95
C TRP G 152 30.42 -7.63 10.44
N MET G 153 29.51 -8.29 11.17
CA MET G 153 29.72 -8.52 12.59
C MET G 153 30.77 -9.59 12.79
N ARG G 154 31.88 -9.21 13.42
CA ARG G 154 33.05 -10.07 13.59
C ARG G 154 32.83 -10.89 14.84
N VAL G 155 32.28 -12.08 14.67
CA VAL G 155 31.85 -12.91 15.78
C VAL G 155 32.69 -14.17 15.81
N PRO G 156 33.21 -14.59 16.95
CA PRO G 156 34.03 -15.79 16.98
C PRO G 156 33.21 -17.06 16.89
N LEU G 157 33.85 -18.11 16.41
CA LEU G 157 33.22 -19.42 16.42
C LEU G 157 33.17 -19.97 17.84
N VAL G 158 34.18 -19.67 18.65
CA VAL G 158 34.25 -20.04 20.06
C VAL G 158 34.50 -18.78 20.87
N ALA G 159 33.74 -18.59 21.95
CA ALA G 159 33.82 -17.39 22.75
C ALA G 159 35.22 -17.21 23.33
N PRO G 160 35.68 -15.97 23.52
CA PRO G 160 37.07 -15.77 23.95
C PRO G 160 37.35 -16.20 25.37
N GLU G 161 36.34 -16.36 26.21
CA GLU G 161 36.54 -16.85 27.56
C GLU G 161 36.45 -18.37 27.65
N ASP G 162 36.48 -19.03 26.50
CA ASP G 162 36.46 -20.51 26.45
C ASP G 162 37.70 -20.93 25.67
N LEU G 163 38.39 -19.98 25.03
CA LEU G 163 39.66 -20.25 24.29
C LEU G 163 40.81 -19.95 25.23
N ARG G 164 40.52 -19.57 26.46
CA ARG G 164 41.58 -19.15 27.42
C ARG G 164 42.31 -20.36 27.97
N ASP G 165 43.58 -20.18 28.31
CA ASP G 165 44.35 -21.25 28.92
C ASP G 165 43.88 -21.50 30.35
N ASP G 166 44.13 -22.72 30.82
CA ASP G 166 43.82 -23.09 32.20
C ASP G 166 45.08 -22.94 33.05
N ILE G 167 45.43 -21.69 33.30
CA ILE G 167 46.67 -21.37 33.98
C ILE G 167 46.40 -20.45 35.17
N ILE G 168 45.14 -20.35 35.57
CA ILE G 168 44.75 -19.58 36.73
C ILE G 168 44.42 -20.57 37.84
N GLU G 169 45.14 -20.48 38.97
CA GLU G 169 45.07 -21.52 39.98
C GLU G 169 43.70 -21.55 40.66
N ASN G 170 43.06 -20.41 40.85
CA ASN G 170 41.79 -20.33 41.53
C ASN G 170 40.62 -19.97 40.63
N ALA G 171 40.81 -20.02 39.32
CA ALA G 171 39.72 -19.89 38.35
C ALA G 171 39.90 -20.92 37.25
N PRO G 172 39.63 -22.19 37.53
CA PRO G 172 39.73 -23.22 36.49
C PRO G 172 38.65 -23.05 35.44
N THR G 173 38.95 -23.49 34.22
CA THR G 173 38.03 -23.37 33.10
C THR G 173 36.83 -24.30 33.28
N SER G 180 24.90 -23.99 26.98
CA SER G 180 25.37 -22.97 26.06
C SER G 180 26.89 -22.84 26.10
N GLY G 181 27.59 -23.91 25.72
CA GLY G 181 29.03 -23.82 25.64
C GLY G 181 29.50 -23.60 24.21
N GLU G 182 29.00 -24.41 23.28
CA GLU G 182 29.33 -24.28 21.88
C GLU G 182 28.29 -23.51 21.08
N GLU G 183 27.18 -23.13 21.70
CA GLU G 183 26.11 -22.41 21.04
C GLU G 183 25.90 -21.04 21.66
N LYS G 184 27.00 -20.44 22.10
CA LYS G 184 27.00 -19.17 22.81
C LYS G 184 27.10 -17.99 21.85
N THR G 185 28.14 -17.99 21.01
CA THR G 185 28.35 -16.88 20.09
C THR G 185 27.31 -16.87 18.99
N TRP G 186 26.72 -18.02 18.66
CA TRP G 186 25.60 -18.00 17.75
C TRP G 186 24.41 -17.28 18.36
N MET G 187 24.19 -17.44 19.66
CA MET G 187 23.10 -16.72 20.27
C MET G 187 23.41 -15.23 20.38
N TRP G 188 24.70 -14.87 20.50
CA TRP G 188 25.07 -13.46 20.37
C TRP G 188 24.66 -12.91 19.01
N TRP G 189 25.04 -13.63 17.94
CA TRP G 189 24.69 -13.20 16.59
C TRP G 189 23.18 -13.17 16.36
N HIS G 190 22.47 -14.18 16.88
CA HIS G 190 21.03 -14.25 16.70
C HIS G 190 20.32 -13.10 17.40
N ASN G 191 20.76 -12.77 18.62
CA ASN G 191 20.21 -11.63 19.32
C ASN G 191 20.48 -10.33 18.57
N PHE G 192 21.70 -10.17 18.06
CA PHE G 192 22.03 -8.96 17.33
C PHE G 192 21.18 -8.82 16.07
N ARG G 193 21.14 -9.85 15.24
CA ARG G 193 20.39 -9.76 13.98
C ARG G 193 18.88 -9.69 14.21
N THR G 194 18.39 -10.20 15.34
CA THR G 194 16.97 -10.07 15.65
C THR G 194 16.65 -8.65 16.09
N LEU G 195 17.53 -8.04 16.87
CA LEU G 195 17.33 -6.65 17.25
C LEU G 195 17.35 -5.73 16.04
N CYS G 196 18.30 -5.93 15.14
CA CYS G 196 18.39 -5.14 13.92
C CYS G 196 17.36 -5.55 12.86
N ASP G 197 16.44 -6.45 13.20
CA ASP G 197 15.29 -6.83 12.38
C ASP G 197 15.71 -7.47 11.07
N TYR G 198 16.66 -8.42 11.14
CA TYR G 198 17.08 -9.24 10.01
C TYR G 198 17.45 -8.40 8.81
N SER G 199 18.27 -7.38 9.03
CA SER G 199 18.61 -6.45 7.97
C SER G 199 19.42 -7.17 6.90
N LYS G 200 19.17 -6.80 5.65
CA LYS G 200 19.96 -7.31 4.54
C LYS G 200 21.40 -6.82 4.59
N ARG G 201 21.65 -5.69 5.25
CA ARG G 201 22.95 -5.06 5.27
C ARG G 201 23.81 -5.47 6.45
N ILE G 202 23.38 -6.43 7.25
CA ILE G 202 24.13 -6.94 8.38
C ILE G 202 24.38 -8.41 8.17
N ALA G 203 25.64 -8.81 8.14
CA ALA G 203 26.06 -10.15 7.83
C ALA G 203 27.17 -10.56 8.80
N VAL G 204 27.67 -11.77 8.65
CA VAL G 204 28.61 -12.36 9.57
C VAL G 204 30.01 -12.30 8.96
N ALA G 205 30.99 -11.97 9.80
CA ALA G 205 32.40 -12.23 9.54
C ALA G 205 32.87 -13.11 10.70
N LEU G 206 33.12 -14.38 10.39
CA LEU G 206 33.26 -15.43 11.39
C LEU G 206 34.72 -15.68 11.69
N GLU G 207 35.06 -15.74 12.97
CA GLU G 207 36.44 -15.98 13.39
C GLU G 207 36.62 -17.46 13.69
N ILE G 208 37.68 -18.04 13.12
CA ILE G 208 37.94 -19.48 13.21
C ILE G 208 39.15 -19.70 14.10
N GLY G 209 38.91 -20.16 15.33
CA GLY G 209 39.97 -20.39 16.28
C GLY G 209 40.62 -21.75 16.13
N ALA G 210 41.52 -22.05 17.06
CA ALA G 210 42.22 -23.33 17.02
C ALA G 210 41.32 -24.48 17.43
N ASP G 211 40.31 -24.22 18.27
CA ASP G 211 39.37 -25.22 18.72
C ASP G 211 38.08 -25.03 17.95
N LEU G 212 37.63 -26.07 17.26
CA LEU G 212 36.37 -25.98 16.56
C LEU G 212 35.24 -26.59 17.38
N PRO G 213 34.02 -26.12 17.18
CA PRO G 213 32.87 -26.78 17.82
C PRO G 213 32.41 -28.00 17.05
N SER G 214 31.30 -28.57 17.46
CA SER G 214 30.83 -29.83 16.87
C SER G 214 30.30 -29.60 15.47
N ASN G 215 29.87 -30.69 14.84
CA ASN G 215 29.41 -30.61 13.44
C ASN G 215 28.05 -29.96 13.34
N HIS G 216 27.21 -30.09 14.36
CA HIS G 216 25.90 -29.46 14.30
C HIS G 216 25.97 -27.95 14.55
N VAL G 217 26.90 -27.51 15.39
CA VAL G 217 27.11 -26.08 15.57
C VAL G 217 27.59 -25.46 14.27
N ILE G 218 28.52 -26.09 13.59
CA ILE G 218 29.09 -25.55 12.31
C ILE G 218 28.00 -25.51 11.25
N ASP G 219 27.00 -26.38 11.31
CA ASP G 219 25.85 -26.42 10.35
C ASP G 219 24.91 -25.23 10.55
N ARG G 220 24.63 -24.82 11.79
CA ARG G 220 23.79 -23.62 12.09
C ARG G 220 24.47 -22.37 11.56
N TRP G 221 25.79 -22.27 11.68
CA TRP G 221 26.57 -21.15 11.15
C TRP G 221 26.51 -21.16 9.63
N LEU G 222 26.49 -22.31 9.01
CA LEU G 222 26.53 -22.40 7.53
C LEU G 222 25.16 -22.02 6.96
N GLY G 223 24.13 -21.86 7.79
CA GLY G 223 22.82 -21.37 7.32
C GLY G 223 22.68 -19.90 7.58
N GLU G 224 23.78 -19.24 7.97
CA GLU G 224 23.79 -17.81 8.36
C GLU G 224 24.37 -16.96 7.25
N PRO G 225 24.06 -15.63 7.15
CA PRO G 225 24.68 -14.75 6.15
C PRO G 225 26.15 -14.51 6.40
N ILE G 226 27.00 -15.50 6.14
CA ILE G 226 28.44 -15.38 6.32
C ILE G 226 29.02 -14.80 5.05
N LYS G 227 29.54 -13.58 5.13
CA LYS G 227 30.15 -12.96 3.96
C LYS G 227 31.67 -13.01 4.01
N ALA G 228 32.25 -13.32 5.17
CA ALA G 228 33.68 -13.40 5.32
C ALA G 228 34.01 -14.36 6.44
N ALA G 229 35.25 -14.84 6.44
CA ALA G 229 35.73 -15.75 7.47
C ALA G 229 37.10 -15.31 7.92
N ILE G 230 37.24 -14.94 9.18
CA ILE G 230 38.52 -14.54 9.73
C ILE G 230 39.32 -15.79 10.10
N LEU G 231 40.52 -15.89 9.55
CA LEU G 231 41.46 -16.97 9.87
C LEU G 231 42.71 -16.38 10.49
N PRO G 232 42.90 -16.48 11.80
CA PRO G 232 44.16 -16.02 12.40
C PRO G 232 45.33 -16.86 11.90
N THR G 233 46.50 -16.25 11.85
CA THR G 233 47.68 -17.01 11.47
C THR G 233 48.14 -17.98 12.55
N SER G 234 47.54 -17.91 13.74
CA SER G 234 47.93 -18.77 14.85
C SER G 234 47.29 -20.16 14.78
N ILE G 235 46.18 -20.30 14.05
CA ILE G 235 45.54 -21.61 13.90
C ILE G 235 46.19 -22.45 12.81
N PHE G 236 47.20 -21.93 12.14
CA PHE G 236 47.90 -22.64 11.09
C PHE G 236 48.99 -23.50 11.71
N LEU G 237 48.93 -24.80 11.45
CA LEU G 237 49.96 -25.73 11.89
C LEU G 237 51.16 -25.62 10.98
N THR G 238 52.18 -26.44 11.24
CA THR G 238 53.42 -26.42 10.51
C THR G 238 53.71 -27.80 9.94
N ASN G 239 54.09 -27.86 8.66
CA ASN G 239 54.40 -29.13 8.02
C ASN G 239 55.89 -29.43 8.24
N LYS G 240 56.40 -30.46 7.57
CA LYS G 240 57.81 -30.82 7.73
C LYS G 240 58.73 -29.79 7.08
N LYS G 241 58.25 -29.10 6.05
CA LYS G 241 59.05 -28.08 5.38
C LYS G 241 58.87 -26.69 5.97
N GLY G 242 57.96 -26.52 6.93
CA GLY G 242 57.83 -25.29 7.65
C GLY G 242 56.71 -24.35 7.23
N PHE G 243 55.88 -24.75 6.29
CA PHE G 243 54.85 -23.89 5.74
C PHE G 243 53.60 -23.93 6.60
N PRO G 244 52.73 -22.92 6.50
CA PRO G 244 51.46 -22.97 7.22
C PRO G 244 50.49 -23.93 6.55
N VAL G 245 49.91 -24.82 7.35
CA VAL G 245 48.91 -25.78 6.91
C VAL G 245 47.77 -25.75 7.92
N LEU G 246 46.78 -26.62 7.73
CA LEU G 246 45.64 -26.66 8.61
C LEU G 246 45.31 -28.10 8.96
N SER G 247 44.68 -28.28 10.13
CA SER G 247 44.26 -29.60 10.56
C SER G 247 43.13 -30.12 9.66
N LYS G 248 42.84 -31.41 9.79
CA LYS G 248 41.80 -32.03 8.98
C LYS G 248 40.43 -31.40 9.24
N MET G 249 40.11 -31.13 10.50
CA MET G 249 38.86 -30.46 10.82
C MET G 249 38.84 -29.04 10.27
N HIS G 250 39.98 -28.34 10.35
CA HIS G 250 40.06 -27.00 9.77
C HIS G 250 39.92 -27.04 8.26
N GLN G 251 40.53 -28.03 7.61
CA GLN G 251 40.40 -28.16 6.16
C GLN G 251 38.96 -28.45 5.77
N ARG G 252 38.28 -29.30 6.56
CA ARG G 252 36.87 -29.58 6.30
C ARG G 252 36.03 -28.32 6.41
N LEU G 253 36.29 -27.50 7.43
CA LEU G 253 35.55 -26.24 7.58
C LEU G 253 35.84 -25.28 6.43
N ILE G 254 37.10 -25.21 5.98
CA ILE G 254 37.44 -24.35 4.85
C ILE G 254 36.72 -24.82 3.59
N PHE G 255 36.59 -26.13 3.40
CA PHE G 255 35.88 -26.63 2.23
C PHE G 255 34.40 -26.27 2.28
N ARG G 256 33.77 -26.44 3.45
CA ARG G 256 32.37 -26.08 3.59
C ARG G 256 32.14 -24.59 3.37
N LEU G 257 33.06 -23.75 3.85
CA LEU G 257 32.93 -22.31 3.64
C LEU G 257 33.28 -21.90 2.22
N LEU G 258 34.11 -22.69 1.54
CA LEU G 258 34.38 -22.44 0.12
C LEU G 258 33.17 -22.78 -0.73
N LYS G 259 32.30 -23.65 -0.23
CA LYS G 259 31.02 -23.87 -0.93
C LYS G 259 30.18 -22.61 -0.96
N LEU G 260 30.12 -21.87 0.15
CA LEU G 260 29.30 -20.65 0.22
C LEU G 260 29.89 -19.46 -0.50
N GLU G 261 31.11 -19.57 -1.02
CA GLU G 261 31.81 -18.49 -1.70
C GLU G 261 32.03 -17.29 -0.78
N VAL G 262 32.37 -17.54 0.49
CA VAL G 262 32.73 -16.46 1.40
C VAL G 262 34.13 -15.99 1.06
N GLN G 263 34.52 -14.85 1.60
CA GLN G 263 35.88 -14.35 1.50
C GLN G 263 36.64 -14.68 2.78
N PHE G 264 37.96 -14.74 2.68
CA PHE G 264 38.79 -15.14 3.81
C PHE G 264 39.67 -13.97 4.21
N ILE G 265 39.66 -13.65 5.49
CA ILE G 265 40.46 -12.56 6.03
C ILE G 265 41.56 -13.18 6.87
N ILE G 266 42.81 -12.86 6.54
CA ILE G 266 43.95 -13.31 7.32
C ILE G 266 44.29 -12.23 8.34
N THR G 267 44.27 -12.60 9.62
CA THR G 267 44.57 -11.71 10.72
C THR G 267 45.80 -12.22 11.46
N GLY G 268 46.32 -11.38 12.33
CA GLY G 268 47.46 -11.76 13.12
C GLY G 268 48.76 -11.45 12.41
N THR G 269 49.84 -11.86 13.05
CA THR G 269 51.17 -11.63 12.51
C THR G 269 51.70 -12.92 11.89
N ASN G 270 52.84 -12.81 11.22
CA ASN G 270 53.49 -13.94 10.56
C ASN G 270 54.10 -14.85 11.62
N HIS G 271 53.43 -15.95 11.90
CA HIS G 271 53.91 -16.93 12.86
C HIS G 271 54.84 -17.95 12.24
N HIS G 272 55.08 -17.85 10.94
CA HIS G 272 56.10 -18.64 10.23
C HIS G 272 57.02 -17.63 9.58
N SER G 273 57.98 -17.12 10.38
CA SER G 273 58.71 -15.92 10.02
C SER G 273 59.71 -16.14 8.89
N GLU G 274 60.11 -17.39 8.65
CA GLU G 274 60.99 -17.67 7.53
C GLU G 274 60.33 -17.35 6.20
N LYS G 275 59.07 -17.72 6.06
CA LYS G 275 58.29 -17.44 4.86
C LYS G 275 57.56 -16.11 5.04
N GLU G 276 56.58 -15.84 4.18
CA GLU G 276 55.87 -14.57 4.15
C GLU G 276 54.37 -14.84 4.11
N PHE G 277 53.56 -13.77 4.19
CA PHE G 277 52.11 -13.95 4.14
C PHE G 277 51.61 -14.46 2.80
N CYS G 278 52.45 -14.39 1.77
CA CYS G 278 52.16 -15.12 0.55
C CYS G 278 52.01 -16.60 0.83
N SER G 279 52.69 -17.14 1.84
CA SER G 279 52.53 -18.56 2.15
C SER G 279 51.17 -18.85 2.78
N TYR G 280 50.73 -18.01 3.71
CA TYR G 280 49.40 -18.16 4.30
C TYR G 280 48.32 -18.03 3.24
N LEU G 281 48.54 -17.14 2.27
CA LEU G 281 47.56 -16.97 1.19
C LEU G 281 47.64 -18.09 0.17
N GLN G 282 48.85 -18.59 -0.11
CA GLN G 282 49.04 -19.64 -1.09
C GLN G 282 48.49 -20.96 -0.60
N TYR G 283 48.47 -21.19 0.71
CA TYR G 283 47.80 -22.39 1.21
C TYR G 283 46.32 -22.39 0.90
N LEU G 284 45.65 -21.25 1.07
CA LEU G 284 44.23 -21.18 0.75
C LEU G 284 44.00 -21.23 -0.76
N GLU G 285 44.85 -20.57 -1.54
CA GLU G 285 44.73 -20.61 -2.99
C GLU G 285 44.98 -22.01 -3.52
N TYR G 286 45.82 -22.80 -2.84
CA TYR G 286 45.98 -24.20 -3.14
C TYR G 286 44.74 -24.99 -2.76
N LEU G 287 44.25 -24.78 -1.54
CA LEU G 287 43.19 -25.60 -0.99
C LEU G 287 41.86 -25.34 -1.69
N SER G 288 41.74 -24.23 -2.42
CA SER G 288 40.56 -24.02 -3.24
C SER G 288 40.55 -24.96 -4.45
N GLN G 289 41.69 -25.05 -5.14
CA GLN G 289 41.77 -25.87 -6.35
C GLN G 289 41.70 -27.36 -6.07
N ASN G 290 41.84 -27.78 -4.81
CA ASN G 290 41.66 -29.17 -4.43
C ASN G 290 40.26 -29.43 -3.89
N ARG G 291 39.31 -28.57 -4.20
CA ARG G 291 37.91 -28.88 -4.01
C ARG G 291 37.46 -29.91 -5.05
N TYR G 297 24.64 -30.95 -12.15
CA TYR G 297 23.61 -30.24 -11.41
C TYR G 297 24.16 -28.97 -10.78
N GLU G 298 25.36 -29.03 -10.22
CA GLU G 298 25.93 -27.85 -9.58
C GLU G 298 26.34 -26.79 -10.60
N LEU G 299 26.71 -27.21 -11.81
CA LEU G 299 27.00 -26.25 -12.86
C LEU G 299 25.73 -25.65 -13.44
N PHE G 300 24.65 -26.41 -13.48
CA PHE G 300 23.38 -25.90 -13.98
C PHE G 300 22.80 -24.86 -13.03
N ALA G 301 22.98 -25.05 -11.73
CA ALA G 301 22.36 -24.24 -10.71
C ALA G 301 23.22 -23.05 -10.28
N LYS G 302 24.34 -22.79 -10.96
CA LYS G 302 25.11 -21.59 -10.67
C LYS G 302 24.31 -20.35 -11.02
N GLY G 303 24.32 -19.37 -10.12
CA GLY G 303 23.57 -18.15 -10.30
C GLY G 303 22.12 -18.24 -9.90
N TYR G 304 21.61 -19.44 -9.66
CA TYR G 304 20.24 -19.63 -9.20
C TYR G 304 20.16 -19.97 -7.74
N GLU G 305 21.28 -19.97 -7.03
CA GLU G 305 21.28 -20.30 -5.61
C GLU G 305 20.60 -19.19 -4.81
N ASP G 306 19.67 -19.58 -3.93
CA ASP G 306 18.93 -18.67 -3.06
C ASP G 306 18.21 -17.60 -3.87
N TYR G 307 17.78 -17.94 -5.08
CA TYR G 307 17.07 -17.03 -5.95
C TYR G 307 15.65 -17.56 -6.10
N LEU G 308 14.69 -16.87 -5.49
CA LEU G 308 13.33 -17.36 -5.44
C LEU G 308 12.66 -17.20 -6.80
N GLN G 309 11.84 -18.18 -7.17
CA GLN G 309 11.07 -18.13 -8.39
C GLN G 309 9.63 -18.51 -8.09
N SER G 310 8.77 -18.19 -8.99
CA SER G 310 7.38 -18.61 -8.91
C SER G 310 7.24 -20.01 -9.51
N PRO G 311 6.57 -20.93 -8.82
CA PRO G 311 6.36 -22.25 -9.41
C PRO G 311 5.54 -22.15 -10.68
N LEU G 312 5.88 -22.99 -11.66
CA LEU G 312 5.20 -22.95 -12.94
C LEU G 312 3.77 -23.45 -12.81
N GLN G 313 2.90 -22.90 -13.65
CA GLN G 313 1.51 -23.32 -13.73
C GLN G 313 1.20 -23.58 -15.20
N PRO G 314 1.63 -24.72 -15.75
CA PRO G 314 1.38 -24.99 -17.16
C PRO G 314 -0.08 -25.12 -17.52
N LEU G 315 -0.94 -25.48 -16.57
CA LEU G 315 -2.35 -25.68 -16.89
C LEU G 315 -3.09 -24.37 -17.10
N MET G 316 -2.75 -23.33 -16.34
CA MET G 316 -3.38 -22.03 -16.47
C MET G 316 -2.61 -21.08 -17.38
N ASP G 317 -1.29 -21.11 -17.33
CA ASP G 317 -0.45 -20.21 -18.11
C ASP G 317 0.24 -20.98 -19.22
N ASN G 318 0.26 -20.40 -20.41
CA ASN G 318 0.89 -21.02 -21.57
C ASN G 318 2.40 -20.80 -21.48
N LEU G 319 3.16 -21.89 -21.48
CA LEU G 319 4.61 -21.77 -21.33
C LEU G 319 5.23 -21.23 -22.60
N GLU G 320 6.36 -20.56 -22.44
CA GLU G 320 7.14 -20.02 -23.53
C GLU G 320 7.96 -21.14 -24.17
N SER G 321 8.49 -20.87 -25.37
CA SER G 321 9.36 -21.83 -26.04
C SER G 321 10.62 -22.11 -25.23
N GLN G 322 11.15 -21.09 -24.55
CA GLN G 322 12.38 -21.25 -23.81
C GLN G 322 12.17 -22.06 -22.53
N THR G 323 10.98 -21.96 -21.92
CA THR G 323 10.63 -22.82 -20.80
C THR G 323 10.69 -24.29 -21.20
N TYR G 324 10.12 -24.61 -22.36
CA TYR G 324 10.19 -25.96 -22.88
C TYR G 324 11.62 -26.37 -23.19
N GLU G 325 12.46 -25.43 -23.67
CA GLU G 325 13.86 -25.78 -23.92
C GLU G 325 14.57 -26.19 -22.63
N VAL G 326 14.34 -25.45 -21.54
CA VAL G 326 14.93 -25.84 -20.26
C VAL G 326 14.36 -27.18 -19.79
N PHE G 327 13.08 -27.44 -20.07
CA PHE G 327 12.52 -28.76 -19.76
C PHE G 327 13.27 -29.87 -20.48
N GLU G 328 13.51 -29.68 -21.77
CA GLU G 328 14.03 -30.73 -22.63
C GLU G 328 15.54 -30.84 -22.63
N LYS G 329 16.26 -29.91 -22.01
CA LYS G 329 17.69 -30.07 -21.88
C LYS G 329 18.09 -31.02 -20.75
N ASP G 330 17.14 -31.76 -20.17
CA ASP G 330 17.45 -32.78 -19.17
C ASP G 330 17.27 -34.17 -19.77
N PRO G 331 18.34 -34.91 -20.06
CA PRO G 331 18.18 -36.20 -20.71
C PRO G 331 17.87 -37.34 -19.77
N ILE G 332 18.14 -37.19 -18.48
CA ILE G 332 17.93 -38.28 -17.53
C ILE G 332 16.44 -38.56 -17.35
N LYS G 333 15.62 -37.51 -17.22
CA LYS G 333 14.19 -37.69 -17.05
C LYS G 333 13.55 -38.37 -18.26
N TYR G 334 13.94 -37.95 -19.46
CA TYR G 334 13.32 -38.51 -20.65
C TYR G 334 13.86 -39.90 -20.96
N SER G 335 15.10 -40.19 -20.59
CA SER G 335 15.58 -41.57 -20.63
C SER G 335 14.80 -42.44 -19.65
N GLN G 336 14.44 -41.89 -18.49
CA GLN G 336 13.68 -42.68 -17.52
C GLN G 336 12.27 -42.95 -18.00
N TYR G 337 11.59 -41.96 -18.58
CA TYR G 337 10.30 -42.23 -19.22
C TYR G 337 10.41 -43.22 -20.36
N GLN G 338 11.46 -43.13 -21.18
CA GLN G 338 11.60 -44.09 -22.28
C GLN G 338 11.82 -45.51 -21.76
N GLN G 339 12.61 -45.67 -20.69
CA GLN G 339 12.81 -46.98 -20.09
C GLN G 339 11.53 -47.50 -19.43
N ALA G 340 10.76 -46.63 -18.77
CA ALA G 340 9.50 -47.06 -18.18
C ALA G 340 8.50 -47.49 -19.25
N ILE G 341 8.43 -46.75 -20.36
CA ILE G 341 7.54 -47.13 -21.46
C ILE G 341 8.01 -48.44 -22.09
N TYR G 342 9.32 -48.61 -22.23
CA TYR G 342 9.88 -49.86 -22.72
C TYR G 342 9.42 -51.05 -21.87
N LYS G 343 9.61 -50.94 -20.55
CA LYS G 343 9.25 -52.03 -19.66
C LYS G 343 7.75 -52.27 -19.64
N CYS G 344 6.94 -51.20 -19.71
CA CYS G 344 5.49 -51.39 -19.71
C CYS G 344 5.00 -52.01 -21.01
N LEU G 345 5.65 -51.70 -22.14
CA LEU G 345 5.29 -52.32 -23.41
C LEU G 345 5.67 -53.78 -23.42
N LEU G 346 6.80 -54.13 -22.80
CA LEU G 346 7.16 -55.53 -22.68
C LEU G 346 6.16 -56.31 -21.85
N ASP G 347 5.72 -55.74 -20.72
CA ASP G 347 4.81 -56.43 -19.83
C ASP G 347 3.35 -56.31 -20.26
N ARG G 348 3.10 -55.91 -21.49
CA ARG G 348 1.74 -55.78 -22.01
C ARG G 348 1.52 -56.49 -23.32
N VAL G 349 2.57 -56.73 -24.10
CA VAL G 349 2.48 -57.48 -25.34
C VAL G 349 3.47 -58.63 -25.26
N PRO G 350 3.02 -59.87 -25.14
CA PRO G 350 3.94 -61.01 -25.23
C PRO G 350 4.52 -61.14 -26.62
N GLU G 351 5.74 -61.67 -26.68
CA GLU G 351 6.49 -61.71 -27.94
C GLU G 351 5.84 -62.60 -28.99
N GLU G 352 4.94 -63.48 -28.60
CA GLU G 352 4.16 -64.21 -29.59
C GLU G 352 3.15 -63.30 -30.28
N GLU G 353 2.66 -62.30 -29.55
CA GLU G 353 1.72 -61.31 -30.08
C GLU G 353 2.43 -60.03 -30.50
N LYS G 354 3.72 -60.10 -30.79
CA LYS G 354 4.55 -58.93 -30.98
C LYS G 354 4.17 -58.15 -32.23
N ASP G 355 3.86 -58.84 -33.32
CA ASP G 355 3.70 -58.19 -34.62
C ASP G 355 2.25 -57.88 -34.96
N THR G 356 1.30 -58.17 -34.07
CA THR G 356 -0.10 -57.94 -34.36
C THR G 356 -0.84 -57.17 -33.29
N ASN G 357 -0.22 -56.89 -32.15
CA ASN G 357 -0.84 -56.13 -31.08
C ASN G 357 -0.34 -54.70 -31.14
N VAL G 358 -1.26 -53.76 -31.37
CA VAL G 358 -0.95 -52.34 -31.42
C VAL G 358 -1.37 -51.72 -30.09
N GLN G 359 -0.44 -51.04 -29.45
CA GLN G 359 -0.67 -50.45 -28.14
C GLN G 359 -0.99 -48.98 -28.26
N VAL G 360 -2.14 -48.56 -27.75
CA VAL G 360 -2.53 -47.16 -27.77
C VAL G 360 -1.83 -46.45 -26.63
N LEU G 361 -0.84 -45.64 -26.96
CA LEU G 361 -0.18 -44.74 -26.01
C LEU G 361 -0.75 -43.35 -26.22
N MET G 362 -1.02 -42.68 -25.11
CA MET G 362 -1.54 -41.32 -25.14
C MET G 362 -0.60 -40.45 -24.33
N VAL G 363 0.14 -39.58 -25.00
CA VAL G 363 1.00 -38.63 -24.31
C VAL G 363 0.18 -37.39 -24.02
N LEU G 364 0.01 -37.10 -22.73
CA LEU G 364 -0.93 -36.10 -22.26
C LEU G 364 -0.16 -34.86 -21.84
N GLY G 365 -0.44 -33.73 -22.48
CA GLY G 365 0.44 -32.59 -22.35
C GLY G 365 1.73 -32.91 -23.06
N ALA G 366 1.67 -33.03 -24.39
CA ALA G 366 2.81 -33.51 -25.15
C ALA G 366 3.94 -32.50 -25.27
N GLY G 367 3.68 -31.23 -24.95
CA GLY G 367 4.72 -30.23 -24.99
C GLY G 367 5.11 -29.88 -26.40
N ARG G 368 6.39 -29.61 -26.60
CA ARG G 368 6.94 -29.50 -27.94
C ARG G 368 7.36 -30.85 -28.51
N GLY G 369 7.22 -31.92 -27.72
CA GLY G 369 7.31 -33.27 -28.19
C GLY G 369 8.44 -34.18 -27.69
N PRO G 370 8.92 -34.06 -26.42
CA PRO G 370 9.97 -34.98 -25.98
C PRO G 370 9.45 -36.31 -25.47
N LEU G 371 8.25 -36.31 -24.87
CA LEU G 371 7.63 -37.54 -24.42
C LEU G 371 7.14 -38.37 -25.60
N VAL G 372 6.73 -37.72 -26.68
CA VAL G 372 6.31 -38.46 -27.88
C VAL G 372 7.50 -39.14 -28.52
N ASN G 373 8.64 -38.45 -28.59
CA ASN G 373 9.86 -39.07 -29.12
C ASN G 373 10.33 -40.19 -28.21
N ALA G 374 10.21 -40.00 -26.89
CA ALA G 374 10.56 -41.07 -25.95
C ALA G 374 9.69 -42.30 -26.16
N SER G 375 8.38 -42.10 -26.33
CA SER G 375 7.48 -43.22 -26.60
C SER G 375 7.82 -43.91 -27.92
N LEU G 376 8.13 -43.13 -28.95
CA LEU G 376 8.46 -43.70 -30.26
C LEU G 376 9.71 -44.56 -30.19
N ARG G 377 10.80 -44.02 -29.64
CA ARG G 377 12.02 -44.80 -29.60
C ARG G 377 11.97 -45.89 -28.53
N ALA G 378 11.07 -45.77 -27.55
CA ALA G 378 10.86 -46.86 -26.60
C ALA G 378 10.19 -48.04 -27.27
N ALA G 379 9.15 -47.78 -28.06
CA ALA G 379 8.51 -48.87 -28.81
C ALA G 379 9.44 -49.41 -29.88
N LYS G 380 10.33 -48.57 -30.40
CA LYS G 380 11.31 -49.03 -31.37
C LYS G 380 12.30 -50.01 -30.74
N GLN G 381 12.82 -49.67 -29.55
CA GLN G 381 13.76 -50.56 -28.89
C GLN G 381 13.09 -51.72 -28.19
N ALA G 382 11.78 -51.66 -27.98
CA ALA G 382 11.02 -52.79 -27.45
C ALA G 382 10.51 -53.71 -28.54
N ASP G 383 10.65 -53.33 -29.81
CA ASP G 383 10.20 -54.10 -30.97
C ASP G 383 8.69 -54.32 -30.96
N ARG G 384 7.93 -53.38 -30.40
CA ARG G 384 6.48 -53.46 -30.36
C ARG G 384 5.86 -52.33 -31.18
N ARG G 385 4.58 -52.48 -31.49
CA ARG G 385 3.87 -51.55 -32.36
C ARG G 385 2.91 -50.71 -31.52
N ILE G 386 2.99 -49.39 -31.68
CA ILE G 386 2.20 -48.46 -30.89
C ILE G 386 1.47 -47.50 -31.83
N LYS G 387 0.25 -47.13 -31.44
CA LYS G 387 -0.50 -46.05 -32.05
C LYS G 387 -0.58 -44.93 -31.03
N LEU G 388 0.01 -43.79 -31.35
CA LEU G 388 0.31 -42.76 -30.37
C LEU G 388 -0.55 -41.52 -30.57
N TYR G 389 -0.97 -40.93 -29.45
CA TYR G 389 -1.75 -39.70 -29.43
C TYR G 389 -0.98 -38.66 -28.63
N ALA G 390 -0.91 -37.44 -29.16
CA ALA G 390 -0.20 -36.33 -28.52
C ALA G 390 -1.19 -35.23 -28.23
N VAL G 391 -1.75 -35.24 -27.03
CA VAL G 391 -2.75 -34.26 -26.61
C VAL G 391 -2.02 -33.09 -25.96
N GLU G 392 -2.31 -31.88 -26.42
CA GLU G 392 -1.67 -30.69 -25.88
C GLU G 392 -2.64 -29.52 -25.99
N LYS G 393 -2.77 -28.76 -24.92
CA LYS G 393 -3.71 -27.63 -24.91
C LYS G 393 -3.07 -26.31 -25.32
N ASN G 394 -1.75 -26.20 -25.25
CA ASN G 394 -0.97 -25.03 -25.65
C ASN G 394 -1.04 -24.92 -27.16
N PRO G 395 -1.75 -23.94 -27.72
CA PRO G 395 -1.85 -23.84 -29.18
C PRO G 395 -0.52 -23.56 -29.85
N ASN G 396 0.37 -22.86 -29.16
CA ASN G 396 1.67 -22.54 -29.72
C ASN G 396 2.62 -23.72 -29.66
N ALA G 397 2.49 -24.58 -28.66
CA ALA G 397 3.20 -25.85 -28.67
C ALA G 397 2.54 -26.84 -29.61
N VAL G 398 1.24 -26.71 -29.81
CA VAL G 398 0.54 -27.49 -30.82
C VAL G 398 1.09 -27.18 -32.21
N VAL G 399 1.47 -25.93 -32.46
CA VAL G 399 2.09 -25.57 -33.75
C VAL G 399 3.35 -26.41 -33.98
N THR G 400 4.22 -26.49 -32.96
CA THR G 400 5.43 -27.29 -33.06
C THR G 400 5.12 -28.78 -33.20
N LEU G 401 4.12 -29.26 -32.45
CA LEU G 401 3.73 -30.67 -32.52
C LEU G 401 3.23 -31.04 -33.90
N GLU G 402 2.45 -30.16 -34.52
CA GLU G 402 1.93 -30.44 -35.85
C GLU G 402 3.03 -30.37 -36.91
N ASN G 403 4.03 -29.49 -36.71
CA ASN G 403 5.16 -29.52 -37.63
C ASN G 403 5.98 -30.80 -37.47
N TRP G 404 6.12 -31.27 -36.23
CA TRP G 404 6.78 -32.55 -35.98
C TRP G 404 6.02 -33.70 -36.64
N GLN G 405 4.69 -33.69 -36.52
CA GLN G 405 3.89 -34.74 -37.13
C GLN G 405 3.99 -34.71 -38.64
N PHE G 406 3.93 -33.52 -39.23
CA PHE G 406 4.02 -33.43 -40.69
C PHE G 406 5.38 -33.87 -41.19
N GLU G 407 6.45 -33.48 -40.50
CA GLU G 407 7.78 -33.77 -41.03
C GLU G 407 8.32 -35.12 -40.60
N GLU G 408 8.05 -35.56 -39.37
CA GLU G 408 8.66 -36.77 -38.84
C GLU G 408 7.64 -37.87 -38.54
N TRP G 409 6.66 -37.60 -37.68
CA TRP G 409 5.88 -38.70 -37.11
C TRP G 409 4.91 -39.29 -38.13
N GLY G 410 4.21 -38.45 -38.86
CA GLY G 410 3.27 -38.96 -39.83
C GLY G 410 2.01 -39.50 -39.17
N SER G 411 1.52 -40.61 -39.70
CA SER G 411 0.27 -41.19 -39.24
C SER G 411 0.41 -41.95 -37.93
N GLN G 412 1.64 -42.24 -37.50
CA GLN G 412 1.83 -42.95 -36.23
C GLN G 412 1.32 -42.12 -35.06
N VAL G 413 1.60 -40.82 -35.07
CA VAL G 413 1.21 -39.92 -33.99
C VAL G 413 0.08 -39.04 -34.47
N THR G 414 -1.01 -39.01 -33.69
CA THR G 414 -2.13 -38.11 -33.94
C THR G 414 -2.06 -36.97 -32.95
N VAL G 415 -1.93 -35.74 -33.45
CA VAL G 415 -1.81 -34.56 -32.59
C VAL G 415 -3.20 -34.01 -32.32
N VAL G 416 -3.51 -33.86 -31.04
CA VAL G 416 -4.80 -33.33 -30.58
C VAL G 416 -4.53 -32.00 -29.90
N SER G 417 -5.25 -30.96 -30.32
CA SER G 417 -5.15 -29.66 -29.69
C SER G 417 -6.38 -29.48 -28.80
N SER G 418 -6.27 -30.06 -27.59
CA SER G 418 -7.38 -30.03 -26.63
C SER G 418 -6.84 -30.12 -25.20
N ASP G 419 -7.71 -30.01 -24.19
CA ASP G 419 -7.34 -30.21 -22.79
C ASP G 419 -7.72 -31.66 -22.50
N MET G 420 -6.82 -32.46 -21.97
CA MET G 420 -7.08 -33.90 -21.72
C MET G 420 -8.34 -34.10 -20.89
N ARG G 421 -8.81 -33.08 -20.17
CA ARG G 421 -9.96 -33.30 -19.32
C ARG G 421 -11.25 -33.34 -20.13
N GLU G 422 -11.40 -32.45 -21.12
CA GLU G 422 -12.60 -32.46 -21.94
C GLU G 422 -12.37 -32.98 -23.35
N TRP G 423 -11.22 -33.58 -23.63
CA TRP G 423 -11.03 -34.25 -24.89
C TRP G 423 -11.89 -35.51 -24.96
N VAL G 424 -12.49 -35.74 -26.12
CA VAL G 424 -13.26 -36.96 -26.38
C VAL G 424 -12.39 -37.86 -27.25
N ALA G 425 -11.99 -38.99 -26.69
CA ALA G 425 -11.05 -39.84 -27.41
C ALA G 425 -11.78 -40.74 -28.40
N PRO G 426 -11.19 -41.02 -29.56
CA PRO G 426 -11.80 -41.97 -30.49
C PRO G 426 -11.67 -43.40 -30.03
N GLU G 427 -10.75 -43.70 -29.11
CA GLU G 427 -10.55 -45.05 -28.59
C GLU G 427 -9.86 -44.92 -27.25
N LYS G 428 -9.87 -46.02 -26.50
CA LYS G 428 -9.25 -46.02 -25.19
C LYS G 428 -7.77 -46.38 -25.32
N ALA G 429 -7.01 -46.09 -24.26
CA ALA G 429 -5.57 -46.16 -24.29
C ALA G 429 -5.07 -47.33 -23.46
N ASP G 430 -4.06 -48.04 -23.97
CA ASP G 430 -3.34 -49.00 -23.16
C ASP G 430 -2.47 -48.29 -22.13
N ILE G 431 -1.70 -47.29 -22.56
CA ILE G 431 -0.84 -46.54 -21.66
C ILE G 431 -1.12 -45.06 -21.84
N ILE G 432 -1.21 -44.32 -20.75
CA ILE G 432 -1.15 -42.86 -20.79
C ILE G 432 0.15 -42.44 -20.13
N VAL G 433 0.85 -41.50 -20.76
CA VAL G 433 2.14 -41.02 -20.29
C VAL G 433 2.05 -39.52 -20.17
N SER G 434 2.42 -38.99 -19.01
CA SER G 434 2.38 -37.55 -18.81
C SER G 434 3.57 -37.10 -18.00
N GLU G 435 3.95 -35.84 -18.18
CA GLU G 435 4.85 -35.15 -17.26
C GLU G 435 4.13 -33.90 -16.77
N LEU G 436 3.25 -34.09 -15.79
CA LEU G 436 2.54 -32.98 -15.18
C LEU G 436 3.00 -32.77 -13.75
N LEU G 437 4.23 -33.17 -13.47
CA LEU G 437 4.77 -33.17 -12.11
C LEU G 437 5.55 -31.90 -11.88
N GLY G 438 5.25 -31.23 -10.76
CA GLY G 438 6.01 -30.09 -10.32
C GLY G 438 7.08 -30.48 -9.32
N SER G 439 7.60 -29.47 -8.64
CA SER G 439 8.63 -29.69 -7.64
C SER G 439 8.08 -30.26 -6.34
N PHE G 440 6.76 -30.17 -6.13
CA PHE G 440 6.11 -30.78 -4.98
C PHE G 440 5.20 -31.93 -5.42
N ALA G 441 5.31 -32.34 -6.68
CA ALA G 441 4.73 -33.48 -7.38
C ALA G 441 3.25 -33.32 -7.71
N ASP G 442 2.56 -32.36 -7.11
CA ASP G 442 1.13 -32.23 -7.38
C ASP G 442 0.71 -30.77 -7.45
N ASN G 443 1.64 -29.84 -7.39
CA ASN G 443 1.37 -28.41 -7.47
C ASN G 443 1.13 -27.93 -8.90
N GLU G 444 1.11 -28.83 -9.87
CA GLU G 444 0.72 -28.48 -11.23
C GLU G 444 -0.51 -29.24 -11.68
N LEU G 445 -1.28 -29.74 -10.72
CA LEU G 445 -2.58 -30.35 -10.93
C LEU G 445 -2.48 -31.61 -11.77
N SER G 446 -1.44 -32.39 -11.53
CA SER G 446 -1.36 -33.73 -12.12
C SER G 446 -2.51 -34.63 -11.65
N PRO G 447 -2.90 -34.67 -10.37
CA PRO G 447 -4.08 -35.47 -10.02
C PRO G 447 -5.35 -35.05 -10.74
N GLU G 448 -5.62 -33.75 -10.86
CA GLU G 448 -6.84 -33.29 -11.50
C GLU G 448 -6.82 -33.52 -13.00
N CYS G 449 -5.64 -33.41 -13.61
CA CYS G 449 -5.53 -33.61 -15.04
C CYS G 449 -5.61 -35.09 -15.40
N LEU G 450 -5.04 -35.96 -14.57
CA LEU G 450 -5.14 -37.39 -14.81
C LEU G 450 -6.43 -38.00 -14.30
N ASP G 451 -7.22 -37.26 -13.53
CA ASP G 451 -8.56 -37.71 -13.19
C ASP G 451 -9.48 -37.64 -14.39
N GLY G 452 -9.43 -36.53 -15.13
CA GLY G 452 -10.24 -36.39 -16.32
C GLY G 452 -9.68 -37.17 -17.49
N ALA G 453 -8.40 -37.49 -17.47
CA ALA G 453 -7.76 -38.27 -18.52
C ALA G 453 -7.76 -39.76 -18.22
N GLN G 454 -8.74 -40.23 -17.44
CA GLN G 454 -8.77 -41.59 -16.98
C GLN G 454 -9.89 -42.40 -17.59
N HIS G 455 -10.93 -41.75 -18.10
CA HIS G 455 -12.05 -42.45 -18.72
C HIS G 455 -11.72 -42.98 -20.10
N PHE G 456 -10.67 -42.49 -20.75
CA PHE G 456 -10.18 -43.12 -21.96
C PHE G 456 -8.94 -43.97 -21.70
N LEU G 457 -8.87 -44.57 -20.52
CA LEU G 457 -7.88 -45.57 -20.19
C LEU G 457 -8.60 -46.91 -20.06
N LYS G 458 -7.97 -47.96 -20.58
CA LYS G 458 -8.59 -49.27 -20.52
C LYS G 458 -8.60 -49.78 -19.07
N ASP G 459 -9.49 -50.76 -18.82
CA ASP G 459 -9.65 -51.29 -17.48
C ASP G 459 -8.40 -51.98 -16.95
N ASP G 460 -7.49 -52.37 -17.84
CA ASP G 460 -6.16 -52.82 -17.45
C ASP G 460 -5.08 -51.88 -17.96
N GLY G 461 -5.41 -50.59 -18.12
CA GLY G 461 -4.47 -49.63 -18.62
C GLY G 461 -3.48 -49.16 -17.57
N VAL G 462 -2.36 -48.63 -18.05
CA VAL G 462 -1.26 -48.19 -17.22
C VAL G 462 -1.11 -46.67 -17.37
N SER G 463 -0.72 -46.02 -16.28
CA SER G 463 -0.37 -44.62 -16.27
C SER G 463 1.09 -44.47 -15.88
N ILE G 464 1.80 -43.60 -16.59
CA ILE G 464 3.21 -43.30 -16.30
C ILE G 464 3.33 -41.79 -16.14
N PRO G 465 3.63 -41.27 -14.94
CA PRO G 465 3.96 -41.98 -13.72
C PRO G 465 2.77 -42.56 -12.99
N GLY G 466 2.95 -43.75 -12.46
CA GLY G 466 1.87 -44.39 -11.72
C GLY G 466 1.83 -44.04 -10.28
N GLU G 467 2.87 -43.42 -9.74
CA GLU G 467 2.91 -43.09 -8.34
C GLU G 467 3.74 -41.83 -8.16
N TYR G 468 3.33 -40.96 -7.23
CA TYR G 468 4.23 -39.89 -6.83
C TYR G 468 3.90 -39.41 -5.43
N THR G 469 4.96 -39.12 -4.67
CA THR G 469 4.91 -38.75 -3.27
C THR G 469 5.70 -37.47 -3.08
N SER G 470 5.22 -36.61 -2.19
CA SER G 470 5.92 -35.38 -1.84
C SER G 470 6.48 -35.48 -0.42
N PHE G 471 7.61 -34.84 -0.19
CA PHE G 471 8.35 -34.93 1.06
C PHE G 471 8.60 -33.53 1.59
N LEU G 472 8.59 -33.38 2.90
CA LEU G 472 8.84 -32.09 3.55
C LEU G 472 9.94 -32.23 4.59
N ALA G 473 10.78 -31.20 4.68
CA ALA G 473 11.79 -31.15 5.72
C ALA G 473 11.91 -29.73 6.23
N PRO G 474 12.02 -29.52 7.54
CA PRO G 474 12.15 -28.15 8.05
C PRO G 474 13.55 -27.62 7.81
N ILE G 475 13.63 -26.35 7.42
CA ILE G 475 14.92 -25.73 7.14
C ILE G 475 15.09 -24.49 7.99
N SER G 476 16.33 -24.00 8.03
CA SER G 476 16.67 -22.70 8.58
C SER G 476 17.51 -21.94 7.58
N SER G 477 17.15 -20.69 7.31
CA SER G 477 17.96 -19.84 6.45
C SER G 477 17.60 -18.39 6.67
N SER G 478 18.56 -17.60 7.17
CA SER G 478 18.34 -16.17 7.28
C SER G 478 18.29 -15.52 5.90
N LYS G 479 19.12 -15.99 4.95
CA LYS G 479 19.13 -15.39 3.62
C LYS G 479 17.82 -15.65 2.89
N LEU G 480 17.29 -16.87 2.98
CA LEU G 480 16.01 -17.17 2.34
C LEU G 480 14.88 -16.37 2.97
N TYR G 481 14.94 -16.18 4.30
CA TYR G 481 13.95 -15.34 4.96
C TYR G 481 14.01 -13.91 4.47
N ASN G 482 15.22 -13.36 4.31
CA ASN G 482 15.33 -11.99 3.80
C ASN G 482 14.94 -11.90 2.33
N GLU G 483 15.16 -12.94 1.53
CA GLU G 483 14.66 -12.93 0.15
C GLU G 483 13.14 -12.94 0.12
N VAL G 484 12.52 -13.74 0.99
CA VAL G 484 11.06 -13.77 1.02
C VAL G 484 10.50 -12.41 1.45
N ARG G 485 11.13 -11.77 2.45
CA ARG G 485 10.70 -10.41 2.81
C ARG G 485 10.92 -9.43 1.68
N ALA G 486 12.05 -9.54 0.98
CA ALA G 486 12.31 -8.68 -0.16
C ALA G 486 11.34 -8.92 -1.31
N CYS G 487 10.61 -10.02 -1.30
CA CYS G 487 9.56 -10.25 -2.28
C CYS G 487 8.26 -9.50 -1.99
N ARG G 488 8.26 -8.58 -1.03
CA ARG G 488 7.05 -7.81 -0.76
C ARG G 488 6.77 -6.83 -1.89
N GLU G 489 5.51 -6.78 -2.31
CA GLU G 489 5.07 -5.94 -3.41
C GLU G 489 3.92 -5.05 -2.95
N LYS G 490 3.80 -3.90 -3.57
CA LYS G 490 2.66 -3.04 -3.33
C LYS G 490 1.43 -3.60 -4.03
N ASP G 491 0.27 -3.04 -3.71
CA ASP G 491 -1.02 -3.49 -4.23
C ASP G 491 -1.25 -4.96 -3.90
N ARG G 492 -0.86 -5.36 -2.70
CA ARG G 492 -0.89 -6.74 -2.26
C ARG G 492 -0.91 -6.73 -0.74
N ASP G 493 -1.35 -7.84 -0.15
CA ASP G 493 -1.23 -8.02 1.28
C ASP G 493 0.25 -7.97 1.65
N PRO G 494 0.61 -7.25 2.72
CA PRO G 494 2.03 -7.07 3.05
C PRO G 494 2.74 -8.34 3.49
N GLU G 495 2.02 -9.41 3.78
CA GLU G 495 2.64 -10.69 4.12
C GLU G 495 2.21 -11.81 3.18
N ALA G 496 1.70 -11.47 1.99
CA ALA G 496 1.32 -12.49 1.02
C ALA G 496 2.52 -13.28 0.56
N GLN G 497 3.70 -12.66 0.53
CA GLN G 497 4.90 -13.32 0.09
C GLN G 497 5.30 -14.49 0.96
N PHE G 498 4.79 -14.56 2.19
CA PHE G 498 5.09 -15.65 3.10
C PHE G 498 4.09 -16.79 2.98
N GLU G 499 3.11 -16.66 2.10
CA GLU G 499 2.08 -17.67 1.91
C GLU G 499 2.10 -18.22 0.49
N MET G 500 3.23 -18.11 -0.19
CA MET G 500 3.51 -18.61 -1.51
C MET G 500 4.64 -19.61 -1.43
N PRO G 501 4.53 -20.77 -2.07
CA PRO G 501 5.73 -21.57 -2.31
C PRO G 501 6.64 -20.89 -3.32
N TYR G 502 7.93 -21.15 -3.17
CA TYR G 502 8.94 -20.61 -4.07
C TYR G 502 9.80 -21.76 -4.58
N VAL G 503 9.99 -21.81 -5.89
CA VAL G 503 10.94 -22.76 -6.47
C VAL G 503 12.33 -22.13 -6.33
N VAL G 504 13.15 -22.66 -5.43
CA VAL G 504 14.41 -22.04 -5.11
C VAL G 504 15.48 -23.11 -4.95
N ARG G 505 16.66 -22.84 -5.52
CA ARG G 505 17.85 -23.66 -5.31
C ARG G 505 18.41 -23.30 -3.93
N LEU G 506 18.07 -24.13 -2.96
CA LEU G 506 18.46 -23.89 -1.56
C LEU G 506 19.97 -24.03 -1.42
N HIS G 507 20.66 -22.92 -1.13
CA HIS G 507 22.11 -22.97 -0.97
C HIS G 507 22.55 -22.61 0.45
N ASN G 508 22.24 -21.42 0.92
CA ASN G 508 22.70 -20.94 2.22
C ASN G 508 21.55 -21.17 3.20
N PHE G 509 21.47 -22.41 3.68
CA PHE G 509 20.37 -22.82 4.53
C PHE G 509 20.84 -23.98 5.39
N HIS G 510 20.09 -24.26 6.45
CA HIS G 510 20.35 -25.40 7.29
C HIS G 510 19.08 -26.23 7.42
N GLN G 511 19.18 -27.51 7.07
CA GLN G 511 18.06 -28.44 7.15
C GLN G 511 18.01 -29.05 8.54
N LEU G 512 16.84 -28.98 9.18
CA LEU G 512 16.75 -29.32 10.59
C LEU G 512 16.46 -30.80 10.83
N SER G 513 15.84 -31.49 9.88
CA SER G 513 15.47 -32.88 10.08
C SER G 513 15.33 -33.55 8.73
N ALA G 514 15.30 -34.88 8.74
CA ALA G 514 15.19 -35.64 7.51
C ALA G 514 13.80 -35.47 6.91
N PRO G 515 13.67 -35.47 5.58
CA PRO G 515 12.35 -35.36 4.96
C PRO G 515 11.46 -36.55 5.28
N GLN G 516 10.16 -36.27 5.40
CA GLN G 516 9.14 -37.27 5.57
C GLN G 516 8.05 -37.08 4.52
N PRO G 517 7.39 -38.16 4.10
CA PRO G 517 6.40 -38.03 3.01
C PRO G 517 5.15 -37.27 3.43
N CYS G 518 4.68 -36.40 2.54
CA CYS G 518 3.50 -35.59 2.80
C CYS G 518 2.25 -36.14 2.11
N PHE G 519 2.23 -36.15 0.79
CA PHE G 519 1.04 -36.54 0.03
C PHE G 519 1.43 -37.56 -1.01
N THR G 520 0.52 -38.48 -1.30
CA THR G 520 0.77 -39.55 -2.24
C THR G 520 -0.41 -39.66 -3.20
N PHE G 521 -0.12 -39.73 -4.49
CA PHE G 521 -1.14 -39.94 -5.50
C PHE G 521 -0.73 -41.08 -6.41
N SER G 522 -1.70 -41.94 -6.73
CA SER G 522 -1.50 -43.12 -7.54
C SER G 522 -2.48 -43.10 -8.70
N HIS G 523 -2.02 -43.48 -9.88
CA HIS G 523 -2.86 -43.47 -11.06
C HIS G 523 -2.78 -44.82 -11.77
N PRO G 524 -3.91 -45.34 -12.28
CA PRO G 524 -5.27 -44.79 -12.19
C PRO G 524 -5.89 -44.97 -10.82
N ASN G 525 -6.82 -44.08 -10.47
CA ASN G 525 -7.43 -44.05 -9.16
C ASN G 525 -8.88 -44.50 -9.34
N ARG G 526 -9.11 -45.80 -9.25
CA ARG G 526 -10.39 -46.41 -9.58
C ARG G 526 -11.33 -46.55 -8.40
N ASP G 531 -11.15 -38.12 -4.34
CA ASP G 531 -10.92 -36.85 -3.66
C ASP G 531 -9.42 -36.59 -3.61
N ASN G 532 -9.00 -35.45 -4.17
CA ASN G 532 -7.61 -35.05 -4.13
C ASN G 532 -7.31 -34.11 -2.98
N ASN G 533 -8.28 -33.83 -2.12
CA ASN G 533 -8.03 -33.05 -0.92
C ASN G 533 -7.28 -33.91 0.09
N ARG G 534 -6.24 -33.35 0.68
CA ARG G 534 -5.36 -34.12 1.55
C ARG G 534 -5.06 -33.34 2.81
N TYR G 535 -4.73 -34.07 3.88
CA TYR G 535 -4.35 -33.49 5.16
C TYR G 535 -3.27 -34.37 5.76
N CYS G 536 -2.13 -33.77 6.08
CA CYS G 536 -0.99 -34.50 6.60
C CYS G 536 -0.46 -33.81 7.85
N THR G 537 -0.11 -34.61 8.84
CA THR G 537 0.59 -34.15 10.03
C THR G 537 1.95 -34.82 10.09
N LEU G 538 3.00 -34.02 10.21
CA LEU G 538 4.37 -34.52 10.22
C LEU G 538 5.09 -34.00 11.44
N GLU G 539 5.60 -34.91 12.28
CA GLU G 539 6.43 -34.57 13.41
C GLU G 539 7.89 -34.84 13.06
N PHE G 540 8.72 -33.82 13.17
CA PHE G 540 10.14 -33.89 12.87
C PHE G 540 10.92 -33.83 14.18
N PRO G 541 11.62 -34.89 14.57
CA PRO G 541 12.47 -34.82 15.75
C PRO G 541 13.70 -33.97 15.49
N VAL G 542 13.75 -32.78 16.07
CA VAL G 542 14.84 -31.83 15.82
C VAL G 542 15.88 -32.04 16.91
N GLU G 543 16.95 -32.77 16.57
CA GLU G 543 17.98 -33.17 17.51
C GLU G 543 18.97 -32.07 17.83
N VAL G 544 18.71 -30.82 17.46
CA VAL G 544 19.64 -29.72 17.66
C VAL G 544 18.85 -28.46 17.96
N ASN G 545 19.53 -27.48 18.54
CA ASN G 545 18.94 -26.14 18.65
C ASN G 545 19.02 -25.47 17.30
N THR G 546 17.94 -24.78 16.90
CA THR G 546 17.83 -24.13 15.59
C THR G 546 16.83 -22.97 15.67
N VAL G 547 16.60 -22.33 14.52
CA VAL G 547 15.48 -21.42 14.32
C VAL G 547 14.82 -21.72 12.97
N LEU G 548 13.54 -22.09 12.99
CA LEU G 548 12.79 -22.53 11.83
C LEU G 548 12.36 -21.34 10.97
N HIS G 549 12.67 -21.42 9.67
CA HIS G 549 12.32 -20.39 8.71
C HIS G 549 11.40 -20.87 7.60
N GLY G 550 11.15 -22.16 7.47
CA GLY G 550 10.29 -22.67 6.43
C GLY G 550 10.46 -24.15 6.27
N PHE G 551 9.80 -24.67 5.25
CA PHE G 551 9.83 -26.09 4.92
C PHE G 551 10.25 -26.26 3.47
N ALA G 552 11.01 -27.31 3.20
CA ALA G 552 11.48 -27.64 1.86
C ALA G 552 10.74 -28.85 1.38
N GLY G 553 10.17 -28.76 0.18
CA GLY G 553 9.39 -29.81 -0.42
C GLY G 553 10.08 -30.42 -1.61
N TYR G 554 10.21 -31.73 -1.56
CA TYR G 554 10.80 -32.57 -2.58
C TYR G 554 9.74 -33.56 -3.06
N PHE G 555 10.12 -34.42 -3.99
CA PHE G 555 9.19 -35.45 -4.43
C PHE G 555 9.97 -36.66 -4.95
N GLU G 556 9.31 -37.80 -4.87
CA GLU G 556 9.67 -39.02 -5.56
C GLU G 556 8.53 -39.41 -6.48
N THR G 557 8.86 -40.05 -7.59
CA THR G 557 7.83 -40.59 -8.47
C THR G 557 8.26 -41.93 -9.00
N VAL G 558 7.32 -42.87 -9.01
CA VAL G 558 7.47 -44.17 -9.63
C VAL G 558 6.78 -44.07 -10.97
N LEU G 559 7.57 -44.00 -12.05
CA LEU G 559 7.00 -44.00 -13.38
C LEU G 559 6.46 -45.38 -13.71
N TYR G 560 7.34 -46.37 -13.67
CA TYR G 560 6.91 -47.79 -13.78
C TYR G 560 7.56 -48.47 -12.61
N GLN G 561 7.60 -49.79 -12.52
CA GLN G 561 7.98 -50.53 -11.30
C GLN G 561 9.30 -50.14 -10.63
N ASP G 562 10.43 -50.16 -11.35
CA ASP G 562 11.75 -49.88 -10.70
C ASP G 562 12.26 -48.55 -11.22
N ILE G 563 11.51 -47.96 -12.16
CA ILE G 563 11.92 -46.70 -12.80
C ILE G 563 11.39 -45.54 -11.95
N THR G 564 12.28 -44.79 -11.32
CA THR G 564 11.90 -43.72 -10.40
C THR G 564 12.65 -42.45 -10.75
N LEU G 565 12.00 -41.32 -10.50
CA LEU G 565 12.63 -40.01 -10.55
C LEU G 565 12.48 -39.34 -9.21
N SER G 566 13.57 -38.85 -8.65
CA SER G 566 13.50 -38.25 -7.32
C SER G 566 14.39 -37.02 -7.26
N ILE G 567 13.86 -35.94 -6.68
CA ILE G 567 14.66 -34.79 -6.29
C ILE G 567 14.90 -34.76 -4.80
N ARG G 568 14.43 -35.76 -4.07
CA ARG G 568 14.68 -35.86 -2.64
C ARG G 568 16.17 -36.00 -2.40
N PRO G 569 16.75 -35.20 -1.48
CA PRO G 569 18.22 -35.05 -1.47
C PRO G 569 18.98 -36.28 -1.04
N GLU G 570 18.32 -37.32 -0.55
CA GLU G 570 19.01 -38.58 -0.25
C GLU G 570 18.89 -39.62 -1.35
N THR G 571 17.83 -39.57 -2.15
CA THR G 571 17.66 -40.47 -3.29
C THR G 571 17.57 -39.70 -4.59
N HIS G 572 18.27 -38.57 -4.66
CA HIS G 572 18.22 -37.71 -5.84
C HIS G 572 18.72 -38.44 -7.06
N SER G 573 17.96 -38.37 -8.14
CA SER G 573 18.39 -38.94 -9.40
C SER G 573 19.61 -38.18 -9.90
N PRO G 574 20.71 -38.87 -10.22
CA PRO G 574 21.97 -38.17 -10.48
C PRO G 574 21.94 -37.39 -11.79
N GLY G 575 22.31 -36.11 -11.71
CA GLY G 575 22.39 -35.26 -12.86
C GLY G 575 21.06 -34.75 -13.38
N MET G 576 19.97 -35.00 -12.66
CA MET G 576 18.62 -34.71 -13.14
C MET G 576 18.19 -33.39 -12.51
N PHE G 577 18.27 -32.32 -13.30
CA PHE G 577 18.07 -30.96 -12.81
C PHE G 577 16.78 -30.33 -13.31
N SER G 578 15.75 -31.13 -13.58
CA SER G 578 14.50 -30.57 -14.08
C SER G 578 13.74 -29.83 -12.98
N TRP G 579 13.98 -30.18 -11.72
CA TRP G 579 13.22 -29.65 -10.61
C TRP G 579 14.16 -29.16 -9.51
N PHE G 580 13.94 -27.94 -9.04
CA PHE G 580 14.47 -27.38 -7.81
C PHE G 580 13.49 -27.66 -6.68
N PRO G 581 13.92 -27.63 -5.42
CA PRO G 581 12.98 -27.83 -4.32
C PRO G 581 11.99 -26.67 -4.17
N ILE G 582 10.88 -26.97 -3.52
CA ILE G 582 9.89 -25.97 -3.14
C ILE G 582 10.26 -25.47 -1.75
N LEU G 583 10.00 -24.19 -1.49
CA LEU G 583 10.10 -23.63 -0.15
C LEU G 583 8.73 -23.07 0.23
N PHE G 584 8.18 -23.57 1.33
CA PHE G 584 7.02 -22.95 1.97
C PHE G 584 7.53 -22.14 3.14
N PRO G 585 7.52 -20.81 3.06
CA PRO G 585 7.96 -20.00 4.20
C PRO G 585 6.93 -19.99 5.31
N ILE G 586 7.36 -19.51 6.47
CA ILE G 586 6.46 -19.18 7.56
C ILE G 586 6.65 -17.71 7.88
N LYS G 587 5.59 -17.06 8.36
CA LYS G 587 5.58 -15.60 8.47
C LYS G 587 6.53 -15.11 9.54
N GLN G 588 6.70 -15.89 10.61
CA GLN G 588 7.58 -15.52 11.70
C GLN G 588 8.43 -16.72 12.09
N PRO G 589 9.74 -16.55 12.23
CA PRO G 589 10.60 -17.70 12.55
C PRO G 589 10.27 -18.28 13.91
N ILE G 590 10.51 -19.57 14.07
CA ILE G 590 10.12 -20.30 15.27
C ILE G 590 11.38 -20.89 15.89
N THR G 591 11.76 -20.41 17.07
CA THR G 591 13.00 -20.87 17.68
C THR G 591 12.79 -22.25 18.29
N VAL G 592 13.69 -23.18 17.95
CA VAL G 592 13.57 -24.58 18.32
C VAL G 592 14.77 -24.95 19.19
N ARG G 593 14.53 -25.76 20.21
CA ARG G 593 15.57 -26.17 21.13
C ARG G 593 15.93 -27.63 20.91
N GLU G 594 16.91 -28.10 21.69
CA GLU G 594 17.32 -29.49 21.64
C GLU G 594 16.18 -30.40 22.04
N GLY G 595 15.97 -31.47 21.27
CA GLY G 595 14.98 -32.46 21.63
C GLY G 595 13.55 -32.03 21.46
N GLN G 596 13.31 -30.82 20.99
CA GLN G 596 11.96 -30.33 20.74
C GLN G 596 11.55 -30.71 19.33
N THR G 597 10.46 -31.47 19.22
CA THR G 597 9.96 -31.88 17.91
C THR G 597 9.19 -30.74 17.27
N ILE G 598 9.17 -30.72 15.94
CA ILE G 598 8.44 -29.73 15.16
C ILE G 598 7.26 -30.43 14.51
N CYS G 599 6.05 -29.96 14.79
CA CYS G 599 4.86 -30.52 14.18
C CYS G 599 4.34 -29.55 13.12
N VAL G 600 4.20 -30.02 11.89
CA VAL G 600 3.65 -29.19 10.82
C VAL G 600 2.47 -29.95 10.23
N ARG G 601 1.48 -29.19 9.78
CA ARG G 601 0.31 -29.78 9.15
C ARG G 601 0.11 -29.13 7.80
N PHE G 602 0.02 -29.94 6.76
CA PHE G 602 -0.31 -29.45 5.44
C PHE G 602 -1.69 -29.90 5.00
N TRP G 603 -2.30 -29.06 4.18
CA TRP G 603 -3.58 -29.34 3.55
C TRP G 603 -3.44 -29.12 2.06
N ARG G 604 -3.99 -30.03 1.28
CA ARG G 604 -4.20 -29.83 -0.14
C ARG G 604 -5.70 -29.59 -0.30
N CYS G 605 -6.07 -28.35 -0.52
CA CYS G 605 -7.44 -27.91 -0.59
C CYS G 605 -7.78 -27.55 -2.03
N SER G 606 -9.07 -27.60 -2.35
CA SER G 606 -9.49 -27.35 -3.72
C SER G 606 -10.96 -26.99 -3.74
N ASN G 607 -11.37 -26.38 -4.85
CA ASN G 607 -12.78 -26.24 -5.20
C ASN G 607 -12.89 -26.50 -6.70
N SER G 608 -13.99 -26.09 -7.30
CA SER G 608 -14.18 -26.32 -8.73
C SER G 608 -13.20 -25.50 -9.57
N LYS G 609 -12.77 -24.34 -9.08
CA LYS G 609 -11.93 -23.46 -9.88
C LYS G 609 -10.47 -23.47 -9.51
N LYS G 610 -10.13 -23.69 -8.24
CA LYS G 610 -8.79 -23.47 -7.74
C LYS G 610 -8.32 -24.65 -6.92
N VAL G 611 -7.00 -24.82 -6.85
CA VAL G 611 -6.33 -25.73 -5.93
C VAL G 611 -5.21 -24.95 -5.26
N TRP G 612 -5.05 -25.15 -3.95
CA TRP G 612 -4.02 -24.47 -3.20
C TRP G 612 -3.53 -25.36 -2.08
N TYR G 613 -2.54 -24.88 -1.35
CA TYR G 613 -2.01 -25.52 -0.16
C TYR G 613 -2.21 -24.60 1.03
N GLU G 614 -2.39 -25.20 2.19
CA GLU G 614 -2.34 -24.48 3.45
C GLU G 614 -1.37 -25.21 4.37
N TRP G 615 -0.61 -24.46 5.15
CA TRP G 615 0.29 -25.08 6.11
C TRP G 615 0.28 -24.27 7.39
N ALA G 616 0.57 -24.96 8.49
CA ALA G 616 0.64 -24.37 9.82
C ALA G 616 1.60 -25.20 10.65
N VAL G 617 2.41 -24.53 11.46
CA VAL G 617 3.24 -25.17 12.47
C VAL G 617 2.46 -25.19 13.76
N THR G 618 2.42 -26.34 14.43
CA THR G 618 1.63 -26.48 15.63
C THR G 618 2.45 -26.83 16.88
N ALA G 619 3.74 -27.08 16.72
CA ALA G 619 4.65 -27.40 17.81
C ALA G 619 6.06 -27.11 17.32
N PRO G 620 6.95 -26.54 18.17
CA PRO G 620 6.85 -26.25 19.60
C PRO G 620 5.96 -25.06 19.94
N VAL G 621 5.79 -24.14 19.01
CA VAL G 621 4.85 -23.04 19.15
C VAL G 621 4.02 -22.97 17.86
N CYS G 622 2.75 -22.64 17.99
CA CYS G 622 1.90 -22.53 16.82
C CYS G 622 2.25 -21.31 15.99
N SER G 623 1.99 -21.42 14.70
CA SER G 623 1.98 -20.30 13.77
C SER G 623 0.57 -20.16 13.22
N ALA G 624 0.36 -19.11 12.44
CA ALA G 624 -0.91 -18.96 11.75
C ALA G 624 -1.03 -20.01 10.65
N ILE G 625 -2.24 -20.22 10.18
CA ILE G 625 -2.45 -21.04 9.00
C ILE G 625 -2.10 -20.22 7.77
N HIS G 626 -1.16 -20.70 6.98
CA HIS G 626 -0.66 -19.94 5.84
C HIS G 626 -1.47 -20.27 4.61
N ASN G 627 -1.84 -19.23 3.87
CA ASN G 627 -2.64 -19.28 2.65
C ASN G 627 -4.06 -19.82 2.87
N PRO G 628 -4.88 -19.27 3.77
CA PRO G 628 -6.24 -19.79 3.89
C PRO G 628 -7.10 -19.32 2.73
N THR G 629 -7.95 -20.23 2.23
CA THR G 629 -8.79 -20.06 1.04
C THR G 629 -7.99 -19.74 -0.22
N GLY G 630 -6.69 -19.98 -0.22
CA GLY G 630 -5.88 -19.66 -1.37
C GLY G 630 -5.78 -18.18 -1.62
N ARG G 631 -5.76 -17.39 -0.57
CA ARG G 631 -5.82 -15.94 -0.74
C ARG G 631 -4.51 -15.38 -1.28
N SER G 632 -3.41 -16.11 -1.11
CA SER G 632 -2.12 -15.66 -1.61
C SER G 632 -1.57 -16.51 -2.74
N TYR G 633 -1.97 -17.77 -2.85
CA TYR G 633 -1.45 -18.63 -3.91
C TYR G 633 -2.45 -19.73 -4.17
N THR G 634 -2.99 -19.76 -5.39
CA THR G 634 -3.76 -20.90 -5.88
C THR G 634 -3.10 -21.39 -7.16
N ILE G 635 -3.31 -22.67 -7.46
CA ILE G 635 -3.02 -23.20 -8.77
C ILE G 635 -4.34 -23.25 -9.53
N GLY G 636 -4.41 -22.56 -10.65
CA GLY G 636 -5.66 -22.41 -11.37
C GLY G 636 -6.00 -23.65 -12.17
N LEU G 637 -7.21 -24.16 -11.97
CA LEU G 637 -7.70 -25.30 -12.74
C LEU G 637 -8.16 -24.86 -14.11
N ALA H 23 67.53 12.48 14.08
CA ALA H 23 66.44 13.15 14.76
C ALA H 23 65.51 13.83 13.77
N PRO H 24 64.23 13.50 13.84
CA PRO H 24 63.26 14.10 12.91
C PRO H 24 63.09 15.60 13.14
N ALA H 25 62.61 16.28 12.10
CA ALA H 25 62.42 17.72 12.19
C ALA H 25 61.19 18.07 13.02
N CYS H 26 60.23 17.18 13.15
CA CYS H 26 59.01 17.44 13.87
C CYS H 26 58.68 16.29 14.81
N MET H 27 58.16 16.63 15.98
CA MET H 27 57.67 15.66 16.94
C MET H 27 56.16 15.57 16.82
N GLU H 28 55.64 14.35 16.86
CA GLU H 28 54.21 14.13 16.72
C GLU H 28 53.44 14.73 17.88
N ARG H 29 52.16 15.04 17.64
CA ARG H 29 51.41 15.82 18.61
C ARG H 29 51.13 15.03 19.87
N GLN H 30 50.71 13.78 19.73
CA GLN H 30 50.28 12.98 20.88
C GLN H 30 51.50 12.39 21.56
N LEU H 31 52.01 13.10 22.56
CA LEU H 31 53.07 12.55 23.38
C LEU H 31 52.51 11.44 24.26
N GLU H 32 53.11 10.26 24.20
CA GLU H 32 52.53 9.08 24.81
C GLU H 32 53.20 8.68 26.11
N ALA H 33 54.51 8.84 26.23
CA ALA H 33 55.20 8.40 27.43
C ALA H 33 56.37 9.31 27.73
N ALA H 34 56.77 9.33 29.00
CA ALA H 34 57.92 10.11 29.46
C ALA H 34 58.51 9.43 30.67
N ARG H 35 59.79 9.06 30.59
CA ARG H 35 60.45 8.36 31.68
C ARG H 35 61.76 9.03 32.05
N TYR H 36 62.04 9.12 33.35
CA TYR H 36 63.28 9.65 33.85
C TYR H 36 64.22 8.50 34.15
N ARG H 37 65.46 8.59 33.68
CA ARG H 37 66.47 7.62 34.08
C ARG H 37 67.21 8.17 35.30
N SER H 38 68.29 7.49 35.70
CA SER H 38 68.87 7.74 37.02
C SER H 38 69.51 9.12 37.11
N ASP H 39 70.19 9.56 36.05
CA ASP H 39 70.84 10.87 36.09
C ASP H 39 69.87 12.02 35.88
N GLY H 40 68.61 11.73 35.59
CA GLY H 40 67.61 12.76 35.41
C GLY H 40 67.32 13.15 33.98
N ALA H 41 67.81 12.39 33.00
CA ALA H 41 67.43 12.62 31.62
C ALA H 41 66.01 12.13 31.38
N LEU H 42 65.36 12.72 30.38
CA LEU H 42 63.96 12.45 30.10
C LEU H 42 63.83 11.78 28.74
N LEU H 43 63.00 10.75 28.68
CA LEU H 43 62.73 10.05 27.43
C LEU H 43 61.27 10.28 27.06
N LEU H 44 61.06 10.82 25.87
CA LEU H 44 59.74 11.16 25.36
C LEU H 44 59.40 10.19 24.23
N GLY H 45 58.27 9.52 24.36
CA GLY H 45 57.78 8.70 23.28
C GLY H 45 56.49 9.28 22.75
N ALA H 46 56.50 9.62 21.46
CA ALA H 46 55.39 10.30 20.81
C ALA H 46 54.84 9.45 19.68
N SER H 47 53.60 9.72 19.30
CA SER H 47 53.00 9.08 18.15
C SER H 47 51.96 10.02 17.56
N SER H 48 51.88 10.07 16.23
CA SER H 48 50.81 10.82 15.59
C SER H 48 49.61 9.91 15.45
N LEU H 49 48.48 10.32 16.02
CA LEU H 49 47.27 9.54 15.95
C LEU H 49 46.25 10.15 15.01
N SER H 50 46.66 11.15 14.23
CA SER H 50 45.84 11.75 13.18
C SER H 50 46.75 12.12 12.03
N GLY H 51 46.15 12.58 10.94
CA GLY H 51 46.91 12.98 9.78
C GLY H 51 47.35 11.79 8.94
N ARG H 52 48.16 12.10 7.91
CA ARG H 52 48.49 11.11 6.90
C ARG H 52 49.27 9.93 7.47
N CYS H 53 50.26 10.18 8.33
CA CYS H 53 51.18 9.15 8.78
C CYS H 53 51.00 8.91 10.26
N TRP H 54 50.58 7.69 10.63
CA TRP H 54 50.44 7.28 12.02
C TRP H 54 51.70 6.52 12.40
N ALA H 55 52.74 7.26 12.71
CA ALA H 55 54.01 6.71 13.14
C ALA H 55 54.27 7.15 14.57
N GLY H 56 55.47 6.88 15.05
CA GLY H 56 55.89 7.33 16.36
C GLY H 56 57.34 7.76 16.32
N SER H 57 57.80 8.29 17.44
CA SER H 57 59.18 8.71 17.55
C SER H 57 59.62 8.63 19.00
N LEU H 58 60.93 8.56 19.19
CA LEU H 58 61.54 8.61 20.51
C LEU H 58 62.49 9.79 20.56
N TRP H 59 62.57 10.41 21.73
CA TRP H 59 63.40 11.58 21.94
C TRP H 59 64.05 11.49 23.31
N LEU H 60 65.31 11.87 23.40
CA LEU H 60 66.03 11.95 24.65
C LEU H 60 66.40 13.40 24.90
N PHE H 61 65.95 13.93 26.04
CA PHE H 61 66.22 15.29 26.48
C PHE H 61 67.00 15.20 27.79
N LYS H 62 68.32 15.36 27.73
CA LYS H 62 69.10 15.45 28.95
C LYS H 62 68.90 16.78 29.66
N ASP H 63 68.35 17.78 28.96
CA ASP H 63 67.83 19.00 29.55
C ASP H 63 66.32 18.91 29.52
N PRO H 64 65.70 18.40 30.59
CA PRO H 64 64.25 18.11 30.55
C PRO H 64 63.38 19.33 30.34
N CYS H 65 63.84 20.53 30.72
CA CYS H 65 63.02 21.72 30.54
C CYS H 65 62.95 22.18 29.08
N ALA H 66 63.83 21.68 28.23
CA ALA H 66 63.82 22.02 26.82
C ALA H 66 62.77 21.25 26.03
N ALA H 67 62.17 20.23 26.63
CA ALA H 67 61.13 19.44 25.98
C ALA H 67 59.83 20.23 25.93
N PRO H 68 59.03 20.05 24.86
CA PRO H 68 59.29 19.22 23.69
C PRO H 68 59.79 19.96 22.46
N ASN H 69 60.77 20.86 22.63
CA ASN H 69 61.36 21.55 21.49
C ASN H 69 62.31 20.60 20.79
N GLU H 70 62.06 20.35 19.50
CA GLU H 70 62.79 19.32 18.78
C GLU H 70 64.25 19.71 18.57
N GLY H 71 64.54 21.01 18.53
CA GLY H 71 65.91 21.45 18.28
C GLY H 71 66.87 21.13 19.42
N PHE H 72 66.39 21.24 20.65
CA PHE H 72 67.24 21.05 21.83
C PHE H 72 67.25 19.60 22.30
N CYS H 73 67.00 18.64 21.41
CA CYS H 73 66.97 17.24 21.82
C CYS H 73 68.38 16.68 21.87
N SER H 74 68.63 15.83 22.86
CA SER H 74 69.90 15.12 22.91
C SER H 74 69.92 13.97 21.92
N ALA H 75 68.80 13.29 21.73
CA ALA H 75 68.73 12.22 20.75
C ALA H 75 67.30 12.12 20.24
N GLY H 76 67.15 11.48 19.08
CA GLY H 76 65.82 11.29 18.52
C GLY H 76 65.86 10.25 17.42
N VAL H 77 64.70 9.63 17.19
CA VAL H 77 64.57 8.62 16.15
C VAL H 77 63.10 8.51 15.78
N GLN H 78 62.86 8.12 14.54
CA GLN H 78 61.53 7.95 13.97
C GLN H 78 61.26 6.45 13.84
N THR H 79 60.24 5.95 14.51
CA THR H 79 59.90 4.54 14.46
C THR H 79 59.01 4.24 13.26
N GLU H 80 58.82 2.95 12.98
CA GLU H 80 58.00 2.55 11.84
C GLU H 80 56.51 2.68 12.11
N ALA H 81 56.09 2.51 13.36
CA ALA H 81 54.69 2.62 13.73
C ALA H 81 54.55 3.43 15.01
N GLY H 82 53.37 3.40 15.61
CA GLY H 82 53.13 4.19 16.79
C GLY H 82 53.85 3.66 18.01
N VAL H 83 53.84 4.48 19.05
CA VAL H 83 54.45 4.14 20.34
C VAL H 83 53.30 4.03 21.33
N ALA H 84 52.95 2.81 21.72
CA ALA H 84 51.85 2.63 22.67
C ALA H 84 52.34 2.75 24.11
N ASP H 85 53.54 2.26 24.39
CA ASP H 85 54.14 2.35 25.71
C ASP H 85 55.65 2.22 25.54
N LEU H 86 56.39 2.62 26.57
CA LEU H 86 57.82 2.39 26.61
C LEU H 86 58.27 2.33 28.06
N THR H 87 59.56 2.01 28.22
CA THR H 87 60.18 1.84 29.52
C THR H 87 61.69 1.85 29.31
N TRP H 88 62.42 1.93 30.42
CA TRP H 88 63.88 1.91 30.39
C TRP H 88 64.35 0.51 30.72
N VAL H 89 65.29 0.00 29.93
CA VAL H 89 65.99 -1.25 30.23
C VAL H 89 67.41 -0.85 30.60
N GLY H 90 67.69 -0.78 31.89
CA GLY H 90 68.96 -0.25 32.32
C GLY H 90 69.03 1.25 32.10
N GLU H 91 70.23 1.72 31.78
CA GLU H 91 70.45 3.14 31.58
C GLU H 91 70.56 3.52 30.10
N ARG H 92 70.59 2.55 29.21
CA ARG H 92 70.78 2.82 27.79
C ARG H 92 69.79 2.11 26.88
N GLY H 93 68.86 1.33 27.45
CA GLY H 93 67.93 0.59 26.62
C GLY H 93 66.51 1.10 26.70
N ILE H 94 65.88 1.30 25.56
CA ILE H 94 64.50 1.78 25.47
C ILE H 94 63.66 0.65 24.89
N LEU H 95 62.76 0.11 25.71
CA LEU H 95 61.92 -1.01 25.31
C LEU H 95 60.54 -0.48 24.95
N VAL H 96 60.15 -0.64 23.70
CA VAL H 96 58.97 0.00 23.13
C VAL H 96 57.94 -1.06 22.77
N ALA H 97 56.68 -0.75 23.06
CA ALA H 97 55.54 -1.47 22.52
C ALA H 97 55.00 -0.69 21.33
N SER H 98 54.81 -1.34 20.20
CA SER H 98 54.36 -0.66 19.00
C SER H 98 52.90 -1.00 18.70
N ASP H 99 52.36 -0.31 17.70
CA ASP H 99 51.03 -0.63 17.19
C ASP H 99 51.04 -1.82 16.26
N SER H 100 52.20 -2.25 15.81
CA SER H 100 52.34 -3.31 14.81
C SER H 100 52.47 -4.68 15.43
N GLY H 101 52.28 -4.79 16.74
CA GLY H 101 52.55 -6.04 17.43
C GLY H 101 54.00 -6.22 17.79
N ALA H 102 54.83 -5.24 17.50
CA ALA H 102 56.27 -5.36 17.71
C ALA H 102 56.63 -4.92 19.11
N VAL H 103 57.41 -5.74 19.78
CA VAL H 103 58.19 -5.30 20.94
C VAL H 103 59.59 -5.02 20.44
N GLU H 104 60.07 -3.80 20.71
CA GLU H 104 61.32 -3.32 20.18
C GLU H 104 62.27 -2.99 21.32
N LEU H 105 63.54 -3.23 21.08
CA LEU H 105 64.62 -2.73 21.91
C LEU H 105 65.45 -1.79 21.07
N TRP H 106 65.48 -0.53 21.48
CA TRP H 106 66.36 0.50 20.96
C TRP H 106 67.49 0.73 21.95
N GLU H 107 68.65 1.10 21.43
CA GLU H 107 69.81 1.35 22.27
C GLU H 107 70.35 2.74 21.99
N LEU H 108 70.70 3.46 23.04
CA LEU H 108 71.42 4.72 22.89
C LEU H 108 72.90 4.42 22.68
N ASP H 109 73.51 5.16 21.75
CA ASP H 109 74.91 4.90 21.43
C ASP H 109 75.82 5.40 22.55
N GLU H 110 77.13 5.29 22.32
CA GLU H 110 78.10 5.67 23.34
C GLU H 110 78.03 7.17 23.63
N ASN H 111 77.89 7.99 22.59
CA ASN H 111 77.76 9.42 22.78
C ASN H 111 76.36 9.83 23.26
N GLU H 112 75.41 8.91 23.28
CA GLU H 112 74.00 9.18 23.61
C GLU H 112 73.42 10.26 22.71
N THR H 113 73.79 10.21 21.43
CA THR H 113 73.26 11.13 20.43
C THR H 113 72.50 10.44 19.31
N LEU H 114 72.48 9.11 19.28
CA LEU H 114 71.64 8.37 18.36
C LEU H 114 70.93 7.27 19.13
N ILE H 115 69.73 6.93 18.68
CA ILE H 115 68.97 5.78 19.18
C ILE H 115 68.94 4.74 18.06
N VAL H 116 69.55 3.59 18.31
CA VAL H 116 69.67 2.54 17.31
C VAL H 116 68.93 1.31 17.82
N SER H 117 68.41 0.52 16.88
CA SER H 117 67.46 -0.54 17.20
C SER H 117 68.19 -1.86 17.44
N LYS H 118 68.03 -2.41 18.64
CA LYS H 118 68.60 -3.71 18.94
C LYS H 118 67.76 -4.84 18.36
N PHE H 119 66.46 -4.85 18.66
CA PHE H 119 65.60 -5.84 18.02
C PHE H 119 64.20 -5.28 17.81
N CYS H 120 63.44 -5.93 16.94
CA CYS H 120 62.06 -5.57 16.65
C CYS H 120 61.31 -6.86 16.32
N LYS H 121 60.70 -7.46 17.34
CA LYS H 121 60.08 -8.77 17.21
C LYS H 121 58.56 -8.63 17.13
N TYR H 122 57.99 -9.23 16.09
CA TYR H 122 56.54 -9.19 15.84
C TYR H 122 55.93 -10.51 16.31
N GLU H 123 55.60 -10.58 17.59
CA GLU H 123 54.98 -11.77 18.15
C GLU H 123 53.53 -11.57 18.56
N HIS H 124 53.09 -10.34 18.76
CA HIS H 124 51.71 -10.06 19.10
C HIS H 124 50.91 -9.84 17.83
N ASP H 125 49.66 -10.29 17.85
CA ASP H 125 48.77 -10.20 16.69
C ASP H 125 47.97 -8.92 16.66
N ASP H 126 48.24 -7.99 17.56
CA ASP H 126 47.48 -6.76 17.67
C ASP H 126 48.38 -5.71 18.32
N ILE H 127 47.82 -4.56 18.66
CA ILE H 127 48.62 -3.51 19.28
C ILE H 127 49.12 -3.98 20.63
N VAL H 128 50.43 -3.91 20.85
CA VAL H 128 50.98 -4.19 22.17
C VAL H 128 50.62 -3.01 23.05
N SER H 129 49.58 -3.18 23.87
CA SER H 129 49.10 -2.05 24.66
C SER H 129 50.06 -1.70 25.79
N THR H 130 50.77 -2.68 26.34
CA THR H 130 51.59 -2.40 27.51
C THR H 130 52.84 -3.26 27.52
N VAL H 131 53.89 -2.73 28.13
CA VAL H 131 55.17 -3.42 28.27
C VAL H 131 55.77 -3.03 29.62
N SER H 132 56.50 -3.95 30.23
CA SER H 132 57.13 -3.71 31.52
C SER H 132 58.39 -4.53 31.62
N VAL H 133 59.31 -4.11 32.47
CA VAL H 133 60.60 -4.77 32.66
C VAL H 133 60.60 -5.44 34.03
N LEU H 134 60.83 -6.74 34.06
CA LEU H 134 60.81 -7.50 35.30
C LEU H 134 61.99 -7.11 36.17
N SER H 135 61.94 -7.57 37.43
CA SER H 135 62.80 -7.03 38.47
C SER H 135 64.28 -7.28 38.22
N SER H 136 64.63 -8.35 37.49
CA SER H 136 66.03 -8.60 37.19
C SER H 136 66.59 -7.60 36.20
N GLY H 137 65.76 -7.12 35.27
CA GLY H 137 66.23 -6.28 34.19
C GLY H 137 66.65 -7.02 32.96
N THR H 138 66.67 -8.35 32.99
CA THR H 138 67.00 -9.17 31.84
C THR H 138 65.77 -9.74 31.15
N GLN H 139 64.60 -9.67 31.79
CA GLN H 139 63.37 -10.16 31.21
C GLN H 139 62.32 -9.07 31.22
N ALA H 140 61.42 -9.14 30.26
CA ALA H 140 60.32 -8.20 30.13
C ALA H 140 59.01 -8.95 30.04
N VAL H 141 57.92 -8.22 30.16
CA VAL H 141 56.59 -8.77 29.98
C VAL H 141 55.81 -7.79 29.10
N SER H 142 54.94 -8.30 28.24
CA SER H 142 54.21 -7.48 27.29
C SER H 142 52.79 -7.97 27.19
N GLY H 143 51.84 -7.08 27.43
CA GLY H 143 50.44 -7.35 27.20
C GLY H 143 49.97 -6.63 25.95
N SER H 144 49.01 -7.23 25.27
CA SER H 144 48.61 -6.75 23.96
C SER H 144 47.10 -6.81 23.78
N LYS H 145 46.64 -6.26 22.66
CA LYS H 145 45.22 -6.21 22.36
C LYS H 145 44.68 -7.55 21.90
N ASP H 146 45.59 -8.49 21.65
CA ASP H 146 45.24 -9.87 21.21
C ASP H 146 45.08 -10.84 22.37
N ILE H 147 45.03 -10.40 23.62
CA ILE H 147 44.76 -11.24 24.83
C ILE H 147 45.99 -12.00 25.38
N CYS H 148 46.89 -12.53 24.56
CA CYS H 148 48.04 -13.21 25.16
C CYS H 148 49.04 -12.23 25.77
N ILE H 149 49.58 -12.62 26.93
CA ILE H 149 50.67 -11.94 27.60
C ILE H 149 51.94 -12.72 27.36
N LYS H 150 52.98 -12.05 26.87
CA LYS H 150 54.22 -12.72 26.56
C LYS H 150 55.33 -12.25 27.50
N VAL H 151 56.05 -13.19 28.08
CA VAL H 151 57.25 -12.92 28.84
C VAL H 151 58.44 -13.14 27.92
N TRP H 152 59.32 -12.14 27.85
CA TRP H 152 60.41 -12.07 26.90
C TRP H 152 61.74 -12.15 27.63
N ASP H 153 62.69 -12.87 27.02
CA ASP H 153 64.08 -12.84 27.44
C ASP H 153 64.81 -11.81 26.58
N LEU H 154 65.21 -10.70 27.21
CA LEU H 154 65.73 -9.58 26.44
C LEU H 154 67.12 -9.87 25.89
N ALA H 155 67.88 -10.74 26.56
CA ALA H 155 69.23 -11.05 26.11
C ALA H 155 69.24 -11.83 24.80
N GLN H 156 68.42 -12.88 24.72
CA GLN H 156 68.33 -13.71 23.53
C GLN H 156 67.36 -13.15 22.49
N GLN H 157 66.65 -12.07 22.80
CA GLN H 157 65.67 -11.44 21.90
C GLN H 157 64.58 -12.44 21.50
N VAL H 158 64.14 -13.24 22.46
CA VAL H 158 63.14 -14.28 22.21
C VAL H 158 61.97 -14.07 23.18
N VAL H 159 60.98 -14.96 23.06
CA VAL H 159 59.83 -14.98 23.95
C VAL H 159 59.95 -16.25 24.78
N LEU H 160 60.15 -16.09 26.09
CA LEU H 160 60.17 -17.24 26.97
C LEU H 160 58.81 -17.90 27.06
N SER H 161 57.76 -17.09 27.21
CA SER H 161 56.44 -17.65 27.45
C SER H 161 55.40 -16.80 26.76
N SER H 162 54.34 -17.45 26.29
CA SER H 162 53.18 -16.75 25.74
C SER H 162 51.97 -17.32 26.45
N TYR H 163 51.67 -16.79 27.62
CA TYR H 163 50.47 -17.16 28.32
C TYR H 163 49.29 -16.48 27.67
N ARG H 164 48.11 -17.06 27.82
CA ARG H 164 46.90 -16.43 27.35
C ARG H 164 45.80 -16.77 28.34
N ALA H 165 45.66 -15.95 29.37
CA ALA H 165 44.77 -16.26 30.48
C ALA H 165 43.56 -15.36 30.56
N HIS H 166 43.60 -14.20 29.93
CA HIS H 166 42.47 -13.29 29.96
C HIS H 166 41.44 -13.69 28.91
N ALA H 167 40.35 -12.95 28.86
CA ALA H 167 39.37 -13.12 27.80
C ALA H 167 39.31 -11.93 26.86
N ALA H 168 39.75 -10.76 27.32
CA ALA H 168 39.74 -9.54 26.54
C ALA H 168 41.16 -9.00 26.47
N GLN H 169 41.32 -7.85 25.82
CA GLN H 169 42.63 -7.28 25.59
C GLN H 169 43.28 -6.88 26.91
N VAL H 170 44.61 -6.85 26.92
CA VAL H 170 45.35 -6.59 28.14
C VAL H 170 45.60 -5.10 28.26
N THR H 171 45.17 -4.51 29.38
CA THR H 171 45.30 -3.07 29.58
C THR H 171 46.68 -2.72 30.13
N CYS H 172 47.03 -3.28 31.28
CA CYS H 172 48.30 -2.97 31.92
C CYS H 172 48.94 -4.25 32.43
N VAL H 173 50.26 -4.31 32.33
CA VAL H 173 51.07 -5.29 33.06
C VAL H 173 52.07 -4.51 33.90
N ALA H 174 52.23 -4.92 35.15
CA ALA H 174 53.06 -4.22 36.12
C ALA H 174 54.04 -5.22 36.72
N ALA H 175 55.31 -5.07 36.41
CA ALA H 175 56.33 -5.95 36.95
C ALA H 175 56.65 -5.57 38.38
N SER H 176 56.89 -6.58 39.21
CA SER H 176 57.19 -6.34 40.62
C SER H 176 58.61 -5.76 40.75
N PRO H 177 58.81 -4.80 41.65
CA PRO H 177 60.17 -4.32 41.91
C PRO H 177 60.99 -5.27 42.75
N HIS H 178 60.34 -6.18 43.47
CA HIS H 178 60.97 -7.05 44.45
C HIS H 178 61.20 -8.46 43.91
N LYS H 179 60.16 -9.11 43.41
CA LYS H 179 60.24 -10.49 42.94
C LYS H 179 60.21 -10.50 41.41
N ASP H 180 61.22 -11.13 40.81
CA ASP H 180 61.36 -11.06 39.35
C ASP H 180 60.24 -11.81 38.64
N SER H 181 59.97 -13.05 39.04
CA SER H 181 58.96 -13.83 38.33
C SER H 181 57.56 -13.29 38.52
N VAL H 182 57.35 -12.44 39.51
CA VAL H 182 56.02 -11.96 39.87
C VAL H 182 55.70 -10.69 39.13
N PHE H 183 54.50 -10.63 38.56
CA PHE H 183 53.99 -9.40 37.98
C PHE H 183 52.46 -9.40 38.09
N LEU H 184 51.85 -8.39 37.51
CA LEU H 184 50.41 -8.19 37.56
C LEU H 184 49.90 -7.88 36.17
N SER H 185 48.64 -8.20 35.91
CA SER H 185 48.02 -7.80 34.66
C SER H 185 46.54 -7.56 34.87
N CYS H 186 46.01 -6.56 34.17
CA CYS H 186 44.58 -6.28 34.17
C CYS H 186 44.05 -6.34 32.75
N SER H 187 42.73 -6.39 32.62
CA SER H 187 42.10 -6.55 31.32
C SER H 187 40.62 -6.18 31.43
N GLU H 188 39.94 -6.16 30.28
CA GLU H 188 38.52 -5.86 30.22
C GLU H 188 37.63 -7.04 30.55
N ASP H 189 38.18 -8.21 30.86
CA ASP H 189 37.34 -9.25 31.46
C ASP H 189 37.25 -9.10 32.96
N ASN H 190 37.58 -7.93 33.49
CA ASN H 190 37.40 -7.57 34.89
C ASN H 190 38.27 -8.42 35.80
N ARG H 191 39.51 -8.67 35.38
CA ARG H 191 40.42 -9.54 36.11
C ARG H 191 41.73 -8.82 36.39
N ILE H 192 42.18 -8.86 37.63
CA ILE H 192 43.55 -8.55 37.99
C ILE H 192 44.20 -9.88 38.34
N LEU H 193 45.14 -10.32 37.51
CA LEU H 193 45.85 -11.56 37.73
C LEU H 193 47.24 -11.26 38.27
N LEU H 194 47.62 -11.93 39.35
CA LEU H 194 48.96 -11.89 39.88
C LEU H 194 49.69 -13.13 39.40
N TRP H 195 50.84 -12.93 38.76
CA TRP H 195 51.54 -14.00 38.06
C TRP H 195 52.85 -14.31 38.79
N ASP H 196 53.08 -15.59 39.04
CA ASP H 196 54.38 -16.11 39.42
C ASP H 196 54.82 -17.03 38.30
N THR H 197 55.83 -16.62 37.55
CA THR H 197 56.32 -17.38 36.40
C THR H 197 56.91 -18.73 36.80
N ARG H 198 57.22 -18.93 38.09
CA ARG H 198 57.75 -20.19 38.59
C ARG H 198 56.66 -21.18 39.03
N CYS H 199 55.37 -20.82 38.91
CA CYS H 199 54.34 -21.76 39.30
C CYS H 199 53.84 -22.53 38.08
N PRO H 200 53.41 -23.79 38.26
CA PRO H 200 52.85 -24.55 37.13
C PRO H 200 51.58 -23.94 36.57
N LYS H 201 50.74 -23.35 37.41
CA LYS H 201 49.60 -22.54 36.98
C LYS H 201 49.91 -21.10 37.40
N PRO H 202 50.59 -20.32 36.56
CA PRO H 202 51.26 -19.11 37.04
C PRO H 202 50.33 -18.01 37.53
N ALA H 203 49.06 -17.97 37.10
CA ALA H 203 48.20 -16.84 37.39
C ALA H 203 47.31 -17.13 38.59
N SER H 204 46.98 -16.07 39.31
CA SER H 204 46.09 -16.14 40.47
C SER H 204 45.21 -14.90 40.47
N GLN H 205 43.90 -15.10 40.46
CA GLN H 205 42.98 -13.97 40.30
C GLN H 205 42.87 -13.20 41.61
N ILE H 206 43.29 -11.95 41.60
CA ILE H 206 43.19 -11.07 42.76
C ILE H 206 41.77 -10.51 42.85
N GLY H 207 40.95 -11.13 43.70
CA GLY H 207 39.56 -10.72 43.83
C GLY H 207 39.40 -9.37 44.51
N TYR H 213 33.81 -2.23 37.85
CA TYR H 213 34.38 -1.39 36.81
C TYR H 213 35.73 -1.93 36.40
N LEU H 214 36.04 -1.84 35.11
CA LEU H 214 37.22 -2.47 34.57
C LEU H 214 38.49 -1.80 35.10
N PRO H 215 39.49 -2.58 35.53
CA PRO H 215 40.77 -2.00 35.92
C PRO H 215 41.47 -1.38 34.71
N THR H 216 42.00 -0.18 34.91
CA THR H 216 42.63 0.57 33.83
C THR H 216 44.12 0.74 34.02
N SER H 217 44.59 0.82 35.26
CA SER H 217 46.02 0.98 35.49
C SER H 217 46.42 0.25 36.76
N LEU H 218 47.68 -0.17 36.79
CA LEU H 218 48.27 -0.89 37.91
C LEU H 218 49.58 -0.21 38.29
N ALA H 219 49.96 -0.37 39.55
CA ALA H 219 51.28 0.04 40.01
C ALA H 219 51.61 -0.75 41.26
N TRP H 220 52.88 -1.08 41.41
CA TRP H 220 53.36 -1.74 42.62
C TRP H 220 53.86 -0.69 43.59
N HIS H 221 53.67 -0.94 44.88
CA HIS H 221 54.28 -0.09 45.89
C HIS H 221 55.79 -0.29 45.87
N PRO H 222 56.58 0.78 45.80
CA PRO H 222 58.04 0.61 45.73
C PRO H 222 58.64 -0.08 46.93
N GLN H 223 58.06 0.12 48.11
CA GLN H 223 58.64 -0.36 49.37
C GLN H 223 57.94 -1.58 49.92
N GLN H 224 56.61 -1.55 50.01
CA GLN H 224 55.87 -2.70 50.51
C GLN H 224 55.78 -3.77 49.44
N SER H 225 56.11 -5.01 49.83
CA SER H 225 56.27 -6.07 48.85
C SER H 225 54.93 -6.54 48.29
N GLU H 226 53.92 -6.69 49.13
CA GLU H 226 52.67 -7.34 48.76
C GLU H 226 51.53 -6.34 48.65
N VAL H 227 51.84 -5.11 48.23
CA VAL H 227 50.88 -4.02 48.14
C VAL H 227 50.93 -3.43 46.75
N PHE H 228 49.77 -3.29 46.11
CA PHE H 228 49.71 -2.65 44.81
C PHE H 228 48.46 -1.77 44.72
N VAL H 229 48.56 -0.73 43.91
CA VAL H 229 47.47 0.21 43.68
C VAL H 229 46.95 0.00 42.27
N PHE H 230 45.65 0.17 42.09
CA PHE H 230 45.07 0.06 40.76
C PHE H 230 43.93 1.05 40.61
N GLY H 231 43.81 1.58 39.41
CA GLY H 231 42.75 2.53 39.09
C GLY H 231 41.85 1.95 38.02
N ASP H 232 40.55 2.22 38.15
CA ASP H 232 39.56 1.64 37.26
C ASP H 232 39.07 2.67 36.24
N GLU H 233 38.06 2.28 35.47
CA GLU H 233 37.52 3.08 34.39
C GLU H 233 36.51 4.12 34.87
N ASN H 234 36.10 4.08 36.12
CA ASN H 234 35.20 5.07 36.70
C ASN H 234 35.95 6.18 37.45
N GLY H 235 37.27 6.17 37.43
CA GLY H 235 38.06 7.17 38.12
C GLY H 235 38.43 6.84 39.54
N THR H 236 38.17 5.62 40.00
CA THR H 236 38.38 5.24 41.38
C THR H 236 39.74 4.55 41.51
N VAL H 237 40.53 4.99 42.49
CA VAL H 237 41.85 4.43 42.76
C VAL H 237 41.78 3.66 44.06
N SER H 238 42.23 2.40 44.04
CA SER H 238 42.13 1.51 45.19
C SER H 238 43.49 0.90 45.50
N LEU H 239 43.73 0.63 46.78
CA LEU H 239 44.95 0.01 47.23
C LEU H 239 44.62 -1.39 47.73
N VAL H 240 45.41 -2.38 47.32
CA VAL H 240 45.14 -3.78 47.58
C VAL H 240 46.37 -4.43 48.20
N ASP H 241 46.13 -5.30 49.19
CA ASP H 241 47.12 -6.25 49.68
C ASP H 241 46.88 -7.58 48.98
N THR H 242 47.95 -8.17 48.45
CA THR H 242 47.82 -9.43 47.74
C THR H 242 47.76 -10.60 48.73
N LEU H 249 41.25 0.08 50.96
CA LEU H 249 41.42 1.52 50.86
C LEU H 249 41.16 2.00 49.43
N SER H 250 40.17 2.86 49.26
CA SER H 250 39.71 3.29 47.95
C SER H 250 39.54 4.80 47.94
N SER H 251 39.49 5.37 46.74
CA SER H 251 39.42 6.82 46.60
C SER H 251 38.91 7.17 45.20
N ALA H 252 37.87 8.01 45.14
CA ALA H 252 37.32 8.49 43.87
C ALA H 252 38.07 9.75 43.47
N VAL H 253 39.20 9.54 42.78
CA VAL H 253 40.13 10.62 42.54
C VAL H 253 39.73 11.44 41.32
N HIS H 254 39.32 10.77 40.25
CA HIS H 254 39.05 11.41 38.97
C HIS H 254 37.60 11.18 38.57
N SER H 255 37.25 11.67 37.38
CA SER H 255 35.91 11.48 36.83
C SER H 255 35.89 10.53 35.64
N GLN H 256 37.01 10.38 34.94
CA GLN H 256 37.15 9.41 33.86
C GLN H 256 38.29 8.46 34.24
N CYS H 257 38.61 7.54 33.33
CA CYS H 257 39.43 6.39 33.68
C CYS H 257 40.83 6.82 34.09
N VAL H 258 41.38 6.14 35.10
CA VAL H 258 42.74 6.42 35.53
C VAL H 258 43.70 5.77 34.55
N THR H 259 44.35 6.59 33.74
CA THR H 259 45.26 6.08 32.71
C THR H 259 46.51 5.47 33.32
N GLY H 260 47.14 6.17 34.25
CA GLY H 260 48.39 5.73 34.82
C GLY H 260 48.48 6.05 36.28
N LEU H 261 49.30 5.28 36.99
CA LEU H 261 49.56 5.48 38.41
C LEU H 261 51.05 5.35 38.65
N VAL H 262 51.68 6.45 39.07
CA VAL H 262 53.12 6.49 39.30
C VAL H 262 53.37 6.80 40.76
N PHE H 263 54.35 6.13 41.36
CA PHE H 263 54.70 6.33 42.75
C PHE H 263 55.93 7.22 42.86
N SER H 264 56.01 7.96 43.96
CA SER H 264 57.11 8.88 44.20
C SER H 264 58.36 8.13 44.65
N PRO H 265 59.55 8.69 44.40
CA PRO H 265 60.78 8.07 44.89
C PRO H 265 61.12 8.36 46.34
N HIS H 266 60.18 8.89 47.11
CA HIS H 266 60.41 9.24 48.50
C HIS H 266 60.40 8.01 49.39
N SER H 267 60.83 8.20 50.65
CA SER H 267 60.77 7.12 51.62
C SER H 267 59.34 6.70 51.90
N VAL H 268 58.44 7.66 52.04
CA VAL H 268 57.00 7.43 52.05
C VAL H 268 56.46 8.03 50.75
N PRO H 269 56.06 7.22 49.77
CA PRO H 269 55.81 7.75 48.44
C PRO H 269 54.43 8.39 48.29
N PHE H 270 54.39 9.43 47.48
CA PHE H 270 53.15 9.93 46.91
C PHE H 270 52.85 9.21 45.61
N LEU H 271 51.58 9.25 45.22
CA LEU H 271 51.09 8.55 44.04
C LEU H 271 50.59 9.57 43.03
N ALA H 272 51.16 9.55 41.84
CA ALA H 272 50.70 10.41 40.76
C ALA H 272 49.64 9.68 39.95
N SER H 273 48.41 10.20 39.97
CA SER H 273 47.28 9.63 39.26
C SER H 273 46.99 10.47 38.04
N LEU H 274 46.79 9.80 36.91
CA LEU H 274 46.64 10.43 35.61
C LEU H 274 45.29 10.03 35.08
N SER H 275 44.62 10.90 34.33
CA SER H 275 43.30 10.51 33.87
C SER H 275 42.92 11.20 32.58
N GLU H 276 41.81 10.75 32.03
CA GLU H 276 41.26 11.21 30.76
C GLU H 276 40.41 12.46 30.90
N ASP H 277 40.19 12.97 32.11
CA ASP H 277 39.64 14.29 32.27
C ASP H 277 40.73 15.34 32.30
N CYS H 278 41.90 15.02 31.74
CA CYS H 278 43.02 15.92 31.50
C CYS H 278 43.62 16.48 32.77
N SER H 279 43.46 15.80 33.89
CA SER H 279 43.91 16.30 35.18
C SER H 279 44.95 15.37 35.78
N LEU H 280 45.74 15.92 36.68
CA LEU H 280 46.74 15.21 37.45
C LEU H 280 46.41 15.33 38.91
N ALA H 281 46.53 14.23 39.66
CA ALA H 281 46.28 14.28 41.10
C ALA H 281 47.39 13.54 41.83
N VAL H 282 48.07 14.23 42.75
CA VAL H 282 49.10 13.62 43.57
C VAL H 282 48.51 13.34 44.94
N LEU H 283 48.59 12.07 45.35
CA LEU H 283 47.94 11.48 46.52
C LEU H 283 49.00 11.05 47.52
N ASP H 284 48.59 10.86 48.77
CA ASP H 284 49.48 10.34 49.79
C ASP H 284 49.14 8.89 50.09
N SER H 285 49.80 8.32 51.10
CA SER H 285 49.61 6.91 51.42
C SER H 285 48.23 6.59 51.95
N SER H 286 47.45 7.61 52.32
CA SER H 286 46.06 7.41 52.72
C SER H 286 45.10 7.58 51.56
N LEU H 287 45.63 7.74 50.34
CA LEU H 287 44.83 8.02 49.13
C LEU H 287 43.98 9.28 49.30
N SER H 288 44.56 10.30 49.91
CA SER H 288 43.93 11.60 50.04
C SER H 288 44.68 12.59 49.17
N GLU H 289 43.93 13.41 48.43
CA GLU H 289 44.52 14.26 47.41
C GLU H 289 45.28 15.42 48.05
N LEU H 290 46.57 15.51 47.74
CA LEU H 290 47.39 16.63 48.16
C LEU H 290 47.55 17.68 47.07
N PHE H 291 47.78 17.24 45.84
CA PHE H 291 48.02 18.16 44.73
C PHE H 291 47.08 17.83 43.59
N ARG H 292 46.66 18.86 42.86
CA ARG H 292 45.80 18.64 41.70
C ARG H 292 46.11 19.71 40.66
N SER H 293 46.31 19.27 39.42
CA SER H 293 46.71 20.16 38.35
C SER H 293 45.82 19.95 37.14
N GLN H 294 45.59 21.04 36.41
CA GLN H 294 44.78 21.03 35.20
C GLN H 294 45.48 21.83 34.11
N ALA H 295 46.79 21.64 33.97
CA ALA H 295 47.58 22.36 32.99
C ALA H 295 47.46 21.78 31.59
N HIS H 296 46.76 20.67 31.43
CA HIS H 296 46.72 19.95 30.17
C HIS H 296 45.39 20.19 29.47
N ARG H 297 45.47 20.53 28.18
CA ARG H 297 44.29 20.78 27.38
C ARG H 297 43.78 19.54 26.66
N ASP H 298 44.51 18.44 26.71
CA ASP H 298 44.08 17.17 26.13
C ASP H 298 44.36 16.08 27.14
N PHE H 299 44.16 14.82 26.72
CA PHE H 299 44.40 13.68 27.58
C PHE H 299 45.83 13.71 28.09
N VAL H 300 46.01 13.52 29.38
CA VAL H 300 47.34 13.47 29.96
C VAL H 300 47.70 12.01 30.15
N ARG H 301 48.85 11.59 29.60
CA ARG H 301 49.15 10.19 29.40
C ARG H 301 50.07 9.62 30.47
N ASP H 302 51.26 10.21 30.64
CA ASP H 302 52.21 9.62 31.55
C ASP H 302 52.93 10.70 32.33
N ALA H 303 53.13 10.43 33.63
CA ALA H 303 53.87 11.27 34.53
C ALA H 303 55.09 10.52 35.03
N THR H 304 56.10 11.28 35.45
CA THR H 304 57.32 10.70 35.98
C THR H 304 57.97 11.67 36.94
N TRP H 305 58.35 11.17 38.10
CA TRP H 305 58.95 12.01 39.12
C TRP H 305 60.44 12.17 38.85
N SER H 306 60.96 13.36 39.11
CA SER H 306 62.36 13.62 38.86
C SER H 306 63.21 12.92 39.92
N PRO H 307 64.24 12.20 39.53
CA PRO H 307 65.13 11.59 40.53
C PRO H 307 66.07 12.61 41.15
N LEU H 308 66.35 13.68 40.40
CA LEU H 308 67.19 14.75 40.91
C LEU H 308 66.45 15.61 41.92
N ASN H 309 65.32 16.18 41.51
CA ASN H 309 64.47 16.98 42.39
C ASN H 309 63.22 16.16 42.67
N HIS H 310 63.19 15.52 43.84
CA HIS H 310 62.15 14.55 44.13
C HIS H 310 60.76 15.16 44.28
N SER H 311 60.64 16.48 44.33
CA SER H 311 59.35 17.15 44.35
C SER H 311 58.88 17.57 42.97
N LEU H 312 59.65 17.30 41.92
CA LEU H 312 59.31 17.65 40.55
C LEU H 312 58.64 16.48 39.86
N LEU H 313 57.53 16.75 39.17
CA LEU H 313 56.76 15.70 38.50
C LEU H 313 56.44 16.17 37.09
N THR H 314 57.04 15.52 36.09
CA THR H 314 56.86 15.91 34.70
C THR H 314 55.78 15.03 34.07
N THR H 315 54.73 15.65 33.55
CA THR H 315 53.67 14.93 32.85
C THR H 315 53.64 15.35 31.39
N VAL H 316 53.21 14.43 30.53
CA VAL H 316 53.04 14.73 29.12
C VAL H 316 51.61 14.43 28.73
N GLY H 317 51.17 15.05 27.64
CA GLY H 317 49.80 14.90 27.21
C GLY H 317 49.69 14.93 25.71
N TRP H 318 48.49 14.64 25.22
CA TRP H 318 48.21 14.62 23.79
C TRP H 318 48.13 16.01 23.18
N ASP H 319 48.21 17.05 23.99
CA ASP H 319 48.24 18.42 23.52
C ASP H 319 49.66 18.91 23.25
N HIS H 320 50.62 17.99 23.16
CA HIS H 320 52.02 18.31 22.85
C HIS H 320 52.61 19.24 23.91
N GLN H 321 52.34 18.95 25.17
CA GLN H 321 52.65 19.85 26.27
C GLN H 321 53.31 19.07 27.38
N VAL H 322 54.55 19.41 27.70
CA VAL H 322 55.30 18.78 28.78
C VAL H 322 55.25 19.72 29.97
N VAL H 323 54.54 19.33 31.02
CA VAL H 323 54.30 20.18 32.17
C VAL H 323 55.10 19.65 33.35
N HIS H 324 56.01 20.47 33.87
CA HIS H 324 56.75 20.12 35.08
C HIS H 324 56.06 20.77 36.27
N HIS H 325 55.37 19.96 37.08
CA HIS H 325 54.74 20.46 38.29
C HIS H 325 55.70 20.38 39.47
N VAL H 326 55.58 21.35 40.37
CA VAL H 326 56.27 21.33 41.65
C VAL H 326 55.25 20.93 42.70
N VAL H 327 55.41 19.73 43.26
CA VAL H 327 54.44 19.15 44.17
C VAL H 327 54.78 19.53 45.60
N PRO H 328 53.82 20.00 46.41
CA PRO H 328 54.04 20.29 47.83
C PRO H 328 54.45 19.06 48.63
N GLN I 228 55.28 -27.79 0.09
CA GLN I 228 54.80 -26.43 0.44
C GLN I 228 53.35 -26.54 0.89
N PHE I 229 52.54 -27.33 0.19
CA PHE I 229 51.09 -27.37 0.48
C PHE I 229 50.72 -28.71 1.11
N GLU I 230 51.66 -29.39 1.78
CA GLU I 230 51.37 -30.77 2.26
C GLU I 230 51.29 -30.85 3.78
N ASP I 231 50.20 -31.37 4.32
CA ASP I 231 50.00 -31.42 5.80
C ASP I 231 51.28 -31.88 6.50
N VAL J 14 -37.43 21.82 7.12
CA VAL J 14 -36.41 22.74 6.65
C VAL J 14 -35.57 23.21 7.84
N SER J 15 -34.26 23.26 7.64
CA SER J 15 -33.32 23.75 8.62
C SER J 15 -32.60 24.95 8.04
N SER J 16 -32.48 26.01 8.82
CA SER J 16 -32.12 27.31 8.27
C SER J 16 -31.27 28.08 9.26
N GLY J 17 -30.54 29.06 8.74
CA GLY J 17 -29.66 29.86 9.55
C GLY J 17 -29.72 31.32 9.15
N ARG J 18 -29.19 32.16 10.04
CA ARG J 18 -29.18 33.60 9.88
C ARG J 18 -27.75 34.05 9.68
N ASP J 19 -27.47 34.77 8.60
CA ASP J 19 -26.15 35.30 8.35
C ASP J 19 -26.12 36.75 8.81
N LEU J 20 -25.38 37.00 9.88
CA LEU J 20 -25.20 38.34 10.42
C LEU J 20 -23.74 38.75 10.26
N ASN J 21 -23.53 40.00 9.89
CA ASN J 21 -22.19 40.57 9.85
C ASN J 21 -21.91 41.47 11.04
N CYS J 22 -22.90 41.69 11.90
CA CYS J 22 -22.77 42.51 13.10
C CYS J 22 -23.31 41.70 14.26
N VAL J 23 -22.44 41.30 15.17
CA VAL J 23 -22.80 40.61 16.39
C VAL J 23 -22.27 41.46 17.55
N PRO J 24 -23.03 42.42 18.06
CA PRO J 24 -22.50 43.27 19.14
C PRO J 24 -22.17 42.50 20.40
N GLU J 25 -23.13 41.77 20.97
CA GLU J 25 -22.85 40.80 22.02
C GLU J 25 -23.39 39.46 21.51
N ILE J 26 -22.65 38.39 21.76
CA ILE J 26 -22.85 37.17 21.00
C ILE J 26 -23.93 36.29 21.61
N ALA J 27 -24.03 36.23 22.94
CA ALA J 27 -25.09 35.45 23.58
C ALA J 27 -26.45 36.06 23.34
N ASP J 28 -26.54 37.40 23.40
CA ASP J 28 -27.78 38.08 23.06
C ASP J 28 -28.18 37.82 21.62
N THR J 29 -27.20 37.79 20.72
CA THR J 29 -27.49 37.56 19.31
C THR J 29 -27.98 36.14 19.07
N LEU J 30 -27.36 35.15 19.72
CA LEU J 30 -27.86 33.79 19.60
C LEU J 30 -29.26 33.65 20.18
N GLY J 31 -29.54 34.35 21.28
CA GLY J 31 -30.90 34.34 21.79
C GLY J 31 -31.89 34.90 20.79
N ALA J 32 -31.61 36.11 20.28
CA ALA J 32 -32.51 36.77 19.35
C ALA J 32 -32.61 36.04 18.01
N VAL J 33 -31.64 35.21 17.67
CA VAL J 33 -31.71 34.42 16.45
C VAL J 33 -32.45 33.10 16.66
N ALA J 34 -32.29 32.47 17.82
CA ALA J 34 -33.02 31.24 18.10
C ALA J 34 -34.49 31.49 18.40
N LYS J 35 -34.84 32.65 18.95
CA LYS J 35 -36.25 32.94 19.17
C LYS J 35 -37.03 33.03 17.86
N GLN J 36 -36.43 33.61 16.85
CA GLN J 36 -37.10 33.78 15.57
C GLN J 36 -36.92 32.56 14.65
N GLY J 37 -36.32 31.48 15.14
CA GLY J 37 -36.48 30.17 14.54
C GLY J 37 -35.29 29.62 13.79
N PHE J 38 -34.21 30.36 13.66
CA PHE J 38 -33.06 29.87 12.90
C PHE J 38 -32.33 28.78 13.68
N ASP J 39 -31.68 27.88 12.95
CA ASP J 39 -31.01 26.74 13.55
C ASP J 39 -29.53 26.94 13.79
N PHE J 40 -28.88 27.81 13.02
CA PHE J 40 -27.49 28.18 13.27
C PHE J 40 -27.34 29.67 12.96
N LEU J 41 -26.11 30.15 13.07
CA LEU J 41 -25.83 31.57 12.89
C LEU J 41 -24.46 31.70 12.24
N CYS J 42 -24.42 32.34 11.08
CA CYS J 42 -23.17 32.61 10.38
C CYS J 42 -22.67 33.96 10.84
N MET J 43 -21.53 33.98 11.52
CA MET J 43 -21.03 35.19 12.14
C MET J 43 -19.52 35.27 11.97
N PRO J 44 -18.95 36.47 12.00
CA PRO J 44 -17.50 36.59 11.90
C PRO J 44 -16.81 36.32 13.23
N VAL J 45 -15.78 35.47 13.19
CA VAL J 45 -15.06 35.11 14.42
C VAL J 45 -14.20 36.27 14.91
N PHE J 46 -13.66 37.07 14.00
CA PHE J 46 -13.00 38.33 14.28
C PHE J 46 -13.93 39.46 13.86
N HIS J 47 -13.60 40.67 14.25
CA HIS J 47 -14.42 41.79 13.84
C HIS J 47 -14.20 42.06 12.35
N PRO J 48 -15.26 42.17 11.56
CA PRO J 48 -15.09 42.33 10.10
C PRO J 48 -14.34 43.59 9.69
N ARG J 49 -14.31 44.63 10.52
CA ARG J 49 -13.57 45.83 10.22
C ARG J 49 -12.23 45.89 10.93
N PHE J 50 -11.89 44.89 11.73
CA PHE J 50 -10.67 44.91 12.52
C PHE J 50 -9.52 44.35 11.69
N LYS J 51 -9.03 45.19 10.78
CA LYS J 51 -7.89 44.82 9.97
C LYS J 51 -6.65 44.67 10.84
N ARG J 52 -5.98 43.53 10.73
CA ARG J 52 -4.74 43.29 11.45
C ARG J 52 -3.56 43.45 10.51
N GLU J 53 -2.43 43.85 11.09
CA GLU J 53 -1.16 43.89 10.38
C GLU J 53 -0.25 42.81 10.95
N PHE J 54 0.48 42.14 10.08
CA PHE J 54 1.29 41.01 10.48
C PHE J 54 2.77 41.19 10.17
N ILE J 55 3.17 42.25 9.45
CA ILE J 55 4.53 42.35 8.98
C ILE J 55 5.19 43.65 9.45
N GLN J 56 4.43 44.75 9.50
CA GLN J 56 5.00 46.05 9.83
C GLN J 56 4.54 46.53 11.20
N GLU J 57 5.47 47.09 11.92
CA GLU J 57 5.46 47.84 13.15
C GLU J 57 5.07 49.29 12.87
N PRO J 58 4.33 49.94 13.78
CA PRO J 58 3.91 49.50 15.11
C PRO J 58 2.63 48.67 15.16
N ALA J 59 1.91 48.56 14.03
CA ALA J 59 0.60 47.92 14.07
C ALA J 59 0.67 46.41 14.18
N LYS J 60 1.82 45.80 13.86
CA LYS J 60 2.00 44.37 14.09
C LYS J 60 1.93 44.05 15.56
N ASN J 61 2.44 44.94 16.41
CA ASN J 61 2.51 44.74 17.85
C ASN J 61 1.30 45.32 18.57
N ARG J 62 0.14 45.30 17.94
CA ARG J 62 -1.07 45.82 18.55
C ARG J 62 -1.40 44.99 19.79
N PRO J 63 -1.67 45.64 20.93
CA PRO J 63 -1.87 44.88 22.16
C PRO J 63 -3.28 44.35 22.33
N GLY J 64 -3.54 43.79 23.52
CA GLY J 64 -4.87 43.38 23.89
C GLY J 64 -5.29 42.12 23.20
N PRO J 65 -6.53 41.70 23.40
CA PRO J 65 -7.06 40.56 22.67
C PRO J 65 -7.25 40.91 21.20
N GLN J 66 -7.14 39.89 20.36
CA GLN J 66 -7.44 40.10 18.94
C GLN J 66 -8.90 39.90 18.62
N THR J 67 -9.61 39.08 19.40
CA THR J 67 -11.02 38.83 19.15
C THR J 67 -11.70 38.47 20.46
N ARG J 68 -12.91 37.92 20.36
CA ARG J 68 -13.68 37.52 21.51
C ARG J 68 -13.12 36.26 22.14
N SER J 69 -13.45 36.05 23.41
CA SER J 69 -13.00 34.86 24.11
C SER J 69 -13.79 33.64 23.68
N ASP J 70 -13.23 32.47 23.98
CA ASP J 70 -13.89 31.21 23.74
C ASP J 70 -15.09 31.04 24.63
N LEU J 71 -14.98 31.52 25.86
CA LEU J 71 -15.87 31.17 26.96
C LEU J 71 -17.21 31.85 26.89
N LEU J 72 -17.47 32.65 25.85
CA LEU J 72 -18.77 33.30 25.72
C LEU J 72 -19.86 32.30 25.38
N LEU J 73 -19.51 31.20 24.73
CA LEU J 73 -20.43 30.11 24.47
C LEU J 73 -19.76 28.80 24.87
N SER J 74 -20.58 27.79 25.16
CA SER J 74 -20.03 26.51 25.54
C SER J 74 -19.41 25.82 24.32
N GLY J 75 -18.76 24.69 24.57
CA GLY J 75 -18.18 23.94 23.49
C GLY J 75 -19.23 23.36 22.55
N ARG J 76 -20.35 22.90 23.10
CA ARG J 76 -21.43 22.38 22.28
C ARG J 76 -22.05 23.49 21.44
N ASP J 77 -22.16 24.70 22.00
CA ASP J 77 -22.65 25.84 21.24
C ASP J 77 -21.75 26.15 20.06
N TRP J 78 -20.44 26.16 20.28
CA TRP J 78 -19.51 26.45 19.19
C TRP J 78 -19.52 25.35 18.14
N ASN J 79 -19.57 24.09 18.58
CA ASN J 79 -19.53 22.98 17.62
C ASN J 79 -20.83 22.76 16.87
N THR J 80 -21.95 23.29 17.35
CA THR J 80 -23.20 23.01 16.66
C THR J 80 -23.89 24.24 16.09
N LEU J 81 -23.74 25.41 16.69
CA LEU J 81 -24.62 26.53 16.39
C LEU J 81 -23.99 27.64 15.56
N ILE J 82 -22.68 27.65 15.38
CA ILE J 82 -21.98 28.81 14.83
C ILE J 82 -21.26 28.38 13.55
N VAL J 83 -21.52 29.12 12.47
CA VAL J 83 -20.79 28.97 11.22
C VAL J 83 -19.94 30.22 11.03
N GLY J 84 -18.63 30.06 11.05
CA GLY J 84 -17.76 31.21 11.01
C GLY J 84 -17.70 31.84 9.63
N LYS J 85 -17.29 33.09 9.60
CA LYS J 85 -17.10 33.81 8.35
C LYS J 85 -15.71 34.42 8.29
N LEU J 86 -15.15 34.43 7.09
CA LEU J 86 -13.88 35.12 6.85
C LEU J 86 -14.13 36.61 6.67
N SER J 87 -13.21 37.42 7.18
CA SER J 87 -13.39 38.86 7.19
C SER J 87 -13.36 39.41 5.77
N PRO J 88 -14.16 40.43 5.47
CA PRO J 88 -14.28 40.90 4.09
C PRO J 88 -13.04 41.56 3.54
N TRP J 89 -12.14 42.03 4.39
CA TRP J 89 -10.93 42.69 3.93
C TRP J 89 -9.82 41.72 3.58
N ILE J 90 -9.99 40.44 3.86
CA ILE J 90 -8.95 39.44 3.66
C ILE J 90 -8.99 39.05 2.19
N ARG J 91 -7.96 39.42 1.45
CA ARG J 91 -7.98 39.36 0.00
C ARG J 91 -6.71 38.65 -0.45
N PRO J 92 -6.66 37.31 -0.32
CA PRO J 92 -5.40 36.60 -0.56
C PRO J 92 -4.92 36.64 -1.99
N ASP J 93 -5.76 37.06 -2.93
CA ASP J 93 -5.38 37.16 -4.33
C ASP J 93 -5.29 38.61 -4.78
N SER J 94 -4.95 39.50 -3.86
CA SER J 94 -4.75 40.89 -4.22
C SER J 94 -3.53 41.03 -5.12
N LYS J 95 -3.55 42.07 -5.95
CA LYS J 95 -2.41 42.38 -6.80
C LYS J 95 -1.31 43.12 -6.05
N VAL J 96 -1.60 43.63 -4.85
CA VAL J 96 -0.60 44.26 -4.01
C VAL J 96 -0.02 43.19 -3.08
N GLU J 97 1.30 43.07 -3.08
CA GLU J 97 1.96 41.97 -2.36
C GLU J 97 1.81 42.10 -0.86
N LYS J 98 1.83 43.32 -0.34
CA LYS J 98 1.65 43.53 1.09
C LYS J 98 0.24 43.15 1.53
N ILE J 99 -0.77 43.55 0.76
CA ILE J 99 -2.14 43.15 1.05
C ILE J 99 -2.29 41.64 0.92
N ARG J 100 -1.63 41.06 -0.08
CA ARG J 100 -1.69 39.62 -0.30
C ARG J 100 -1.11 38.85 0.87
N ARG J 101 0.04 39.28 1.40
CA ARG J 101 0.68 38.57 2.50
C ARG J 101 -0.07 38.78 3.81
N ASN J 102 -0.53 40.00 4.08
CA ASN J 102 -1.36 40.22 5.26
C ASN J 102 -2.63 39.39 5.21
N SER J 103 -3.19 39.22 4.01
CA SER J 103 -4.42 38.47 3.86
C SER J 103 -4.19 36.97 3.99
N GLU J 104 -3.06 36.47 3.50
CA GLU J 104 -2.70 35.07 3.77
C GLU J 104 -2.57 34.82 5.26
N ALA J 105 -1.85 35.70 5.97
CA ALA J 105 -1.63 35.52 7.40
C ALA J 105 -2.92 35.63 8.18
N ALA J 106 -3.78 36.56 7.81
CA ALA J 106 -5.04 36.73 8.52
C ALA J 106 -6.02 35.61 8.21
N MET J 107 -6.03 35.12 6.97
CA MET J 107 -6.84 33.95 6.64
C MET J 107 -6.40 32.75 7.44
N LEU J 108 -5.10 32.52 7.57
CA LEU J 108 -4.62 31.43 8.39
C LEU J 108 -4.99 31.61 9.85
N GLN J 109 -4.87 32.84 10.36
CA GLN J 109 -5.24 33.11 11.75
C GLN J 109 -6.71 32.84 12.01
N GLU J 110 -7.59 33.29 11.11
CA GLU J 110 -9.03 33.09 11.30
C GLU J 110 -9.42 31.63 11.12
N LEU J 111 -8.82 30.93 10.16
CA LEU J 111 -9.12 29.52 9.97
C LEU J 111 -8.64 28.70 11.17
N ASN J 112 -7.46 29.02 11.69
CA ASN J 112 -6.95 28.33 12.87
C ASN J 112 -7.79 28.63 14.11
N PHE J 113 -8.27 29.86 14.24
CA PHE J 113 -9.15 30.18 15.36
C PHE J 113 -10.49 29.46 15.24
N GLY J 114 -11.02 29.33 14.03
CA GLY J 114 -12.23 28.56 13.84
C GLY J 114 -12.04 27.08 14.10
N ALA J 115 -10.88 26.53 13.72
CA ALA J 115 -10.57 25.14 14.03
C ALA J 115 -10.44 24.94 15.54
N TYR J 116 -9.84 25.90 16.21
CA TYR J 116 -9.71 25.88 17.66
C TYR J 116 -11.07 25.96 18.35
N LEU J 117 -11.96 26.83 17.86
CA LEU J 117 -13.32 26.89 18.39
C LEU J 117 -14.14 25.66 18.02
N GLY J 118 -13.70 24.89 17.05
CA GLY J 118 -14.43 23.70 16.64
C GLY J 118 -15.74 23.97 15.95
N LEU J 119 -15.81 25.01 15.12
CA LEU J 119 -17.03 25.31 14.40
C LEU J 119 -17.34 24.21 13.40
N PRO J 120 -18.62 23.92 13.15
CA PRO J 120 -18.96 22.90 12.17
C PRO J 120 -18.67 23.31 10.75
N ALA J 121 -18.69 24.60 10.45
CA ALA J 121 -18.51 25.08 9.10
C ALA J 121 -17.87 26.46 9.14
N PHE J 122 -17.29 26.85 8.01
CA PHE J 122 -16.67 28.15 7.81
C PHE J 122 -17.06 28.62 6.44
N LEU J 123 -17.41 29.89 6.32
CA LEU J 123 -17.99 30.45 5.10
C LEU J 123 -16.98 31.36 4.43
N LEU J 124 -16.48 30.98 3.26
CA LEU J 124 -15.49 31.78 2.56
C LEU J 124 -16.03 32.23 1.21
N PRO J 125 -15.73 33.46 0.78
CA PRO J 125 -16.33 33.97 -0.46
C PRO J 125 -15.54 33.70 -1.74
N LEU J 126 -16.23 33.29 -2.79
CA LEU J 126 -15.71 33.22 -4.15
C LEU J 126 -16.37 34.33 -4.93
N ASN J 127 -15.77 35.52 -4.92
CA ASN J 127 -16.38 36.65 -5.59
C ASN J 127 -15.52 37.21 -6.71
N GLN J 128 -14.56 36.45 -7.20
CA GLN J 128 -13.88 36.80 -8.43
C GLN J 128 -13.35 35.54 -9.09
N GLU J 129 -12.76 35.74 -10.26
CA GLU J 129 -12.34 34.63 -11.10
C GLU J 129 -11.09 33.96 -10.54
N ASP J 130 -10.11 34.74 -10.13
CA ASP J 130 -8.85 34.21 -9.67
C ASP J 130 -8.89 34.06 -8.15
N ASN J 131 -8.91 32.81 -7.69
CA ASN J 131 -8.89 32.47 -6.28
C ASN J 131 -7.85 31.40 -6.03
N THR J 132 -6.70 31.53 -6.69
CA THR J 132 -5.67 30.49 -6.61
C THR J 132 -4.93 30.54 -5.28
N ASN J 133 -4.58 31.74 -4.81
CA ASN J 133 -3.89 31.86 -3.55
C ASN J 133 -4.81 31.54 -2.38
N LEU J 134 -6.09 31.90 -2.50
CA LEU J 134 -7.08 31.46 -1.52
C LEU J 134 -7.19 29.95 -1.48
N ALA J 135 -7.16 29.32 -2.64
CA ALA J 135 -7.20 27.86 -2.72
C ALA J 135 -5.98 27.24 -2.07
N ARG J 136 -4.80 27.86 -2.26
CA ARG J 136 -3.60 27.31 -1.65
C ARG J 136 -3.62 27.45 -0.13
N VAL J 137 -4.02 28.61 0.38
CA VAL J 137 -4.06 28.77 1.83
C VAL J 137 -5.09 27.84 2.45
N LEU J 138 -6.23 27.65 1.78
CA LEU J 138 -7.22 26.71 2.30
C LEU J 138 -6.72 25.28 2.26
N THR J 139 -6.07 24.88 1.17
CA THR J 139 -5.64 23.49 1.04
C THR J 139 -4.40 23.21 1.89
N ASN J 140 -3.68 24.24 2.32
CA ASN J 140 -2.61 24.05 3.29
C ASN J 140 -3.13 24.02 4.71
N HIS J 141 -4.22 24.75 4.99
CA HIS J 141 -4.88 24.59 6.27
C HIS J 141 -5.47 23.20 6.43
N ILE J 142 -6.06 22.67 5.36
CA ILE J 142 -6.72 21.36 5.44
C ILE J 142 -5.72 20.26 5.73
N HIS J 143 -4.50 20.36 5.19
CA HIS J 143 -3.47 19.36 5.38
C HIS J 143 -2.58 19.63 6.59
N THR J 144 -2.93 20.59 7.43
CA THR J 144 -2.15 20.93 8.62
C THR J 144 -2.98 20.67 9.85
N GLY J 145 -2.47 19.80 10.73
CA GLY J 145 -3.15 19.52 11.97
C GLY J 145 -4.35 18.62 11.76
N HIS J 146 -5.09 18.40 12.85
CA HIS J 146 -6.34 17.68 12.79
C HIS J 146 -7.47 18.61 13.17
N HIS J 147 -8.46 18.70 12.28
CA HIS J 147 -9.65 19.50 12.47
C HIS J 147 -10.71 18.98 11.51
N SER J 148 -11.96 19.37 11.75
CA SER J 148 -13.08 18.76 11.06
C SER J 148 -14.10 19.76 10.54
N SER J 149 -13.72 21.02 10.39
CA SER J 149 -14.64 22.01 9.87
C SER J 149 -14.88 21.79 8.39
N MET J 150 -16.13 21.95 7.98
CA MET J 150 -16.46 22.07 6.58
C MET J 150 -16.19 23.49 6.11
N PHE J 151 -15.93 23.64 4.82
CA PHE J 151 -15.63 24.93 4.23
C PHE J 151 -16.64 25.20 3.13
N TRP J 152 -17.59 26.05 3.43
CA TRP J 152 -18.68 26.39 2.52
C TRP J 152 -18.20 27.58 1.70
N MET J 153 -17.91 27.37 0.43
CA MET J 153 -17.41 28.45 -0.37
C MET J 153 -18.60 29.22 -0.90
N ARG J 154 -18.63 30.52 -0.63
CA ARG J 154 -19.82 31.34 -0.80
C ARG J 154 -19.82 31.90 -2.21
N VAL J 155 -20.54 31.24 -3.11
CA VAL J 155 -20.45 31.60 -4.52
C VAL J 155 -21.85 31.97 -5.02
N PRO J 156 -21.99 33.00 -5.85
CA PRO J 156 -23.31 33.38 -6.35
C PRO J 156 -23.72 32.64 -7.61
N LEU J 157 -25.03 32.63 -7.84
CA LEU J 157 -25.55 32.15 -9.12
C LEU J 157 -25.18 33.10 -10.25
N VAL J 158 -25.19 34.40 -9.98
CA VAL J 158 -24.85 35.43 -10.95
C VAL J 158 -23.74 36.28 -10.37
N ALA J 159 -22.72 36.55 -11.19
CA ALA J 159 -21.60 37.36 -10.77
C ALA J 159 -22.07 38.75 -10.35
N PRO J 160 -21.41 39.39 -9.39
CA PRO J 160 -21.90 40.69 -8.90
C PRO J 160 -21.78 41.81 -9.91
N GLU J 161 -20.95 41.65 -10.95
CA GLU J 161 -20.88 42.65 -12.00
C GLU J 161 -21.89 42.43 -13.12
N ASP J 162 -22.68 41.36 -13.04
CA ASP J 162 -23.72 41.11 -14.03
C ASP J 162 -25.11 41.48 -13.53
N LEU J 163 -25.30 41.65 -12.23
CA LEU J 163 -26.59 42.06 -11.68
C LEU J 163 -26.55 43.46 -11.09
N ARG J 164 -25.58 44.26 -11.54
CA ARG J 164 -25.56 45.68 -11.21
C ARG J 164 -26.48 46.44 -12.15
N ASP J 165 -26.98 47.58 -11.66
CA ASP J 165 -27.95 48.36 -12.42
C ASP J 165 -27.29 49.03 -13.61
N ASP J 166 -28.12 49.40 -14.59
CA ASP J 166 -27.65 50.11 -15.78
C ASP J 166 -27.72 51.61 -15.50
N ILE J 167 -26.71 52.09 -14.80
CA ILE J 167 -26.72 53.44 -14.24
C ILE J 167 -25.54 54.24 -14.78
N ILE J 168 -24.44 53.58 -15.09
CA ILE J 168 -23.25 54.29 -15.55
C ILE J 168 -23.46 54.68 -17.01
N GLU J 169 -23.36 55.98 -17.29
CA GLU J 169 -23.75 56.47 -18.60
C GLU J 169 -22.70 56.16 -19.66
N ASN J 170 -21.42 56.18 -19.30
CA ASN J 170 -20.36 55.92 -20.25
C ASN J 170 -19.74 54.54 -20.08
N ALA J 171 -20.45 53.63 -19.44
CA ALA J 171 -20.01 52.26 -19.27
C ALA J 171 -21.19 51.33 -19.06
N SER J 180 -18.75 33.09 -21.59
CA SER J 180 -19.23 32.74 -20.26
C SER J 180 -20.01 33.88 -19.64
N GLY J 181 -21.30 33.95 -19.95
CA GLY J 181 -22.14 34.95 -19.31
C GLY J 181 -22.81 34.41 -18.06
N GLU J 182 -23.43 33.23 -18.17
CA GLU J 182 -24.11 32.59 -17.07
C GLU J 182 -23.36 31.37 -16.53
N GLU J 183 -22.36 30.88 -17.25
CA GLU J 183 -21.52 29.77 -16.81
C GLU J 183 -20.24 30.28 -16.18
N LYS J 184 -20.30 31.42 -15.52
CA LYS J 184 -19.12 32.15 -15.05
C LYS J 184 -18.75 31.78 -13.62
N THR J 185 -19.68 31.95 -12.69
CA THR J 185 -19.38 31.66 -11.30
C THR J 185 -19.28 30.15 -11.06
N TRP J 186 -19.91 29.35 -11.91
CA TRP J 186 -19.65 27.92 -11.85
C TRP J 186 -18.22 27.62 -12.23
N MET J 187 -17.66 28.34 -13.18
CA MET J 187 -16.27 28.10 -13.53
C MET J 187 -15.35 28.60 -12.42
N TRP J 188 -15.75 29.66 -11.71
CA TRP J 188 -15.03 30.04 -10.49
C TRP J 188 -14.98 28.89 -9.50
N TRP J 189 -16.14 28.32 -9.19
CA TRP J 189 -16.21 27.21 -8.24
C TRP J 189 -15.45 25.99 -8.73
N HIS J 190 -15.55 25.68 -10.03
CA HIS J 190 -14.87 24.52 -10.59
C HIS J 190 -13.36 24.66 -10.50
N ASN J 191 -12.83 25.84 -10.81
CA ASN J 191 -11.41 26.07 -10.67
C ASN J 191 -10.98 25.97 -9.22
N PHE J 192 -11.79 26.51 -8.30
CA PHE J 192 -11.44 26.44 -6.89
C PHE J 192 -11.39 25.00 -6.39
N ARG J 193 -12.43 24.22 -6.64
CA ARG J 193 -12.47 22.85 -6.19
C ARG J 193 -11.47 21.95 -6.91
N THR J 194 -11.01 22.35 -8.10
CA THR J 194 -9.99 21.57 -8.78
C THR J 194 -8.61 21.84 -8.22
N LEU J 195 -8.34 23.09 -7.84
CA LEU J 195 -7.07 23.40 -7.19
C LEU J 195 -6.97 22.71 -5.83
N CYS J 196 -8.07 22.62 -5.11
CA CYS J 196 -8.11 21.95 -3.83
C CYS J 196 -8.28 20.44 -3.95
N ASP J 197 -8.23 19.90 -5.17
CA ASP J 197 -8.16 18.47 -5.44
C ASP J 197 -9.42 17.74 -4.97
N TYR J 198 -10.56 18.36 -5.22
CA TYR J 198 -11.89 17.80 -4.93
C TYR J 198 -11.99 17.35 -3.47
N SER J 199 -11.69 18.26 -2.56
CA SER J 199 -11.70 17.92 -1.16
C SER J 199 -13.10 17.59 -0.69
N LYS J 200 -13.21 16.58 0.16
CA LYS J 200 -14.47 16.23 0.78
C LYS J 200 -14.97 17.32 1.72
N ARG J 201 -14.07 18.18 2.21
CA ARG J 201 -14.36 19.19 3.21
C ARG J 201 -14.66 20.55 2.62
N ILE J 202 -14.74 20.66 1.30
CA ILE J 202 -15.02 21.93 0.62
C ILE J 202 -16.30 21.75 -0.16
N ALA J 203 -17.28 22.61 0.10
CA ALA J 203 -18.60 22.52 -0.49
C ALA J 203 -19.07 23.89 -0.95
N VAL J 204 -20.32 24.01 -1.35
CA VAL J 204 -20.85 25.24 -1.92
C VAL J 204 -21.90 25.80 -0.98
N ALA J 205 -21.85 27.11 -0.78
CA ALA J 205 -22.97 27.90 -0.25
C ALA J 205 -23.40 28.85 -1.37
N LEU J 206 -24.54 28.56 -1.97
CA LEU J 206 -24.98 29.23 -3.19
C LEU J 206 -25.82 30.45 -2.84
N GLU J 207 -25.52 31.56 -3.49
CA GLU J 207 -26.29 32.79 -3.33
C GLU J 207 -27.30 32.88 -4.47
N ILE J 208 -28.57 32.99 -4.11
CA ILE J 208 -29.66 33.09 -5.07
C ILE J 208 -30.13 34.54 -5.09
N GLY J 209 -29.82 35.24 -6.17
CA GLY J 209 -30.25 36.62 -6.34
C GLY J 209 -31.59 36.72 -7.04
N ALA J 210 -31.93 37.95 -7.43
CA ALA J 210 -33.19 38.19 -8.11
C ALA J 210 -33.18 37.66 -9.53
N ASP J 211 -32.04 37.74 -10.21
CA ASP J 211 -31.92 37.31 -11.60
C ASP J 211 -31.46 35.86 -11.62
N LEU J 212 -32.40 34.94 -11.83
CA LEU J 212 -32.03 33.54 -11.96
C LEU J 212 -31.45 33.26 -13.35
N PRO J 213 -30.53 32.30 -13.45
CA PRO J 213 -30.01 31.91 -14.76
C PRO J 213 -30.92 30.89 -15.45
N SER J 214 -30.45 30.33 -16.55
CA SER J 214 -31.24 29.39 -17.33
C SER J 214 -31.40 28.08 -16.57
N ASN J 215 -32.10 27.12 -17.19
CA ASN J 215 -32.38 25.85 -16.53
C ASN J 215 -31.19 24.90 -16.55
N HIS J 216 -30.38 24.91 -17.61
CA HIS J 216 -29.24 24.01 -17.63
C HIS J 216 -28.10 24.51 -16.74
N VAL J 217 -28.02 25.81 -16.44
CA VAL J 217 -27.02 26.30 -15.45
C VAL J 217 -27.40 25.75 -14.07
N ILE J 218 -28.68 25.80 -13.75
CA ILE J 218 -29.17 25.30 -12.44
C ILE J 218 -28.88 23.82 -12.30
N ASP J 219 -28.95 23.01 -13.34
CA ASP J 219 -28.66 21.54 -13.30
C ASP J 219 -27.20 21.26 -12.95
N ARG J 220 -26.24 22.00 -13.50
CA ARG J 220 -24.82 21.88 -13.10
C ARG J 220 -24.70 22.25 -11.62
N TRP J 221 -25.43 23.31 -11.29
CA TRP J 221 -25.33 23.75 -9.90
C TRP J 221 -25.87 22.65 -9.01
N LEU J 222 -26.92 21.94 -9.38
CA LEU J 222 -27.58 20.92 -8.53
C LEU J 222 -26.79 19.61 -8.53
N GLY J 223 -25.92 19.40 -9.51
CA GLY J 223 -24.97 18.27 -9.50
C GLY J 223 -23.77 18.54 -8.61
N GLU J 224 -23.55 19.80 -8.18
CA GLU J 224 -22.45 20.14 -7.18
C GLU J 224 -22.60 19.82 -5.64
N PRO J 225 -21.53 19.84 -4.76
CA PRO J 225 -21.66 19.72 -3.30
C PRO J 225 -22.24 20.96 -2.64
N ILE J 226 -23.54 21.18 -2.80
CA ILE J 226 -24.21 22.33 -2.20
C ILE J 226 -24.69 21.92 -0.81
N LYS J 227 -24.06 22.48 0.23
CA LYS J 227 -24.53 22.25 1.59
C LYS J 227 -25.43 23.34 2.09
N ALA J 228 -25.37 24.54 1.49
CA ALA J 228 -26.21 25.63 1.94
C ALA J 228 -26.62 26.47 0.74
N ALA J 229 -27.76 27.14 0.90
CA ALA J 229 -28.26 28.09 -0.08
C ALA J 229 -28.46 29.40 0.62
N ILE J 230 -28.06 30.49 0.00
CA ILE J 230 -28.06 31.80 0.64
C ILE J 230 -29.11 32.67 -0.04
N LEU J 231 -30.17 33.01 0.69
CA LEU J 231 -31.27 33.79 0.17
C LEU J 231 -31.26 35.17 0.80
N PRO J 232 -30.88 36.22 0.08
CA PRO J 232 -31.03 37.57 0.62
C PRO J 232 -32.50 37.91 0.80
N THR J 233 -32.76 38.81 1.75
CA THR J 233 -34.14 39.25 1.93
C THR J 233 -34.58 40.22 0.84
N SER J 234 -33.67 40.63 -0.03
CA SER J 234 -34.00 41.53 -1.12
C SER J 234 -34.62 40.82 -2.32
N ILE J 235 -34.35 39.52 -2.48
CA ILE J 235 -34.94 38.78 -3.58
C ILE J 235 -36.40 38.45 -3.29
N PHE J 236 -36.82 38.61 -2.05
CA PHE J 236 -38.21 38.42 -1.70
C PHE J 236 -39.04 39.60 -2.21
N LEU J 237 -40.14 39.29 -2.86
CA LEU J 237 -41.10 40.27 -3.31
C LEU J 237 -42.31 40.20 -2.39
N THR J 238 -43.06 41.29 -2.31
CA THR J 238 -44.14 41.37 -1.33
C THR J 238 -45.49 41.12 -1.98
N ASN J 239 -46.42 40.58 -1.18
CA ASN J 239 -47.76 40.26 -1.65
C ASN J 239 -48.72 41.39 -1.29
N LYS J 240 -50.02 41.14 -1.44
CA LYS J 240 -51.01 42.16 -1.11
C LYS J 240 -51.10 42.39 0.40
N LYS J 241 -50.77 41.39 1.21
CA LYS J 241 -50.81 41.53 2.66
C LYS J 241 -49.50 42.05 3.25
N GLY J 242 -48.45 42.18 2.45
CA GLY J 242 -47.21 42.77 2.90
C GLY J 242 -46.15 41.78 3.35
N PHE J 243 -46.41 40.49 3.27
CA PHE J 243 -45.44 39.48 3.70
C PHE J 243 -44.40 39.24 2.62
N PRO J 244 -43.27 38.63 2.97
CA PRO J 244 -42.31 38.22 1.95
C PRO J 244 -42.75 36.93 1.28
N VAL J 245 -42.74 36.93 -0.05
CA VAL J 245 -42.94 35.74 -0.86
C VAL J 245 -41.90 35.74 -1.97
N LEU J 246 -41.91 34.71 -2.78
CA LEU J 246 -40.94 34.57 -3.85
C LEU J 246 -41.67 34.32 -5.17
N SER J 247 -41.02 34.69 -6.26
CA SER J 247 -41.59 34.46 -7.58
C SER J 247 -41.66 32.96 -7.85
N LYS J 248 -42.43 32.60 -8.89
CA LYS J 248 -42.63 31.19 -9.19
C LYS J 248 -41.33 30.51 -9.62
N MET J 249 -40.48 31.21 -10.36
CA MET J 249 -39.18 30.65 -10.71
C MET J 249 -38.30 30.47 -9.48
N HIS J 250 -38.35 31.42 -8.55
CA HIS J 250 -37.63 31.27 -7.29
C HIS J 250 -38.17 30.10 -6.49
N GLN J 251 -39.50 29.95 -6.47
CA GLN J 251 -40.10 28.84 -5.73
C GLN J 251 -39.71 27.50 -6.32
N ARG J 252 -39.64 27.42 -7.65
CA ARG J 252 -39.20 26.18 -8.28
C ARG J 252 -37.74 25.86 -7.93
N LEU J 253 -36.89 26.89 -7.91
CA LEU J 253 -35.50 26.69 -7.48
C LEU J 253 -35.43 26.22 -6.03
N ILE J 254 -36.28 26.79 -5.17
CA ILE J 254 -36.32 26.38 -3.77
C ILE J 254 -36.75 24.93 -3.65
N PHE J 255 -37.69 24.48 -4.49
CA PHE J 255 -38.12 23.10 -4.43
C PHE J 255 -37.04 22.13 -4.88
N ARG J 256 -36.31 22.50 -5.95
CA ARG J 256 -35.19 21.67 -6.38
C ARG J 256 -34.10 21.60 -5.32
N LEU J 257 -33.83 22.71 -4.63
CA LEU J 257 -32.84 22.69 -3.56
C LEU J 257 -33.34 21.93 -2.35
N LEU J 258 -34.64 21.97 -2.08
CA LEU J 258 -35.22 21.22 -0.98
C LEU J 258 -35.15 19.73 -1.23
N LYS J 259 -35.10 19.31 -2.50
CA LYS J 259 -34.86 17.90 -2.77
C LYS J 259 -33.46 17.45 -2.32
N LEU J 260 -32.46 18.34 -2.39
CA LEU J 260 -31.11 18.01 -1.97
C LEU J 260 -30.88 18.09 -0.47
N GLU J 261 -31.86 18.59 0.29
CA GLU J 261 -31.74 18.79 1.73
C GLU J 261 -30.58 19.73 2.08
N VAL J 262 -30.52 20.86 1.40
CA VAL J 262 -29.56 21.90 1.76
C VAL J 262 -30.15 22.68 2.91
N GLN J 263 -29.33 23.47 3.58
CA GLN J 263 -29.79 24.43 4.57
C GLN J 263 -29.90 25.80 3.90
N PHE J 264 -30.81 26.62 4.39
CA PHE J 264 -31.05 27.92 3.79
C PHE J 264 -30.54 28.99 4.74
N ILE J 265 -29.63 29.81 4.25
CA ILE J 265 -29.08 30.93 5.00
C ILE J 265 -29.78 32.18 4.53
N ILE J 266 -30.32 32.96 5.46
CA ILE J 266 -31.00 34.20 5.13
C ILE J 266 -30.10 35.36 5.54
N THR J 267 -29.80 36.22 4.59
CA THR J 267 -28.88 37.35 4.76
C THR J 267 -29.61 38.65 4.47
N GLY J 268 -28.99 39.73 4.89
CA GLY J 268 -29.56 41.04 4.66
C GLY J 268 -30.42 41.49 5.79
N THR J 269 -31.00 42.66 5.62
CA THR J 269 -31.85 43.26 6.63
C THR J 269 -33.31 42.95 6.33
N ASN J 270 -34.17 43.24 7.30
CA ASN J 270 -35.60 43.05 7.15
C ASN J 270 -36.14 44.11 6.21
N HIS J 271 -36.41 43.72 4.96
CA HIS J 271 -36.95 44.63 3.97
C HIS J 271 -38.44 44.83 4.11
N HIS J 272 -39.09 44.05 4.95
CA HIS J 272 -40.52 44.17 5.25
C HIS J 272 -40.60 44.53 6.72
N SER J 273 -40.49 45.83 7.01
CA SER J 273 -40.28 46.29 8.37
C SER J 273 -41.56 46.23 9.20
N GLU J 274 -42.73 46.28 8.55
CA GLU J 274 -43.99 46.20 9.28
C GLU J 274 -44.14 44.86 9.96
N LYS J 275 -43.72 43.79 9.31
CA LYS J 275 -43.68 42.46 9.91
C LYS J 275 -42.39 42.33 10.72
N GLU J 276 -42.09 41.12 11.17
CA GLU J 276 -40.82 40.84 11.82
C GLU J 276 -39.99 39.92 10.93
N PHE J 277 -38.82 39.54 11.42
CA PHE J 277 -37.91 38.71 10.63
C PHE J 277 -38.28 37.23 10.68
N CYS J 278 -39.28 36.85 11.46
CA CYS J 278 -39.75 35.48 11.42
C CYS J 278 -40.49 35.16 10.13
N SER J 279 -40.88 36.19 9.36
CA SER J 279 -41.78 35.98 8.23
C SER J 279 -41.07 35.32 7.05
N TYR J 280 -39.80 35.67 6.81
CA TYR J 280 -39.04 35.02 5.75
C TYR J 280 -38.88 33.53 6.05
N LEU J 281 -38.54 33.20 7.29
CA LEU J 281 -38.39 31.82 7.69
C LEU J 281 -39.72 31.08 7.64
N GLN J 282 -40.80 31.75 8.03
CA GLN J 282 -42.12 31.16 7.99
C GLN J 282 -42.53 30.84 6.56
N TYR J 283 -42.19 31.72 5.61
CA TYR J 283 -42.45 31.40 4.20
C TYR J 283 -41.63 30.20 3.75
N LEU J 284 -40.38 30.09 4.22
CA LEU J 284 -39.58 28.93 3.84
C LEU J 284 -40.17 27.63 4.39
N GLU J 285 -40.65 27.64 5.64
CA GLU J 285 -41.33 26.45 6.16
C GLU J 285 -42.64 26.18 5.43
N TYR J 286 -43.35 27.23 5.01
CA TYR J 286 -44.55 27.02 4.22
C TYR J 286 -44.24 26.32 2.91
N LEU J 287 -43.19 26.75 2.21
CA LEU J 287 -42.79 26.05 1.00
C LEU J 287 -42.28 24.65 1.31
N SER J 288 -41.73 24.44 2.51
CA SER J 288 -41.29 23.11 2.90
C SER J 288 -42.46 22.14 2.98
N GLN J 289 -43.56 22.56 3.63
CA GLN J 289 -44.73 21.68 3.66
C GLN J 289 -45.49 21.68 2.34
N ASN J 290 -45.27 22.68 1.49
CA ASN J 290 -45.94 22.73 0.19
C ASN J 290 -45.20 21.89 -0.84
N ARG J 291 -44.02 21.38 -0.51
CA ARG J 291 -43.26 20.53 -1.40
C ARG J 291 -44.03 19.22 -1.65
N ALA J 296 -43.20 5.87 -3.19
CA ALA J 296 -42.69 4.71 -2.48
C ALA J 296 -41.23 4.46 -2.80
N TYR J 297 -40.83 4.74 -4.04
CA TYR J 297 -39.42 4.59 -4.41
C TYR J 297 -38.55 5.59 -3.68
N GLU J 298 -39.05 6.82 -3.49
CA GLU J 298 -38.29 7.82 -2.74
C GLU J 298 -38.22 7.45 -1.26
N LEU J 299 -39.29 6.89 -0.71
CA LEU J 299 -39.26 6.46 0.69
C LEU J 299 -38.31 5.30 0.89
N PHE J 300 -38.31 4.33 -0.04
CA PHE J 300 -37.39 3.20 0.06
C PHE J 300 -35.95 3.64 -0.12
N ALA J 301 -35.71 4.51 -1.10
CA ALA J 301 -34.37 4.98 -1.41
C ALA J 301 -33.82 5.97 -0.40
N LYS J 302 -34.64 6.44 0.54
CA LYS J 302 -34.19 7.41 1.53
C LYS J 302 -33.16 6.75 2.44
N GLY J 303 -32.04 7.45 2.64
CA GLY J 303 -30.93 6.91 3.38
C GLY J 303 -29.91 6.18 2.53
N TYR J 304 -30.27 5.83 1.29
CA TYR J 304 -29.35 5.17 0.38
C TYR J 304 -28.86 6.09 -0.73
N GLU J 305 -29.22 7.38 -0.69
CA GLU J 305 -28.83 8.29 -1.75
C GLU J 305 -27.33 8.51 -1.73
N ASP J 306 -26.70 8.38 -2.91
CA ASP J 306 -25.28 8.57 -3.11
C ASP J 306 -24.45 7.67 -2.20
N TYR J 307 -24.96 6.48 -1.92
CA TYR J 307 -24.29 5.50 -1.08
C TYR J 307 -23.87 4.36 -2.00
N LEU J 308 -22.59 4.28 -2.30
CA LEU J 308 -22.10 3.28 -3.24
C LEU J 308 -22.19 1.89 -2.65
N GLN J 309 -22.55 0.93 -3.47
CA GLN J 309 -22.61 -0.47 -3.08
C GLN J 309 -21.96 -1.32 -4.14
N SER J 310 -21.48 -2.44 -3.75
CA SER J 310 -21.00 -3.40 -4.74
C SER J 310 -22.16 -4.19 -5.29
N PRO J 311 -22.24 -4.39 -6.60
CA PRO J 311 -23.36 -5.16 -7.16
C PRO J 311 -23.35 -6.59 -6.68
N LEU J 312 -24.54 -7.15 -6.52
CA LEU J 312 -24.67 -8.52 -6.08
C LEU J 312 -24.15 -9.48 -7.14
N GLN J 313 -23.62 -10.59 -6.67
CA GLN J 313 -23.17 -11.68 -7.55
C GLN J 313 -23.81 -12.96 -7.05
N PRO J 314 -25.08 -13.20 -7.39
CA PRO J 314 -25.79 -14.36 -6.85
C PRO J 314 -25.29 -15.68 -7.37
N LEU J 315 -24.49 -15.71 -8.43
CA LEU J 315 -23.98 -16.98 -8.95
C LEU J 315 -22.70 -17.40 -8.26
N MET J 316 -21.82 -16.45 -7.94
CA MET J 316 -20.55 -16.77 -7.31
C MET J 316 -20.61 -16.71 -5.79
N ASP J 317 -21.52 -15.92 -5.24
CA ASP J 317 -21.78 -15.86 -3.80
C ASP J 317 -23.18 -16.35 -3.50
N ASN J 318 -23.35 -16.82 -2.27
CA ASN J 318 -24.64 -17.20 -1.73
C ASN J 318 -25.23 -16.01 -0.99
N LEU J 319 -26.50 -15.74 -1.20
CA LEU J 319 -27.15 -14.58 -0.60
C LEU J 319 -27.72 -14.93 0.76
N GLU J 320 -27.63 -13.97 1.69
CA GLU J 320 -28.30 -14.06 2.97
C GLU J 320 -29.81 -14.05 2.76
N SER J 321 -30.55 -14.61 3.73
CA SER J 321 -32.00 -14.54 3.68
C SER J 321 -32.50 -13.09 3.74
N GLN J 322 -31.74 -12.21 4.42
CA GLN J 322 -32.09 -10.81 4.47
C GLN J 322 -31.84 -10.11 3.14
N THR J 323 -30.99 -10.69 2.28
CA THR J 323 -30.86 -10.21 0.91
C THR J 323 -32.07 -10.62 0.07
N TYR J 324 -32.58 -11.84 0.26
CA TYR J 324 -33.77 -12.28 -0.44
C TYR J 324 -35.02 -11.54 0.04
N GLU J 325 -35.01 -11.07 1.29
CA GLU J 325 -36.17 -10.38 1.82
C GLU J 325 -36.44 -9.08 1.08
N VAL J 326 -35.40 -8.35 0.71
CA VAL J 326 -35.61 -7.10 -0.01
C VAL J 326 -36.01 -7.37 -1.46
N PHE J 327 -35.66 -8.54 -1.99
CA PHE J 327 -36.20 -8.95 -3.29
C PHE J 327 -37.70 -9.17 -3.20
N GLU J 328 -38.11 -9.96 -2.21
CA GLU J 328 -39.52 -10.29 -2.04
C GLU J 328 -40.34 -9.14 -1.47
N LYS J 329 -39.69 -8.05 -1.07
CA LYS J 329 -40.37 -6.82 -0.67
C LYS J 329 -40.96 -6.07 -1.87
N ASP J 330 -40.68 -6.51 -3.08
CA ASP J 330 -41.15 -5.85 -4.30
C ASP J 330 -42.38 -6.55 -4.84
N PRO J 331 -43.57 -5.95 -4.76
CA PRO J 331 -44.77 -6.60 -5.28
C PRO J 331 -44.92 -6.45 -6.78
N ILE J 332 -44.39 -5.35 -7.32
CA ILE J 332 -44.61 -5.02 -8.73
C ILE J 332 -43.86 -5.98 -9.64
N LYS J 333 -42.61 -6.32 -9.30
CA LYS J 333 -41.84 -7.23 -10.14
C LYS J 333 -42.48 -8.60 -10.22
N TYR J 334 -42.94 -9.13 -9.09
CA TYR J 334 -43.50 -10.48 -9.11
C TYR J 334 -44.93 -10.49 -9.63
N SER J 335 -45.66 -9.38 -9.47
CA SER J 335 -46.94 -9.26 -10.17
C SER J 335 -46.75 -9.25 -11.67
N GLN J 336 -45.70 -8.57 -12.15
CA GLN J 336 -45.43 -8.56 -13.59
C GLN J 336 -44.99 -9.92 -14.09
N TYR J 337 -44.18 -10.64 -13.31
CA TYR J 337 -43.81 -12.01 -13.69
C TYR J 337 -45.02 -12.93 -13.71
N GLN J 338 -45.92 -12.81 -12.75
CA GLN J 338 -47.14 -13.61 -12.75
C GLN J 338 -48.03 -13.28 -13.93
N GLN J 339 -48.12 -12.00 -14.29
CA GLN J 339 -48.90 -11.60 -15.46
C GLN J 339 -48.29 -12.16 -16.75
N ALA J 340 -46.97 -12.12 -16.87
CA ALA J 340 -46.32 -12.68 -18.05
C ALA J 340 -46.54 -14.18 -18.15
N ILE J 341 -46.44 -14.90 -17.03
CA ILE J 341 -46.66 -16.34 -17.05
C ILE J 341 -48.12 -16.64 -17.35
N TYR J 342 -49.04 -15.83 -16.82
CA TYR J 342 -50.46 -16.01 -17.08
C TYR J 342 -50.79 -15.87 -18.56
N LYS J 343 -50.25 -14.83 -19.19
CA LYS J 343 -50.49 -14.64 -20.62
C LYS J 343 -49.82 -15.72 -21.45
N CYS J 344 -48.61 -16.15 -21.05
CA CYS J 344 -47.96 -17.23 -21.80
C CYS J 344 -48.71 -18.54 -21.69
N LEU J 345 -49.29 -18.82 -20.51
CA LEU J 345 -50.05 -20.06 -20.34
C LEU J 345 -51.36 -20.00 -21.10
N LEU J 346 -51.98 -18.82 -21.17
CA LEU J 346 -53.16 -18.66 -22.02
C LEU J 346 -52.81 -18.89 -23.49
N ASP J 347 -51.65 -18.40 -23.93
CA ASP J 347 -51.26 -18.57 -25.32
C ASP J 347 -50.93 -20.02 -25.66
N ARG J 348 -50.18 -20.70 -24.79
CA ARG J 348 -49.67 -22.02 -25.12
C ARG J 348 -50.72 -23.11 -25.00
N VAL J 349 -51.81 -22.88 -24.28
CA VAL J 349 -52.86 -23.88 -24.09
C VAL J 349 -54.21 -23.26 -24.42
N PRO J 350 -54.91 -23.76 -25.44
CA PRO J 350 -56.26 -23.26 -25.72
C PRO J 350 -57.28 -23.73 -24.69
N GLU J 351 -58.42 -23.04 -24.67
CA GLU J 351 -59.48 -23.35 -23.73
C GLU J 351 -60.01 -24.78 -23.89
N GLU J 352 -59.87 -25.35 -25.08
CA GLU J 352 -60.35 -26.71 -25.32
C GLU J 352 -59.45 -27.74 -24.65
N GLU J 353 -58.14 -27.51 -24.68
CA GLU J 353 -57.15 -28.41 -24.08
C GLU J 353 -56.81 -28.00 -22.66
N LYS J 354 -57.78 -27.43 -21.95
CA LYS J 354 -57.54 -26.76 -20.67
C LYS J 354 -57.14 -27.74 -19.57
N ASP J 355 -57.64 -28.97 -19.61
CA ASP J 355 -57.41 -29.91 -18.52
C ASP J 355 -56.42 -31.01 -18.85
N THR J 356 -56.39 -31.47 -20.10
CA THR J 356 -55.53 -32.59 -20.47
C THR J 356 -54.12 -32.16 -20.86
N ASN J 357 -53.82 -30.87 -20.83
CA ASN J 357 -52.50 -30.37 -21.18
C ASN J 357 -51.83 -29.81 -19.94
N VAL J 358 -50.64 -30.31 -19.62
CA VAL J 358 -49.84 -29.88 -18.48
C VAL J 358 -48.58 -29.24 -19.01
N GLN J 359 -48.36 -27.98 -18.65
CA GLN J 359 -47.21 -27.24 -19.13
C GLN J 359 -46.08 -27.31 -18.12
N VAL J 360 -44.90 -27.68 -18.56
CA VAL J 360 -43.74 -27.77 -17.68
C VAL J 360 -43.11 -26.39 -17.57
N LEU J 361 -43.06 -25.86 -16.36
CA LEU J 361 -42.32 -24.64 -16.05
C LEU J 361 -41.10 -25.00 -15.22
N MET J 362 -40.00 -24.33 -15.49
CA MET J 362 -38.78 -24.43 -14.69
C MET J 362 -38.44 -23.05 -14.19
N VAL J 363 -38.56 -22.85 -12.88
CA VAL J 363 -38.10 -21.62 -12.25
C VAL J 363 -36.62 -21.83 -11.94
N LEU J 364 -35.76 -21.11 -12.66
CA LEU J 364 -34.32 -21.30 -12.56
C LEU J 364 -33.74 -20.27 -11.61
N GLY J 365 -33.10 -20.74 -10.55
CA GLY J 365 -32.78 -19.86 -9.46
C GLY J 365 -34.04 -19.48 -8.74
N ALA J 366 -34.66 -20.45 -8.06
CA ALA J 366 -35.96 -20.24 -7.47
C ALA J 366 -35.93 -19.37 -6.22
N GLY J 367 -34.75 -19.14 -5.65
CA GLY J 367 -34.65 -18.26 -4.51
C GLY J 367 -35.19 -18.91 -3.28
N ARG J 368 -35.98 -18.17 -2.51
CA ARG J 368 -36.70 -18.69 -1.37
C ARG J 368 -38.16 -18.98 -1.67
N GLY J 369 -38.60 -18.85 -2.92
CA GLY J 369 -39.98 -19.08 -3.25
C GLY J 369 -40.73 -18.17 -4.22
N PRO J 370 -40.42 -16.85 -4.32
CA PRO J 370 -41.42 -15.94 -4.88
C PRO J 370 -41.77 -16.16 -6.35
N LEU J 371 -40.85 -16.63 -7.19
CA LEU J 371 -41.23 -16.94 -8.56
C LEU J 371 -42.01 -18.23 -8.65
N VAL J 372 -41.77 -19.18 -7.74
CA VAL J 372 -42.57 -20.40 -7.74
C VAL J 372 -44.00 -20.08 -7.31
N ASN J 373 -44.17 -19.24 -6.31
CA ASN J 373 -45.50 -18.81 -5.92
C ASN J 373 -46.17 -18.00 -7.03
N ALA J 374 -45.41 -17.15 -7.71
CA ALA J 374 -45.96 -16.38 -8.82
C ALA J 374 -46.41 -17.29 -9.95
N SER J 375 -45.64 -18.32 -10.27
CA SER J 375 -46.04 -19.28 -11.30
C SER J 375 -47.27 -20.06 -10.88
N LEU J 376 -47.36 -20.46 -9.62
CA LEU J 376 -48.54 -21.18 -9.14
C LEU J 376 -49.79 -20.31 -9.22
N ARG J 377 -49.69 -19.05 -8.80
CA ARG J 377 -50.82 -18.13 -8.90
C ARG J 377 -51.18 -17.84 -10.35
N ALA J 378 -50.18 -17.74 -11.23
CA ALA J 378 -50.42 -17.47 -12.63
C ALA J 378 -51.17 -18.62 -13.29
N ALA J 379 -50.76 -19.86 -13.01
CA ALA J 379 -51.48 -21.01 -13.53
C ALA J 379 -52.84 -21.17 -12.87
N LYS J 380 -53.01 -20.67 -11.65
CA LYS J 380 -54.30 -20.74 -10.99
C LYS J 380 -55.29 -19.76 -11.62
N GLN J 381 -54.84 -18.54 -11.91
CA GLN J 381 -55.73 -17.56 -12.52
C GLN J 381 -55.88 -17.74 -14.03
N ALA J 382 -54.94 -18.44 -14.66
CA ALA J 382 -55.10 -18.80 -16.06
C ALA J 382 -55.91 -20.07 -16.23
N ASP J 383 -56.14 -20.79 -15.13
CA ASP J 383 -56.87 -22.05 -15.11
C ASP J 383 -56.19 -23.03 -16.07
N ARG J 384 -54.89 -23.24 -15.84
CA ARG J 384 -54.10 -24.19 -16.59
C ARG J 384 -53.34 -25.07 -15.60
N ARG J 385 -52.96 -26.25 -16.07
CA ARG J 385 -52.23 -27.21 -15.26
C ARG J 385 -50.74 -27.09 -15.56
N ILE J 386 -49.92 -27.01 -14.52
CA ILE J 386 -48.48 -26.89 -14.68
C ILE J 386 -47.78 -27.93 -13.83
N LYS J 387 -46.63 -28.39 -14.32
CA LYS J 387 -45.69 -29.20 -13.56
C LYS J 387 -44.44 -28.34 -13.40
N LEU J 388 -44.12 -27.96 -12.18
CA LEU J 388 -43.15 -26.91 -11.95
C LEU J 388 -41.89 -27.51 -11.34
N TYR J 389 -40.74 -27.08 -11.84
CA TYR J 389 -39.45 -27.42 -11.25
C TYR J 389 -38.84 -26.15 -10.68
N ALA J 390 -38.35 -26.22 -9.45
CA ALA J 390 -37.72 -25.09 -8.78
C ALA J 390 -36.24 -25.42 -8.60
N VAL J 391 -35.42 -24.95 -9.51
CA VAL J 391 -34.00 -25.23 -9.50
C VAL J 391 -33.30 -24.13 -8.71
N GLU J 392 -32.41 -24.52 -7.80
CA GLU J 392 -31.70 -23.55 -7.00
C GLU J 392 -30.39 -24.16 -6.54
N LYS J 393 -29.29 -23.44 -6.73
CA LYS J 393 -27.97 -23.93 -6.35
C LYS J 393 -27.60 -23.61 -4.90
N ASN J 394 -28.14 -22.53 -4.34
CA ASN J 394 -27.95 -22.11 -2.96
C ASN J 394 -28.51 -23.15 -2.01
N PRO J 395 -27.68 -23.90 -1.28
CA PRO J 395 -28.21 -24.95 -0.40
C PRO J 395 -29.06 -24.41 0.72
N ASN J 396 -28.73 -23.21 1.18
CA ASN J 396 -29.46 -22.60 2.28
C ASN J 396 -30.83 -22.13 1.84
N ALA J 397 -30.97 -21.74 0.57
CA ALA J 397 -32.28 -21.44 0.01
C ALA J 397 -33.01 -22.71 -0.41
N VAL J 398 -32.27 -23.78 -0.72
CA VAL J 398 -32.89 -25.08 -0.93
C VAL J 398 -33.58 -25.56 0.34
N VAL J 399 -33.02 -25.21 1.50
CA VAL J 399 -33.66 -25.57 2.78
C VAL J 399 -35.05 -24.97 2.87
N THR J 400 -35.19 -23.68 2.58
CA THR J 400 -36.50 -23.04 2.69
C THR J 400 -37.41 -23.42 1.53
N LEU J 401 -36.85 -23.70 0.35
CA LEU J 401 -37.65 -24.21 -0.76
C LEU J 401 -38.24 -25.56 -0.45
N GLU J 402 -37.46 -26.43 0.20
CA GLU J 402 -37.93 -27.76 0.54
C GLU J 402 -38.89 -27.75 1.70
N ASN J 403 -38.76 -26.79 2.62
CA ASN J 403 -39.79 -26.62 3.62
C ASN J 403 -41.08 -26.11 3.01
N TRP J 404 -40.99 -25.20 2.03
CA TRP J 404 -42.16 -24.79 1.25
C TRP J 404 -42.82 -25.97 0.56
N GLN J 405 -41.99 -26.81 -0.07
CA GLN J 405 -42.48 -27.96 -0.82
C GLN J 405 -43.18 -28.95 0.10
N PHE J 406 -42.60 -29.22 1.27
CA PHE J 406 -43.23 -30.14 2.21
C PHE J 406 -44.52 -29.55 2.75
N GLU J 407 -44.51 -28.27 3.10
CA GLU J 407 -45.62 -27.69 3.85
C GLU J 407 -46.75 -27.17 2.96
N GLU J 408 -46.41 -26.57 1.81
CA GLU J 408 -47.42 -25.93 0.97
C GLU J 408 -47.55 -26.57 -0.41
N TRP J 409 -46.46 -26.67 -1.16
CA TRP J 409 -46.56 -26.93 -2.59
C TRP J 409 -46.97 -28.37 -2.88
N GLY J 410 -46.36 -29.32 -2.19
CA GLY J 410 -46.69 -30.70 -2.45
C GLY J 410 -46.00 -31.22 -3.71
N SER J 411 -46.65 -32.19 -4.36
CA SER J 411 -46.06 -32.91 -5.48
C SER J 411 -46.02 -32.08 -6.77
N GLN J 412 -46.73 -30.95 -6.82
CA GLN J 412 -46.72 -30.12 -8.02
C GLN J 412 -45.32 -29.58 -8.32
N VAL J 413 -44.62 -29.13 -7.29
CA VAL J 413 -43.30 -28.52 -7.42
C VAL J 413 -42.24 -29.55 -7.07
N THR J 414 -41.25 -29.70 -7.94
CA THR J 414 -40.08 -30.53 -7.67
C THR J 414 -38.90 -29.61 -7.42
N VAL J 415 -38.32 -29.68 -6.24
CA VAL J 415 -37.22 -28.80 -5.85
C VAL J 415 -35.91 -29.49 -6.19
N VAL J 416 -35.07 -28.81 -6.97
CA VAL J 416 -33.81 -29.34 -7.44
C VAL J 416 -32.69 -28.50 -6.83
N SER J 417 -31.71 -29.18 -6.23
CA SER J 417 -30.56 -28.50 -5.66
C SER J 417 -29.39 -28.72 -6.61
N SER J 418 -29.38 -27.89 -7.65
CA SER J 418 -28.35 -27.98 -8.69
C SER J 418 -28.22 -26.65 -9.41
N ASP J 419 -27.09 -26.43 -10.07
CA ASP J 419 -26.94 -25.27 -10.97
C ASP J 419 -27.75 -25.63 -12.21
N MET J 420 -28.40 -24.67 -12.84
CA MET J 420 -29.14 -24.92 -14.08
C MET J 420 -28.15 -25.28 -15.20
N ARG J 421 -26.89 -24.86 -15.09
CA ARG J 421 -25.97 -25.22 -16.16
C ARG J 421 -25.38 -26.61 -15.97
N GLU J 422 -25.54 -27.21 -14.79
CA GLU J 422 -25.07 -28.55 -14.51
C GLU J 422 -26.19 -29.57 -14.41
N TRP J 423 -27.43 -29.11 -14.28
CA TRP J 423 -28.56 -30.00 -14.03
C TRP J 423 -28.87 -30.85 -15.25
N VAL J 424 -29.27 -32.09 -15.00
CA VAL J 424 -29.78 -33.00 -16.03
C VAL J 424 -31.27 -33.12 -15.78
N ALA J 425 -32.07 -32.49 -16.63
CA ALA J 425 -33.50 -32.45 -16.42
C ALA J 425 -34.14 -33.79 -16.77
N PRO J 426 -35.21 -34.19 -16.05
CA PRO J 426 -35.92 -35.42 -16.43
C PRO J 426 -36.74 -35.26 -17.69
N GLU J 427 -37.12 -34.05 -18.05
CA GLU J 427 -37.96 -33.79 -19.20
C GLU J 427 -37.79 -32.33 -19.59
N LYS J 428 -38.17 -32.01 -20.82
CA LYS J 428 -38.00 -30.67 -21.32
C LYS J 428 -39.13 -29.76 -20.84
N ALA J 429 -38.91 -28.46 -20.95
CA ALA J 429 -39.77 -27.46 -20.37
C ALA J 429 -40.55 -26.71 -21.44
N ASP J 430 -41.72 -26.23 -21.05
CA ASP J 430 -42.50 -25.35 -21.91
C ASP J 430 -42.17 -23.89 -21.64
N ILE J 431 -42.05 -23.51 -20.39
CA ILE J 431 -41.58 -22.17 -20.02
C ILE J 431 -40.47 -22.32 -19.00
N ILE J 432 -39.38 -21.57 -19.19
CA ILE J 432 -38.39 -21.37 -18.14
C ILE J 432 -38.49 -19.93 -17.68
N VAL J 433 -38.59 -19.73 -16.37
CA VAL J 433 -38.77 -18.42 -15.76
C VAL J 433 -37.59 -18.16 -14.85
N SER J 434 -36.97 -16.99 -14.98
CA SER J 434 -35.84 -16.66 -14.13
C SER J 434 -35.87 -15.18 -13.79
N GLU J 435 -35.20 -14.84 -12.69
CA GLU J 435 -35.07 -13.47 -12.20
C GLU J 435 -33.61 -13.05 -12.10
N LEU J 436 -32.76 -13.61 -12.95
CA LEU J 436 -31.32 -13.44 -12.83
C LEU J 436 -30.82 -12.10 -13.34
N LEU J 437 -31.66 -11.09 -13.42
CA LEU J 437 -31.30 -9.81 -14.00
C LEU J 437 -30.73 -8.90 -12.93
N GLY J 438 -29.59 -8.29 -13.23
CA GLY J 438 -29.02 -7.27 -12.38
C GLY J 438 -29.47 -5.89 -12.81
N SER J 439 -28.88 -4.89 -12.16
CA SER J 439 -29.23 -3.49 -12.45
C SER J 439 -28.82 -3.06 -13.84
N PHE J 440 -27.89 -3.76 -14.47
CA PHE J 440 -27.45 -3.48 -15.83
C PHE J 440 -27.81 -4.64 -16.76
N ALA J 441 -28.72 -5.50 -16.31
CA ALA J 441 -29.48 -6.57 -16.95
C ALA J 441 -28.67 -7.82 -17.23
N ASP J 442 -27.36 -7.78 -17.19
CA ASP J 442 -26.58 -8.95 -17.54
C ASP J 442 -25.31 -9.06 -16.71
N ASN J 443 -25.11 -8.18 -15.74
CA ASN J 443 -23.99 -8.25 -14.82
C ASN J 443 -24.16 -9.34 -13.76
N GLU J 444 -25.24 -10.11 -13.81
CA GLU J 444 -25.39 -11.27 -12.96
C GLU J 444 -25.49 -12.55 -13.77
N LEU J 445 -24.98 -12.52 -15.01
CA LEU J 445 -24.73 -13.68 -15.84
C LEU J 445 -26.00 -14.39 -16.25
N SER J 446 -27.09 -13.64 -16.40
CA SER J 446 -28.29 -14.19 -17.02
C SER J 446 -28.05 -14.79 -18.40
N PRO J 447 -27.26 -14.18 -19.31
CA PRO J 447 -26.99 -14.88 -20.58
C PRO J 447 -26.34 -16.24 -20.42
N GLU J 448 -25.28 -16.36 -19.63
CA GLU J 448 -24.58 -17.63 -19.51
C GLU J 448 -25.44 -18.68 -18.82
N CYS J 449 -26.14 -18.28 -17.75
CA CYS J 449 -27.00 -19.22 -17.04
C CYS J 449 -28.16 -19.69 -17.89
N LEU J 450 -28.79 -18.78 -18.63
CA LEU J 450 -29.91 -19.18 -19.48
C LEU J 450 -29.44 -19.96 -20.70
N ASP J 451 -28.23 -19.69 -21.20
CA ASP J 451 -27.69 -20.50 -22.28
C ASP J 451 -27.36 -21.90 -21.80
N GLY J 452 -26.90 -22.03 -20.55
CA GLY J 452 -26.72 -23.35 -19.98
C GLY J 452 -28.04 -24.08 -19.75
N ALA J 453 -29.08 -23.34 -19.39
CA ALA J 453 -30.39 -23.92 -19.12
C ALA J 453 -31.26 -24.07 -20.36
N GLN J 454 -30.79 -23.63 -21.52
CA GLN J 454 -31.60 -23.65 -22.73
C GLN J 454 -31.77 -25.03 -23.32
N HIS J 455 -30.94 -26.01 -22.94
CA HIS J 455 -31.00 -27.30 -23.60
C HIS J 455 -32.15 -28.17 -23.10
N PHE J 456 -32.75 -27.86 -21.96
CA PHE J 456 -33.96 -28.56 -21.53
C PHE J 456 -35.20 -27.71 -21.72
N LEU J 457 -35.23 -26.95 -22.80
CA LEU J 457 -36.39 -26.20 -23.22
C LEU J 457 -36.92 -26.81 -24.49
N LYS J 458 -38.25 -26.93 -24.59
CA LYS J 458 -38.85 -27.48 -25.80
C LYS J 458 -38.64 -26.51 -26.96
N ASP J 459 -38.67 -27.06 -28.18
CA ASP J 459 -38.33 -26.28 -29.36
C ASP J 459 -39.30 -25.14 -29.62
N ASP J 460 -40.51 -25.21 -29.08
CA ASP J 460 -41.43 -24.07 -29.07
C ASP J 460 -41.55 -23.49 -27.68
N GLY J 461 -40.53 -23.64 -26.85
CA GLY J 461 -40.58 -23.17 -25.49
C GLY J 461 -40.35 -21.68 -25.37
N VAL J 462 -40.77 -21.15 -24.22
CA VAL J 462 -40.68 -19.73 -23.92
C VAL J 462 -39.72 -19.53 -22.76
N SER J 463 -38.94 -18.46 -22.82
CA SER J 463 -38.14 -18.00 -21.70
C SER J 463 -38.72 -16.67 -21.22
N ILE J 464 -38.99 -16.57 -19.93
CA ILE J 464 -39.40 -15.33 -19.29
C ILE J 464 -38.32 -14.94 -18.29
N PRO J 465 -37.61 -13.82 -18.51
CA PRO J 465 -37.76 -12.85 -19.57
C PRO J 465 -37.18 -13.29 -20.90
N GLY J 466 -37.87 -12.98 -21.98
CA GLY J 466 -37.36 -13.29 -23.29
C GLY J 466 -36.47 -12.25 -23.88
N GLU J 467 -36.40 -11.08 -23.26
CA GLU J 467 -35.68 -9.96 -23.86
C GLU J 467 -35.19 -9.05 -22.76
N TYR J 468 -33.95 -8.57 -22.87
CA TYR J 468 -33.51 -7.50 -21.99
C TYR J 468 -32.37 -6.71 -22.61
N THR J 469 -32.46 -5.40 -22.44
CA THR J 469 -31.53 -4.41 -22.98
C THR J 469 -31.00 -3.56 -21.84
N SER J 470 -29.75 -3.14 -21.94
CA SER J 470 -29.18 -2.21 -20.99
C SER J 470 -28.97 -0.86 -21.66
N PHE J 471 -29.05 0.20 -20.85
CA PHE J 471 -29.02 1.58 -21.32
C PHE J 471 -27.96 2.35 -20.56
N LEU J 472 -27.22 3.20 -21.26
CA LEU J 472 -26.19 4.05 -20.61
C LEU J 472 -26.45 5.53 -20.87
N ALA J 473 -26.22 6.41 -19.89
CA ALA J 473 -26.30 7.84 -20.02
C ALA J 473 -25.13 8.48 -19.30
N PRO J 474 -24.48 9.48 -19.90
CA PRO J 474 -23.36 10.12 -19.21
C PRO J 474 -23.84 11.02 -18.09
N ILE J 475 -23.15 10.97 -16.96
CA ILE J 475 -23.54 11.76 -15.80
C ILE J 475 -22.35 12.55 -15.26
N SER J 476 -22.67 13.62 -14.55
CA SER J 476 -21.72 14.41 -13.79
C SER J 476 -22.16 14.48 -12.34
N SER J 477 -21.24 14.23 -11.43
CA SER J 477 -21.53 14.38 -10.00
C SER J 477 -20.21 14.49 -9.25
N SER J 478 -19.96 15.65 -8.64
CA SER J 478 -18.77 15.79 -7.81
C SER J 478 -18.85 14.93 -6.57
N LYS J 479 -20.04 14.81 -5.98
CA LYS J 479 -20.17 13.99 -4.77
C LYS J 479 -19.92 12.52 -5.06
N LEU J 480 -20.49 12.01 -6.16
CA LEU J 480 -20.26 10.61 -6.52
C LEU J 480 -18.80 10.34 -6.81
N TYR J 481 -18.13 11.27 -7.49
CA TYR J 481 -16.70 11.14 -7.75
C TYR J 481 -15.92 11.10 -6.44
N ASN J 482 -16.27 11.94 -5.46
CA ASN J 482 -15.59 11.89 -4.18
C ASN J 482 -15.87 10.61 -3.41
N GLU J 483 -17.08 10.05 -3.52
CA GLU J 483 -17.33 8.75 -2.89
C GLU J 483 -16.52 7.64 -3.54
N VAL J 484 -16.38 7.69 -4.86
CA VAL J 484 -15.58 6.68 -5.54
C VAL J 484 -14.12 6.80 -5.12
N ARG J 485 -13.60 8.02 -5.00
CA ARG J 485 -12.24 8.18 -4.46
C ARG J 485 -12.14 7.69 -3.02
N ALA J 486 -13.15 7.97 -2.20
CA ALA J 486 -13.17 7.50 -0.83
C ALA J 486 -13.28 6.00 -0.71
N CYS J 487 -13.61 5.30 -1.80
CA CYS J 487 -13.58 3.85 -1.82
C CYS J 487 -12.18 3.28 -2.05
N ARG J 488 -11.12 4.07 -1.85
CA ARG J 488 -9.78 3.57 -2.12
C ARG J 488 -9.29 2.77 -0.93
N GLU J 489 -8.79 1.57 -1.20
CA GLU J 489 -8.52 0.58 -0.16
C GLU J 489 -7.05 0.16 -0.21
N LYS J 490 -6.56 -0.26 0.95
CA LYS J 490 -5.23 -0.83 1.05
C LYS J 490 -5.20 -2.21 0.41
N ASP J 491 -3.98 -2.71 0.18
CA ASP J 491 -3.76 -4.05 -0.39
C ASP J 491 -4.43 -4.19 -1.74
N ARG J 492 -4.35 -3.15 -2.56
CA ARG J 492 -5.15 -3.05 -3.77
C ARG J 492 -4.52 -1.98 -4.67
N ASP J 493 -4.85 -2.05 -5.94
CA ASP J 493 -4.45 -1.02 -6.88
C ASP J 493 -5.10 0.30 -6.48
N PRO J 494 -4.35 1.40 -6.41
CA PRO J 494 -4.93 2.66 -5.89
C PRO J 494 -6.06 3.26 -6.71
N GLU J 495 -6.24 2.87 -7.96
CA GLU J 495 -7.37 3.32 -8.74
C GLU J 495 -8.18 2.14 -9.28
N ALA J 496 -8.25 1.07 -8.49
CA ALA J 496 -9.16 -0.02 -8.81
C ALA J 496 -10.60 0.39 -8.59
N GLN J 497 -10.83 1.33 -7.68
CA GLN J 497 -12.17 1.77 -7.34
C GLN J 497 -12.87 2.48 -8.48
N PHE J 498 -12.13 3.02 -9.44
CA PHE J 498 -12.69 3.65 -10.61
C PHE J 498 -12.99 2.66 -11.73
N GLU J 499 -12.65 1.39 -11.52
CA GLU J 499 -12.85 0.35 -12.51
C GLU J 499 -13.87 -0.68 -12.05
N MET J 500 -14.78 -0.28 -11.17
CA MET J 500 -15.83 -1.13 -10.64
C MET J 500 -17.17 -0.43 -10.86
N PRO J 501 -18.18 -1.14 -11.32
CA PRO J 501 -19.53 -0.58 -11.23
C PRO J 501 -19.99 -0.54 -9.78
N TYR J 502 -20.82 0.46 -9.49
CA TYR J 502 -21.38 0.66 -8.17
C TYR J 502 -22.89 0.71 -8.29
N VAL J 503 -23.59 -0.14 -7.56
CA VAL J 503 -25.04 0.02 -7.44
C VAL J 503 -25.27 1.19 -6.50
N VAL J 504 -25.76 2.30 -7.04
CA VAL J 504 -25.88 3.52 -6.27
C VAL J 504 -27.23 4.15 -6.55
N ARG J 505 -27.96 4.57 -5.52
CA ARG J 505 -29.17 5.38 -5.75
C ARG J 505 -28.60 6.78 -6.02
N LEU J 506 -28.21 7.05 -7.26
CA LEU J 506 -27.56 8.33 -7.57
C LEU J 506 -28.59 9.43 -7.32
N HIS J 507 -28.20 10.49 -6.62
CA HIS J 507 -29.19 11.52 -6.21
C HIS J 507 -28.66 12.89 -6.58
N ASN J 508 -27.47 13.20 -6.10
CA ASN J 508 -26.86 14.50 -6.34
C ASN J 508 -25.93 14.36 -7.54
N PHE J 509 -26.51 14.49 -8.73
CA PHE J 509 -25.77 14.23 -9.95
C PHE J 509 -26.39 15.13 -11.00
N HIS J 510 -25.72 15.23 -12.15
CA HIS J 510 -26.30 15.84 -13.33
C HIS J 510 -26.14 14.87 -14.50
N GLN J 511 -27.24 14.57 -15.18
CA GLN J 511 -27.21 13.68 -16.33
C GLN J 511 -27.03 14.49 -17.60
N LEU J 512 -26.00 14.16 -18.38
CA LEU J 512 -25.59 15.02 -19.48
C LEU J 512 -26.36 14.77 -20.77
N SER J 513 -26.91 13.57 -20.95
CA SER J 513 -27.59 13.24 -22.20
C SER J 513 -28.57 12.10 -21.92
N ALA J 514 -29.49 11.89 -22.86
CA ALA J 514 -30.50 10.87 -22.70
C ALA J 514 -29.87 9.48 -22.77
N PRO J 515 -30.43 8.50 -22.05
CA PRO J 515 -29.92 7.13 -22.13
C PRO J 515 -30.07 6.54 -23.52
N GLN J 516 -29.24 5.53 -23.80
CA GLN J 516 -29.09 4.99 -25.12
C GLN J 516 -28.70 3.53 -25.00
N PRO J 517 -29.32 2.64 -25.77
CA PRO J 517 -29.17 1.20 -25.50
C PRO J 517 -27.77 0.67 -25.77
N CYS J 518 -27.25 -0.09 -24.81
CA CYS J 518 -25.92 -0.70 -24.92
C CYS J 518 -25.94 -2.14 -25.43
N PHE J 519 -26.48 -3.07 -24.64
CA PHE J 519 -26.39 -4.49 -24.93
C PHE J 519 -27.77 -5.11 -24.88
N THR J 520 -28.03 -6.04 -25.79
CA THR J 520 -29.31 -6.71 -25.90
C THR J 520 -29.10 -8.22 -25.87
N PHE J 521 -29.84 -8.91 -25.03
CA PHE J 521 -29.83 -10.36 -24.99
C PHE J 521 -31.27 -10.86 -25.09
N SER J 522 -31.49 -11.85 -25.94
CA SER J 522 -32.81 -12.44 -26.14
C SER J 522 -32.72 -13.93 -25.88
N HIS J 523 -33.74 -14.48 -25.22
CA HIS J 523 -33.76 -15.89 -24.90
C HIS J 523 -35.07 -16.50 -25.37
N PRO J 524 -35.05 -17.72 -25.92
CA PRO J 524 -33.87 -18.56 -26.18
C PRO J 524 -33.03 -18.12 -27.36
N ASN J 525 -31.75 -18.40 -27.30
CA ASN J 525 -30.82 -18.02 -28.36
C ASN J 525 -30.54 -19.25 -29.19
N ARG J 526 -31.19 -19.33 -30.35
CA ARG J 526 -31.09 -20.49 -31.22
C ARG J 526 -30.00 -20.32 -32.28
N ASP J 527 -29.17 -19.30 -32.16
CA ASP J 527 -28.02 -19.14 -33.03
C ASP J 527 -27.07 -20.32 -32.81
N ASP J 531 -22.16 -16.28 -28.77
CA ASP J 531 -21.17 -15.42 -28.15
C ASP J 531 -21.90 -14.33 -27.38
N ASN J 532 -21.64 -14.26 -26.07
CA ASN J 532 -22.17 -13.21 -25.23
C ASN J 532 -21.18 -12.07 -25.06
N ASN J 533 -20.05 -12.13 -25.75
CA ASN J 533 -19.16 -10.99 -25.85
C ASN J 533 -19.78 -9.92 -26.72
N ARG J 534 -19.76 -8.68 -26.24
CA ARG J 534 -20.42 -7.58 -26.93
C ARG J 534 -19.47 -6.40 -27.03
N TYR J 535 -19.68 -5.58 -28.05
CA TYR J 535 -18.93 -4.34 -28.23
C TYR J 535 -19.90 -3.29 -28.73
N CYS J 536 -20.03 -2.20 -27.99
CA CYS J 536 -21.00 -1.15 -28.27
C CYS J 536 -20.31 0.20 -28.29
N THR J 537 -20.66 1.03 -29.27
CA THR J 537 -20.23 2.42 -29.33
C THR J 537 -21.46 3.31 -29.20
N LEU J 538 -21.41 4.25 -28.25
CA LEU J 538 -22.53 5.13 -27.98
C LEU J 538 -22.07 6.56 -28.07
N GLU J 539 -22.76 7.36 -28.89
CA GLU J 539 -22.47 8.77 -29.05
C GLU J 539 -23.60 9.58 -28.44
N PHE J 540 -23.26 10.41 -27.46
CA PHE J 540 -24.22 11.21 -26.72
C PHE J 540 -24.06 12.67 -27.08
N PRO J 541 -25.01 13.28 -27.79
CA PRO J 541 -24.92 14.71 -28.09
C PRO J 541 -25.18 15.52 -26.83
N VAL J 542 -24.15 16.23 -26.38
CA VAL J 542 -24.25 17.02 -25.17
C VAL J 542 -24.59 18.45 -25.56
N GLU J 543 -25.87 18.82 -25.38
CA GLU J 543 -26.39 20.13 -25.77
C GLU J 543 -26.03 21.23 -24.78
N VAL J 544 -25.27 20.92 -23.74
CA VAL J 544 -24.89 21.87 -22.71
C VAL J 544 -23.39 21.74 -22.46
N ASN J 545 -22.86 22.56 -21.57
CA ASN J 545 -21.48 22.45 -21.12
C ASN J 545 -21.48 21.80 -19.76
N THR J 546 -20.59 20.82 -19.55
CA THR J 546 -20.58 19.99 -18.33
C THR J 546 -19.17 19.48 -18.03
N VAL J 547 -19.07 18.63 -17.01
CA VAL J 547 -17.84 17.88 -16.71
C VAL J 547 -18.21 16.42 -16.44
N LEU J 548 -18.01 15.56 -17.44
CA LEU J 548 -18.36 14.16 -17.36
C LEU J 548 -17.61 13.44 -16.24
N HIS J 549 -18.37 12.73 -15.42
CA HIS J 549 -17.86 12.04 -14.25
C HIS J 549 -18.09 10.54 -14.29
N GLY J 550 -19.07 10.06 -15.03
CA GLY J 550 -19.27 8.64 -15.13
C GLY J 550 -20.42 8.34 -16.06
N PHE J 551 -20.88 7.10 -16.01
CA PHE J 551 -22.01 6.66 -16.82
C PHE J 551 -22.99 5.92 -15.93
N ALA J 552 -24.27 6.18 -16.12
CA ALA J 552 -25.33 5.51 -15.39
C ALA J 552 -25.95 4.46 -16.29
N GLY J 553 -26.10 3.26 -15.74
CA GLY J 553 -26.62 2.12 -16.46
C GLY J 553 -27.96 1.67 -15.91
N TYR J 554 -28.93 1.58 -16.79
CA TYR J 554 -30.28 1.13 -16.53
C TYR J 554 -30.57 -0.09 -17.39
N PHE J 555 -31.79 -0.61 -17.28
CA PHE J 555 -32.16 -1.71 -18.14
C PHE J 555 -33.65 -1.72 -18.36
N GLU J 556 -34.05 -2.32 -19.47
CA GLU J 556 -35.42 -2.69 -19.76
C GLU J 556 -35.44 -4.18 -20.01
N THR J 557 -36.55 -4.83 -19.67
CA THR J 557 -36.70 -6.24 -19.99
C THR J 557 -38.13 -6.50 -20.40
N VAL J 558 -38.29 -7.25 -21.47
CA VAL J 558 -39.57 -7.79 -21.90
C VAL J 558 -39.65 -9.20 -21.35
N LEU J 559 -40.53 -9.41 -20.37
CA LEU J 559 -40.75 -10.74 -19.82
C LEU J 559 -41.57 -11.56 -20.79
N TYR J 560 -42.80 -11.12 -21.05
CA TYR J 560 -43.58 -11.65 -22.17
C TYR J 560 -44.05 -10.43 -22.92
N GLN J 561 -44.82 -10.63 -24.00
CA GLN J 561 -44.96 -9.71 -25.12
C GLN J 561 -45.02 -8.22 -24.78
N ASP J 562 -46.05 -7.80 -24.03
CA ASP J 562 -46.16 -6.41 -23.63
C ASP J 562 -46.02 -6.22 -22.13
N ILE J 563 -45.46 -7.19 -21.43
CA ILE J 563 -45.15 -7.05 -20.00
C ILE J 563 -43.66 -6.76 -19.89
N THR J 564 -43.32 -5.61 -19.33
CA THR J 564 -41.95 -5.15 -19.26
C THR J 564 -41.64 -4.70 -17.84
N LEU J 565 -40.37 -4.82 -17.47
CA LEU J 565 -39.83 -4.21 -16.26
C LEU J 565 -38.71 -3.27 -16.66
N SER J 566 -38.75 -2.03 -16.19
CA SER J 566 -37.76 -1.06 -16.60
C SER J 566 -37.33 -0.21 -15.42
N ILE J 567 -36.03 0.07 -15.34
CA ILE J 567 -35.51 1.06 -14.42
C ILE J 567 -34.99 2.29 -15.14
N ARG J 568 -35.20 2.36 -16.45
CA ARG J 568 -34.81 3.53 -17.22
C ARG J 568 -35.62 4.74 -16.77
N PRO J 569 -34.99 5.90 -16.54
CA PRO J 569 -35.68 6.98 -15.83
C PRO J 569 -36.86 7.58 -16.58
N GLU J 570 -37.05 7.26 -17.86
CA GLU J 570 -38.23 7.69 -18.60
C GLU J 570 -39.27 6.61 -18.74
N THR J 571 -38.91 5.35 -18.55
CA THR J 571 -39.82 4.23 -18.70
C THR J 571 -39.89 3.42 -17.40
N HIS J 572 -39.43 4.04 -16.31
CA HIS J 572 -39.31 3.35 -15.02
C HIS J 572 -40.65 2.77 -14.59
N SER J 573 -40.64 1.51 -14.22
CA SER J 573 -41.84 0.87 -13.72
C SER J 573 -42.20 1.49 -12.38
N PRO J 574 -43.39 2.07 -12.23
CA PRO J 574 -43.67 2.86 -11.03
C PRO J 574 -43.83 1.98 -9.80
N GLY J 575 -43.20 2.42 -8.71
CA GLY J 575 -43.23 1.69 -7.47
C GLY J 575 -42.25 0.56 -7.36
N MET J 576 -41.42 0.33 -8.37
CA MET J 576 -40.47 -0.78 -8.38
C MET J 576 -39.12 -0.29 -7.86
N PHE J 577 -38.60 -0.96 -6.85
CA PHE J 577 -37.36 -0.53 -6.20
C PHE J 577 -36.36 -1.66 -6.03
N SER J 578 -36.50 -2.77 -6.76
CA SER J 578 -35.56 -3.87 -6.61
C SER J 578 -34.23 -3.62 -7.30
N TRP J 579 -34.13 -2.59 -8.13
CA TRP J 579 -32.91 -2.27 -8.84
C TRP J 579 -32.66 -0.77 -8.74
N PHE J 580 -31.53 -0.39 -8.18
CA PHE J 580 -30.94 0.93 -8.32
C PHE J 580 -30.08 0.96 -9.58
N PRO J 581 -29.81 2.12 -10.16
CA PRO J 581 -28.94 2.16 -11.34
C PRO J 581 -27.49 1.78 -11.02
N ILE J 582 -26.76 1.47 -12.08
CA ILE J 582 -25.33 1.17 -12.02
C ILE J 582 -24.56 2.45 -12.32
N LEU J 583 -23.42 2.65 -11.68
CA LEU J 583 -22.49 3.71 -12.05
C LEU J 583 -21.20 3.07 -12.51
N PHE J 584 -20.76 3.42 -13.71
CA PHE J 584 -19.41 3.12 -14.18
C PHE J 584 -18.63 4.41 -14.09
N PRO J 585 -17.69 4.54 -13.16
CA PRO J 585 -16.92 5.77 -13.05
C PRO J 585 -15.84 5.83 -14.12
N ILE J 586 -15.18 6.98 -14.21
CA ILE J 586 -13.97 7.12 -15.00
C ILE J 586 -12.89 7.72 -14.11
N LYS J 587 -11.64 7.37 -14.39
CA LYS J 587 -10.54 7.68 -13.48
C LYS J 587 -10.32 9.17 -13.34
N GLN J 588 -10.32 9.90 -14.46
CA GLN J 588 -10.23 11.34 -14.43
C GLN J 588 -11.46 11.97 -15.07
N PRO J 589 -12.00 13.04 -14.48
CA PRO J 589 -13.15 13.71 -15.09
C PRO J 589 -12.79 14.34 -16.43
N ILE J 590 -13.79 14.44 -17.31
CA ILE J 590 -13.57 14.89 -18.67
C ILE J 590 -14.42 16.14 -18.88
N THR J 591 -13.78 17.28 -19.12
CA THR J 591 -14.51 18.52 -19.30
C THR J 591 -15.11 18.56 -20.70
N VAL J 592 -16.42 18.80 -20.79
CA VAL J 592 -17.15 18.74 -22.05
C VAL J 592 -17.76 20.10 -22.31
N ARG J 593 -17.61 20.59 -23.53
CA ARG J 593 -18.20 21.85 -23.96
C ARG J 593 -19.53 21.60 -24.64
N GLU J 594 -20.22 22.69 -24.95
CA GLU J 594 -21.48 22.58 -25.69
C GLU J 594 -21.20 22.24 -27.14
N GLY J 595 -22.06 21.38 -27.70
CA GLY J 595 -21.89 20.94 -29.06
C GLY J 595 -20.90 19.82 -29.23
N GLN J 596 -20.27 19.38 -28.14
CA GLN J 596 -19.33 18.28 -28.17
C GLN J 596 -20.07 16.98 -27.86
N THR J 597 -20.02 16.04 -28.80
CA THR J 597 -20.55 14.71 -28.56
C THR J 597 -19.58 13.92 -27.69
N ILE J 598 -20.12 13.15 -26.75
CA ILE J 598 -19.33 12.24 -25.93
C ILE J 598 -19.44 10.86 -26.56
N CYS J 599 -18.32 10.32 -27.00
CA CYS J 599 -18.31 9.00 -27.60
C CYS J 599 -17.62 8.05 -26.65
N VAL J 600 -18.36 7.03 -26.23
CA VAL J 600 -17.93 6.03 -25.26
C VAL J 600 -18.10 4.65 -25.86
N ARG J 601 -17.28 3.71 -25.40
CA ARG J 601 -17.28 2.36 -25.92
C ARG J 601 -17.26 1.37 -24.76
N PHE J 602 -18.16 0.40 -24.83
CA PHE J 602 -18.31 -0.62 -23.78
C PHE J 602 -18.12 -2.00 -24.37
N TRP J 603 -17.42 -2.90 -23.68
CA TRP J 603 -17.19 -4.27 -24.05
C TRP J 603 -17.73 -5.17 -22.96
N ARG J 604 -18.48 -6.18 -23.35
CA ARG J 604 -18.78 -7.31 -22.49
C ARG J 604 -17.81 -8.41 -22.87
N CYS J 605 -16.88 -8.70 -21.97
CA CYS J 605 -15.80 -9.64 -22.21
C CYS J 605 -16.00 -10.85 -21.31
N SER J 606 -15.41 -11.97 -21.70
CA SER J 606 -15.59 -13.21 -20.96
C SER J 606 -14.47 -14.17 -21.28
N ASN J 607 -14.33 -15.16 -20.41
CA ASN J 607 -13.49 -16.33 -20.67
C ASN J 607 -14.23 -17.53 -20.09
N SER J 608 -13.53 -18.65 -19.91
CA SER J 608 -14.18 -19.84 -19.39
C SER J 608 -14.61 -19.67 -17.93
N LYS J 609 -13.95 -18.78 -17.19
CA LYS J 609 -14.11 -18.72 -15.75
C LYS J 609 -14.79 -17.47 -15.23
N LYS J 610 -14.77 -16.36 -15.98
CA LYS J 610 -15.27 -15.10 -15.46
C LYS J 610 -15.77 -14.22 -16.60
N VAL J 611 -16.62 -13.28 -16.25
CA VAL J 611 -17.17 -12.27 -17.16
C VAL J 611 -16.92 -10.90 -16.55
N TRP J 612 -16.62 -9.92 -17.39
CA TRP J 612 -16.41 -8.56 -16.91
C TRP J 612 -16.84 -7.57 -17.98
N TYR J 613 -16.76 -6.29 -17.63
CA TYR J 613 -16.99 -5.18 -18.55
C TYR J 613 -15.74 -4.34 -18.65
N GLU J 614 -15.51 -3.80 -19.82
CA GLU J 614 -14.48 -2.80 -20.05
C GLU J 614 -15.12 -1.61 -20.72
N TRP J 615 -14.71 -0.42 -20.33
CA TRP J 615 -15.24 0.80 -20.93
C TRP J 615 -14.13 1.81 -21.13
N ALA J 616 -14.33 2.67 -22.11
CA ALA J 616 -13.40 3.74 -22.41
C ALA J 616 -14.17 4.88 -23.09
N VAL J 617 -13.88 6.10 -22.66
CA VAL J 617 -14.37 7.28 -23.36
C VAL J 617 -13.38 7.63 -24.46
N THR J 618 -13.90 7.83 -25.67
CA THR J 618 -13.04 8.11 -26.81
C THR J 618 -13.21 9.51 -27.37
N ALA J 619 -14.33 10.18 -27.11
CA ALA J 619 -14.49 11.58 -27.48
C ALA J 619 -15.23 12.29 -26.36
N PRO J 620 -14.92 13.57 -26.11
CA PRO J 620 -14.03 14.51 -26.80
C PRO J 620 -12.54 14.29 -26.56
N VAL J 621 -12.19 13.75 -25.40
CA VAL J 621 -10.82 13.38 -25.08
C VAL J 621 -10.83 11.94 -24.61
N CYS J 622 -9.81 11.18 -25.01
CA CYS J 622 -9.76 9.78 -24.66
C CYS J 622 -9.47 9.56 -23.18
N SER J 623 -9.87 8.39 -22.71
CA SER J 623 -9.50 7.87 -21.41
C SER J 623 -8.96 6.47 -21.59
N ALA J 624 -8.30 5.95 -20.57
CA ALA J 624 -7.83 4.58 -20.62
C ALA J 624 -9.01 3.62 -20.63
N ILE J 625 -8.82 2.42 -21.20
CA ILE J 625 -9.81 1.38 -20.99
C ILE J 625 -9.86 1.05 -19.51
N HIS J 626 -11.05 1.13 -18.94
CA HIS J 626 -11.25 0.82 -17.53
C HIS J 626 -11.56 -0.65 -17.39
N ASN J 627 -10.94 -1.29 -16.41
CA ASN J 627 -11.06 -2.70 -16.09
C ASN J 627 -10.56 -3.63 -17.20
N PRO J 628 -9.33 -3.50 -17.70
CA PRO J 628 -8.87 -4.47 -18.71
C PRO J 628 -8.58 -5.82 -18.07
N THR J 629 -8.94 -6.90 -18.78
CA THR J 629 -8.87 -8.28 -18.32
C THR J 629 -9.64 -8.52 -17.02
N GLY J 630 -10.53 -7.62 -16.64
CA GLY J 630 -11.25 -7.77 -15.40
C GLY J 630 -10.37 -7.70 -14.19
N ARG J 631 -9.34 -6.85 -14.23
CA ARG J 631 -8.36 -6.83 -13.15
C ARG J 631 -8.93 -6.25 -11.88
N SER J 632 -9.95 -5.40 -11.99
CA SER J 632 -10.57 -4.79 -10.82
C SER J 632 -11.96 -5.28 -10.52
N TYR J 633 -12.66 -5.85 -11.50
CA TYR J 633 -14.02 -6.32 -11.29
C TYR J 633 -14.33 -7.39 -12.31
N THR J 634 -14.65 -8.60 -11.85
CA THR J 634 -15.18 -9.65 -12.68
C THR J 634 -16.46 -10.18 -12.06
N ILE J 635 -17.26 -10.86 -12.86
CA ILE J 635 -18.39 -11.62 -12.35
C ILE J 635 -18.03 -13.09 -12.51
N GLY J 636 -18.04 -13.84 -11.42
CA GLY J 636 -17.56 -15.21 -11.46
C GLY J 636 -18.62 -16.16 -12.00
N LEU J 637 -18.23 -16.94 -13.00
CA LEU J 637 -19.07 -18.01 -13.52
C LEU J 637 -19.10 -19.21 -12.59
N CYS K 26 -16.10 54.38 30.50
CA CYS K 26 -14.93 54.37 29.63
C CYS K 26 -15.35 54.19 28.18
N MET K 27 -14.50 54.64 27.26
CA MET K 27 -14.77 54.53 25.84
C MET K 27 -13.82 53.52 25.21
N GLU K 28 -14.23 53.04 24.04
CA GLU K 28 -13.58 51.92 23.38
C GLU K 28 -12.22 52.33 22.82
N ARG K 29 -11.38 51.32 22.58
CA ARG K 29 -9.99 51.60 22.23
C ARG K 29 -9.87 52.17 20.83
N GLN K 30 -10.63 51.66 19.88
CA GLN K 30 -10.46 52.00 18.48
C GLN K 30 -11.31 53.22 18.17
N LEU K 31 -10.69 54.40 18.23
CA LEU K 31 -11.34 55.61 17.80
C LEU K 31 -11.43 55.63 16.28
N GLU K 32 -12.61 55.87 15.76
CA GLU K 32 -12.84 55.77 14.33
C GLU K 32 -12.90 57.11 13.63
N ALA K 33 -13.52 58.12 14.23
CA ALA K 33 -13.70 59.39 13.56
C ALA K 33 -13.57 60.54 14.53
N ALA K 34 -13.20 61.70 13.99
CA ALA K 34 -13.03 62.93 14.75
C ALA K 34 -13.30 64.10 13.83
N ARG K 35 -14.35 64.87 14.12
CA ARG K 35 -14.77 65.98 13.28
C ARG K 35 -14.86 67.26 14.09
N TYR K 36 -14.41 68.36 13.50
CA TYR K 36 -14.46 69.67 14.11
C TYR K 36 -15.66 70.44 13.56
N ARG K 37 -16.43 71.07 14.44
CA ARG K 37 -17.47 71.98 14.00
C ARG K 37 -17.00 73.41 14.20
N SER K 38 -17.81 74.37 13.74
CA SER K 38 -17.40 75.77 13.72
C SER K 38 -17.19 76.36 15.12
N ASP K 39 -17.73 75.71 16.15
CA ASP K 39 -17.40 76.09 17.51
C ASP K 39 -15.94 75.82 17.83
N GLY K 40 -15.31 74.92 17.07
CA GLY K 40 -14.04 74.33 17.45
C GLY K 40 -14.17 73.10 18.30
N ALA K 41 -15.40 72.64 18.57
CA ALA K 41 -15.62 71.43 19.33
C ALA K 41 -15.28 70.21 18.51
N LEU K 42 -14.96 69.12 19.20
CA LEU K 42 -14.51 67.89 18.57
C LEU K 42 -15.50 66.78 18.83
N LEU K 43 -15.92 66.10 17.78
CA LEU K 43 -16.78 64.93 17.88
C LEU K 43 -15.94 63.69 17.63
N LEU K 44 -15.91 62.80 18.62
CA LEU K 44 -15.18 61.55 18.57
C LEU K 44 -16.17 60.40 18.41
N GLY K 45 -15.90 59.52 17.47
CA GLY K 45 -16.66 58.32 17.34
C GLY K 45 -15.76 57.11 17.46
N ALA K 46 -16.07 56.22 18.39
CA ALA K 46 -15.23 55.09 18.71
C ALA K 46 -16.03 53.81 18.63
N SER K 47 -15.33 52.69 18.52
CA SER K 47 -15.96 51.39 18.55
C SER K 47 -14.95 50.37 19.06
N SER K 48 -15.42 49.38 19.81
CA SER K 48 -14.57 48.28 20.23
C SER K 48 -14.55 47.24 19.12
N LEU K 49 -13.37 46.92 18.64
CA LEU K 49 -13.21 45.93 17.59
C LEU K 49 -12.62 44.63 18.12
N SER K 50 -12.50 44.51 19.44
CA SER K 50 -12.02 43.29 20.09
C SER K 50 -12.74 43.15 21.43
N GLY K 51 -12.53 42.01 22.07
CA GLY K 51 -13.14 41.79 23.35
C GLY K 51 -14.61 41.43 23.25
N ARG K 52 -15.26 41.40 24.42
CA ARG K 52 -16.56 40.77 24.56
C ARG K 52 -17.64 41.45 23.73
N CYS K 53 -17.68 42.77 23.73
CA CYS K 53 -18.76 43.52 23.10
C CYS K 53 -18.20 44.43 22.02
N TRP K 54 -18.74 44.29 20.81
CA TRP K 54 -18.36 45.15 19.68
C TRP K 54 -19.45 46.20 19.50
N ALA K 55 -19.38 47.23 20.32
CA ALA K 55 -20.32 48.33 20.27
C ALA K 55 -19.56 49.59 19.88
N GLY K 56 -20.22 50.73 19.98
CA GLY K 56 -19.60 52.00 19.64
C GLY K 56 -20.00 53.09 20.60
N SER K 57 -19.50 54.30 20.39
CA SER K 57 -19.85 55.40 21.26
C SER K 57 -19.57 56.72 20.54
N LEU K 58 -20.34 57.73 20.92
CA LEU K 58 -20.16 59.11 20.49
C LEU K 58 -19.73 59.95 21.67
N TRP K 59 -18.88 60.95 21.40
CA TRP K 59 -18.37 61.82 22.46
C TRP K 59 -18.20 63.22 21.89
N LEU K 60 -18.86 64.19 22.49
CA LEU K 60 -18.64 65.59 22.18
C LEU K 60 -17.71 66.16 23.23
N PHE K 61 -16.60 66.71 22.79
CA PHE K 61 -15.55 67.28 23.62
C PHE K 61 -15.45 68.76 23.24
N LYS K 62 -16.14 69.62 24.02
CA LYS K 62 -16.03 71.04 23.77
C LYS K 62 -14.66 71.58 24.18
N ASP K 63 -13.96 70.85 25.04
CA ASP K 63 -12.54 71.09 25.30
C ASP K 63 -11.74 70.04 24.54
N PRO K 64 -11.27 70.35 23.34
CA PRO K 64 -10.66 69.31 22.49
C PRO K 64 -9.43 68.66 23.09
N CYS K 65 -8.63 69.40 23.86
CA CYS K 65 -7.40 68.86 24.40
C CYS K 65 -7.63 67.86 25.53
N ALA K 66 -8.85 67.75 26.04
CA ALA K 66 -9.18 66.76 27.06
C ALA K 66 -9.49 65.39 26.48
N ALA K 67 -9.59 65.28 25.16
CA ALA K 67 -9.84 63.99 24.54
C ALA K 67 -8.58 63.12 24.61
N PRO K 68 -8.75 61.80 24.80
CA PRO K 68 -9.99 61.05 24.97
C PRO K 68 -10.30 60.66 26.41
N ASN K 69 -10.21 61.61 27.35
CA ASN K 69 -10.52 61.32 28.75
C ASN K 69 -12.03 61.38 28.92
N GLU K 70 -12.64 60.24 29.26
CA GLU K 70 -14.10 60.15 29.27
C GLU K 70 -14.72 60.96 30.39
N GLY K 71 -13.95 61.26 31.44
CA GLY K 71 -14.47 62.12 32.50
C GLY K 71 -14.67 63.55 32.06
N PHE K 72 -13.75 64.07 31.25
CA PHE K 72 -13.77 65.47 30.82
C PHE K 72 -14.49 65.63 29.49
N CYS K 73 -15.69 65.09 29.37
CA CYS K 73 -16.44 65.12 28.11
C CYS K 73 -17.68 66.00 28.28
N SER K 74 -18.02 66.73 27.22
CA SER K 74 -19.26 67.49 27.24
C SER K 74 -20.47 66.58 27.10
N ALA K 75 -20.39 65.62 26.19
CA ALA K 75 -21.49 64.67 26.05
C ALA K 75 -20.94 63.34 25.55
N GLY K 76 -21.72 62.29 25.74
CA GLY K 76 -21.35 60.98 25.26
C GLY K 76 -22.55 60.08 25.22
N VAL K 77 -22.49 59.06 24.36
CA VAL K 77 -23.58 58.11 24.24
C VAL K 77 -23.02 56.77 23.77
N GLN K 78 -23.69 55.70 24.18
CA GLN K 78 -23.33 54.33 23.83
C GLN K 78 -24.26 53.88 22.71
N THR K 79 -23.69 53.51 21.57
CA THR K 79 -24.51 53.06 20.45
C THR K 79 -24.66 51.54 20.47
N GLU K 80 -25.55 51.05 19.62
CA GLU K 80 -25.92 49.65 19.57
C GLU K 80 -24.85 48.79 18.92
N ALA K 81 -24.17 49.31 17.91
CA ALA K 81 -23.15 48.59 17.18
C ALA K 81 -21.98 49.54 16.96
N GLY K 82 -21.02 49.11 16.15
CA GLY K 82 -19.83 49.91 15.95
C GLY K 82 -20.10 51.16 15.14
N VAL K 83 -19.15 52.08 15.21
CA VAL K 83 -19.23 53.32 14.45
C VAL K 83 -18.26 53.23 13.30
N ALA K 84 -18.76 52.89 12.11
CA ALA K 84 -17.89 52.76 10.95
C ALA K 84 -17.46 54.12 10.43
N ASP K 85 -18.35 55.10 10.45
CA ASP K 85 -18.07 56.45 10.00
C ASP K 85 -19.09 57.36 10.65
N LEU K 86 -18.81 58.66 10.62
CA LEU K 86 -19.76 59.66 11.05
C LEU K 86 -19.41 60.99 10.40
N THR K 87 -20.27 61.97 10.65
CA THR K 87 -20.16 63.30 10.10
C THR K 87 -21.13 64.21 10.83
N TRP K 88 -20.91 65.51 10.72
CA TRP K 88 -21.80 66.51 11.27
C TRP K 88 -22.86 66.86 10.23
N VAL K 89 -24.12 66.85 10.64
CA VAL K 89 -25.21 67.38 9.83
C VAL K 89 -25.51 68.77 10.42
N GLY K 90 -24.92 69.78 9.80
CA GLY K 90 -25.08 71.12 10.33
C GLY K 90 -24.24 71.30 11.56
N GLU K 91 -24.87 71.76 12.65
CA GLU K 91 -24.15 72.13 13.86
C GLU K 91 -24.53 71.28 15.07
N ARG K 92 -25.70 70.64 15.07
CA ARG K 92 -26.07 69.80 16.20
C ARG K 92 -26.55 68.42 15.78
N GLY K 93 -26.23 67.97 14.57
CA GLY K 93 -26.62 66.65 14.13
C GLY K 93 -25.44 65.74 13.85
N ILE K 94 -25.49 64.51 14.31
CA ILE K 94 -24.41 63.55 14.13
C ILE K 94 -24.98 62.40 13.31
N LEU K 95 -24.49 62.23 12.09
CA LEU K 95 -24.98 61.19 11.19
C LEU K 95 -23.98 60.05 11.17
N VAL K 96 -24.41 58.88 11.63
CA VAL K 96 -23.53 57.75 11.90
C VAL K 96 -23.85 56.63 10.91
N ALA K 97 -22.80 56.12 10.26
CA ALA K 97 -22.84 54.82 9.62
C ALA K 97 -22.52 53.75 10.65
N SER K 98 -23.28 52.67 10.65
CA SER K 98 -23.14 51.65 11.69
C SER K 98 -22.78 50.32 11.07
N ASP K 99 -22.22 49.43 11.89
CA ASP K 99 -21.93 48.08 11.47
C ASP K 99 -23.19 47.25 11.24
N SER K 100 -24.32 47.67 11.81
CA SER K 100 -25.56 46.91 11.74
C SER K 100 -26.36 47.21 10.50
N GLY K 101 -25.77 47.85 9.50
CA GLY K 101 -26.50 48.25 8.32
C GLY K 101 -27.35 49.48 8.53
N ALA K 102 -27.24 50.11 9.68
CA ALA K 102 -28.10 51.22 10.05
C ALA K 102 -27.41 52.52 9.71
N VAL K 103 -28.14 53.43 9.07
CA VAL K 103 -27.76 54.83 9.04
C VAL K 103 -28.63 55.53 10.07
N GLU K 104 -27.99 56.23 10.99
CA GLU K 104 -28.69 56.77 12.13
C GLU K 104 -28.30 58.21 12.38
N LEU K 105 -29.23 58.96 12.94
CA LEU K 105 -29.07 60.38 13.21
C LEU K 105 -29.21 60.61 14.69
N TRP K 106 -28.27 61.35 15.25
CA TRP K 106 -28.27 61.75 16.65
C TRP K 106 -28.36 63.26 16.72
N GLU K 107 -29.01 63.75 17.76
CA GLU K 107 -29.17 65.19 17.96
C GLU K 107 -28.62 65.57 19.32
N LEU K 108 -27.82 66.62 19.37
CA LEU K 108 -27.41 67.18 20.65
C LEU K 108 -28.56 67.95 21.28
N ASP K 109 -28.53 68.06 22.61
CA ASP K 109 -29.57 68.77 23.33
C ASP K 109 -29.43 70.28 23.13
N GLU K 110 -30.32 71.03 23.76
CA GLU K 110 -30.19 72.48 23.77
C GLU K 110 -28.93 72.90 24.53
N ASN K 111 -28.66 72.25 25.64
CA ASN K 111 -27.43 72.48 26.40
C ASN K 111 -26.31 71.55 25.97
N GLU K 112 -26.59 70.60 25.07
CA GLU K 112 -25.63 69.62 24.57
C GLU K 112 -24.99 68.84 25.72
N THR K 113 -25.81 68.46 26.69
CA THR K 113 -25.39 67.58 27.77
C THR K 113 -25.67 66.12 27.45
N LEU K 114 -26.60 65.84 26.53
CA LEU K 114 -26.87 64.50 26.08
C LEU K 114 -26.80 64.45 24.56
N ILE K 115 -26.71 63.22 24.04
CA ILE K 115 -26.84 62.94 22.61
C ILE K 115 -28.01 61.98 22.46
N VAL K 116 -29.04 62.39 21.73
CA VAL K 116 -30.25 61.60 21.56
C VAL K 116 -30.46 61.32 20.08
N SER K 117 -30.97 60.13 19.79
CA SER K 117 -31.13 59.68 18.42
C SER K 117 -32.44 60.20 17.83
N LYS K 118 -32.43 60.42 16.51
CA LYS K 118 -33.62 60.86 15.79
C LYS K 118 -34.21 59.72 14.97
N PHE K 119 -33.41 59.11 14.10
CA PHE K 119 -33.82 57.87 13.44
C PHE K 119 -32.63 56.92 13.42
N CYS K 120 -32.95 55.63 13.26
CA CYS K 120 -31.94 54.58 13.07
C CYS K 120 -32.55 53.60 12.07
N LYS K 121 -32.26 53.81 10.79
CA LYS K 121 -32.90 53.05 9.73
C LYS K 121 -31.97 51.99 9.17
N TYR K 122 -32.47 50.75 9.14
CA TYR K 122 -31.73 49.59 8.67
C TYR K 122 -32.12 49.34 7.23
N GLU K 123 -31.46 50.06 6.33
CA GLU K 123 -31.71 49.91 4.90
C GLU K 123 -30.62 49.15 4.18
N HIS K 124 -29.41 49.16 4.69
CA HIS K 124 -28.31 48.44 4.07
C HIS K 124 -28.26 47.02 4.61
N ASP K 125 -27.91 46.09 3.73
CA ASP K 125 -27.84 44.67 4.08
C ASP K 125 -26.52 44.30 4.74
N ASP K 126 -25.55 45.20 4.77
CA ASP K 126 -24.22 44.90 5.29
C ASP K 126 -23.72 46.14 6.01
N ILE K 127 -22.44 46.09 6.42
CA ILE K 127 -21.84 47.18 7.18
C ILE K 127 -21.80 48.44 6.32
N VAL K 128 -22.44 49.51 6.79
CA VAL K 128 -22.38 50.77 6.08
C VAL K 128 -20.96 51.31 6.23
N SER K 129 -20.17 51.19 5.17
CA SER K 129 -18.76 51.53 5.28
C SER K 129 -18.57 53.04 5.34
N THR K 130 -19.38 53.82 4.63
CA THR K 130 -19.14 55.24 4.55
C THR K 130 -20.44 56.02 4.46
N VAL K 131 -20.38 57.27 4.92
CA VAL K 131 -21.52 58.18 4.91
C VAL K 131 -21.01 59.58 4.62
N SER K 132 -21.86 60.40 4.01
CA SER K 132 -21.50 61.77 3.68
C SER K 132 -22.78 62.59 3.63
N VAL K 133 -22.63 63.91 3.75
CA VAL K 133 -23.76 64.84 3.72
C VAL K 133 -23.63 65.73 2.49
N LEU K 134 -24.67 65.75 1.67
CA LEU K 134 -24.69 66.58 0.48
C LEU K 134 -24.73 68.05 0.87
N SER K 135 -24.43 68.92 -0.10
CA SER K 135 -24.05 70.30 0.22
C SER K 135 -25.21 71.11 0.77
N SER K 136 -26.45 70.72 0.48
CA SER K 136 -27.59 71.44 1.05
C SER K 136 -27.75 71.17 2.54
N GLY K 137 -27.20 70.08 3.05
CA GLY K 137 -27.37 69.71 4.44
C GLY K 137 -28.67 69.03 4.75
N THR K 138 -29.53 68.79 3.75
CA THR K 138 -30.78 68.08 3.94
C THR K 138 -30.75 66.68 3.36
N GLN K 139 -29.70 66.32 2.64
CA GLN K 139 -29.60 65.02 2.00
C GLN K 139 -28.25 64.41 2.31
N ALA K 140 -28.21 63.09 2.38
CA ALA K 140 -27.02 62.33 2.73
C ALA K 140 -26.82 61.21 1.72
N VAL K 141 -25.61 60.67 1.72
CA VAL K 141 -25.25 59.54 0.88
C VAL K 141 -24.63 58.49 1.78
N SER K 142 -24.97 57.22 1.54
CA SER K 142 -24.38 56.14 2.31
C SER K 142 -23.94 55.03 1.37
N GLY K 143 -22.71 54.57 1.54
CA GLY K 143 -22.19 53.41 0.83
C GLY K 143 -21.93 52.29 1.81
N SER K 144 -22.21 51.05 1.37
CA SER K 144 -22.18 49.89 2.24
C SER K 144 -21.28 48.80 1.68
N LYS K 145 -21.08 47.76 2.50
CA LYS K 145 -20.35 46.59 2.05
C LYS K 145 -21.20 45.72 1.15
N ASP K 146 -22.50 46.01 1.13
CA ASP K 146 -23.51 45.29 0.30
C ASP K 146 -23.50 45.74 -1.16
N ILE K 147 -22.60 46.64 -1.57
CA ILE K 147 -22.40 47.04 -3.01
C ILE K 147 -23.41 48.11 -3.48
N CYS K 148 -24.37 48.51 -2.64
CA CYS K 148 -25.42 49.45 -3.10
C CYS K 148 -25.24 50.81 -2.45
N ILE K 149 -25.61 51.89 -3.16
CA ILE K 149 -25.39 53.21 -2.59
C ILE K 149 -26.75 53.87 -2.45
N LYS K 150 -27.03 54.41 -1.28
CA LYS K 150 -28.33 55.00 -1.02
C LYS K 150 -28.20 56.51 -0.83
N VAL K 151 -29.20 57.23 -1.31
CA VAL K 151 -29.34 58.66 -1.06
C VAL K 151 -30.49 58.84 -0.10
N TRP K 152 -30.25 59.57 0.99
CA TRP K 152 -31.17 59.73 2.09
C TRP K 152 -31.66 61.16 2.14
N ASP K 153 -32.93 61.34 2.43
CA ASP K 153 -33.49 62.64 2.78
C ASP K 153 -33.61 62.67 4.29
N LEU K 154 -32.82 63.55 4.93
CA LEU K 154 -32.73 63.49 6.38
C LEU K 154 -33.97 64.06 7.06
N ALA K 155 -34.67 64.98 6.40
CA ALA K 155 -35.88 65.55 6.99
C ALA K 155 -37.01 64.53 7.02
N GLN K 156 -37.24 63.84 5.90
CA GLN K 156 -38.26 62.80 5.85
C GLN K 156 -37.80 61.48 6.44
N GLN K 157 -36.51 61.34 6.70
CA GLN K 157 -35.89 60.12 7.25
C GLN K 157 -36.17 58.90 6.37
N VAL K 158 -36.04 59.06 5.06
CA VAL K 158 -36.29 58.01 4.09
C VAL K 158 -35.09 57.90 3.15
N VAL K 159 -35.14 56.89 2.29
CA VAL K 159 -34.16 56.74 1.21
C VAL K 159 -34.81 57.20 -0.08
N LEU K 160 -34.23 58.23 -0.69
CA LEU K 160 -34.74 58.73 -1.96
C LEU K 160 -34.37 57.81 -3.10
N SER K 161 -33.15 57.29 -3.10
CA SER K 161 -32.64 56.59 -4.28
C SER K 161 -31.56 55.62 -3.87
N SER K 162 -31.76 54.33 -4.16
CA SER K 162 -30.76 53.30 -3.93
C SER K 162 -30.15 52.92 -5.27
N TYR K 163 -28.83 52.94 -5.36
CA TYR K 163 -28.10 52.80 -6.61
C TYR K 163 -27.09 51.67 -6.51
N ARG K 164 -27.38 50.54 -7.16
CA ARG K 164 -26.40 49.45 -7.23
C ARG K 164 -25.66 49.52 -8.56
N ALA K 165 -24.66 50.40 -8.61
CA ALA K 165 -23.88 50.59 -9.83
C ALA K 165 -22.50 50.00 -9.75
N HIS K 166 -22.03 49.67 -8.55
CA HIS K 166 -20.73 49.06 -8.41
C HIS K 166 -20.85 47.54 -8.57
N ALA K 167 -19.71 46.86 -8.52
CA ALA K 167 -19.69 45.41 -8.50
C ALA K 167 -19.22 44.85 -7.17
N ALA K 168 -18.42 45.59 -6.43
CA ALA K 168 -17.91 45.19 -5.14
C ALA K 168 -18.25 46.26 -4.11
N GLN K 169 -17.83 46.02 -2.87
CA GLN K 169 -18.28 46.84 -1.76
C GLN K 169 -17.75 48.27 -1.87
N VAL K 170 -18.57 49.22 -1.44
CA VAL K 170 -18.28 50.63 -1.64
C VAL K 170 -17.31 51.10 -0.57
N THR K 171 -16.15 51.61 -1.00
CA THR K 171 -15.12 52.05 -0.08
C THR K 171 -15.41 53.46 0.43
N CYS K 172 -15.74 54.39 -0.46
CA CYS K 172 -15.92 55.77 -0.04
C CYS K 172 -16.99 56.44 -0.89
N VAL K 173 -17.73 57.34 -0.26
CA VAL K 173 -18.58 58.32 -0.96
C VAL K 173 -18.18 59.70 -0.45
N ALA K 174 -18.11 60.65 -1.37
CA ALA K 174 -17.61 61.99 -1.07
C ALA K 174 -18.56 63.01 -1.68
N ALA K 175 -19.37 63.64 -0.85
CA ALA K 175 -20.33 64.63 -1.32
C ALA K 175 -19.61 65.90 -1.77
N SER K 176 -20.13 66.50 -2.83
CA SER K 176 -19.55 67.73 -3.34
C SER K 176 -19.86 68.90 -2.41
N PRO K 177 -18.91 69.81 -2.18
CA PRO K 177 -19.22 70.99 -1.37
C PRO K 177 -19.98 72.04 -2.13
N HIS K 178 -19.92 72.02 -3.46
CA HIS K 178 -20.53 73.04 -4.30
C HIS K 178 -21.87 72.59 -4.88
N LYS K 179 -21.88 71.49 -5.60
CA LYS K 179 -23.05 71.03 -6.35
C LYS K 179 -23.75 69.95 -5.54
N ASP K 180 -25.02 70.19 -5.20
CA ASP K 180 -25.71 69.34 -4.23
C ASP K 180 -25.97 67.94 -4.78
N SER K 181 -26.35 67.83 -6.05
CA SER K 181 -26.64 66.51 -6.59
C SER K 181 -25.36 65.70 -6.79
N VAL K 182 -24.27 66.37 -7.11
CA VAL K 182 -23.04 65.66 -7.47
C VAL K 182 -22.37 65.11 -6.22
N PHE K 183 -21.91 63.86 -6.31
CA PHE K 183 -21.01 63.29 -5.32
C PHE K 183 -20.11 62.29 -6.02
N LEU K 184 -19.21 61.69 -5.26
CA LEU K 184 -18.24 60.76 -5.80
C LEU K 184 -18.35 59.44 -5.06
N SER K 185 -17.95 58.36 -5.73
CA SER K 185 -17.97 57.04 -5.13
C SER K 185 -16.79 56.24 -5.63
N CYS K 186 -16.15 55.52 -4.72
CA CYS K 186 -15.08 54.60 -5.07
C CYS K 186 -15.32 53.29 -4.34
N SER K 187 -14.93 52.19 -4.99
CA SER K 187 -15.25 50.85 -4.51
C SER K 187 -14.13 49.88 -4.86
N GLU K 188 -14.29 48.65 -4.36
CA GLU K 188 -13.33 47.57 -4.53
C GLU K 188 -13.30 47.01 -5.94
N ASP K 189 -14.17 47.49 -6.84
CA ASP K 189 -14.15 47.04 -8.23
C ASP K 189 -13.39 47.99 -9.13
N ASN K 190 -12.48 48.79 -8.56
CA ASN K 190 -11.59 49.68 -9.32
C ASN K 190 -12.37 50.70 -10.12
N ARG K 191 -13.41 51.27 -9.52
CA ARG K 191 -14.25 52.27 -10.17
C ARG K 191 -14.33 53.52 -9.31
N ILE K 192 -14.23 54.67 -9.96
CA ILE K 192 -14.53 55.96 -9.34
C ILE K 192 -15.66 56.56 -10.17
N LEU K 193 -16.88 56.52 -9.63
CA LEU K 193 -18.04 57.07 -10.29
C LEU K 193 -18.31 58.49 -9.83
N LEU K 194 -18.74 59.33 -10.76
CA LEU K 194 -19.20 60.68 -10.45
C LEU K 194 -20.72 60.70 -10.64
N TRP K 195 -21.44 61.07 -9.59
CA TRP K 195 -22.89 60.97 -9.57
C TRP K 195 -23.51 62.35 -9.67
N ASP K 196 -24.37 62.53 -10.66
CA ASP K 196 -25.31 63.63 -10.70
C ASP K 196 -26.70 63.02 -10.56
N THR K 197 -27.30 63.19 -9.39
CA THR K 197 -28.60 62.61 -9.09
C THR K 197 -29.69 63.07 -10.06
N ARG K 198 -29.56 64.28 -10.60
CA ARG K 198 -30.55 64.80 -11.55
C ARG K 198 -30.45 64.17 -12.94
N CYS K 199 -29.36 63.48 -13.25
CA CYS K 199 -29.22 62.85 -14.56
C CYS K 199 -30.11 61.61 -14.68
N PRO K 200 -30.57 61.28 -15.89
CA PRO K 200 -31.32 60.02 -16.06
C PRO K 200 -30.49 58.78 -15.77
N LYS K 201 -29.19 58.82 -16.07
CA LYS K 201 -28.23 57.78 -15.69
C LYS K 201 -27.20 58.46 -14.82
N PRO K 202 -27.39 58.45 -13.50
CA PRO K 202 -26.63 59.37 -12.62
C PRO K 202 -25.13 59.15 -12.61
N ALA K 203 -24.65 57.92 -12.73
CA ALA K 203 -23.22 57.67 -12.56
C ALA K 203 -22.47 57.82 -13.87
N SER K 204 -21.17 58.04 -13.76
CA SER K 204 -20.28 58.14 -14.90
C SER K 204 -18.87 57.83 -14.44
N GLN K 205 -18.19 56.96 -15.19
CA GLN K 205 -16.87 56.47 -14.81
C GLN K 205 -15.84 57.58 -14.93
N ILE K 206 -15.14 57.86 -13.84
CA ILE K 206 -14.00 58.79 -13.88
C ILE K 206 -12.76 57.92 -14.09
N GLY K 207 -12.45 57.69 -15.35
CA GLY K 207 -11.33 56.83 -15.72
C GLY K 207 -9.98 57.43 -15.38
N TYR K 213 -4.65 49.17 -8.90
CA TYR K 213 -4.62 49.56 -7.50
C TYR K 213 -5.92 50.26 -7.14
N LEU K 214 -6.67 49.64 -6.24
CA LEU K 214 -8.04 50.08 -5.98
C LEU K 214 -8.04 51.43 -5.28
N PRO K 215 -8.99 52.30 -5.59
CA PRO K 215 -9.13 53.55 -4.83
C PRO K 215 -9.67 53.27 -3.44
N THR K 216 -9.10 53.93 -2.43
CA THR K 216 -9.53 53.74 -1.07
C THR K 216 -10.08 54.99 -0.39
N SER K 217 -9.76 56.18 -0.88
CA SER K 217 -10.28 57.38 -0.26
C SER K 217 -10.46 58.47 -1.30
N LEU K 218 -11.43 59.34 -1.06
CA LEU K 218 -11.77 60.43 -1.95
C LEU K 218 -11.84 61.73 -1.15
N ALA K 219 -11.63 62.84 -1.83
CA ALA K 219 -11.78 64.16 -1.21
C ALA K 219 -11.99 65.20 -2.29
N TRP K 220 -13.10 65.92 -2.23
CA TRP K 220 -13.31 67.06 -3.11
C TRP K 220 -12.42 68.23 -2.71
N HIS K 221 -11.91 68.95 -3.70
CA HIS K 221 -11.15 70.15 -3.41
C HIS K 221 -12.09 71.24 -2.91
N PRO K 222 -11.71 71.95 -1.83
CA PRO K 222 -12.69 72.85 -1.19
C PRO K 222 -13.08 74.04 -2.03
N GLN K 223 -12.20 74.53 -2.90
CA GLN K 223 -12.49 75.71 -3.72
C GLN K 223 -12.65 75.38 -5.19
N GLN K 224 -11.75 74.58 -5.76
CA GLN K 224 -11.86 74.23 -7.16
C GLN K 224 -12.95 73.19 -7.34
N SER K 225 -13.93 73.50 -8.18
CA SER K 225 -15.17 72.74 -8.24
C SER K 225 -15.09 71.48 -9.08
N GLU K 226 -14.01 71.31 -9.85
CA GLU K 226 -13.87 70.14 -10.72
C GLU K 226 -12.64 69.32 -10.38
N VAL K 227 -12.11 69.46 -9.17
CA VAL K 227 -10.86 68.86 -8.76
C VAL K 227 -11.11 68.01 -7.51
N PHE K 228 -10.57 66.79 -7.50
CA PHE K 228 -10.65 65.96 -6.31
C PHE K 228 -9.40 65.08 -6.24
N VAL K 229 -9.01 64.73 -5.03
CA VAL K 229 -7.90 63.82 -4.82
C VAL K 229 -8.47 62.47 -4.40
N PHE K 230 -7.74 61.41 -4.75
CA PHE K 230 -8.08 60.09 -4.27
C PHE K 230 -6.80 59.34 -3.91
N GLY K 231 -6.90 58.53 -2.87
CA GLY K 231 -5.80 57.69 -2.42
C GLY K 231 -6.13 56.22 -2.66
N ASP K 232 -5.13 55.47 -3.10
CA ASP K 232 -5.26 54.08 -3.50
C ASP K 232 -4.72 53.13 -2.44
N GLU K 233 -4.81 51.82 -2.74
CA GLU K 233 -4.42 50.82 -1.77
C GLU K 233 -2.91 50.59 -1.71
N ASN K 234 -2.15 51.17 -2.64
CA ASN K 234 -0.70 51.10 -2.62
C ASN K 234 -0.06 52.29 -1.91
N GLY K 235 -0.85 53.25 -1.44
CA GLY K 235 -0.33 54.40 -0.75
C GLY K 235 -0.16 55.65 -1.58
N THR K 236 -0.68 55.66 -2.80
CA THR K 236 -0.47 56.76 -3.73
C THR K 236 -1.67 57.71 -3.71
N VAL K 237 -1.40 58.98 -3.46
CA VAL K 237 -2.42 60.03 -3.54
C VAL K 237 -2.31 60.71 -4.88
N SER K 238 -3.42 60.78 -5.61
CA SER K 238 -3.47 61.39 -6.93
C SER K 238 -4.51 62.49 -6.95
N LEU K 239 -4.33 63.45 -7.86
CA LEU K 239 -5.26 64.54 -8.07
C LEU K 239 -5.85 64.42 -9.47
N VAL K 240 -7.17 64.61 -9.57
CA VAL K 240 -7.91 64.40 -10.80
C VAL K 240 -8.81 65.59 -11.03
N ASP K 241 -8.79 66.13 -12.25
CA ASP K 241 -9.73 67.13 -12.70
C ASP K 241 -10.81 66.43 -13.53
N THR K 242 -12.06 66.61 -13.14
CA THR K 242 -13.18 65.98 -13.84
C THR K 242 -13.35 66.56 -15.24
N LEU K 249 -1.63 65.05 -11.43
CA LEU K 249 -0.66 64.91 -10.36
C LEU K 249 -0.77 63.57 -9.64
N SER K 250 0.32 63.15 -9.01
CA SER K 250 0.40 61.90 -8.27
C SER K 250 1.59 61.99 -7.34
N SER K 251 1.61 61.10 -6.34
CA SER K 251 2.66 61.07 -5.34
C SER K 251 2.57 59.78 -4.55
N ALA K 252 3.71 59.17 -4.28
CA ALA K 252 3.77 57.98 -3.43
C ALA K 252 3.94 58.44 -1.99
N VAL K 253 2.82 58.87 -1.41
CA VAL K 253 2.86 59.51 -0.10
C VAL K 253 3.14 58.49 1.00
N HIS K 254 2.50 57.32 0.93
CA HIS K 254 2.55 56.34 2.00
C HIS K 254 3.01 55.00 1.48
N SER K 255 3.18 54.06 2.39
CA SER K 255 3.58 52.70 2.06
C SER K 255 2.42 51.72 2.03
N GLN K 256 1.38 51.96 2.82
CA GLN K 256 0.14 51.20 2.77
C GLN K 256 -1.00 52.15 2.45
N CYS K 257 -2.22 51.60 2.43
CA CYS K 257 -3.34 52.27 1.78
C CYS K 257 -3.70 53.57 2.46
N VAL K 258 -4.05 54.58 1.67
CA VAL K 258 -4.51 55.85 2.20
C VAL K 258 -5.93 55.69 2.70
N THR K 259 -6.11 55.82 4.01
CA THR K 259 -7.40 55.66 4.65
C THR K 259 -8.27 56.89 4.52
N GLY K 260 -7.74 58.06 4.81
CA GLY K 260 -8.50 59.29 4.69
C GLY K 260 -7.69 60.34 3.97
N LEU K 261 -8.41 61.34 3.46
CA LEU K 261 -7.81 62.49 2.76
C LEU K 261 -8.63 63.71 3.15
N VAL K 262 -8.03 64.59 3.95
CA VAL K 262 -8.73 65.75 4.49
C VAL K 262 -8.02 67.01 4.01
N PHE K 263 -8.81 68.03 3.68
CA PHE K 263 -8.30 69.29 3.16
C PHE K 263 -8.35 70.36 4.25
N SER K 264 -7.29 71.15 4.35
CA SER K 264 -7.21 72.23 5.32
C SER K 264 -8.14 73.37 4.95
N PRO K 265 -8.56 74.20 5.91
CA PRO K 265 -9.45 75.32 5.61
C PRO K 265 -8.76 76.57 5.10
N HIS K 266 -7.50 76.49 4.70
CA HIS K 266 -6.75 77.66 4.26
C HIS K 266 -7.27 78.17 2.92
N SER K 267 -6.87 79.39 2.58
CA SER K 267 -7.23 79.96 1.29
C SER K 267 -6.66 79.13 0.15
N VAL K 268 -5.41 78.71 0.27
CA VAL K 268 -4.86 77.62 -0.54
C VAL K 268 -4.68 76.41 0.38
N PRO K 269 -5.41 75.32 0.15
CA PRO K 269 -5.52 74.28 1.18
C PRO K 269 -4.38 73.28 1.16
N PHE K 270 -4.05 72.81 2.36
CA PHE K 270 -3.18 71.66 2.56
C PHE K 270 -4.02 70.39 2.64
N LEU K 271 -3.41 69.26 2.31
CA LEU K 271 -4.10 67.98 2.30
C LEU K 271 -3.51 67.08 3.37
N ALA K 272 -4.36 66.61 4.27
CA ALA K 272 -3.94 65.68 5.32
C ALA K 272 -4.21 64.25 4.84
N SER K 273 -3.15 63.46 4.72
CA SER K 273 -3.23 62.09 4.25
C SER K 273 -2.99 61.14 5.41
N LEU K 274 -3.86 60.15 5.54
CA LEU K 274 -3.84 59.19 6.62
C LEU K 274 -3.57 57.82 6.00
N SER K 275 -2.89 56.95 6.73
CA SER K 275 -2.63 55.64 6.15
C SER K 275 -2.56 54.58 7.24
N GLU K 276 -2.55 53.34 6.78
CA GLU K 276 -2.44 52.18 7.65
C GLU K 276 -1.00 51.86 8.02
N ASP K 277 -0.03 52.61 7.52
CA ASP K 277 1.33 52.55 8.04
C ASP K 277 1.51 53.37 9.30
N CYS K 278 0.38 53.73 9.94
CA CYS K 278 0.34 54.44 11.22
C CYS K 278 0.96 55.83 11.11
N SER K 279 0.82 56.47 9.96
CA SER K 279 1.52 57.71 9.68
C SER K 279 0.55 58.78 9.18
N LEU K 280 0.90 60.02 9.50
CA LEU K 280 0.21 61.20 9.00
C LEU K 280 1.14 61.94 8.05
N ALA K 281 0.60 62.41 6.93
CA ALA K 281 1.33 63.28 6.03
C ALA K 281 0.51 64.51 5.72
N VAL K 282 1.19 65.60 5.40
CA VAL K 282 0.53 66.83 4.96
C VAL K 282 1.20 67.28 3.67
N LEU K 283 0.39 67.53 2.65
CA LEU K 283 0.84 67.90 1.32
C LEU K 283 0.33 69.28 0.97
N ASP K 284 1.02 69.93 0.05
CA ASP K 284 0.57 71.22 -0.48
C ASP K 284 -0.24 70.98 -1.75
N SER K 285 -0.48 72.06 -2.51
CA SER K 285 -1.24 71.94 -3.76
C SER K 285 -0.52 71.09 -4.79
N SER K 286 0.81 71.01 -4.71
CA SER K 286 1.59 70.25 -5.66
C SER K 286 1.80 68.81 -5.24
N LEU K 287 1.12 68.37 -4.17
CA LEU K 287 1.25 67.03 -3.61
C LEU K 287 2.69 66.73 -3.20
N SER K 288 3.29 67.67 -2.48
CA SER K 288 4.64 67.52 -1.94
C SER K 288 4.57 67.62 -0.43
N GLU K 289 5.26 66.72 0.26
CA GLU K 289 5.07 66.54 1.68
C GLU K 289 5.70 67.67 2.49
N LEU K 290 4.89 68.30 3.35
CA LEU K 290 5.37 69.34 4.25
C LEU K 290 5.58 68.85 5.67
N PHE K 291 4.67 68.03 6.18
CA PHE K 291 4.66 67.59 7.56
C PHE K 291 4.46 66.09 7.57
N ARG K 292 5.13 65.41 8.51
CA ARG K 292 5.05 63.97 8.61
C ARG K 292 5.08 63.60 10.09
N SER K 293 4.13 62.77 10.51
CA SER K 293 3.97 62.45 11.92
C SER K 293 3.88 60.94 12.10
N GLN K 294 4.72 60.40 12.97
CA GLN K 294 4.65 59.01 13.41
C GLN K 294 4.23 58.93 14.88
N ALA K 295 3.29 59.78 15.29
CA ALA K 295 2.83 59.83 16.67
C ALA K 295 1.95 58.66 17.05
N HIS K 296 1.49 57.87 16.09
CA HIS K 296 0.50 56.83 16.35
C HIS K 296 1.14 55.45 16.34
N ARG K 297 0.73 54.62 17.28
CA ARG K 297 1.19 53.24 17.38
C ARG K 297 0.24 52.26 16.71
N ASP K 298 -0.86 52.73 16.13
CA ASP K 298 -1.77 51.88 15.39
C ASP K 298 -2.26 52.68 14.19
N PHE K 299 -3.25 52.13 13.49
CA PHE K 299 -3.76 52.76 12.28
C PHE K 299 -4.30 54.13 12.59
N VAL K 300 -4.01 55.09 11.72
CA VAL K 300 -4.52 56.45 11.87
C VAL K 300 -5.82 56.50 11.08
N ARG K 301 -6.92 56.80 11.78
CA ARG K 301 -8.24 56.61 11.18
C ARG K 301 -8.80 57.90 10.59
N ASP K 302 -8.92 58.95 11.39
CA ASP K 302 -9.48 60.20 10.89
C ASP K 302 -8.60 61.35 11.33
N ALA K 303 -8.61 62.40 10.52
CA ALA K 303 -7.93 63.65 10.80
C ALA K 303 -8.91 64.78 10.58
N THR K 304 -8.68 65.89 11.27
CA THR K 304 -9.53 67.06 11.10
C THR K 304 -8.75 68.31 11.46
N TRP K 305 -8.90 69.34 10.64
CA TRP K 305 -8.21 70.59 10.88
C TRP K 305 -9.07 71.48 11.76
N SER K 306 -8.43 72.21 12.67
CA SER K 306 -9.18 73.07 13.57
C SER K 306 -9.71 74.28 12.81
N PRO K 307 -10.93 74.69 13.07
CA PRO K 307 -11.44 75.93 12.45
C PRO K 307 -10.98 77.16 13.21
N LEU K 308 -10.74 77.00 14.51
CA LEU K 308 -10.22 78.10 15.32
C LEU K 308 -8.77 78.40 14.96
N ASN K 309 -7.95 77.35 14.88
CA ASN K 309 -6.53 77.48 14.57
C ASN K 309 -6.27 76.70 13.29
N HIS K 310 -6.12 77.41 12.17
CA HIS K 310 -6.00 76.76 10.87
C HIS K 310 -4.72 75.94 10.72
N SER K 311 -3.75 76.10 11.61
CA SER K 311 -2.53 75.31 11.56
C SER K 311 -2.60 74.05 12.42
N LEU K 312 -3.70 73.84 13.14
CA LEU K 312 -3.84 72.66 14.00
C LEU K 312 -4.49 71.52 13.23
N LEU K 313 -4.09 70.30 13.58
CA LEU K 313 -4.60 69.11 12.90
C LEU K 313 -4.72 67.99 13.94
N THR K 314 -5.94 67.64 14.30
CA THR K 314 -6.20 66.59 15.28
C THR K 314 -6.47 65.29 14.55
N THR K 315 -5.63 64.28 14.80
CA THR K 315 -5.81 62.96 14.22
C THR K 315 -6.02 61.94 15.33
N VAL K 316 -6.91 60.99 15.08
CA VAL K 316 -7.15 59.92 16.04
C VAL K 316 -6.77 58.59 15.41
N GLY K 317 -6.68 57.57 16.24
CA GLY K 317 -6.22 56.28 15.76
C GLY K 317 -6.70 55.16 16.64
N TRP K 318 -6.37 53.94 16.23
CA TRP K 318 -6.80 52.73 16.90
C TRP K 318 -6.00 52.42 18.15
N ASP K 319 -5.11 53.32 18.56
CA ASP K 319 -4.37 53.18 19.80
C ASP K 319 -4.93 54.05 20.91
N HIS K 320 -6.17 54.52 20.76
CA HIS K 320 -6.88 55.32 21.76
C HIS K 320 -6.14 56.63 22.05
N GLN K 321 -5.60 57.25 21.00
CA GLN K 321 -4.63 58.33 21.13
C GLN K 321 -5.06 59.47 20.23
N VAL K 322 -5.59 60.53 20.83
CA VAL K 322 -6.00 61.73 20.10
C VAL K 322 -4.82 62.68 20.08
N VAL K 323 -4.23 62.90 18.91
CA VAL K 323 -2.99 63.63 18.76
C VAL K 323 -3.27 64.94 18.06
N HIS K 324 -2.89 66.05 18.67
CA HIS K 324 -2.99 67.37 18.05
C HIS K 324 -1.63 67.76 17.50
N HIS K 325 -1.55 68.00 16.20
CA HIS K 325 -0.34 68.40 15.52
C HIS K 325 -0.41 69.87 15.16
N VAL K 326 0.74 70.52 15.11
CA VAL K 326 0.87 71.90 14.65
C VAL K 326 1.53 71.84 13.28
N VAL K 327 0.75 72.01 12.24
CA VAL K 327 1.28 71.94 10.87
C VAL K 327 1.91 73.27 10.51
N PRO K 328 3.18 73.30 10.07
CA PRO K 328 3.86 74.51 9.63
C PRO K 328 3.18 75.17 8.42
N GLN L 228 -51.12 35.44 4.15
CA GLN L 228 -49.72 35.56 4.58
C GLN L 228 -48.80 34.88 3.60
N PHE L 229 -49.07 33.61 3.32
CA PHE L 229 -48.27 32.82 2.40
C PHE L 229 -48.72 32.97 0.94
N GLU L 230 -49.73 33.79 0.69
CA GLU L 230 -50.26 33.93 -0.67
C GLU L 230 -49.29 34.72 -1.54
N ASP L 231 -49.10 34.27 -2.77
CA ASP L 231 -48.16 34.91 -3.70
C ASP L 231 -48.63 36.31 -4.10
N GLY M 71 24.94 9.20 -9.57
CA GLY M 71 24.46 10.53 -9.17
C GLY M 71 25.25 11.62 -9.85
N ARG M 72 24.60 12.42 -10.70
CA ARG M 72 25.27 13.52 -11.42
C ARG M 72 24.27 14.68 -11.56
N GLY M 73 24.74 15.89 -11.88
CA GLY M 73 23.87 17.07 -12.04
C GLY M 73 23.13 17.55 -10.82
N ARG M 74 23.76 17.55 -9.64
CA ARG M 74 23.13 18.01 -8.36
C ARG M 74 21.96 17.09 -7.98
N GLY M 75 22.05 15.81 -8.33
CA GLY M 75 21.00 14.84 -8.01
C GLY M 75 21.62 13.60 -7.42
N ARG M 76 20.85 12.83 -6.66
CA ARG M 76 21.37 11.55 -6.10
C ARG M 76 21.10 10.42 -7.09
N GLY N 71 -11.78 12.69 22.60
CA GLY N 71 -10.41 12.45 23.10
C GLY N 71 -10.30 12.78 24.56
N ARG N 72 -9.71 11.90 25.36
CA ARG N 72 -9.63 12.08 26.82
C ARG N 72 -8.34 11.43 27.30
N GLY N 73 -7.92 11.68 28.54
CA GLY N 73 -6.67 11.11 29.07
C GLY N 73 -5.43 11.55 28.34
N ARG N 74 -5.37 12.80 27.89
CA ARG N 74 -4.20 13.37 27.15
C ARG N 74 -4.01 12.62 25.83
N GLY N 75 -5.11 12.25 25.19
CA GLY N 75 -5.05 11.57 23.89
C GLY N 75 -5.97 12.23 22.89
N ARG N 76 -5.64 12.15 21.59
CA ARG N 76 -6.53 12.67 20.52
C ARG N 76 -7.33 11.52 19.92
N GLY O 71 14.26 -18.56 -15.94
CA GLY O 71 13.77 -19.48 -14.91
C GLY O 71 14.26 -20.90 -15.15
N ARG O 72 14.67 -21.60 -14.09
CA ARG O 72 15.12 -23.00 -14.17
C ARG O 72 14.47 -23.77 -13.03
N GLY O 73 14.44 -25.11 -13.06
CA GLY O 73 13.89 -25.87 -11.92
C GLY O 73 12.38 -25.85 -11.83
N ARG O 74 11.67 -25.72 -12.96
CA ARG O 74 10.18 -25.64 -13.01
C ARG O 74 9.72 -24.37 -12.27
N GLY O 75 10.50 -23.29 -12.41
CA GLY O 75 10.14 -22.00 -11.81
C GLY O 75 10.28 -20.91 -12.84
N ARG O 76 9.56 -19.81 -12.70
CA ARG O 76 9.73 -18.67 -13.62
C ARG O 76 10.65 -17.63 -12.97
N GLY P 71 -27.91 -3.42 2.49
CA GLY P 71 -27.81 -3.17 1.05
C GLY P 71 -29.15 -3.29 0.36
N ARG P 72 -29.46 -2.40 -0.58
CA ARG P 72 -30.76 -2.38 -1.29
C ARG P 72 -30.49 -2.11 -2.78
N GLY P 73 -31.47 -2.30 -3.67
CA GLY P 73 -31.27 -2.10 -5.12
C GLY P 73 -30.29 -3.04 -5.80
N ARG P 74 -30.26 -4.32 -5.43
CA ARG P 74 -29.34 -5.36 -6.00
C ARG P 74 -27.87 -5.01 -5.73
N GLY P 75 -27.59 -4.45 -4.56
CA GLY P 75 -26.21 -4.08 -4.18
C GLY P 75 -25.89 -4.60 -2.80
N ARG P 76 -24.63 -4.94 -2.55
CA ARG P 76 -24.20 -5.38 -1.19
C ARG P 76 -23.88 -4.15 -0.33
O5' ADN Q . 25.93 23.02 -0.46
C5' ADN Q . 27.29 22.86 -0.82
C4' ADN Q . 28.21 22.79 0.38
O4' ADN Q . 27.67 23.66 1.42
C3' ADN Q . 28.35 21.43 1.05
O3' ADN Q . 29.70 21.25 1.45
C2' ADN Q . 27.42 21.53 2.26
O2' ADN Q . 27.78 20.65 3.31
C1' ADN Q . 27.67 22.98 2.64
N9 ADN Q . 26.69 23.59 3.53
C8 ADN Q . 25.32 23.64 3.34
N7 ADN Q . 24.70 24.28 4.29
C5 ADN Q . 25.71 24.68 5.15
C6 ADN Q . 25.69 25.42 6.36
N6 ADN Q . 24.58 25.90 6.92
N1 ADN Q . 26.88 25.65 6.97
C2 ADN Q . 27.99 25.18 6.39
N3 ADN Q . 28.12 24.49 5.27
C4 ADN Q . 26.94 24.27 4.70
HO5' ADN Q . 25.46 23.08 -1.15
H5'1 ADN Q . 27.56 23.62 -1.39
H5'2 ADN Q . 27.39 22.04 -1.36
H4' ADN Q . 29.09 23.12 0.12
H3' ADN Q . 28.07 20.68 0.46
HO3' ADN Q . 29.73 20.71 2.11
H2' ADN Q . 26.48 21.39 2.00
HO2' ADN Q . 27.39 19.91 3.18
H1' ADN Q . 28.57 23.04 3.06
H8 ADN Q . 24.89 23.25 2.60
HN61 ADN Q . 24.64 26.33 7.68
HN62 ADN Q . 23.82 25.82 6.51
H2 ADN Q . 28.79 25.38 6.86
O5' ADN R . -0.72 21.56 28.46
C5' ADN R . 0.39 22.06 27.72
C4' ADN R . 0.28 23.56 27.53
O4' ADN R . 1.61 24.09 27.36
C3' ADN R . -0.49 24.01 26.28
O3' ADN R . -1.24 25.18 26.61
C2' ADN R . 0.60 24.33 25.28
O2' ADN R . 0.20 25.28 24.32
C1' ADN R . 1.67 24.89 26.20
N9 ADN R . 3.04 24.84 25.70
C8 ADN R . 3.72 23.73 25.27
N7 ADN R . 4.95 23.99 24.90
C5 ADN R . 5.10 25.35 25.13
C6 ADN R . 6.19 26.21 24.93
N6 ADN R . 7.38 25.84 24.50
N1 ADN R . 6.00 27.53 25.26
C2 ADN R . 4.82 27.90 25.73
N3 ADN R . 3.73 27.17 25.93
C4 ADN R . 3.93 25.88 25.62
HO5' ADN R . -0.43 21.30 29.22
H5'1 ADN R . 0.42 21.61 26.85
H5'2 ADN R . 1.22 21.86 28.20
H4' ADN R . -0.12 23.95 28.33
H3' ADN R . -1.10 23.31 25.94
HO3' ADN R . -1.33 25.65 25.91
H2' ADN R . 0.91 23.49 24.82
HO2' ADN R . 0.88 25.64 23.96
H1' ADN R . 1.44 25.82 26.42
H8 ADN R . 3.34 22.88 25.23
HN61 ADN R . 7.97 26.44 24.27
HN62 ADN R . 7.58 24.99 24.45
H2 ADN R . 4.73 28.82 25.94
O5' ADN S . 2.62 -29.78 -17.66
C5' ADN S . 3.58 -29.68 -18.70
C4' ADN S . 2.95 -29.82 -20.07
O4' ADN S . 1.59 -30.32 -19.92
C3' ADN S . 2.81 -28.53 -20.89
O3' ADN S . 3.03 -28.83 -22.26
C2' ADN S . 1.34 -28.14 -20.68
O2' ADN S . 0.85 -27.32 -21.70
C1' ADN S . 0.71 -29.52 -20.67
N9 ADN S . -0.62 -29.62 -20.07
C8 ADN S . -0.95 -29.30 -18.78
N7 ADN S . -2.20 -29.52 -18.50
C5 ADN S . -2.73 -30.04 -19.67
C6 ADN S . -4.03 -30.47 -20.02
N6 ADN S . -5.06 -30.50 -19.18
N1 ADN S . -4.21 -30.94 -21.27
C2 ADN S . -3.18 -30.95 -22.11
N3 ADN S . -1.93 -30.56 -21.90
C4 ADN S . -1.76 -30.10 -20.64
HO5' ADN S . 2.97 -29.50 -16.94
H5'1 ADN S . 4.25 -30.38 -18.59
H5'2 ADN S . 4.04 -28.82 -18.63
H4' ADN S . 3.47 -30.47 -20.59
H3' ADN S . 3.41 -27.80 -20.59
HO3' ADN S . 2.65 -28.24 -22.74
H2' ADN S . 1.23 -27.70 -19.80
HO2' ADN S . 0.92 -26.50 -21.47
H1' ADN S . 0.67 -29.85 -21.60
H8 ADN S . -0.33 -28.94 -18.16
HN61 ADN S . -5.86 -30.66 -19.48
HN62 ADN S . -4.92 -30.37 -18.32
H2 ADN S . -3.35 -31.27 -22.98
O5' ADN T . -30.44 -14.56 -8.86
C5' ADN T . -31.69 -14.99 -8.34
C4' ADN T . -31.61 -16.39 -7.81
O4' ADN T . -30.98 -17.25 -8.81
C3' ADN T . -30.79 -16.61 -6.53
O3' ADN T . -31.54 -17.43 -5.65
C2' ADN T . -29.54 -17.34 -7.02
O2' ADN T . -28.99 -18.16 -6.01
C1' ADN T . -30.13 -18.15 -8.17
N9 ADN T . -29.18 -18.65 -9.16
C8 ADN T . -28.22 -17.92 -9.83
N7 ADN T . -27.55 -18.63 -10.69
C5 ADN T . -28.07 -19.90 -10.59
C6 ADN T . -27.76 -21.11 -11.25
N6 ADN T . -26.83 -21.23 -12.18
N1 ADN T . -28.50 -22.20 -10.92
C2 ADN T . -29.45 -22.07 -9.99
N3 ADN T . -29.82 -21.00 -9.31
C4 ADN T . -29.09 -19.93 -9.66
HO5' ADN T . -30.06 -14.06 -8.27
H5'1 ADN T . -32.36 -14.95 -9.05
H5'2 ADN T . -31.96 -14.39 -7.62
H4' ADN T . -32.53 -16.72 -7.66
H3' ADN T . -30.55 -15.75 -6.10
HO3' ADN T . -31.00 -17.91 -5.20
H2' ADN T . -28.86 -16.69 -7.35
HO2' ADN T . -28.60 -18.82 -6.37
H1' ADN T . -30.64 -18.89 -7.80
H8 ADN T . -28.08 -17.00 -9.68
HN61 ADN T . -26.66 -22.02 -12.52
HN62 ADN T . -26.42 -20.51 -12.47
H2 ADN T . -29.93 -22.87 -9.79
#